data_9K83
#
_entry.id   9K83
#
_cell.length_a   1.00
_cell.length_b   1.00
_cell.length_c   1.00
_cell.angle_alpha   90.00
_cell.angle_beta   90.00
_cell.angle_gamma   90.00
#
_symmetry.space_group_name_H-M   'P 1'
#
loop_
_entity.id
_entity.type
_entity.pdbx_description
1 polymer Fiber-n6-Zn1-HEHE-43
2 non-polymer 'ZINC ION'
#
_entity_poly.entity_id   1
_entity_poly.type   'polypeptide(L)'
_entity_poly.pdbx_seq_one_letter_code
;MGHHHHHHHHSSGLEVLFQGPGGTNVLEKVEELKKEVKKKVEEVAKSSNVEAALIKLLEILDEFIHQVKLLPVNEENRPI
LVEILEIIANTAVHKARDGAEPEFALELLLRLVERFTEAVKAIGTSNEEEENKLLEILESIAHTAILLARTLTPLEATRA
LIALVVAFTKFFLALKGSPEKIISTFESIARDILTFAEQKLATVPPAVQTVLLSALLEVIEDAREHIVKKYG
;
_entity_poly.pdbx_strand_id   A,B,C,D,E,F,G,H,I,J,K,L,M,N,O,P,Q,R,S,T,U
#
loop_
_chem_comp.id
_chem_comp.type
_chem_comp.name
_chem_comp.formula
ZN non-polymer 'ZINC ION' 'Zn 2'
#
# COMPACT_ATOMS: atom_id res chain seq x y z
N ASN A 25 10.34 -26.39 49.89
CA ASN A 25 11.20 -26.96 48.87
C ASN A 25 10.75 -26.55 47.47
N VAL A 26 11.06 -27.39 46.47
CA VAL A 26 10.71 -27.10 45.08
C VAL A 26 9.21 -26.90 44.94
N LEU A 27 8.43 -27.76 45.60
CA LEU A 27 6.97 -27.69 45.51
C LEU A 27 6.45 -26.32 45.91
N GLU A 28 7.03 -25.73 46.97
CA GLU A 28 6.55 -24.45 47.46
C GLU A 28 6.69 -23.35 46.41
N LYS A 29 7.90 -23.20 45.86
CA LYS A 29 8.11 -22.15 44.86
C LYS A 29 7.33 -22.43 43.58
N VAL A 30 7.23 -23.69 43.19
CA VAL A 30 6.47 -24.03 42.00
C VAL A 30 5.01 -23.65 42.16
N GLU A 31 4.43 -23.96 43.33
CA GLU A 31 3.03 -23.60 43.58
C GLU A 31 2.85 -22.10 43.71
N GLU A 32 3.83 -21.40 44.27
CA GLU A 32 3.75 -19.93 44.31
C GLU A 32 3.72 -19.36 42.89
N LEU A 33 4.58 -19.88 42.01
CA LEU A 33 4.56 -19.47 40.62
C LEU A 33 3.22 -19.77 39.98
N LYS A 34 2.66 -20.95 40.28
CA LYS A 34 1.35 -21.33 39.80
C LYS A 34 0.30 -20.29 40.19
N LYS A 35 0.26 -19.93 41.48
CA LYS A 35 -0.73 -18.97 41.95
C LYS A 35 -0.55 -17.60 41.31
N GLU A 36 0.70 -17.12 41.22
CA GLU A 36 0.95 -15.82 40.63
C GLU A 36 0.51 -15.77 39.17
N VAL A 37 0.94 -16.76 38.39
CA VAL A 37 0.58 -16.80 36.97
C VAL A 37 -0.92 -16.92 36.81
N LYS A 38 -1.56 -17.76 37.64
CA LYS A 38 -3.00 -17.93 37.56
C LYS A 38 -3.73 -16.62 37.80
N LYS A 39 -3.33 -15.91 38.86
CA LYS A 39 -4.00 -14.65 39.18
C LYS A 39 -3.82 -13.61 38.08
N LYS A 40 -2.58 -13.47 37.59
CA LYS A 40 -2.33 -12.48 36.55
C LYS A 40 -3.10 -12.82 35.28
N VAL A 41 -3.16 -14.12 34.94
CA VAL A 41 -3.91 -14.55 33.77
C VAL A 41 -5.38 -14.22 33.93
N GLU A 42 -5.94 -14.46 35.12
CA GLU A 42 -7.32 -14.10 35.38
C GLU A 42 -7.56 -12.60 35.16
N GLU A 43 -6.70 -11.77 35.77
CA GLU A 43 -6.89 -10.33 35.66
C GLU A 43 -6.82 -9.87 34.22
N VAL A 44 -5.85 -10.36 33.45
CA VAL A 44 -5.70 -9.90 32.08
C VAL A 44 -6.85 -10.42 31.21
N ALA A 45 -7.30 -11.65 31.48
CA ALA A 45 -8.39 -12.25 30.72
C ALA A 45 -9.69 -11.48 30.93
N LYS A 46 -9.93 -11.02 32.15
CA LYS A 46 -11.14 -10.25 32.43
C LYS A 46 -11.22 -8.98 31.58
N SER A 47 -10.05 -8.41 31.25
CA SER A 47 -10.01 -7.13 30.57
C SER A 47 -10.48 -7.19 29.13
N SER A 48 -10.90 -6.03 28.59
CA SER A 48 -11.29 -5.89 27.19
C SER A 48 -10.09 -5.46 26.37
N ASN A 49 -10.33 -4.96 25.14
CA ASN A 49 -9.31 -4.42 24.24
C ASN A 49 -8.12 -5.37 24.12
N VAL A 50 -8.37 -6.54 23.51
CA VAL A 50 -7.51 -7.71 23.52
C VAL A 50 -6.04 -7.41 23.22
N GLU A 51 -5.74 -6.32 22.51
CA GLU A 51 -4.36 -6.05 22.15
C GLU A 51 -3.47 -5.89 23.39
N ALA A 52 -3.94 -5.09 24.36
CA ALA A 52 -3.20 -4.98 25.61
C ALA A 52 -3.16 -6.32 26.34
N ALA A 53 -4.18 -7.15 26.14
CA ALA A 53 -4.20 -8.46 26.76
C ALA A 53 -3.07 -9.34 26.23
N LEU A 54 -2.93 -9.42 24.90
CA LEU A 54 -1.82 -10.17 24.33
C LEU A 54 -0.48 -9.58 24.74
N ILE A 55 -0.38 -8.25 24.86
CA ILE A 55 0.85 -7.64 25.33
C ILE A 55 1.17 -8.14 26.75
N LYS A 56 0.16 -8.15 27.61
CA LYS A 56 0.36 -8.57 29.00
C LYS A 56 0.72 -10.05 29.09
N LEU A 57 0.05 -10.90 28.30
CA LEU A 57 0.43 -12.31 28.28
C LEU A 57 1.85 -12.51 27.76
N LEU A 58 2.27 -11.71 26.77
CA LEU A 58 3.65 -11.81 26.32
C LEU A 58 4.63 -11.47 27.43
N GLU A 59 4.36 -10.40 28.17
CA GLU A 59 5.26 -10.03 29.27
C GLU A 59 5.26 -11.10 30.36
N ILE A 60 4.08 -11.64 30.67
CA ILE A 60 3.98 -12.68 31.70
C ILE A 60 4.73 -13.92 31.27
N LEU A 61 4.58 -14.32 30.01
CA LEU A 61 5.30 -15.49 29.51
C LEU A 61 6.80 -15.26 29.55
N ASP A 62 7.24 -14.04 29.22
CA ASP A 62 8.66 -13.71 29.30
C ASP A 62 9.18 -13.89 30.72
N GLU A 63 8.51 -13.25 31.70
CA GLU A 63 9.01 -13.32 33.07
C GLU A 63 8.91 -14.74 33.63
N PHE A 64 7.88 -15.49 33.21
CA PHE A 64 7.77 -16.88 33.63
C PHE A 64 8.92 -17.71 33.07
N ILE A 65 9.28 -17.45 31.80
CA ILE A 65 10.43 -18.14 31.20
C ILE A 65 11.68 -17.88 32.02
N HIS A 66 11.88 -16.60 32.38
CA HIS A 66 13.08 -16.24 33.12
C HIS A 66 13.09 -16.92 34.50
N GLN A 67 11.93 -16.93 35.18
CA GLN A 67 11.84 -17.57 36.48
C GLN A 67 12.12 -19.06 36.39
N VAL A 68 11.61 -19.71 35.34
CA VAL A 68 11.88 -21.13 35.14
C VAL A 68 13.37 -21.36 34.92
N LYS A 69 13.99 -20.52 34.08
CA LYS A 69 15.41 -20.64 33.80
C LYS A 69 16.23 -20.52 35.07
N LEU A 70 15.82 -19.62 35.97
CA LEU A 70 16.50 -19.47 37.24
C LEU A 70 16.37 -20.72 38.09
N LEU A 71 15.16 -21.25 38.22
CA LEU A 71 14.93 -22.38 39.11
C LEU A 71 15.56 -23.64 38.51
N PRO A 72 16.04 -24.56 39.35
CA PRO A 72 16.50 -25.86 38.82
C PRO A 72 15.31 -26.73 38.43
N VAL A 73 15.39 -27.34 37.27
CA VAL A 73 14.29 -28.12 36.70
C VAL A 73 14.62 -29.60 36.82
N ASN A 74 13.67 -30.36 37.36
CA ASN A 74 13.81 -31.81 37.50
C ASN A 74 12.54 -32.47 36.98
N GLU A 75 12.54 -33.81 37.00
CA GLU A 75 11.38 -34.55 36.51
C GLU A 75 10.18 -34.38 37.44
N GLU A 76 10.42 -34.03 38.70
CA GLU A 76 9.33 -33.91 39.66
C GLU A 76 8.39 -32.75 39.35
N ASN A 77 8.93 -31.58 39.00
CA ASN A 77 8.12 -30.39 38.82
C ASN A 77 7.64 -30.17 37.39
N ARG A 78 8.10 -30.97 36.44
CA ARG A 78 7.76 -30.75 35.04
C ARG A 78 6.26 -30.67 34.74
N PRO A 79 5.41 -31.58 35.25
CA PRO A 79 3.98 -31.47 34.90
C PRO A 79 3.35 -30.15 35.29
N ILE A 80 3.72 -29.59 36.44
CA ILE A 80 3.11 -28.34 36.88
C ILE A 80 3.53 -27.20 35.97
N LEU A 81 4.80 -27.16 35.58
CA LEU A 81 5.26 -26.14 34.65
C LEU A 81 4.56 -26.28 33.31
N VAL A 82 4.37 -27.53 32.86
CA VAL A 82 3.71 -27.74 31.58
C VAL A 82 2.26 -27.28 31.62
N GLU A 83 1.55 -27.55 32.72
CA GLU A 83 0.15 -27.12 32.79
C GLU A 83 0.06 -25.61 32.94
N ILE A 84 1.03 -24.98 33.61
CA ILE A 84 1.06 -23.52 33.64
C ILE A 84 1.22 -22.97 32.23
N LEU A 85 2.14 -23.54 31.45
CA LEU A 85 2.31 -23.14 30.06
C LEU A 85 1.02 -23.34 29.27
N GLU A 86 0.33 -24.46 29.52
CA GLU A 86 -0.92 -24.73 28.82
C GLU A 86 -1.99 -23.69 29.16
N ILE A 87 -2.08 -23.30 30.44
CA ILE A 87 -3.02 -22.27 30.84
C ILE A 87 -2.72 -20.97 30.10
N ILE A 88 -1.45 -20.57 30.10
CA ILE A 88 -1.06 -19.33 29.43
C ILE A 88 -1.40 -19.40 27.95
N ALA A 89 -1.09 -20.53 27.31
CA ALA A 89 -1.32 -20.68 25.88
C ALA A 89 -2.80 -20.63 25.54
N ASN A 90 -3.64 -21.33 26.32
CA ASN A 90 -5.08 -21.30 26.06
C ASN A 90 -5.64 -19.90 26.23
N THR A 91 -5.22 -19.20 27.30
CA THR A 91 -5.71 -17.85 27.51
C THR A 91 -5.31 -16.93 26.36
N ALA A 92 -4.06 -17.01 25.94
CA ALA A 92 -3.58 -16.14 24.87
C ALA A 92 -4.29 -16.46 23.56
N VAL A 93 -4.44 -17.74 23.25
CA VAL A 93 -5.10 -18.13 22.00
C VAL A 93 -6.55 -17.68 21.99
N HIS A 94 -7.25 -17.86 23.11
CA HIS A 94 -8.65 -17.45 23.19
C HIS A 94 -8.77 -15.94 23.03
N LYS A 95 -7.89 -15.18 23.69
CA LYS A 95 -7.94 -13.73 23.58
C LYS A 95 -7.64 -13.27 22.16
N ALA A 96 -6.68 -13.93 21.50
CA ALA A 96 -6.36 -13.59 20.11
C ALA A 96 -7.54 -13.87 19.19
N ARG A 97 -8.23 -14.96 19.35
CA ARG A 97 -9.34 -15.15 18.43
C ARG A 97 -10.46 -14.21 18.76
N ASP A 98 -10.58 -13.84 20.03
CA ASP A 98 -11.73 -13.01 20.43
C ASP A 98 -11.94 -11.78 19.56
N GLY A 99 -11.10 -11.54 18.56
CA GLY A 99 -11.38 -10.49 17.59
C GLY A 99 -10.52 -9.24 17.74
N ALA A 100 -9.85 -8.87 16.66
CA ALA A 100 -9.00 -7.69 16.59
C ALA A 100 -8.61 -7.49 15.13
N GLU A 101 -7.76 -6.51 14.88
CA GLU A 101 -7.19 -6.37 13.56
C GLU A 101 -6.35 -7.61 13.28
N PRO A 102 -6.61 -8.34 12.19
CA PRO A 102 -5.99 -9.66 12.03
C PRO A 102 -4.46 -9.65 11.98
N GLU A 103 -3.84 -8.70 11.27
CA GLU A 103 -2.42 -8.79 11.00
C GLU A 103 -1.62 -8.45 12.25
N PHE A 104 -2.09 -7.47 13.03
CA PHE A 104 -1.50 -7.19 14.33
C PHE A 104 -1.52 -8.43 15.22
N ALA A 105 -2.65 -9.12 15.25
CA ALA A 105 -2.75 -10.35 16.04
C ALA A 105 -1.85 -11.44 15.47
N LEU A 106 -1.62 -11.43 14.15
CA LEU A 106 -0.69 -12.38 13.55
C LEU A 106 0.74 -12.15 14.06
N GLU A 107 1.18 -10.90 14.09
CA GLU A 107 2.49 -10.63 14.66
C GLU A 107 2.55 -11.01 16.14
N LEU A 108 1.47 -10.73 16.87
CA LEU A 108 1.43 -11.12 18.29
C LEU A 108 1.55 -12.63 18.43
N LEU A 109 0.86 -13.39 17.56
CA LEU A 109 0.97 -14.84 17.59
C LEU A 109 2.38 -15.30 17.25
N LEU A 110 3.04 -14.62 16.32
CA LEU A 110 4.41 -14.98 15.98
C LEU A 110 5.33 -14.80 17.18
N ARG A 111 5.22 -13.66 17.87
CA ARG A 111 6.04 -13.45 19.05
C ARG A 111 5.70 -14.45 20.15
N LEU A 112 4.41 -14.77 20.30
CA LEU A 112 4.00 -15.76 21.27
C LEU A 112 4.64 -17.11 20.95
N VAL A 113 4.66 -17.48 19.67
CA VAL A 113 5.26 -18.76 19.27
C VAL A 113 6.74 -18.77 19.58
N GLU A 114 7.43 -17.66 19.30
CA GLU A 114 8.86 -17.60 19.60
C GLU A 114 9.12 -17.74 21.09
N ARG A 115 8.36 -17.01 21.91
CA ARG A 115 8.54 -17.10 23.35
C ARG A 115 8.20 -18.51 23.85
N PHE A 116 7.19 -19.14 23.25
CA PHE A 116 6.82 -20.49 23.67
C PHE A 116 7.89 -21.49 23.29
N THR A 117 8.60 -21.22 22.21
CA THR A 117 9.69 -22.11 21.85
C THR A 117 10.74 -22.00 22.91
N GLU A 118 11.10 -20.77 23.25
CA GLU A 118 12.08 -20.59 24.31
C GLU A 118 11.64 -21.27 25.59
N ALA A 119 10.34 -21.19 25.90
CA ALA A 119 9.82 -21.82 27.11
C ALA A 119 10.00 -23.33 27.07
N VAL A 120 9.66 -23.97 25.96
CA VAL A 120 9.77 -25.43 25.90
C VAL A 120 11.24 -25.85 25.90
N LYS A 121 12.11 -25.04 25.28
CA LYS A 121 13.54 -25.31 25.37
C LYS A 121 14.01 -25.27 26.82
N ALA A 122 13.54 -24.27 27.58
CA ALA A 122 13.92 -24.17 28.98
C ALA A 122 13.37 -25.33 29.80
N ILE A 123 12.14 -25.76 29.51
CA ILE A 123 11.49 -26.78 30.31
C ILE A 123 12.23 -28.11 30.25
N GLY A 124 12.63 -28.53 29.05
CA GLY A 124 13.12 -29.87 28.86
C GLY A 124 12.00 -30.81 28.46
N THR A 125 12.33 -32.08 28.34
CA THR A 125 11.40 -33.08 27.85
C THR A 125 11.21 -34.19 28.88
N SER A 126 10.06 -34.85 28.78
CA SER A 126 9.61 -35.78 29.81
C SER A 126 8.61 -36.79 29.24
N ASN A 127 7.84 -37.42 30.11
CA ASN A 127 6.78 -38.36 29.75
C ASN A 127 5.91 -37.85 28.60
N GLU A 128 5.37 -38.77 27.81
CA GLU A 128 4.79 -38.43 26.52
C GLU A 128 3.57 -37.52 26.64
N GLU A 129 2.85 -37.60 27.77
CA GLU A 129 1.60 -36.84 27.90
C GLU A 129 1.84 -35.34 27.81
N GLU A 130 2.90 -34.86 28.47
CA GLU A 130 3.22 -33.44 28.39
C GLU A 130 3.61 -33.02 26.98
N GLU A 131 4.32 -33.89 26.26
CA GLU A 131 4.64 -33.60 24.87
C GLU A 131 3.37 -33.52 24.02
N ASN A 132 2.40 -34.41 24.29
CA ASN A 132 1.13 -34.31 23.60
C ASN A 132 0.42 -33.00 23.91
N LYS A 133 0.48 -32.56 25.17
CA LYS A 133 -0.11 -31.29 25.53
C LYS A 133 0.53 -30.14 24.75
N LEU A 134 1.86 -30.14 24.68
CA LEU A 134 2.55 -29.10 23.90
C LEU A 134 2.16 -29.16 22.43
N LEU A 135 2.05 -30.38 21.88
CA LEU A 135 1.70 -30.52 20.47
C LEU A 135 0.31 -29.98 20.19
N GLU A 136 -0.67 -30.29 21.05
CA GLU A 136 -2.01 -29.76 20.80
C GLU A 136 -2.05 -28.26 21.05
N ILE A 137 -1.22 -27.75 21.96
CA ILE A 137 -1.10 -26.30 22.11
C ILE A 137 -0.65 -25.65 20.81
N LEU A 138 0.42 -26.18 20.22
CA LEU A 138 0.92 -25.62 18.97
C LEU A 138 -0.10 -25.77 17.85
N GLU A 139 -0.82 -26.89 17.84
CA GLU A 139 -1.82 -27.12 16.81
C GLU A 139 -2.99 -26.13 16.93
N SER A 140 -3.42 -25.85 18.17
CA SER A 140 -4.45 -24.84 18.36
C SER A 140 -3.95 -23.47 17.95
N ILE A 141 -2.68 -23.18 18.22
CA ILE A 141 -2.09 -21.93 17.75
C ILE A 141 -2.16 -21.85 16.23
N ALA A 142 -1.84 -22.97 15.55
CA ALA A 142 -1.88 -23.00 14.10
C ALA A 142 -3.30 -22.76 13.59
N HIS A 143 -4.28 -23.42 14.20
CA HIS A 143 -5.65 -23.24 13.77
C HIS A 143 -6.11 -21.80 13.97
N THR A 144 -5.75 -21.20 15.10
CA THR A 144 -6.13 -19.81 15.34
C THR A 144 -5.47 -18.87 14.34
N ALA A 145 -4.20 -19.11 14.02
CA ALA A 145 -3.50 -18.23 13.09
C ALA A 145 -4.08 -18.36 11.68
N ILE A 146 -4.40 -19.59 11.26
CA ILE A 146 -5.06 -19.77 9.97
C ILE A 146 -6.41 -19.09 9.97
N LEU A 147 -7.17 -19.23 11.06
CA LEU A 147 -8.48 -18.60 11.17
C LEU A 147 -8.37 -17.09 11.04
N LEU A 148 -7.34 -16.51 11.64
CA LEU A 148 -7.17 -15.06 11.59
C LEU A 148 -6.73 -14.61 10.19
N ALA A 149 -5.78 -15.33 9.59
CA ALA A 149 -5.30 -14.95 8.26
C ALA A 149 -6.34 -15.23 7.19
N ARG A 150 -7.39 -15.97 7.54
CA ARG A 150 -8.47 -16.31 6.60
C ARG A 150 -9.05 -15.09 5.86
N THR A 151 -8.96 -13.91 6.44
CA THR A 151 -9.67 -12.74 5.92
C THR A 151 -8.66 -11.63 5.60
N LEU A 152 -7.59 -12.00 4.90
CA LEU A 152 -6.61 -11.03 4.43
C LEU A 152 -6.54 -11.07 2.92
N THR A 153 -5.74 -10.16 2.36
CA THR A 153 -5.42 -10.22 0.95
C THR A 153 -4.54 -11.44 0.68
N PRO A 154 -4.59 -12.00 -0.53
CA PRO A 154 -3.80 -13.22 -0.80
C PRO A 154 -2.31 -13.09 -0.51
N LEU A 155 -1.71 -11.96 -0.89
CA LEU A 155 -0.28 -11.79 -0.66
C LEU A 155 0.03 -11.69 0.82
N GLU A 156 -0.75 -10.91 1.57
CA GLU A 156 -0.54 -10.80 3.01
C GLU A 156 -0.75 -12.14 3.69
N ALA A 157 -1.76 -12.90 3.24
CA ALA A 157 -1.96 -14.24 3.78
C ALA A 157 -0.75 -15.13 3.51
N THR A 158 -0.17 -15.02 2.31
CA THR A 158 1.01 -15.80 1.99
C THR A 158 2.17 -15.45 2.92
N ARG A 159 2.37 -14.15 3.16
CA ARG A 159 3.43 -13.73 4.08
C ARG A 159 3.19 -14.29 5.48
N ALA A 160 1.95 -14.18 5.96
CA ALA A 160 1.64 -14.67 7.29
C ALA A 160 1.89 -16.17 7.40
N LEU A 161 1.44 -16.94 6.41
CA LEU A 161 1.62 -18.38 6.48
C LEU A 161 3.08 -18.78 6.36
N ILE A 162 3.86 -18.09 5.52
CA ILE A 162 5.26 -18.45 5.40
C ILE A 162 6.02 -18.15 6.69
N ALA A 163 5.72 -17.00 7.33
CA ALA A 163 6.33 -16.72 8.62
C ALA A 163 5.91 -17.75 9.66
N LEU A 164 4.64 -18.15 9.63
CA LEU A 164 4.14 -19.15 10.56
C LEU A 164 4.89 -20.46 10.39
N VAL A 165 5.07 -20.90 9.15
CA VAL A 165 5.70 -22.19 8.91
C VAL A 165 7.18 -22.15 9.28
N VAL A 166 7.82 -20.99 9.09
CA VAL A 166 9.21 -20.85 9.54
C VAL A 166 9.29 -20.99 11.05
N ALA A 167 8.39 -20.30 11.77
CA ALA A 167 8.39 -20.39 13.23
C ALA A 167 8.12 -21.82 13.69
N PHE A 168 7.19 -22.51 13.03
CA PHE A 168 6.87 -23.88 13.41
C PHE A 168 8.01 -24.83 13.10
N THR A 169 8.75 -24.59 12.02
CA THR A 169 9.95 -25.38 11.76
C THR A 169 10.96 -25.19 12.87
N LYS A 170 11.14 -23.95 13.31
CA LYS A 170 12.04 -23.68 14.44
C LYS A 170 11.59 -24.45 15.68
N PHE A 171 10.29 -24.42 15.96
CA PHE A 171 9.77 -25.14 17.12
C PHE A 171 10.05 -26.63 17.01
N PHE A 172 9.67 -27.23 15.88
CA PHE A 172 9.79 -28.68 15.74
C PHE A 172 11.25 -29.12 15.79
N LEU A 173 12.15 -28.27 15.31
CA LEU A 173 13.57 -28.53 15.51
C LEU A 173 13.92 -28.47 16.98
N ALA A 174 13.36 -27.51 17.72
CA ALA A 174 13.70 -27.35 19.12
C ALA A 174 13.21 -28.51 19.98
N LEU A 175 12.01 -29.02 19.71
CA LEU A 175 11.40 -30.03 20.57
C LEU A 175 12.17 -31.36 20.50
N LYS A 176 12.16 -32.08 21.62
CA LYS A 176 12.74 -33.41 21.71
C LYS A 176 11.62 -34.39 22.04
N GLY A 177 11.68 -35.58 21.44
CA GLY A 177 10.67 -36.58 21.70
C GLY A 177 10.72 -37.68 20.65
N SER A 178 9.72 -38.55 20.71
CA SER A 178 9.61 -39.65 19.76
C SER A 178 9.39 -39.09 18.35
N PRO A 179 10.14 -39.55 17.36
CA PRO A 179 10.05 -38.95 16.02
C PRO A 179 8.68 -39.04 15.38
N GLU A 180 7.94 -40.13 15.62
CA GLU A 180 6.70 -40.36 14.88
C GLU A 180 5.69 -39.25 15.15
N LYS A 181 5.52 -38.86 16.41
CA LYS A 181 4.56 -37.81 16.74
C LYS A 181 4.95 -36.49 16.08
N ILE A 182 6.23 -36.13 16.13
CA ILE A 182 6.67 -34.87 15.55
C ILE A 182 6.43 -34.86 14.05
N ILE A 183 6.83 -35.93 13.37
CA ILE A 183 6.67 -35.99 11.92
C ILE A 183 5.20 -35.94 11.54
N SER A 184 4.37 -36.72 12.24
CA SER A 184 2.95 -36.75 11.91
C SER A 184 2.29 -35.39 12.16
N THR A 185 2.62 -34.74 13.27
CA THR A 185 2.06 -33.43 13.57
C THR A 185 2.48 -32.40 12.53
N PHE A 186 3.76 -32.42 12.13
CA PHE A 186 4.21 -31.48 11.11
C PHE A 186 3.51 -31.73 9.78
N GLU A 187 3.34 -33.01 9.42
CA GLU A 187 2.64 -33.33 8.18
C GLU A 187 1.20 -32.84 8.22
N SER A 188 0.53 -33.02 9.36
CA SER A 188 -0.85 -32.55 9.49
C SER A 188 -0.93 -31.04 9.39
N ILE A 189 0.01 -30.33 10.02
CA ILE A 189 0.03 -28.87 9.94
C ILE A 189 0.25 -28.43 8.50
N ALA A 190 1.18 -29.09 7.80
CA ALA A 190 1.43 -28.77 6.40
C ALA A 190 0.19 -29.00 5.57
N ARG A 191 -0.53 -30.09 5.83
CA ARG A 191 -1.76 -30.38 5.11
C ARG A 191 -2.79 -29.28 5.33
N ASP A 192 -2.94 -28.83 6.57
CA ASP A 192 -3.87 -27.75 6.88
C ASP A 192 -3.50 -26.48 6.13
N ILE A 193 -2.22 -26.12 6.16
CA ILE A 193 -1.77 -24.89 5.50
C ILE A 193 -2.01 -24.98 3.99
N LEU A 194 -1.68 -26.13 3.40
CA LEU A 194 -1.87 -26.29 1.96
C LEU A 194 -3.34 -26.23 1.58
N THR A 195 -4.21 -26.86 2.37
CA THR A 195 -5.63 -26.81 2.09
C THR A 195 -6.15 -25.38 2.16
N PHE A 196 -5.73 -24.63 3.19
CA PHE A 196 -6.17 -23.25 3.30
C PHE A 196 -5.67 -22.41 2.13
N ALA A 197 -4.43 -22.63 1.70
CA ALA A 197 -3.90 -21.89 0.57
C ALA A 197 -4.69 -22.20 -0.70
N GLU A 198 -5.02 -23.47 -0.91
CA GLU A 198 -5.80 -23.84 -2.08
C GLU A 198 -7.18 -23.21 -2.06
N GLN A 199 -7.79 -23.13 -0.87
CA GLN A 199 -9.05 -22.40 -0.75
C GLN A 199 -8.87 -20.93 -1.11
N LYS A 200 -7.91 -20.27 -0.49
CA LYS A 200 -7.85 -18.81 -0.55
C LYS A 200 -7.43 -18.31 -1.93
N LEU A 201 -6.44 -18.96 -2.54
CA LEU A 201 -5.93 -18.46 -3.82
C LEU A 201 -6.92 -18.64 -4.97
N ALA A 202 -8.10 -19.19 -4.70
CA ALA A 202 -9.07 -19.41 -5.77
C ALA A 202 -9.62 -18.11 -6.34
N THR A 203 -9.52 -17.00 -5.60
CA THR A 203 -10.08 -15.73 -6.02
C THR A 203 -9.10 -14.87 -6.81
N VAL A 204 -8.05 -15.45 -7.37
CA VAL A 204 -7.05 -14.69 -8.12
C VAL A 204 -6.85 -15.37 -9.46
N PRO A 205 -6.32 -14.65 -10.45
CA PRO A 205 -5.96 -15.29 -11.72
C PRO A 205 -4.94 -16.38 -11.48
N PRO A 206 -4.97 -17.45 -12.29
CA PRO A 206 -4.13 -18.62 -11.99
C PRO A 206 -2.63 -18.36 -12.03
N ALA A 207 -2.18 -17.27 -12.66
CA ALA A 207 -0.76 -16.94 -12.59
C ALA A 207 -0.34 -16.62 -11.16
N VAL A 208 -1.15 -15.82 -10.46
CA VAL A 208 -0.87 -15.54 -9.06
C VAL A 208 -0.96 -16.82 -8.24
N GLN A 209 -1.90 -17.71 -8.60
CA GLN A 209 -1.97 -19.03 -7.99
C GLN A 209 -0.63 -19.74 -8.11
N THR A 210 -0.08 -19.80 -9.32
CA THR A 210 1.19 -20.45 -9.57
C THR A 210 2.27 -19.84 -8.68
N VAL A 211 2.37 -18.51 -8.70
CA VAL A 211 3.43 -17.82 -7.95
C VAL A 211 3.35 -18.15 -6.47
N LEU A 212 2.23 -17.80 -5.84
CA LEU A 212 2.12 -17.95 -4.39
C LEU A 212 2.17 -19.41 -3.97
N LEU A 213 1.51 -20.29 -4.72
CA LEU A 213 1.52 -21.70 -4.38
C LEU A 213 2.93 -22.27 -4.47
N SER A 214 3.68 -21.89 -5.50
CA SER A 214 5.06 -22.38 -5.62
C SER A 214 5.90 -21.91 -4.44
N ALA A 215 5.76 -20.64 -4.06
CA ALA A 215 6.52 -20.13 -2.92
C ALA A 215 6.19 -20.91 -1.65
N LEU A 216 4.90 -21.04 -1.34
CA LEU A 216 4.48 -21.73 -0.13
C LEU A 216 4.92 -23.19 -0.13
N LEU A 217 4.75 -23.87 -1.27
CA LEU A 217 5.14 -25.27 -1.36
C LEU A 217 6.64 -25.44 -1.16
N GLU A 218 7.44 -24.55 -1.75
CA GLU A 218 8.89 -24.69 -1.60
C GLU A 218 9.31 -24.45 -0.16
N VAL A 219 8.71 -23.47 0.51
CA VAL A 219 9.09 -23.22 1.90
C VAL A 219 8.66 -24.38 2.79
N ILE A 220 7.49 -24.97 2.52
CA ILE A 220 7.02 -26.09 3.32
C ILE A 220 7.88 -27.32 3.05
N GLU A 221 8.36 -27.46 1.82
CA GLU A 221 9.26 -28.56 1.48
C GLU A 221 10.60 -28.41 2.19
N ASP A 222 11.12 -27.18 2.25
CA ASP A 222 12.34 -26.94 3.01
C ASP A 222 12.14 -27.29 4.49
N ALA A 223 11.00 -26.90 5.04
CA ALA A 223 10.70 -27.24 6.43
C ALA A 223 10.71 -28.76 6.63
N ARG A 224 10.08 -29.48 5.69
CA ARG A 224 10.05 -30.94 5.79
C ARG A 224 11.45 -31.53 5.70
N GLU A 225 12.27 -31.01 4.79
CA GLU A 225 13.64 -31.51 4.67
C GLU A 225 14.40 -31.33 5.96
N HIS A 226 14.29 -30.17 6.58
CA HIS A 226 15.09 -30.02 7.78
C HIS A 226 14.55 -30.93 8.84
N ILE A 227 13.25 -30.89 9.09
CA ILE A 227 12.75 -31.68 10.22
C ILE A 227 13.10 -33.15 10.03
N VAL A 228 13.04 -33.65 8.79
CA VAL A 228 13.36 -35.05 8.55
C VAL A 228 14.84 -35.32 8.78
N LYS A 229 15.70 -34.47 8.21
CA LYS A 229 17.14 -34.68 8.34
C LYS A 229 17.58 -34.60 9.80
N LYS A 230 17.14 -33.55 10.51
CA LYS A 230 17.52 -33.38 11.90
C LYS A 230 16.94 -34.50 12.77
N TYR A 231 15.66 -34.82 12.56
CA TYR A 231 14.95 -35.62 13.55
C TYR A 231 14.82 -37.08 13.12
N GLY A 232 15.34 -37.44 11.96
CA GLY A 232 15.24 -38.80 11.48
C GLY A 232 16.09 -39.79 12.27
N ASN B 25 54.43 -25.07 3.55
CA ASN B 25 54.43 -24.30 2.32
C ASN B 25 53.03 -23.79 1.98
N VAL B 26 52.75 -23.62 0.69
CA VAL B 26 51.45 -23.14 0.24
C VAL B 26 50.35 -24.10 0.70
N LEU B 27 50.60 -25.40 0.56
CA LEU B 27 49.59 -26.39 0.93
C LEU B 27 49.19 -26.27 2.39
N GLU B 28 50.17 -26.06 3.27
CA GLU B 28 49.87 -26.00 4.70
C GLU B 28 48.94 -24.84 5.03
N LYS B 29 49.28 -23.64 4.56
CA LYS B 29 48.46 -22.47 4.88
C LYS B 29 47.10 -22.55 4.21
N VAL B 30 47.05 -23.08 2.98
CA VAL B 30 45.76 -23.21 2.30
C VAL B 30 44.86 -24.18 3.06
N GLU B 31 45.43 -25.30 3.52
CA GLU B 31 44.63 -26.25 4.30
C GLU B 31 44.21 -25.68 5.65
N GLU B 32 45.07 -24.87 6.27
CA GLU B 32 44.68 -24.20 7.51
C GLU B 32 43.50 -23.27 7.27
N LEU B 33 43.53 -22.51 6.17
CA LEU B 33 42.41 -21.66 5.82
C LEU B 33 41.15 -22.49 5.60
N LYS B 34 41.30 -23.63 4.91
CA LYS B 34 40.20 -24.56 4.69
C LYS B 34 39.57 -24.97 6.02
N LYS B 35 40.40 -25.41 6.96
CA LYS B 35 39.89 -25.86 8.25
C LYS B 35 39.20 -24.74 9.01
N GLU B 36 39.81 -23.56 9.06
CA GLU B 36 39.20 -22.45 9.80
C GLU B 36 37.85 -22.07 9.22
N VAL B 37 37.79 -21.91 7.89
CA VAL B 37 36.53 -21.55 7.24
C VAL B 37 35.50 -22.64 7.47
N LYS B 38 35.92 -23.90 7.43
CA LYS B 38 35.00 -25.01 7.63
C LYS B 38 34.38 -24.96 9.03
N LYS B 39 35.22 -24.78 10.05
CA LYS B 39 34.70 -24.71 11.41
C LYS B 39 33.74 -23.54 11.58
N LYS B 40 34.14 -22.35 11.11
CA LYS B 40 33.27 -21.18 11.28
C LYS B 40 31.95 -21.37 10.56
N VAL B 41 31.99 -21.97 9.35
CA VAL B 41 30.76 -22.23 8.60
C VAL B 41 29.87 -23.19 9.38
N GLU B 42 30.46 -24.24 9.94
CA GLU B 42 29.68 -25.18 10.75
C GLU B 42 29.00 -24.47 11.91
N GLU B 43 29.76 -23.68 12.67
CA GLU B 43 29.18 -23.02 13.85
C GLU B 43 28.05 -22.07 13.44
N VAL B 44 28.26 -21.29 12.38
CA VAL B 44 27.23 -20.33 12.00
C VAL B 44 26.01 -21.04 11.44
N ALA B 45 26.22 -22.12 10.71
CA ALA B 45 25.12 -22.88 10.11
C ALA B 45 24.26 -23.53 11.17
N LYS B 46 24.87 -24.03 12.24
CA LYS B 46 24.11 -24.64 13.33
C LYS B 46 23.13 -23.65 13.95
N SER B 47 23.46 -22.37 13.91
CA SER B 47 22.73 -21.35 14.64
C SER B 47 21.33 -21.07 14.09
N SER B 48 20.51 -20.39 14.89
CA SER B 48 19.18 -19.94 14.52
C SER B 48 19.24 -18.55 13.89
N ASN B 49 18.10 -17.86 13.85
CA ASN B 49 17.93 -16.45 13.48
C ASN B 49 18.79 -16.06 12.29
N VAL B 50 18.42 -16.60 11.12
CA VAL B 50 19.23 -16.62 9.90
C VAL B 50 19.86 -15.29 9.53
N GLU B 51 19.28 -14.17 9.98
CA GLU B 51 19.86 -12.87 9.64
C GLU B 51 21.25 -12.70 10.26
N ALA B 52 21.39 -13.07 11.53
CA ALA B 52 22.71 -13.06 12.15
C ALA B 52 23.65 -14.02 11.44
N ALA B 53 23.12 -15.16 10.98
CA ALA B 53 23.93 -16.10 10.24
C ALA B 53 24.46 -15.48 8.95
N LEU B 54 23.60 -14.77 8.22
CA LEU B 54 24.03 -14.11 6.99
C LEU B 54 25.09 -13.05 7.28
N ILE B 55 24.91 -12.30 8.37
CA ILE B 55 25.91 -11.31 8.75
C ILE B 55 27.26 -11.99 9.02
N LYS B 56 27.22 -13.12 9.73
CA LYS B 56 28.45 -13.83 10.04
C LYS B 56 29.11 -14.40 8.79
N LEU B 57 28.32 -14.95 7.87
CA LEU B 57 28.90 -15.40 6.61
C LEU B 57 29.50 -14.25 5.82
N LEU B 58 28.87 -13.08 5.85
CA LEU B 58 29.44 -11.93 5.17
C LEU B 58 30.80 -11.57 5.76
N GLU B 59 30.90 -11.55 7.09
CA GLU B 59 32.17 -11.19 7.72
C GLU B 59 33.23 -12.25 7.45
N ILE B 60 32.82 -13.53 7.47
CA ILE B 60 33.76 -14.61 7.15
C ILE B 60 34.25 -14.47 5.72
N LEU B 61 33.35 -14.17 4.79
CA LEU B 61 33.75 -14.01 3.40
C LEU B 61 34.71 -12.84 3.25
N ASP B 62 34.46 -11.76 4.00
CA ASP B 62 35.36 -10.61 3.94
C ASP B 62 36.76 -10.97 4.43
N GLU B 63 36.85 -11.60 5.61
CA GLU B 63 38.17 -11.95 6.12
C GLU B 63 38.86 -12.95 5.22
N PHE B 64 38.10 -13.88 4.63
CA PHE B 64 38.68 -14.83 3.69
C PHE B 64 39.19 -14.14 2.45
N ILE B 65 38.47 -13.13 1.96
CA ILE B 65 38.91 -12.40 0.78
C ILE B 65 40.20 -11.66 1.07
N HIS B 66 40.31 -11.08 2.26
CA HIS B 66 41.56 -10.41 2.64
C HIS B 66 42.70 -11.41 2.71
N GLN B 67 42.46 -12.57 3.34
CA GLN B 67 43.51 -13.56 3.48
C GLN B 67 43.98 -14.06 2.12
N VAL B 68 43.04 -14.32 1.20
CA VAL B 68 43.41 -14.77 -0.13
C VAL B 68 44.19 -13.69 -0.86
N LYS B 69 43.75 -12.44 -0.76
CA LYS B 69 44.45 -11.34 -1.42
C LYS B 69 45.89 -11.24 -0.92
N LEU B 70 46.09 -11.42 0.38
CA LEU B 70 47.44 -11.37 0.94
C LEU B 70 48.31 -12.50 0.40
N LEU B 71 47.77 -13.72 0.37
CA LEU B 71 48.58 -14.86 -0.04
C LEU B 71 48.84 -14.81 -1.54
N PRO B 72 50.00 -15.30 -2.01
CA PRO B 72 50.22 -15.42 -3.45
C PRO B 72 49.40 -16.56 -4.02
N VAL B 73 48.75 -16.31 -5.15
CA VAL B 73 47.83 -17.26 -5.77
C VAL B 73 48.49 -17.84 -7.02
N ASN B 74 48.49 -19.17 -7.12
CA ASN B 74 49.02 -19.86 -8.28
C ASN B 74 48.00 -20.89 -8.74
N GLU B 75 48.34 -21.58 -9.83
CA GLU B 75 47.43 -22.60 -10.37
C GLU B 75 47.28 -23.78 -9.43
N GLU B 76 48.27 -24.02 -8.58
CA GLU B 76 48.23 -25.17 -7.68
C GLU B 76 47.14 -25.05 -6.62
N ASN B 77 46.99 -23.87 -6.00
CA ASN B 77 46.07 -23.70 -4.90
C ASN B 77 44.68 -23.25 -5.32
N ARG B 78 44.45 -23.02 -6.60
CA ARG B 78 43.14 -22.54 -7.06
C ARG B 78 41.98 -23.47 -6.72
N PRO B 79 42.05 -24.79 -6.97
CA PRO B 79 40.86 -25.63 -6.69
C PRO B 79 40.42 -25.59 -5.24
N ILE B 80 41.35 -25.55 -4.30
CA ILE B 80 40.97 -25.54 -2.89
C ILE B 80 40.26 -24.25 -2.53
N LEU B 81 40.77 -23.11 -3.04
CA LEU B 81 40.10 -21.84 -2.81
C LEU B 81 38.70 -21.85 -3.42
N VAL B 82 38.58 -22.43 -4.62
CA VAL B 82 37.28 -22.47 -5.29
C VAL B 82 36.29 -23.31 -4.49
N GLU B 83 36.72 -24.46 -3.97
CA GLU B 83 35.78 -25.28 -3.22
C GLU B 83 35.45 -24.65 -1.87
N ILE B 84 36.39 -23.90 -1.28
CA ILE B 84 36.07 -23.13 -0.08
C ILE B 84 34.99 -22.11 -0.39
N LEU B 85 35.14 -21.40 -1.51
CA LEU B 85 34.13 -20.44 -1.93
C LEU B 85 32.79 -21.12 -2.17
N GLU B 86 32.82 -22.32 -2.75
CA GLU B 86 31.58 -23.06 -3.00
C GLU B 86 30.90 -23.44 -1.70
N ILE B 87 31.68 -23.87 -0.70
CA ILE B 87 31.12 -24.18 0.62
C ILE B 87 30.44 -22.94 1.19
N ILE B 88 31.15 -21.81 1.15
CA ILE B 88 30.61 -20.56 1.69
C ILE B 88 29.31 -20.20 0.98
N ALA B 89 29.30 -20.30 -0.35
CA ALA B 89 28.15 -19.91 -1.12
C ALA B 89 26.95 -20.81 -0.85
N ASN B 90 27.17 -22.13 -0.81
CA ASN B 90 26.07 -23.04 -0.52
C ASN B 90 25.50 -22.78 0.87
N THR B 91 26.36 -22.60 1.86
CA THR B 91 25.87 -22.35 3.21
C THR B 91 25.07 -21.06 3.27
N ALA B 92 25.59 -19.99 2.67
CA ALA B 92 24.90 -18.70 2.70
C ALA B 92 23.56 -18.77 1.97
N VAL B 93 23.54 -19.41 0.80
CA VAL B 93 22.32 -19.52 0.02
C VAL B 93 21.27 -20.32 0.79
N HIS B 94 21.68 -21.45 1.37
CA HIS B 94 20.74 -22.28 2.12
C HIS B 94 20.18 -21.52 3.30
N LYS B 95 21.05 -20.80 4.03
CA LYS B 95 20.59 -20.05 5.19
C LYS B 95 19.63 -18.93 4.79
N ALA B 96 19.95 -18.22 3.71
CA ALA B 96 19.09 -17.13 3.25
C ALA B 96 17.73 -17.66 2.82
N ARG B 97 17.68 -18.77 2.13
CA ARG B 97 16.36 -19.21 1.72
C ARG B 97 15.62 -19.77 2.91
N ASP B 98 16.34 -20.31 3.87
CA ASP B 98 15.68 -20.98 5.00
C ASP B 98 14.55 -20.16 5.61
N GLY B 99 14.30 -18.95 5.15
CA GLY B 99 13.15 -18.20 5.60
C GLY B 99 13.47 -17.01 6.50
N ALA B 100 13.01 -15.83 6.08
CA ALA B 100 13.18 -14.58 6.81
C ALA B 100 12.31 -13.54 6.12
N GLU B 101 12.42 -12.30 6.58
CA GLU B 101 11.78 -11.20 5.87
C GLU B 101 12.41 -11.14 4.48
N PRO B 102 11.63 -11.21 3.41
CA PRO B 102 12.21 -11.38 2.07
C PRO B 102 13.18 -10.30 1.65
N GLU B 103 12.84 -9.02 1.88
CA GLU B 103 13.67 -7.95 1.32
C GLU B 103 14.99 -7.87 2.08
N PHE B 104 14.97 -8.10 3.39
CA PHE B 104 16.20 -8.08 4.17
C PHE B 104 17.18 -9.15 3.70
N ALA B 105 16.73 -10.40 3.61
CA ALA B 105 17.59 -11.47 3.13
C ALA B 105 18.00 -11.23 1.69
N LEU B 106 17.15 -10.56 0.91
CA LEU B 106 17.46 -10.27 -0.47
C LEU B 106 18.60 -9.26 -0.59
N GLU B 107 18.57 -8.20 0.21
CA GLU B 107 19.66 -7.24 0.20
C GLU B 107 20.94 -7.86 0.76
N LEU B 108 20.80 -8.76 1.74
CA LEU B 108 21.94 -9.58 2.15
C LEU B 108 22.50 -10.37 0.98
N LEU B 109 21.63 -10.95 0.16
CA LEU B 109 22.08 -11.69 -1.02
C LEU B 109 22.81 -10.78 -1.99
N LEU B 110 22.32 -9.56 -2.17
CA LEU B 110 22.99 -8.61 -3.07
C LEU B 110 24.40 -8.30 -2.56
N ARG B 111 24.53 -8.05 -1.26
CA ARG B 111 25.85 -7.79 -0.69
C ARG B 111 26.76 -9.01 -0.83
N LEU B 112 26.19 -10.20 -0.63
CA LEU B 112 26.95 -11.43 -0.84
C LEU B 112 27.43 -11.53 -2.29
N VAL B 113 26.58 -11.14 -3.24
CA VAL B 113 26.97 -11.17 -4.64
C VAL B 113 28.14 -10.22 -4.89
N GLU B 114 28.08 -9.03 -4.28
CA GLU B 114 29.18 -8.08 -4.45
C GLU B 114 30.49 -8.63 -3.89
N ARG B 115 30.43 -9.19 -2.67
CA ARG B 115 31.65 -9.73 -2.07
C ARG B 115 32.15 -10.93 -2.88
N PHE B 116 31.24 -11.71 -3.45
CA PHE B 116 31.64 -12.84 -4.27
C PHE B 116 32.28 -12.38 -5.57
N THR B 117 31.85 -11.24 -6.08
CA THR B 117 32.48 -10.73 -7.27
C THR B 117 33.91 -10.41 -6.92
N GLU B 118 34.08 -9.64 -5.86
CA GLU B 118 35.45 -9.33 -5.44
C GLU B 118 36.27 -10.59 -5.24
N ALA B 119 35.65 -11.63 -4.69
CA ALA B 119 36.37 -12.88 -4.43
C ALA B 119 36.83 -13.53 -5.73
N VAL B 120 35.95 -13.62 -6.73
CA VAL B 120 36.34 -14.25 -7.98
C VAL B 120 37.37 -13.40 -8.71
N LYS B 121 37.28 -12.07 -8.59
CA LYS B 121 38.32 -11.21 -9.13
C LYS B 121 39.67 -11.52 -8.49
N ALA B 122 39.68 -11.69 -7.17
CA ALA B 122 40.93 -11.98 -6.46
C ALA B 122 41.48 -13.36 -6.84
N ILE B 123 40.59 -14.34 -7.02
CA ILE B 123 41.03 -15.71 -7.26
C ILE B 123 41.80 -15.82 -8.57
N GLY B 124 41.28 -15.21 -9.62
CA GLY B 124 41.79 -15.47 -10.96
C GLY B 124 41.04 -16.59 -11.63
N THR B 125 41.49 -16.95 -12.83
CA THR B 125 40.80 -17.91 -13.66
C THR B 125 41.70 -19.10 -13.96
N SER B 126 41.06 -20.23 -14.25
CA SER B 126 41.76 -21.52 -14.35
C SER B 126 40.96 -22.50 -15.21
N ASN B 127 41.27 -23.79 -15.05
CA ASN B 127 40.57 -24.87 -15.73
C ASN B 127 39.06 -24.73 -15.66
N GLU B 128 38.36 -25.25 -16.68
CA GLU B 128 36.96 -24.93 -16.89
C GLU B 128 36.06 -25.40 -15.75
N GLU B 129 36.44 -26.47 -15.05
CA GLU B 129 35.56 -27.05 -14.04
C GLU B 129 35.28 -26.05 -12.91
N GLU B 130 36.31 -25.33 -12.47
CA GLU B 130 36.11 -24.33 -11.43
C GLU B 130 35.20 -23.21 -11.91
N GLU B 131 35.33 -22.82 -13.18
CA GLU B 131 34.43 -21.81 -13.74
C GLU B 131 33.00 -22.33 -13.77
N ASN B 132 32.80 -23.61 -14.06
CA ASN B 132 31.47 -24.20 -14.00
C ASN B 132 30.93 -24.15 -12.58
N LYS B 133 31.77 -24.43 -11.59
CA LYS B 133 31.34 -24.36 -10.21
C LYS B 133 30.90 -22.94 -9.85
N LEU B 134 31.69 -21.95 -10.25
CA LEU B 134 31.32 -20.56 -9.97
C LEU B 134 30.01 -20.19 -10.67
N LEU B 135 29.85 -20.61 -11.92
CA LEU B 135 28.64 -20.27 -12.66
C LEU B 135 27.41 -20.91 -12.03
N GLU B 136 27.50 -22.16 -11.60
CA GLU B 136 26.36 -22.80 -10.96
C GLU B 136 26.09 -22.17 -9.59
N ILE B 137 27.14 -21.72 -8.90
CA ILE B 137 26.95 -20.97 -7.65
C ILE B 137 26.12 -19.72 -7.91
N LEU B 138 26.51 -18.96 -8.93
CA LEU B 138 25.79 -17.73 -9.25
C LEU B 138 24.35 -18.03 -9.66
N GLU B 139 24.16 -19.10 -10.43
CA GLU B 139 22.81 -19.46 -10.87
C GLU B 139 21.93 -19.86 -9.70
N SER B 140 22.49 -20.61 -8.74
CA SER B 140 21.73 -20.94 -7.54
C SER B 140 21.40 -19.68 -6.74
N ILE B 141 22.34 -18.74 -6.68
CA ILE B 141 22.06 -17.46 -6.02
C ILE B 141 20.89 -16.76 -6.69
N ALA B 142 20.89 -16.75 -8.03
CA ALA B 142 19.80 -16.10 -8.77
C ALA B 142 18.47 -16.77 -8.50
N HIS B 143 18.46 -18.11 -8.50
CA HIS B 143 17.22 -18.84 -8.22
C HIS B 143 16.71 -18.53 -6.83
N THR B 144 17.61 -18.52 -5.84
CA THR B 144 17.22 -18.21 -4.47
C THR B 144 16.65 -16.81 -4.35
N ALA B 145 17.28 -15.84 -5.02
CA ALA B 145 16.84 -14.45 -4.90
C ALA B 145 15.50 -14.25 -5.61
N ILE B 146 15.30 -14.91 -6.75
CA ILE B 146 13.99 -14.89 -7.41
C ILE B 146 12.94 -15.51 -6.50
N LEU B 147 13.28 -16.62 -5.85
CA LEU B 147 12.36 -17.27 -4.95
C LEU B 147 11.96 -16.35 -3.81
N LEU B 148 12.93 -15.62 -3.25
CA LEU B 148 12.64 -14.66 -2.20
C LEU B 148 11.75 -13.53 -2.72
N ALA B 149 12.08 -12.99 -3.89
CA ALA B 149 11.32 -11.85 -4.43
C ALA B 149 9.92 -12.28 -4.85
N ARG B 150 9.68 -13.58 -4.97
CA ARG B 150 8.40 -14.11 -5.41
C ARG B 150 7.19 -13.60 -4.63
N THR B 151 7.40 -13.08 -3.41
CA THR B 151 6.31 -12.78 -2.49
C THR B 151 6.40 -11.34 -2.00
N LEU B 152 6.61 -10.41 -2.94
CA LEU B 152 6.61 -8.98 -2.62
C LEU B 152 5.61 -8.26 -3.51
N THR B 153 5.48 -6.96 -3.27
CA THR B 153 4.67 -6.11 -4.12
C THR B 153 5.34 -5.98 -5.49
N PRO B 154 4.57 -5.75 -6.55
CA PRO B 154 5.18 -5.67 -7.89
C PRO B 154 6.28 -4.63 -8.03
N LEU B 155 6.09 -3.44 -7.45
CA LEU B 155 7.11 -2.40 -7.58
C LEU B 155 8.38 -2.77 -6.81
N GLU B 156 8.22 -3.28 -5.58
CA GLU B 156 9.38 -3.72 -4.83
C GLU B 156 10.09 -4.87 -5.53
N ALA B 157 9.31 -5.77 -6.13
CA ALA B 157 9.91 -6.86 -6.91
C ALA B 157 10.71 -6.29 -8.08
N THR B 158 10.18 -5.25 -8.74
CA THR B 158 10.90 -4.64 -9.85
C THR B 158 12.23 -4.04 -9.39
N ARG B 159 12.20 -3.32 -8.27
CA ARG B 159 13.43 -2.76 -7.72
C ARG B 159 14.44 -3.87 -7.40
N ALA B 160 13.97 -4.92 -6.74
CA ALA B 160 14.85 -6.03 -6.40
C ALA B 160 15.47 -6.63 -7.63
N LEU B 161 14.67 -6.87 -8.66
CA LEU B 161 15.15 -7.58 -9.84
C LEU B 161 16.11 -6.70 -10.64
N ILE B 162 15.84 -5.40 -10.71
CA ILE B 162 16.75 -4.51 -11.44
C ILE B 162 18.09 -4.42 -10.73
N ALA B 163 18.09 -4.30 -9.40
CA ALA B 163 19.35 -4.29 -8.67
C ALA B 163 20.08 -5.62 -8.87
N LEU B 164 19.32 -6.72 -8.89
CA LEU B 164 19.91 -8.03 -9.03
C LEU B 164 20.60 -8.20 -10.38
N VAL B 165 19.94 -7.76 -11.46
CA VAL B 165 20.52 -7.93 -12.78
C VAL B 165 21.72 -7.01 -12.96
N VAL B 166 21.69 -5.83 -12.30
CA VAL B 166 22.88 -4.98 -12.30
C VAL B 166 24.05 -5.70 -11.65
N ALA B 167 23.78 -6.36 -10.52
CA ALA B 167 24.84 -7.11 -9.84
C ALA B 167 25.38 -8.23 -10.72
N PHE B 168 24.50 -8.96 -11.40
CA PHE B 168 24.98 -10.02 -12.28
C PHE B 168 25.76 -9.46 -13.46
N THR B 169 25.37 -8.30 -13.96
CA THR B 169 26.14 -7.66 -15.03
C THR B 169 27.55 -7.34 -14.57
N LYS B 170 27.66 -6.81 -13.35
CA LYS B 170 28.98 -6.54 -12.79
C LYS B 170 29.79 -7.82 -12.67
N PHE B 171 29.16 -8.90 -12.20
CA PHE B 171 29.88 -10.17 -12.07
C PHE B 171 30.37 -10.66 -13.42
N PHE B 172 29.48 -10.72 -14.41
CA PHE B 172 29.84 -11.28 -15.71
C PHE B 172 30.90 -10.43 -16.38
N LEU B 173 30.89 -9.12 -16.13
CA LEU B 173 31.99 -8.28 -16.56
C LEU B 173 33.29 -8.70 -15.87
N ALA B 174 33.22 -8.97 -14.56
CA ALA B 174 34.43 -9.30 -13.81
C ALA B 174 35.05 -10.63 -14.25
N LEU B 175 34.22 -11.65 -14.50
CA LEU B 175 34.72 -12.98 -14.78
C LEU B 175 35.48 -13.04 -16.10
N LYS B 176 36.46 -13.93 -16.16
CA LYS B 176 37.22 -14.22 -17.37
C LYS B 176 37.02 -15.69 -17.71
N GLY B 177 36.88 -16.00 -18.99
CA GLY B 177 36.69 -17.37 -19.41
C GLY B 177 36.22 -17.44 -20.84
N SER B 178 35.81 -18.64 -21.25
CA SER B 178 35.33 -18.86 -22.60
C SER B 178 34.03 -18.09 -22.83
N PRO B 179 33.92 -17.33 -23.91
CA PRO B 179 32.73 -16.48 -24.10
C PRO B 179 31.42 -17.25 -24.18
N GLU B 180 31.41 -18.44 -24.76
CA GLU B 180 30.15 -19.13 -25.03
C GLU B 180 29.41 -19.45 -23.74
N LYS B 181 30.13 -19.97 -22.73
CA LYS B 181 29.49 -20.32 -21.47
C LYS B 181 28.92 -19.08 -20.79
N ILE B 182 29.68 -17.98 -20.77
CA ILE B 182 29.23 -16.76 -20.12
C ILE B 182 27.97 -16.22 -20.80
N ILE B 183 27.99 -16.16 -22.14
CA ILE B 183 26.86 -15.61 -22.87
C ILE B 183 25.62 -16.49 -22.66
N SER B 184 25.81 -17.81 -22.75
CA SER B 184 24.67 -18.71 -22.60
C SER B 184 24.08 -18.63 -21.20
N THR B 185 24.94 -18.59 -20.18
CA THR B 185 24.46 -18.51 -18.80
C THR B 185 23.73 -17.19 -18.57
N PHE B 186 24.27 -16.09 -19.09
CA PHE B 186 23.59 -14.81 -18.94
C PHE B 186 22.24 -14.82 -19.63
N GLU B 187 22.17 -15.40 -20.83
CA GLU B 187 20.89 -15.48 -21.53
C GLU B 187 19.88 -16.30 -20.75
N SER B 188 20.32 -17.43 -20.19
CA SER B 188 19.42 -18.27 -19.40
C SER B 188 18.94 -17.53 -18.15
N ILE B 189 19.84 -16.82 -17.48
CA ILE B 189 19.45 -16.06 -16.30
C ILE B 189 18.44 -14.98 -16.66
N ALA B 190 18.69 -14.29 -17.79
CA ALA B 190 17.77 -13.25 -18.24
C ALA B 190 16.40 -13.85 -18.54
N ARG B 191 16.38 -15.04 -19.12
CA ARG B 191 15.12 -15.68 -19.39
C ARG B 191 14.42 -15.86 -18.08
N ASP B 192 15.08 -16.55 -17.16
CA ASP B 192 14.46 -16.82 -15.88
C ASP B 192 13.83 -15.56 -15.28
N ILE B 193 14.59 -14.47 -15.32
CA ILE B 193 14.10 -13.20 -14.77
C ILE B 193 12.85 -12.77 -15.51
N LEU B 194 12.87 -12.87 -16.84
CA LEU B 194 11.74 -12.44 -17.65
C LEU B 194 10.50 -13.30 -17.39
N THR B 195 10.70 -14.61 -17.28
CA THR B 195 9.56 -15.49 -17.01
C THR B 195 8.93 -15.16 -15.66
N PHE B 196 9.76 -14.93 -14.64
CA PHE B 196 9.23 -14.58 -13.34
C PHE B 196 8.48 -13.24 -13.40
N ALA B 197 9.04 -12.26 -14.12
CA ALA B 197 8.37 -10.97 -14.21
C ALA B 197 7.02 -11.09 -14.90
N GLU B 198 6.97 -11.84 -16.01
CA GLU B 198 5.72 -12.02 -16.73
C GLU B 198 4.70 -12.73 -15.86
N GLN B 199 5.15 -13.68 -15.05
CA GLN B 199 4.25 -14.34 -14.10
C GLN B 199 3.71 -13.34 -13.08
N LYS B 200 4.60 -12.52 -12.49
CA LYS B 200 4.18 -11.70 -11.36
C LYS B 200 3.30 -10.53 -11.77
N LEU B 201 3.67 -9.81 -12.83
CA LEU B 201 2.91 -8.61 -13.17
C LEU B 201 1.52 -8.93 -13.71
N ALA B 202 1.11 -10.20 -13.69
CA ALA B 202 -0.23 -10.54 -14.18
C ALA B 202 -1.32 -9.98 -13.27
N THR B 203 -1.00 -9.70 -12.00
CA THR B 203 -2.00 -9.26 -11.03
C THR B 203 -2.13 -7.75 -10.96
N VAL B 204 -1.74 -7.02 -12.00
CA VAL B 204 -1.82 -5.56 -12.00
C VAL B 204 -2.53 -5.13 -13.27
N PRO B 205 -3.08 -3.92 -13.30
CA PRO B 205 -3.63 -3.38 -14.54
C PRO B 205 -2.56 -3.30 -15.62
N PRO B 206 -2.93 -3.48 -16.88
CA PRO B 206 -1.91 -3.62 -17.94
C PRO B 206 -1.03 -2.38 -18.12
N ALA B 207 -1.45 -1.20 -17.67
CA ALA B 207 -0.57 -0.04 -17.73
C ALA B 207 0.65 -0.23 -16.84
N VAL B 208 0.44 -0.74 -15.62
CA VAL B 208 1.57 -1.05 -14.75
C VAL B 208 2.43 -2.13 -15.36
N GLN B 209 1.79 -3.11 -16.03
CA GLN B 209 2.52 -4.11 -16.79
C GLN B 209 3.47 -3.44 -17.78
N THR B 210 2.94 -2.51 -18.58
CA THR B 210 3.73 -1.81 -19.57
C THR B 210 4.91 -1.11 -18.91
N VAL B 211 4.63 -0.34 -17.86
CA VAL B 211 5.68 0.43 -17.19
C VAL B 211 6.80 -0.48 -16.69
N LEU B 212 6.47 -1.38 -15.78
CA LEU B 212 7.49 -2.19 -15.13
C LEU B 212 8.19 -3.10 -16.13
N LEU B 213 7.44 -3.72 -17.05
CA LEU B 213 8.03 -4.60 -18.03
C LEU B 213 9.00 -3.84 -18.94
N SER B 214 8.61 -2.65 -19.39
CA SER B 214 9.48 -1.87 -20.24
C SER B 214 10.78 -1.52 -19.52
N ALA B 215 10.67 -1.14 -18.24
CA ALA B 215 11.88 -0.87 -17.46
C ALA B 215 12.77 -2.11 -17.40
N LEU B 216 12.18 -3.27 -17.13
CA LEU B 216 12.98 -4.49 -16.96
C LEU B 216 13.66 -4.90 -18.27
N LEU B 217 12.91 -4.89 -19.39
CA LEU B 217 13.54 -5.20 -20.67
C LEU B 217 14.65 -4.21 -21.01
N GLU B 218 14.43 -2.92 -20.75
CA GLU B 218 15.46 -1.96 -21.13
C GLU B 218 16.74 -2.20 -20.33
N VAL B 219 16.60 -2.45 -19.02
CA VAL B 219 17.77 -2.68 -18.20
C VAL B 219 18.48 -3.97 -18.62
N ILE B 220 17.70 -5.03 -18.86
CA ILE B 220 18.31 -6.31 -19.21
C ILE B 220 18.98 -6.22 -20.57
N GLU B 221 18.42 -5.41 -21.48
CA GLU B 221 19.04 -5.23 -22.79
C GLU B 221 20.33 -4.44 -22.68
N ASP B 222 20.36 -3.43 -21.80
CA ASP B 222 21.61 -2.71 -21.58
C ASP B 222 22.68 -3.64 -21.03
N ALA B 223 22.31 -4.50 -20.09
CA ALA B 223 23.26 -5.47 -19.56
C ALA B 223 23.76 -6.41 -20.65
N ARG B 224 22.84 -6.88 -21.50
CA ARG B 224 23.23 -7.76 -22.60
C ARG B 224 24.20 -7.06 -23.54
N GLU B 225 23.92 -5.79 -23.85
CA GLU B 225 24.79 -5.05 -24.75
C GLU B 225 26.17 -4.90 -24.16
N HIS B 226 26.27 -4.65 -22.87
CA HIS B 226 27.60 -4.49 -22.36
C HIS B 226 28.30 -5.81 -22.43
N ILE B 227 27.69 -6.84 -21.89
CA ILE B 227 28.41 -8.11 -21.83
C ILE B 227 28.82 -8.55 -23.24
N VAL B 228 28.01 -8.24 -24.24
CA VAL B 228 28.36 -8.60 -25.61
C VAL B 228 29.55 -7.77 -26.09
N LYS B 229 29.53 -6.47 -25.83
CA LYS B 229 30.67 -5.63 -26.23
C LYS B 229 31.95 -6.10 -25.58
N LYS B 230 31.94 -6.24 -24.25
CA LYS B 230 33.18 -6.54 -23.55
C LYS B 230 33.66 -7.96 -23.87
N TYR B 231 32.73 -8.92 -23.87
CA TYR B 231 33.12 -10.33 -23.97
C TYR B 231 33.08 -10.85 -25.39
N GLY B 232 32.74 -10.01 -26.36
CA GLY B 232 32.67 -10.44 -27.75
C GLY B 232 34.01 -10.83 -28.31
N ASN C 25 -30.55 22.29 41.56
CA ASN C 25 -30.10 20.95 41.95
C ASN C 25 -29.88 20.06 40.73
N VAL C 26 -30.13 18.76 40.88
CA VAL C 26 -29.89 17.81 39.81
C VAL C 26 -30.68 18.19 38.56
N LEU C 27 -31.95 18.56 38.74
CA LEU C 27 -32.79 18.94 37.62
C LEU C 27 -32.16 20.08 36.82
N GLU C 28 -31.62 21.08 37.50
CA GLU C 28 -31.07 22.25 36.82
C GLU C 28 -29.90 21.86 35.92
N LYS C 29 -28.92 21.14 36.48
CA LYS C 29 -27.76 20.75 35.69
C LYS C 29 -28.13 19.80 34.56
N VAL C 30 -29.03 18.85 34.83
CA VAL C 30 -29.43 17.90 33.80
C VAL C 30 -30.12 18.63 32.65
N GLU C 31 -31.00 19.57 32.97
CA GLU C 31 -31.69 20.32 31.93
C GLU C 31 -30.74 21.24 31.17
N GLU C 32 -29.74 21.81 31.85
CA GLU C 32 -28.74 22.59 31.14
C GLU C 32 -27.96 21.73 30.15
N LEU C 33 -27.59 20.53 30.57
CA LEU C 33 -26.93 19.59 29.66
C LEU C 33 -27.83 19.27 28.47
N LYS C 34 -29.11 19.02 28.75
CA LYS C 34 -30.11 18.79 27.71
C LYS C 34 -30.10 19.92 26.69
N LYS C 35 -30.19 21.16 27.19
CA LYS C 35 -30.25 22.32 26.29
C LYS C 35 -28.99 22.43 25.45
N GLU C 36 -27.81 22.33 26.08
CA GLU C 36 -26.57 22.49 25.34
C GLU C 36 -26.42 21.43 24.26
N VAL C 37 -26.66 20.16 24.63
CA VAL C 37 -26.56 19.08 23.67
C VAL C 37 -27.56 19.27 22.54
N LYS C 38 -28.77 19.74 22.88
CA LYS C 38 -29.80 19.94 21.86
C LYS C 38 -29.35 21.00 20.85
N LYS C 39 -28.85 22.13 21.34
CA LYS C 39 -28.40 23.18 20.43
C LYS C 39 -27.25 22.70 19.54
N LYS C 40 -26.27 22.03 20.14
CA LYS C 40 -25.13 21.55 19.34
C LYS C 40 -25.59 20.55 18.30
N VAL C 41 -26.51 19.65 18.67
CA VAL C 41 -26.99 18.64 17.74
C VAL C 41 -27.74 19.29 16.58
N GLU C 42 -28.60 20.27 16.89
CA GLU C 42 -29.30 20.97 15.82
C GLU C 42 -28.31 21.64 14.88
N GLU C 43 -27.33 22.35 15.45
CA GLU C 43 -26.40 23.11 14.62
C GLU C 43 -25.60 22.18 13.71
N VAL C 44 -25.14 21.05 14.24
CA VAL C 44 -24.33 20.14 13.42
C VAL C 44 -25.20 19.44 12.39
N ALA C 45 -26.44 19.13 12.76
CA ALA C 45 -27.37 18.46 11.84
C ALA C 45 -27.68 19.35 10.64
N LYS C 46 -27.79 20.66 10.88
CA LYS C 46 -28.05 21.60 9.79
C LYS C 46 -26.95 21.56 8.74
N SER C 47 -25.71 21.30 9.16
CA SER C 47 -24.56 21.40 8.27
C SER C 47 -24.51 20.29 7.23
N SER C 48 -23.80 20.54 6.13
CA SER C 48 -23.57 19.55 5.08
C SER C 48 -22.25 18.82 5.32
N ASN C 49 -21.75 18.11 4.30
CA ASN C 49 -20.46 17.43 4.38
C ASN C 49 -20.37 16.52 5.60
N VAL C 50 -21.23 15.50 5.59
CA VAL C 50 -21.58 14.66 6.73
C VAL C 50 -20.39 14.14 7.53
N GLU C 51 -19.21 14.02 6.92
CA GLU C 51 -18.07 13.48 7.65
C GLU C 51 -17.69 14.39 8.82
N ALA C 52 -17.64 15.70 8.58
CA ALA C 52 -17.40 16.63 9.68
C ALA C 52 -18.53 16.57 10.70
N ALA C 53 -19.75 16.32 10.23
CA ALA C 53 -20.87 16.19 11.16
C ALA C 53 -20.66 15.02 12.11
N LEU C 54 -20.26 13.86 11.57
CA LEU C 54 -19.98 12.72 12.43
C LEU C 54 -18.83 13.01 13.38
N ILE C 55 -17.82 13.75 12.92
CA ILE C 55 -16.73 14.13 13.82
C ILE C 55 -17.26 14.97 14.98
N LYS C 56 -18.12 15.94 14.67
CA LYS C 56 -18.67 16.79 15.73
C LYS C 56 -19.55 16.01 16.69
N LEU C 57 -20.38 15.11 16.19
CA LEU C 57 -21.16 14.27 17.09
C LEU C 57 -20.28 13.37 17.94
N LEU C 58 -19.17 12.88 17.39
CA LEU C 58 -18.25 12.10 18.20
C LEU C 58 -17.69 12.93 19.35
N GLU C 59 -17.26 14.16 19.06
CA GLU C 59 -16.70 15.02 20.10
C GLU C 59 -17.77 15.38 21.14
N ILE C 60 -18.99 15.65 20.68
CA ILE C 60 -20.09 15.98 21.59
C ILE C 60 -20.41 14.79 22.49
N LEU C 61 -20.44 13.59 21.92
CA LEU C 61 -20.70 12.40 22.72
C LEU C 61 -19.60 12.19 23.74
N ASP C 62 -18.34 12.44 23.35
CA ASP C 62 -17.24 12.33 24.30
C ASP C 62 -17.41 13.29 25.47
N GLU C 63 -17.65 14.57 25.18
CA GLU C 63 -17.76 15.55 26.26
C GLU C 63 -19.01 15.28 27.11
N PHE C 64 -20.09 14.79 26.50
CA PHE C 64 -21.27 14.43 27.26
C PHE C 64 -20.99 13.25 28.19
N ILE C 65 -20.22 12.27 27.71
CA ILE C 65 -19.80 11.16 28.55
C ILE C 65 -19.02 11.69 29.75
N HIS C 66 -18.11 12.61 29.48
CA HIS C 66 -17.32 13.22 30.56
C HIS C 66 -18.22 13.88 31.59
N GLN C 67 -19.16 14.72 31.12
CA GLN C 67 -20.02 15.45 32.03
C GLN C 67 -20.88 14.51 32.85
N VAL C 68 -21.42 13.46 32.22
CA VAL C 68 -22.24 12.49 32.95
C VAL C 68 -21.40 11.77 34.00
N LYS C 69 -20.20 11.33 33.63
CA LYS C 69 -19.33 10.64 34.57
C LYS C 69 -19.01 11.53 35.77
N LEU C 70 -18.84 12.82 35.52
CA LEU C 70 -18.58 13.76 36.60
C LEU C 70 -19.79 13.86 37.52
N LEU C 71 -20.97 14.07 36.96
CA LEU C 71 -22.16 14.27 37.77
C LEU C 71 -22.54 12.99 38.49
N PRO C 72 -23.08 13.08 39.72
CA PRO C 72 -23.59 11.89 40.39
C PRO C 72 -24.88 11.39 39.72
N VAL C 73 -24.93 10.10 39.42
CA VAL C 73 -26.02 9.50 38.67
C VAL C 73 -26.91 8.72 39.63
N ASN C 74 -28.21 8.98 39.57
CA ASN C 74 -29.19 8.27 40.38
C ASN C 74 -30.36 7.86 39.48
N GLU C 75 -31.32 7.16 40.08
CA GLU C 75 -32.49 6.71 39.31
C GLU C 75 -33.35 7.88 38.87
N GLU C 76 -33.26 9.02 39.55
CA GLU C 76 -34.11 10.16 39.22
C GLU C 76 -33.74 10.79 37.89
N ASN C 77 -32.45 10.94 37.60
CA ASN C 77 -32.01 11.64 36.39
C ASN C 77 -31.75 10.71 35.20
N ARG C 78 -31.92 9.40 35.38
CA ARG C 78 -31.61 8.47 34.30
C ARG C 78 -32.42 8.69 33.02
N PRO C 79 -33.75 8.83 33.06
CA PRO C 79 -34.50 8.93 31.78
C PRO C 79 -34.07 10.11 30.92
N ILE C 80 -33.74 11.25 31.52
CA ILE C 80 -33.34 12.41 30.73
C ILE C 80 -32.02 12.14 30.03
N LEU C 81 -31.07 11.54 30.75
CA LEU C 81 -29.80 11.16 30.12
C LEU C 81 -30.04 10.17 29.00
N VAL C 82 -30.94 9.21 29.20
CA VAL C 82 -31.22 8.22 28.18
C VAL C 82 -31.79 8.87 26.93
N GLU C 83 -32.72 9.82 27.09
CA GLU C 83 -33.31 10.45 25.91
C GLU C 83 -32.32 11.38 25.24
N ILE C 84 -31.44 12.03 25.99
CA ILE C 84 -30.37 12.82 25.38
C ILE C 84 -29.48 11.93 24.52
N LEU C 85 -29.09 10.77 25.07
CA LEU C 85 -28.28 9.84 24.32
C LEU C 85 -29.01 9.34 23.08
N GLU C 86 -30.32 9.11 23.20
CA GLU C 86 -31.11 8.67 22.05
C GLU C 86 -31.15 9.74 20.97
N ILE C 87 -31.29 11.00 21.37
CA ILE C 87 -31.24 12.10 20.39
C ILE C 87 -29.92 12.09 19.65
N ILE C 88 -28.81 11.98 20.40
CA ILE C 88 -27.50 11.98 19.79
C ILE C 88 -27.36 10.80 18.83
N ALA C 89 -27.81 9.62 19.26
CA ALA C 89 -27.66 8.43 18.44
C ALA C 89 -28.48 8.51 17.16
N ASN C 90 -29.72 8.99 17.25
CA ASN C 90 -30.55 9.13 16.05
C ASN C 90 -29.92 10.14 15.08
N THR C 91 -29.44 11.27 15.61
CA THR C 91 -28.83 12.26 14.73
C THR C 91 -27.60 11.69 14.03
N ALA C 92 -26.74 11.00 14.79
CA ALA C 92 -25.52 10.44 14.20
C ALA C 92 -25.86 9.37 13.18
N VAL C 93 -26.81 8.49 13.50
CA VAL C 93 -27.18 7.42 12.57
C VAL C 93 -27.74 8.01 11.29
N HIS C 94 -28.63 8.98 11.40
CA HIS C 94 -29.23 9.58 10.21
C HIS C 94 -28.17 10.27 9.36
N LYS C 95 -27.25 11.00 10.01
CA LYS C 95 -26.20 11.69 9.27
C LYS C 95 -25.29 10.71 8.56
N ALA C 96 -24.93 9.62 9.23
CA ALA C 96 -24.07 8.61 8.62
C ALA C 96 -24.78 7.96 7.43
N ARG C 97 -26.08 7.67 7.58
CA ARG C 97 -26.84 7.07 6.51
C ARG C 97 -27.08 8.03 5.36
N ASP C 98 -26.98 9.34 5.59
CA ASP C 98 -27.29 10.34 4.57
C ASP C 98 -26.37 10.30 3.36
N GLY C 99 -25.38 9.43 3.33
CA GLY C 99 -24.56 9.29 2.14
C GLY C 99 -23.16 9.86 2.26
N ALA C 100 -22.17 9.00 2.03
CA ALA C 100 -20.75 9.36 2.06
C ALA C 100 -20.00 8.14 1.52
N GLU C 101 -18.68 8.21 1.58
CA GLU C 101 -17.88 7.03 1.28
C GLU C 101 -18.18 5.99 2.34
N PRO C 102 -18.68 4.80 1.97
CA PRO C 102 -19.19 3.86 2.99
C PRO C 102 -18.17 3.45 4.03
N GLU C 103 -16.92 3.25 3.62
CA GLU C 103 -15.91 2.68 4.53
C GLU C 103 -15.53 3.69 5.61
N PHE C 104 -15.31 4.94 5.22
CA PHE C 104 -15.02 5.99 6.19
C PHE C 104 -16.16 6.15 7.19
N ALA C 105 -17.39 6.27 6.68
CA ALA C 105 -18.54 6.41 7.57
C ALA C 105 -18.70 5.19 8.46
N LEU C 106 -18.23 4.03 7.98
CA LEU C 106 -18.40 2.81 8.76
C LEU C 106 -17.40 2.73 9.91
N GLU C 107 -16.16 3.15 9.70
CA GLU C 107 -15.27 3.30 10.85
C GLU C 107 -15.79 4.37 11.80
N LEU C 108 -16.37 5.44 11.26
CA LEU C 108 -16.99 6.43 12.13
C LEU C 108 -18.09 5.80 12.98
N LEU C 109 -18.87 4.91 12.37
CA LEU C 109 -19.91 4.19 13.10
C LEU C 109 -19.32 3.30 14.18
N LEU C 110 -18.20 2.64 13.88
CA LEU C 110 -17.56 1.79 14.89
C LEU C 110 -17.07 2.62 16.07
N ARG C 111 -16.47 3.77 15.81
CA ARG C 111 -16.04 4.64 16.90
C ARG C 111 -17.23 5.15 17.70
N LEU C 112 -18.33 5.48 17.01
CA LEU C 112 -19.54 5.88 17.70
C LEU C 112 -20.06 4.76 18.58
N VAL C 113 -19.98 3.51 18.09
CA VAL C 113 -20.44 2.37 18.87
C VAL C 113 -19.62 2.22 20.14
N GLU C 114 -18.30 2.35 20.02
CA GLU C 114 -17.45 2.24 21.20
C GLU C 114 -17.76 3.36 22.20
N ARG C 115 -17.90 4.59 21.71
CA ARG C 115 -18.21 5.70 22.61
C ARG C 115 -19.56 5.50 23.27
N PHE C 116 -20.54 5.01 22.53
CA PHE C 116 -21.87 4.77 23.08
C PHE C 116 -21.84 3.65 24.11
N THR C 117 -20.97 2.66 23.90
CA THR C 117 -20.76 1.62 24.91
C THR C 117 -20.23 2.22 26.20
N GLU C 118 -19.24 3.10 26.10
CA GLU C 118 -18.73 3.75 27.30
C GLU C 118 -19.82 4.60 27.95
N ALA C 119 -20.65 5.24 27.13
CA ALA C 119 -21.74 6.06 27.65
C ALA C 119 -22.73 5.22 28.46
N VAL C 120 -23.16 4.09 27.92
CA VAL C 120 -24.14 3.27 28.64
C VAL C 120 -23.51 2.66 29.88
N LYS C 121 -22.21 2.32 29.82
CA LYS C 121 -21.51 1.89 31.02
C LYS C 121 -21.56 2.96 32.10
N ALA C 122 -21.34 4.22 31.70
CA ALA C 122 -21.40 5.32 32.66
C ALA C 122 -22.80 5.51 33.21
N ILE C 123 -23.82 5.34 32.36
CA ILE C 123 -25.20 5.64 32.76
C ILE C 123 -25.66 4.73 33.89
N GLY C 124 -25.38 3.44 33.78
CA GLY C 124 -26.02 2.47 34.64
C GLY C 124 -27.31 1.96 34.02
N THR C 125 -28.02 1.14 34.80
CA THR C 125 -29.22 0.48 34.29
C THR C 125 -30.40 0.78 35.20
N SER C 126 -31.60 0.65 34.61
CA SER C 126 -32.83 1.10 35.24
C SER C 126 -34.05 0.37 34.66
N ASN C 127 -35.23 0.96 34.83
CA ASN C 127 -36.48 0.46 34.28
C ASN C 127 -36.34 0.01 32.83
N GLU C 128 -37.12 -1.01 32.44
CA GLU C 128 -36.88 -1.72 31.19
C GLU C 128 -37.04 -0.83 29.96
N GLU C 129 -37.81 0.26 30.06
CA GLU C 129 -38.07 1.09 28.89
C GLU C 129 -36.79 1.72 28.35
N GLU C 130 -35.93 2.20 29.26
CA GLU C 130 -34.64 2.74 28.83
C GLU C 130 -33.79 1.68 28.15
N GLU C 131 -33.83 0.45 28.66
CA GLU C 131 -33.09 -0.64 28.03
C GLU C 131 -33.64 -0.92 26.62
N ASN C 132 -34.96 -0.85 26.46
CA ASN C 132 -35.53 -1.01 25.12
C ASN C 132 -35.06 0.10 24.20
N LYS C 133 -35.00 1.34 24.70
CA LYS C 133 -34.52 2.44 23.89
C LYS C 133 -33.07 2.21 23.45
N LEU C 134 -32.23 1.77 24.39
CA LEU C 134 -30.84 1.49 24.05
C LEU C 134 -30.74 0.36 23.03
N LEU C 135 -31.56 -0.67 23.19
CA LEU C 135 -31.51 -1.80 22.26
C LEU C 135 -31.92 -1.37 20.85
N GLU C 136 -32.99 -0.57 20.73
CA GLU C 136 -33.37 -0.14 19.38
C GLU C 136 -32.36 0.84 18.82
N ILE C 137 -31.68 1.61 19.67
CA ILE C 137 -30.58 2.44 19.20
C ILE C 137 -29.49 1.56 18.58
N LEU C 138 -29.07 0.53 19.31
CA LEU C 138 -28.04 -0.37 18.81
C LEU C 138 -28.49 -1.03 17.52
N GLU C 139 -29.76 -1.41 17.44
CA GLU C 139 -30.24 -2.15 16.29
C GLU C 139 -30.35 -1.26 15.05
N SER C 140 -30.75 0.00 15.25
CA SER C 140 -30.71 0.96 14.15
C SER C 140 -29.29 1.18 13.67
N ILE C 141 -28.34 1.25 14.62
CA ILE C 141 -26.93 1.34 14.25
C ILE C 141 -26.54 0.14 13.40
N ALA C 142 -26.96 -1.05 13.80
CA ALA C 142 -26.63 -2.26 13.07
C ALA C 142 -27.20 -2.22 11.66
N HIS C 143 -28.46 -1.84 11.52
CA HIS C 143 -29.07 -1.77 10.20
C HIS C 143 -28.38 -0.76 9.31
N THR C 144 -28.04 0.40 9.87
CA THR C 144 -27.33 1.42 9.08
C THR C 144 -25.96 0.91 8.65
N ALA C 145 -25.24 0.23 9.54
CA ALA C 145 -23.91 -0.26 9.21
C ALA C 145 -23.98 -1.34 8.14
N ILE C 146 -24.98 -2.23 8.23
CA ILE C 146 -25.16 -3.24 7.19
C ILE C 146 -25.49 -2.57 5.87
N LEU C 147 -26.34 -1.55 5.90
CA LEU C 147 -26.72 -0.84 4.70
C LEU C 147 -25.51 -0.17 4.06
N LEU C 148 -24.62 0.38 4.88
CA LEU C 148 -23.39 0.97 4.35
C LEU C 148 -22.49 -0.09 3.74
N ALA C 149 -22.28 -1.20 4.45
CA ALA C 149 -21.39 -2.25 3.96
C ALA C 149 -22.00 -2.96 2.75
N ARG C 150 -23.27 -2.73 2.48
CA ARG C 150 -23.99 -3.37 1.38
C ARG C 150 -23.30 -3.20 0.03
N THR C 151 -22.48 -2.17 -0.13
CA THR C 151 -21.96 -1.77 -1.43
C THR C 151 -20.43 -1.68 -1.37
N LEU C 152 -19.80 -2.72 -0.84
CA LEU C 152 -18.35 -2.82 -0.81
C LEU C 152 -17.91 -4.11 -1.46
N THR C 153 -16.59 -4.29 -1.57
CA THR C 153 -16.05 -5.57 -2.02
C THR C 153 -16.32 -6.64 -0.97
N PRO C 154 -16.46 -7.90 -1.38
CA PRO C 154 -16.79 -8.95 -0.41
C PRO C 154 -15.80 -9.07 0.75
N LEU C 155 -14.50 -8.95 0.48
CA LEU C 155 -13.53 -9.03 1.57
C LEU C 155 -13.62 -7.82 2.49
N GLU C 156 -13.78 -6.62 1.91
CA GLU C 156 -13.95 -5.42 2.72
C GLU C 156 -15.23 -5.50 3.54
N ALA C 157 -16.30 -6.04 2.95
CA ALA C 157 -17.53 -6.25 3.71
C ALA C 157 -17.30 -7.21 4.86
N THR C 158 -16.49 -8.25 4.63
CA THR C 158 -16.18 -9.21 5.69
C THR C 158 -15.43 -8.53 6.83
N ARG C 159 -14.45 -7.68 6.51
CA ARG C 159 -13.74 -6.94 7.55
C ARG C 159 -14.67 -6.01 8.30
N ALA C 160 -15.55 -5.32 7.57
CA ALA C 160 -16.52 -4.44 8.22
C ALA C 160 -17.38 -5.22 9.20
N LEU C 161 -17.87 -6.38 8.78
CA LEU C 161 -18.75 -7.16 9.65
C LEU C 161 -17.98 -7.77 10.81
N ILE C 162 -16.71 -8.12 10.61
CA ILE C 162 -15.93 -8.67 11.72
C ILE C 162 -15.76 -7.61 12.80
N ALA C 163 -15.40 -6.38 12.41
CA ALA C 163 -15.27 -5.32 13.40
C ALA C 163 -16.62 -5.01 14.05
N LEU C 164 -17.68 -5.00 13.25
CA LEU C 164 -19.01 -4.70 13.75
C LEU C 164 -19.45 -5.71 14.80
N VAL C 165 -19.25 -7.00 14.52
CA VAL C 165 -19.71 -8.03 15.44
C VAL C 165 -18.86 -8.04 16.71
N VAL C 166 -17.57 -7.73 16.58
CA VAL C 166 -16.73 -7.62 17.78
C VAL C 166 -17.24 -6.47 18.66
N ALA C 167 -17.55 -5.34 18.04
CA ALA C 167 -18.05 -4.19 18.81
C ALA C 167 -19.37 -4.51 19.50
N PHE C 168 -20.28 -5.18 18.80
CA PHE C 168 -21.55 -5.53 19.44
C PHE C 168 -21.36 -6.56 20.54
N THR C 169 -20.43 -7.51 20.38
CA THR C 169 -20.15 -8.44 21.47
C THR C 169 -19.68 -7.69 22.70
N LYS C 170 -18.78 -6.72 22.51
CA LYS C 170 -18.29 -5.92 23.63
C LYS C 170 -19.45 -5.18 24.29
N PHE C 171 -20.31 -4.55 23.49
CA PHE C 171 -21.42 -3.80 24.08
C PHE C 171 -22.37 -4.71 24.85
N PHE C 172 -22.75 -5.84 24.25
CA PHE C 172 -23.69 -6.74 24.89
C PHE C 172 -23.12 -7.29 26.19
N LEU C 173 -21.80 -7.53 26.22
CA LEU C 173 -21.17 -7.87 27.50
C LEU C 173 -21.28 -6.73 28.48
N ALA C 174 -21.13 -5.49 28.01
CA ALA C 174 -21.18 -4.34 28.91
C ALA C 174 -22.56 -4.12 29.53
N LEU C 175 -23.63 -4.33 28.75
CA LEU C 175 -24.96 -3.97 29.20
C LEU C 175 -25.42 -4.87 30.35
N LYS C 176 -26.26 -4.30 31.21
CA LYS C 176 -26.89 -5.03 32.32
C LYS C 176 -28.40 -5.01 32.09
N GLY C 177 -29.06 -6.13 32.38
CA GLY C 177 -30.50 -6.21 32.22
C GLY C 177 -30.96 -7.65 32.27
N SER C 178 -32.22 -7.83 31.92
CA SER C 178 -32.81 -9.16 31.88
C SER C 178 -32.19 -9.99 30.75
N PRO C 179 -31.77 -11.22 31.02
CA PRO C 179 -31.05 -12.00 29.98
C PRO C 179 -31.84 -12.24 28.71
N GLU C 180 -33.17 -12.42 28.81
CA GLU C 180 -33.95 -12.85 27.64
C GLU C 180 -33.88 -11.82 26.52
N LYS C 181 -34.04 -10.54 26.86
CA LYS C 181 -34.01 -9.49 25.84
C LYS C 181 -32.65 -9.41 25.18
N ILE C 182 -31.58 -9.49 25.97
CA ILE C 182 -30.23 -9.41 25.42
C ILE C 182 -29.97 -10.56 24.47
N ILE C 183 -30.32 -11.78 24.90
CA ILE C 183 -30.05 -12.95 24.07
C ILE C 183 -30.87 -12.88 22.78
N SER C 184 -32.15 -12.52 22.88
CA SER C 184 -33.00 -12.44 21.70
C SER C 184 -32.49 -11.38 20.73
N THR C 185 -32.11 -10.21 21.24
CA THR C 185 -31.61 -9.15 20.38
C THR C 185 -30.31 -9.56 19.70
N PHE C 186 -29.41 -10.21 20.43
CA PHE C 186 -28.15 -10.64 19.82
C PHE C 186 -28.41 -11.70 18.76
N GLU C 187 -29.34 -12.63 19.02
CA GLU C 187 -29.67 -13.64 18.03
C GLU C 187 -30.25 -13.01 16.77
N SER C 188 -31.13 -12.02 16.95
CA SER C 188 -31.71 -11.33 15.79
C SER C 188 -30.63 -10.61 14.99
N ILE C 189 -29.70 -9.95 15.68
CA ILE C 189 -28.63 -9.25 14.99
C ILE C 189 -27.76 -10.24 14.22
N ALA C 190 -27.46 -11.38 14.85
CA ALA C 190 -26.68 -12.42 14.18
C ALA C 190 -27.41 -12.93 12.94
N ARG C 191 -28.73 -13.10 13.04
CA ARG C 191 -29.51 -13.55 11.89
C ARG C 191 -29.45 -12.54 10.76
N ASP C 192 -29.56 -11.25 11.10
CA ASP C 192 -29.46 -10.21 10.07
C ASP C 192 -28.10 -10.24 9.39
N ILE C 193 -27.03 -10.35 10.18
CA ILE C 193 -25.69 -10.38 9.62
C ILE C 193 -25.52 -11.59 8.71
N LEU C 194 -26.00 -12.75 9.15
CA LEU C 194 -25.88 -13.96 8.35
C LEU C 194 -26.65 -13.84 7.04
N THR C 195 -27.86 -13.29 7.09
CA THR C 195 -28.64 -13.12 5.87
C THR C 195 -27.94 -12.18 4.89
N PHE C 196 -27.40 -11.07 5.41
CA PHE C 196 -26.70 -10.15 4.53
C PHE C 196 -25.45 -10.78 3.92
N ALA C 197 -24.73 -11.57 4.71
CA ALA C 197 -23.55 -12.25 4.18
C ALA C 197 -23.93 -13.24 3.09
N GLU C 198 -25.03 -13.98 3.30
CA GLU C 198 -25.49 -14.93 2.30
C GLU C 198 -25.88 -14.21 1.01
N GLN C 199 -26.51 -13.04 1.15
CA GLN C 199 -26.76 -12.20 -0.03
C GLN C 199 -25.46 -11.83 -0.73
N LYS C 200 -24.50 -11.29 0.01
CA LYS C 200 -23.37 -10.61 -0.61
C LYS C 200 -22.40 -11.60 -1.25
N LEU C 201 -22.16 -12.74 -0.60
CA LEU C 201 -21.17 -13.67 -1.10
C LEU C 201 -21.61 -14.41 -2.36
N ALA C 202 -22.86 -14.22 -2.78
CA ALA C 202 -23.38 -14.94 -3.94
C ALA C 202 -22.64 -14.60 -5.23
N THR C 203 -21.96 -13.45 -5.28
CA THR C 203 -21.30 -13.01 -6.51
C THR C 203 -19.84 -13.41 -6.59
N VAL C 204 -19.41 -14.43 -5.84
CA VAL C 204 -18.02 -14.88 -5.86
C VAL C 204 -18.03 -16.38 -6.09
N PRO C 205 -16.91 -16.94 -6.55
CA PRO C 205 -16.78 -18.39 -6.62
C PRO C 205 -16.99 -19.01 -5.25
N PRO C 206 -17.65 -20.17 -5.18
CA PRO C 206 -18.09 -20.68 -3.88
C PRO C 206 -16.96 -21.04 -2.92
N ALA C 207 -15.73 -21.19 -3.41
CA ALA C 207 -14.61 -21.39 -2.48
C ALA C 207 -14.41 -20.16 -1.59
N VAL C 208 -14.46 -18.97 -2.18
CA VAL C 208 -14.41 -17.75 -1.39
C VAL C 208 -15.60 -17.66 -0.46
N GLN C 209 -16.76 -18.13 -0.93
CA GLN C 209 -17.94 -18.23 -0.08
C GLN C 209 -17.63 -19.05 1.17
N THR C 210 -17.04 -20.24 0.97
CA THR C 210 -16.69 -21.12 2.07
C THR C 210 -15.76 -20.40 3.04
N VAL C 211 -14.73 -19.77 2.50
CA VAL C 211 -13.74 -19.08 3.33
C VAL C 211 -14.41 -18.03 4.21
N LEU C 212 -15.04 -17.04 3.57
CA LEU C 212 -15.58 -15.91 4.30
C LEU C 212 -16.72 -16.34 5.23
N LEU C 213 -17.58 -17.25 4.77
CA LEU C 213 -18.67 -17.72 5.60
C LEU C 213 -18.15 -18.46 6.82
N SER C 214 -17.10 -19.27 6.65
CA SER C 214 -16.53 -19.96 7.81
C SER C 214 -16.01 -18.96 8.82
N ALA C 215 -15.32 -17.91 8.34
CA ALA C 215 -14.85 -16.86 9.25
C ALA C 215 -16.00 -16.24 10.02
N LEU C 216 -17.05 -15.82 9.30
CA LEU C 216 -18.16 -15.12 9.92
C LEU C 216 -18.91 -15.99 10.92
N LEU C 217 -19.22 -17.23 10.53
CA LEU C 217 -19.89 -18.15 11.44
C LEU C 217 -19.04 -18.43 12.68
N GLU C 218 -17.73 -18.62 12.50
CA GLU C 218 -16.91 -18.95 13.64
C GLU C 218 -16.87 -17.78 14.63
N VAL C 219 -16.73 -16.56 14.12
CA VAL C 219 -16.68 -15.41 15.04
C VAL C 219 -18.04 -15.20 15.70
N ILE C 220 -19.12 -15.43 14.95
CA ILE C 220 -20.44 -15.21 15.53
C ILE C 220 -20.73 -16.26 16.60
N GLU C 221 -20.21 -17.47 16.41
CA GLU C 221 -20.35 -18.52 17.42
C GLU C 221 -19.53 -18.18 18.65
N ASP C 222 -18.33 -17.61 18.46
CA ASP C 222 -17.54 -17.19 19.61
C ASP C 222 -18.25 -16.10 20.40
N ALA C 223 -18.83 -15.12 19.70
CA ALA C 223 -19.57 -14.06 20.37
C ALA C 223 -20.77 -14.64 21.13
N ARG C 224 -21.49 -15.56 20.50
CA ARG C 224 -22.63 -16.19 21.16
C ARG C 224 -22.19 -16.93 22.41
N GLU C 225 -21.08 -17.65 22.34
CA GLU C 225 -20.61 -18.39 23.48
C GLU C 225 -20.23 -17.44 24.62
N HIS C 226 -19.63 -16.33 24.30
CA HIS C 226 -19.27 -15.48 25.41
C HIS C 226 -20.54 -14.94 26.02
N ILE C 227 -21.39 -14.34 25.21
CA ILE C 227 -22.56 -13.70 25.81
C ILE C 227 -23.35 -14.71 26.61
N VAL C 228 -23.40 -15.96 26.17
CA VAL C 228 -24.13 -17.00 26.90
C VAL C 228 -23.46 -17.29 28.24
N LYS C 229 -22.14 -17.47 28.23
CA LYS C 229 -21.43 -17.71 29.49
C LYS C 229 -21.60 -16.55 30.46
N LYS C 230 -21.33 -15.33 29.98
CA LYS C 230 -21.36 -14.17 30.87
C LYS C 230 -22.77 -13.92 31.39
N TYR C 231 -23.76 -14.03 30.51
CA TYR C 231 -25.08 -13.52 30.85
C TYR C 231 -26.07 -14.63 31.20
N GLY C 232 -25.62 -15.87 31.22
CA GLY C 232 -26.49 -16.99 31.53
C GLY C 232 -26.93 -17.03 32.97
N ASN D 25 48.31 28.58 -30.48
CA ASN D 25 47.15 29.46 -30.58
C ASN D 25 45.86 28.77 -30.09
N VAL D 26 44.72 29.27 -30.56
CA VAL D 26 43.42 28.77 -30.08
C VAL D 26 43.31 27.28 -30.34
N LEU D 27 43.67 26.83 -31.54
CA LEU D 27 43.61 25.41 -31.87
C LEU D 27 44.41 24.58 -30.88
N GLU D 28 45.60 25.06 -30.51
CA GLU D 28 46.46 24.28 -29.62
C GLU D 28 45.79 24.05 -28.27
N LYS D 29 45.33 25.13 -27.63
CA LYS D 29 44.70 25.00 -26.32
C LYS D 29 43.41 24.20 -26.39
N VAL D 30 42.61 24.42 -27.44
CA VAL D 30 41.35 23.69 -27.58
C VAL D 30 41.61 22.20 -27.72
N GLU D 31 42.60 21.84 -28.54
CA GLU D 31 42.92 20.42 -28.70
C GLU D 31 43.52 19.82 -27.44
N GLU D 32 44.30 20.60 -26.68
CA GLU D 32 44.79 20.10 -25.40
C GLU D 32 43.63 19.80 -24.46
N LEU D 33 42.65 20.71 -24.41
CA LEU D 33 41.46 20.48 -23.60
C LEU D 33 40.72 19.23 -24.07
N LYS D 34 40.60 19.07 -25.39
CA LYS D 34 39.99 17.88 -25.97
C LYS D 34 40.67 16.62 -25.46
N LYS D 35 42.00 16.57 -25.56
CA LYS D 35 42.74 15.39 -25.13
C LYS D 35 42.56 15.11 -23.64
N GLU D 36 42.70 16.15 -22.81
CA GLU D 36 42.58 15.95 -21.37
C GLU D 36 41.19 15.42 -21.00
N VAL D 37 40.15 16.07 -21.52
CA VAL D 37 38.78 15.64 -21.23
C VAL D 37 38.56 14.22 -21.73
N LYS D 38 39.13 13.90 -22.90
CA LYS D 38 38.96 12.56 -23.46
C LYS D 38 39.56 11.50 -22.56
N LYS D 39 40.80 11.73 -22.10
CA LYS D 39 41.45 10.77 -21.21
C LYS D 39 40.68 10.61 -19.90
N LYS D 40 40.25 11.73 -19.31
CA LYS D 40 39.51 11.64 -18.04
C LYS D 40 38.20 10.89 -18.24
N VAL D 41 37.50 11.16 -19.35
CA VAL D 41 36.23 10.51 -19.61
C VAL D 41 36.42 9.01 -19.80
N GLU D 42 37.44 8.62 -20.57
CA GLU D 42 37.73 7.20 -20.73
C GLU D 42 38.00 6.54 -19.39
N GLU D 43 38.86 7.17 -18.58
CA GLU D 43 39.25 6.58 -17.31
C GLU D 43 38.05 6.39 -16.40
N VAL D 44 37.19 7.41 -16.31
CA VAL D 44 36.04 7.31 -15.41
C VAL D 44 35.02 6.31 -15.95
N ALA D 45 34.88 6.25 -17.28
CA ALA D 45 33.95 5.32 -17.91
C ALA D 45 34.35 3.87 -17.64
N LYS D 46 35.66 3.60 -17.65
CA LYS D 46 36.14 2.25 -17.38
C LYS D 46 35.72 1.76 -16.00
N SER D 47 35.65 2.66 -15.02
CA SER D 47 35.40 2.29 -13.64
C SER D 47 33.97 1.82 -13.41
N SER D 48 33.77 1.02 -12.35
CA SER D 48 32.46 0.56 -11.93
C SER D 48 31.89 1.52 -10.88
N ASN D 49 30.87 1.07 -10.13
CA ASN D 49 30.30 1.84 -9.03
C ASN D 49 29.87 3.24 -9.50
N VAL D 50 28.90 3.24 -10.42
CA VAL D 50 28.53 4.38 -11.26
C VAL D 50 28.34 5.69 -10.51
N GLU D 51 28.01 5.65 -9.21
CA GLU D 51 27.79 6.90 -8.49
C GLU D 51 29.05 7.74 -8.43
N ALA D 52 30.19 7.12 -8.13
CA ALA D 52 31.45 7.84 -8.16
C ALA D 52 31.77 8.32 -9.56
N ALA D 53 31.35 7.55 -10.57
CA ALA D 53 31.56 7.98 -11.96
C ALA D 53 30.79 9.26 -12.24
N LEU D 54 29.52 9.32 -11.81
CA LEU D 54 28.75 10.54 -12.01
C LEU D 54 29.36 11.71 -11.26
N ILE D 55 29.87 11.47 -10.05
CA ILE D 55 30.54 12.54 -9.30
C ILE D 55 31.75 13.06 -10.09
N LYS D 56 32.54 12.14 -10.64
CA LYS D 56 33.73 12.53 -11.38
C LYS D 56 33.38 13.29 -12.66
N LEU D 57 32.35 12.84 -13.38
CA LEU D 57 31.92 13.59 -14.56
C LEU D 57 31.40 14.97 -14.18
N LEU D 58 30.72 15.09 -13.04
CA LEU D 58 30.28 16.41 -12.60
C LEU D 58 31.47 17.33 -12.36
N GLU D 59 32.50 16.82 -11.68
CA GLU D 59 33.66 17.66 -11.39
C GLU D 59 34.41 18.02 -12.69
N ILE D 60 34.50 17.06 -13.61
CA ILE D 60 35.13 17.33 -14.91
C ILE D 60 34.37 18.39 -15.67
N LEU D 61 33.03 18.30 -15.66
CA LEU D 61 32.22 19.30 -16.36
C LEU D 61 32.40 20.67 -15.74
N ASP D 62 32.49 20.73 -14.40
CA ASP D 62 32.71 22.00 -13.72
C ASP D 62 34.04 22.62 -14.14
N GLU D 63 35.12 21.85 -14.06
CA GLU D 63 36.43 22.40 -14.40
C GLU D 63 36.50 22.76 -15.88
N PHE D 64 35.82 21.98 -16.74
CA PHE D 64 35.77 22.32 -18.15
C PHE D 64 35.02 23.62 -18.38
N ILE D 65 33.94 23.85 -17.62
CA ILE D 65 33.22 25.12 -17.71
C ILE D 65 34.14 26.26 -17.34
N HIS D 66 34.90 26.10 -16.25
CA HIS D 66 35.83 27.15 -15.85
C HIS D 66 36.86 27.42 -16.95
N GLN D 67 37.43 26.36 -17.50
CA GLN D 67 38.47 26.52 -18.53
C GLN D 67 37.91 27.21 -19.76
N VAL D 68 36.71 26.83 -20.19
CA VAL D 68 36.09 27.48 -21.34
C VAL D 68 35.83 28.95 -21.04
N LYS D 69 35.35 29.25 -19.84
CA LYS D 69 35.08 30.63 -19.46
C LYS D 69 36.34 31.48 -19.52
N LEU D 70 37.46 30.93 -19.06
CA LEU D 70 38.73 31.65 -19.12
C LEU D 70 39.16 31.92 -20.56
N LEU D 71 39.06 30.91 -21.41
CA LEU D 71 39.50 31.06 -22.79
C LEU D 71 38.54 31.98 -23.55
N PRO D 72 39.04 32.78 -24.50
CA PRO D 72 38.13 33.56 -25.36
C PRO D 72 37.43 32.65 -26.35
N VAL D 73 36.11 32.83 -26.46
CA VAL D 73 35.27 31.97 -27.29
C VAL D 73 34.90 32.72 -28.55
N ASN D 74 35.09 32.07 -29.71
CA ASN D 74 34.73 32.63 -31.00
C ASN D 74 34.04 31.56 -31.83
N GLU D 75 33.59 31.96 -33.02
CA GLU D 75 32.92 31.02 -33.91
C GLU D 75 33.86 29.93 -34.40
N GLU D 76 35.17 30.19 -34.40
CA GLU D 76 36.13 29.22 -34.91
C GLU D 76 36.24 27.99 -34.02
N ASN D 77 36.23 28.16 -32.71
CA ASN D 77 36.45 27.05 -31.78
C ASN D 77 35.15 26.43 -31.25
N ARG D 78 33.99 26.95 -31.64
CA ARG D 78 32.74 26.44 -31.10
C ARG D 78 32.48 24.95 -31.38
N PRO D 79 32.65 24.43 -32.59
CA PRO D 79 32.30 23.02 -32.82
C PRO D 79 33.06 22.04 -31.93
N ILE D 80 34.34 22.31 -31.67
CA ILE D 80 35.13 21.39 -30.85
C ILE D 80 34.61 21.38 -29.42
N LEU D 81 34.30 22.56 -28.87
CA LEU D 81 33.72 22.63 -27.54
C LEU D 81 32.38 21.90 -27.50
N VAL D 82 31.58 22.06 -28.55
CA VAL D 82 30.28 21.40 -28.58
C VAL D 82 30.42 19.89 -28.60
N GLU D 83 31.36 19.36 -29.38
CA GLU D 83 31.52 17.91 -29.42
C GLU D 83 32.14 17.38 -28.13
N ILE D 84 32.98 18.18 -27.47
CA ILE D 84 33.47 17.80 -26.15
C ILE D 84 32.31 17.68 -25.17
N LEU D 85 31.41 18.68 -25.19
CA LEU D 85 30.23 18.63 -24.35
C LEU D 85 29.37 17.40 -24.68
N GLU D 86 29.25 17.08 -25.97
CA GLU D 86 28.46 15.92 -26.37
C GLU D 86 29.08 14.63 -25.86
N ILE D 87 30.41 14.52 -25.92
CA ILE D 87 31.10 13.34 -25.38
C ILE D 87 30.79 13.20 -23.89
N ILE D 88 30.95 14.31 -23.15
CA ILE D 88 30.71 14.27 -21.71
C ILE D 88 29.27 13.87 -21.42
N ALA D 89 28.33 14.45 -22.17
CA ALA D 89 26.92 14.19 -21.93
C ALA D 89 26.56 12.73 -22.23
N ASN D 90 27.05 12.19 -23.34
CA ASN D 90 26.78 10.79 -23.65
C ASN D 90 27.36 9.87 -22.58
N THR D 91 28.60 10.14 -22.15
CA THR D 91 29.21 9.29 -21.13
C THR D 91 28.41 9.34 -19.85
N ALA D 92 28.02 10.55 -19.41
CA ALA D 92 27.27 10.68 -18.17
C ALA D 92 25.90 10.02 -18.26
N VAL D 93 25.21 10.21 -19.38
CA VAL D 93 23.89 9.61 -19.55
C VAL D 93 23.98 8.09 -19.56
N HIS D 94 24.97 7.55 -20.26
CA HIS D 94 25.13 6.10 -20.32
C HIS D 94 25.45 5.55 -18.94
N LYS D 95 26.32 6.24 -18.19
CA LYS D 95 26.68 5.77 -16.85
C LYS D 95 25.48 5.81 -15.92
N ALA D 96 24.68 6.88 -16.00
CA ALA D 96 23.49 6.98 -15.17
C ALA D 96 22.49 5.88 -15.51
N ARG D 97 22.31 5.61 -16.80
CA ARG D 97 21.45 4.53 -17.24
C ARG D 97 21.97 3.16 -16.85
N ASP D 98 23.27 3.02 -16.61
CA ASP D 98 23.88 1.72 -16.37
C ASP D 98 23.42 1.07 -15.07
N GLY D 99 22.54 1.70 -14.30
CA GLY D 99 21.97 1.06 -13.13
C GLY D 99 22.48 1.58 -11.81
N ALA D 100 21.56 2.05 -10.97
CA ALA D 100 21.84 2.57 -9.63
C ALA D 100 20.51 2.79 -8.93
N GLU D 101 20.58 3.28 -7.71
CA GLU D 101 19.37 3.65 -6.98
C GLU D 101 18.70 4.81 -7.71
N PRO D 102 17.43 4.69 -8.09
CA PRO D 102 16.82 5.69 -8.98
C PRO D 102 16.84 7.12 -8.47
N GLU D 103 16.61 7.34 -7.17
CA GLU D 103 16.49 8.71 -6.67
C GLU D 103 17.83 9.42 -6.68
N PHE D 104 18.90 8.72 -6.26
CA PHE D 104 20.23 9.29 -6.30
C PHE D 104 20.63 9.63 -7.73
N ALA D 105 20.34 8.73 -8.67
CA ALA D 105 20.63 9.00 -10.07
C ALA D 105 19.82 10.18 -10.58
N LEU D 106 18.58 10.31 -10.12
CA LEU D 106 17.77 11.46 -10.52
C LEU D 106 18.38 12.77 -10.06
N GLU D 107 18.81 12.83 -8.80
CA GLU D 107 19.44 14.06 -8.31
C GLU D 107 20.72 14.36 -9.05
N LEU D 108 21.53 13.32 -9.32
CA LEU D 108 22.75 13.53 -10.10
C LEU D 108 22.43 14.04 -11.49
N LEU D 109 21.36 13.52 -12.11
CA LEU D 109 20.97 13.98 -13.43
C LEU D 109 20.52 15.43 -13.40
N LEU D 110 19.80 15.84 -12.35
CA LEU D 110 19.39 17.23 -12.23
C LEU D 110 20.60 18.15 -12.09
N ARG D 111 21.57 17.75 -11.27
CA ARG D 111 22.78 18.56 -11.14
C ARG D 111 23.53 18.63 -12.47
N LEU D 112 23.60 17.51 -13.19
CA LEU D 112 24.21 17.51 -14.51
C LEU D 112 23.49 18.46 -15.46
N VAL D 113 22.15 18.48 -15.39
CA VAL D 113 21.36 19.36 -16.24
C VAL D 113 21.71 20.82 -15.95
N GLU D 114 21.78 21.17 -14.66
CA GLU D 114 22.12 22.55 -14.30
C GLU D 114 23.51 22.91 -14.77
N ARG D 115 24.49 22.02 -14.57
CA ARG D 115 25.85 22.29 -15.00
C ARG D 115 25.93 22.44 -16.51
N PHE D 116 25.22 21.59 -17.25
CA PHE D 116 25.27 21.66 -18.70
C PHE D 116 24.57 22.90 -19.21
N THR D 117 23.54 23.35 -18.50
CA THR D 117 22.93 24.64 -18.80
C THR D 117 23.92 25.77 -18.64
N GLU D 118 24.69 25.75 -17.56
CA GLU D 118 25.75 26.74 -17.39
C GLU D 118 26.77 26.65 -18.52
N ALA D 119 27.10 25.42 -18.93
CA ALA D 119 28.06 25.23 -20.01
C ALA D 119 27.58 25.82 -21.32
N VAL D 120 26.33 25.54 -21.70
CA VAL D 120 25.83 26.05 -22.97
C VAL D 120 25.68 27.57 -22.92
N LYS D 121 25.32 28.10 -21.75
CA LYS D 121 25.30 29.55 -21.59
C LYS D 121 26.69 30.14 -21.84
N ALA D 122 27.72 29.49 -21.30
CA ALA D 122 29.09 29.96 -21.52
C ALA D 122 29.48 29.85 -22.99
N ILE D 123 29.06 28.78 -23.66
CA ILE D 123 29.51 28.51 -25.02
C ILE D 123 29.05 29.58 -25.98
N GLY D 124 27.80 29.99 -25.90
CA GLY D 124 27.21 30.84 -26.90
C GLY D 124 26.49 30.03 -27.97
N THR D 125 26.03 30.74 -29.00
CA THR D 125 25.21 30.14 -30.04
C THR D 125 25.89 30.29 -31.40
N SER D 126 25.54 29.37 -32.30
CA SER D 126 26.23 29.24 -33.58
C SER D 126 25.34 28.55 -34.61
N ASN D 127 25.97 28.04 -35.67
CA ASN D 127 25.31 27.29 -36.72
C ASN D 127 24.37 26.22 -36.18
N GLU D 128 23.32 25.90 -36.95
CA GLU D 128 22.19 25.13 -36.43
C GLU D 128 22.58 23.72 -36.02
N GLU D 129 23.62 23.14 -36.63
CA GLU D 129 23.95 21.75 -36.37
C GLU D 129 24.37 21.54 -34.91
N GLU D 130 25.16 22.46 -34.37
CA GLU D 130 25.54 22.36 -32.96
C GLU D 130 24.32 22.50 -32.06
N GLU D 131 23.37 23.36 -32.42
CA GLU D 131 22.14 23.47 -31.66
C GLU D 131 21.36 22.17 -31.70
N ASN D 132 21.34 21.49 -32.86
CA ASN D 132 20.69 20.19 -32.95
C ASN D 132 21.38 19.18 -32.04
N LYS D 133 22.70 19.20 -31.99
CA LYS D 133 23.42 18.30 -31.10
C LYS D 133 23.05 18.56 -29.64
N LEU D 134 23.01 19.83 -29.25
CA LEU D 134 22.63 20.16 -27.87
C LEU D 134 21.20 19.74 -27.57
N LEU D 135 20.29 19.96 -28.51
CA LEU D 135 18.89 19.59 -28.29
C LEU D 135 18.72 18.09 -28.16
N GLU D 136 19.44 17.31 -28.98
CA GLU D 136 19.35 15.86 -28.87
C GLU D 136 20.00 15.37 -27.58
N ILE D 137 21.04 16.07 -27.11
CA ILE D 137 21.61 15.75 -25.79
C ILE D 137 20.55 15.95 -24.71
N LEU D 138 19.87 17.10 -24.76
CA LEU D 138 18.78 17.39 -23.83
C LEU D 138 17.71 16.31 -23.87
N GLU D 139 17.34 15.89 -25.07
CA GLU D 139 16.27 14.92 -25.23
C GLU D 139 16.67 13.55 -24.70
N SER D 140 17.92 13.14 -24.94
CA SER D 140 18.41 11.89 -24.36
C SER D 140 18.44 11.96 -22.85
N ILE D 141 18.82 13.11 -22.30
CA ILE D 141 18.79 13.28 -20.85
C ILE D 141 17.38 13.11 -20.32
N ALA D 142 16.41 13.73 -21.00
CA ALA D 142 15.02 13.62 -20.56
C ALA D 142 14.53 12.17 -20.63
N HIS D 143 14.87 11.47 -21.71
CA HIS D 143 14.47 10.07 -21.84
C HIS D 143 15.07 9.23 -20.72
N THR D 144 16.35 9.44 -20.42
CA THR D 144 16.99 8.69 -19.35
C THR D 144 16.33 8.99 -18.00
N ALA D 145 16.00 10.25 -17.76
CA ALA D 145 15.35 10.62 -16.51
C ALA D 145 13.99 9.96 -16.37
N ILE D 146 13.19 9.98 -17.43
CA ILE D 146 11.89 9.31 -17.39
C ILE D 146 12.07 7.82 -17.16
N LEU D 147 13.04 7.22 -17.84
CA LEU D 147 13.28 5.79 -17.72
C LEU D 147 13.68 5.42 -16.29
N LEU D 148 14.49 6.27 -15.65
CA LEU D 148 14.90 6.01 -14.28
C LEU D 148 13.74 6.19 -13.31
N ALA D 149 12.95 7.26 -13.51
CA ALA D 149 11.82 7.52 -12.62
C ALA D 149 10.70 6.51 -12.83
N ARG D 150 10.77 5.73 -13.90
CA ARG D 150 9.76 4.71 -14.22
C ARG D 150 9.45 3.77 -13.07
N THR D 151 10.36 3.62 -12.12
CA THR D 151 10.28 2.58 -11.10
C THR D 151 10.33 3.22 -9.71
N LEU D 152 9.53 4.26 -9.50
CA LEU D 152 9.43 4.90 -8.20
C LEU D 152 7.96 4.93 -7.77
N THR D 153 7.74 5.36 -6.53
CA THR D 153 6.39 5.58 -6.06
C THR D 153 5.78 6.75 -6.80
N PRO D 154 4.45 6.78 -6.95
CA PRO D 154 3.82 7.86 -7.74
C PRO D 154 4.16 9.26 -7.25
N LEU D 155 4.18 9.48 -5.94
CA LEU D 155 4.50 10.80 -5.41
C LEU D 155 5.95 11.18 -5.68
N GLU D 156 6.87 10.25 -5.43
CA GLU D 156 8.28 10.53 -5.70
C GLU D 156 8.52 10.75 -7.18
N ALA D 157 7.84 9.98 -8.03
CA ALA D 157 7.93 10.20 -9.47
C ALA D 157 7.43 11.60 -9.83
N THR D 158 6.34 12.03 -9.20
CA THR D 158 5.82 13.36 -9.46
C THR D 158 6.84 14.43 -9.06
N ARG D 159 7.47 14.28 -7.90
CA ARG D 159 8.48 15.24 -7.47
C ARG D 159 9.65 15.28 -8.45
N ALA D 160 10.13 14.10 -8.86
CA ALA D 160 11.24 14.06 -9.80
C ALA D 160 10.87 14.73 -11.11
N LEU D 161 9.68 14.45 -11.63
CA LEU D 161 9.28 15.03 -12.92
C LEU D 161 9.09 16.54 -12.81
N ILE D 162 8.51 17.02 -11.70
CA ILE D 162 8.29 18.46 -11.59
C ILE D 162 9.62 19.21 -11.49
N ALA D 163 10.56 18.69 -10.67
CA ALA D 163 11.87 19.32 -10.59
C ALA D 163 12.56 19.29 -11.95
N LEU D 164 12.45 18.16 -12.65
CA LEU D 164 13.12 18.01 -13.93
C LEU D 164 12.55 18.96 -14.98
N VAL D 165 11.23 19.12 -15.02
CA VAL D 165 10.64 20.02 -16.02
C VAL D 165 10.97 21.46 -15.68
N VAL D 166 11.09 21.79 -14.38
CA VAL D 166 11.55 23.12 -14.01
C VAL D 166 12.97 23.35 -14.54
N ALA D 167 13.84 22.35 -14.38
CA ALA D 167 15.21 22.49 -14.87
C ALA D 167 15.24 22.67 -16.38
N PHE D 168 14.44 21.89 -17.12
CA PHE D 168 14.41 22.04 -18.57
C PHE D 168 13.83 23.38 -18.99
N THR D 169 12.87 23.91 -18.23
CA THR D 169 12.36 25.25 -18.51
C THR D 169 13.47 26.28 -18.36
N LYS D 170 14.26 26.15 -17.29
CA LYS D 170 15.40 27.05 -17.09
C LYS D 170 16.36 26.97 -18.27
N PHE D 171 16.66 25.74 -18.72
CA PHE D 171 17.57 25.58 -19.85
C PHE D 171 17.00 26.24 -21.10
N PHE D 172 15.75 25.93 -21.45
CA PHE D 172 15.15 26.45 -22.67
C PHE D 172 15.09 27.97 -22.63
N LEU D 173 14.89 28.55 -21.45
CA LEU D 173 15.01 29.99 -21.32
C LEU D 173 16.44 30.44 -21.63
N ALA D 174 17.43 29.68 -21.15
CA ALA D 174 18.82 30.08 -21.34
C ALA D 174 19.24 30.02 -22.81
N LEU D 175 18.83 29.00 -23.55
CA LEU D 175 19.33 28.80 -24.90
C LEU D 175 18.80 29.89 -25.85
N LYS D 176 19.60 30.18 -26.88
CA LYS D 176 19.25 31.13 -27.93
C LYS D 176 19.28 30.39 -29.26
N GLY D 177 18.33 30.72 -30.14
CA GLY D 177 18.28 30.09 -31.45
C GLY D 177 16.95 30.38 -32.11
N SER D 178 16.69 29.62 -33.18
CA SER D 178 15.44 29.76 -33.91
C SER D 178 14.27 29.29 -33.05
N PRO D 179 13.19 30.07 -32.93
CA PRO D 179 12.11 29.70 -32.02
C PRO D 179 11.43 28.37 -32.35
N GLU D 180 11.31 28.02 -33.63
CA GLU D 180 10.50 26.86 -34.01
C GLU D 180 11.05 25.58 -33.39
N LYS D 181 12.37 25.37 -33.48
CA LYS D 181 12.96 24.16 -32.96
C LYS D 181 12.79 24.07 -31.45
N ILE D 182 13.01 25.19 -30.74
CA ILE D 182 12.89 25.19 -29.28
C ILE D 182 11.46 24.85 -28.87
N ILE D 183 10.48 25.52 -29.50
CA ILE D 183 9.09 25.30 -29.13
C ILE D 183 8.69 23.86 -29.43
N SER D 184 9.07 23.36 -30.61
CA SER D 184 8.69 22.00 -30.98
C SER D 184 9.31 20.97 -30.03
N THR D 185 10.60 21.13 -29.72
CA THR D 185 11.25 20.18 -28.83
C THR D 185 10.63 20.23 -27.43
N PHE D 186 10.34 21.42 -26.93
CA PHE D 186 9.72 21.52 -25.62
C PHE D 186 8.34 20.86 -25.61
N GLU D 187 7.57 21.07 -26.68
CA GLU D 187 6.25 20.44 -26.77
C GLU D 187 6.37 18.92 -26.79
N SER D 188 7.36 18.41 -27.53
CA SER D 188 7.58 16.96 -27.58
C SER D 188 7.96 16.42 -26.22
N ILE D 189 8.83 17.13 -25.50
CA ILE D 189 9.22 16.71 -24.17
C ILE D 189 8.01 16.71 -23.24
N ALA D 190 7.17 17.73 -23.37
CA ALA D 190 5.94 17.79 -22.57
C ALA D 190 5.05 16.60 -22.86
N ARG D 191 4.92 16.24 -24.14
CA ARG D 191 4.12 15.07 -24.50
C ARG D 191 4.69 13.80 -23.89
N ASP D 192 6.01 13.65 -23.93
CA ASP D 192 6.65 12.48 -23.33
C ASP D 192 6.35 12.39 -21.84
N ILE D 193 6.54 13.51 -21.13
CA ILE D 193 6.32 13.53 -19.69
C ILE D 193 4.86 13.22 -19.38
N LEU D 194 3.94 13.81 -20.14
CA LEU D 194 2.52 13.59 -19.90
C LEU D 194 2.13 12.14 -20.14
N THR D 195 2.64 11.54 -21.22
CA THR D 195 2.34 10.14 -21.49
C THR D 195 2.87 9.24 -20.37
N PHE D 196 4.08 9.52 -19.89
CA PHE D 196 4.62 8.73 -18.78
C PHE D 196 3.78 8.89 -17.53
N ALA D 197 3.27 10.11 -17.28
CA ALA D 197 2.41 10.32 -16.12
C ALA D 197 1.12 9.51 -16.24
N GLU D 198 0.50 9.53 -17.42
CA GLU D 198 -0.72 8.76 -17.62
C GLU D 198 -0.46 7.27 -17.43
N GLN D 199 0.74 6.81 -17.83
CA GLN D 199 1.12 5.44 -17.50
C GLN D 199 1.22 5.22 -16.00
N LYS D 200 1.99 6.06 -15.31
CA LYS D 200 2.38 5.75 -13.94
C LYS D 200 1.23 5.88 -12.95
N LEU D 201 0.47 6.98 -13.02
CA LEU D 201 -0.63 7.14 -12.07
C LEU D 201 -1.80 6.21 -12.32
N ALA D 202 -1.66 5.23 -13.23
CA ALA D 202 -2.75 4.31 -13.47
C ALA D 202 -2.99 3.39 -12.28
N THR D 203 -1.98 3.18 -11.45
CA THR D 203 -2.07 2.22 -10.34
C THR D 203 -2.50 2.86 -9.02
N VAL D 204 -3.22 3.96 -9.06
CA VAL D 204 -3.62 4.65 -7.83
C VAL D 204 -5.11 4.93 -7.91
N PRO D 205 -5.77 5.18 -6.78
CA PRO D 205 -7.16 5.64 -6.81
C PRO D 205 -7.27 6.95 -7.58
N PRO D 206 -8.38 7.15 -8.29
CA PRO D 206 -8.48 8.29 -9.22
C PRO D 206 -8.38 9.65 -8.55
N ALA D 207 -8.63 9.76 -7.24
CA ALA D 207 -8.44 11.03 -6.57
C ALA D 207 -6.99 11.47 -6.61
N VAL D 208 -6.06 10.54 -6.32
CA VAL D 208 -4.65 10.84 -6.41
C VAL D 208 -4.26 11.13 -7.85
N GLN D 209 -4.90 10.43 -8.79
CA GLN D 209 -4.73 10.75 -10.21
C GLN D 209 -5.02 12.22 -10.45
N THR D 210 -6.19 12.68 -10.00
CA THR D 210 -6.59 14.07 -10.16
C THR D 210 -5.55 15.00 -9.55
N VAL D 211 -5.19 14.75 -8.29
CA VAL D 211 -4.26 15.63 -7.57
C VAL D 211 -2.94 15.77 -8.33
N LEU D 212 -2.23 14.65 -8.48
CA LEU D 212 -0.89 14.72 -9.05
C LEU D 212 -0.92 15.16 -10.50
N LEU D 213 -1.89 14.67 -11.27
CA LEU D 213 -2.00 15.06 -12.67
C LEU D 213 -2.23 16.56 -12.80
N SER D 214 -3.13 17.11 -11.99
CA SER D 214 -3.40 18.54 -12.05
C SER D 214 -2.15 19.34 -11.71
N ALA D 215 -1.41 18.90 -10.70
CA ALA D 215 -0.14 19.56 -10.38
C ALA D 215 0.79 19.57 -11.59
N LEU D 216 0.92 18.41 -12.25
CA LEU D 216 1.82 18.30 -13.39
C LEU D 216 1.39 19.19 -14.54
N LEU D 217 0.11 19.18 -14.86
CA LEU D 217 -0.40 20.02 -15.92
C LEU D 217 -0.16 21.50 -15.62
N GLU D 218 -0.43 21.91 -14.39
CA GLU D 218 -0.28 23.32 -14.06
C GLU D 218 1.16 23.75 -14.20
N VAL D 219 2.09 22.93 -13.69
CA VAL D 219 3.50 23.31 -13.74
C VAL D 219 3.99 23.34 -15.19
N ILE D 220 3.61 22.34 -15.99
CA ILE D 220 4.09 22.29 -17.36
C ILE D 220 3.47 23.41 -18.19
N GLU D 221 2.24 23.79 -17.86
CA GLU D 221 1.60 24.91 -18.54
C GLU D 221 2.29 26.22 -18.20
N ASP D 222 2.67 26.41 -16.94
CA ASP D 222 3.42 27.61 -16.57
C ASP D 222 4.75 27.65 -17.32
N ALA D 223 5.43 26.50 -17.42
CA ALA D 223 6.67 26.45 -18.17
C ALA D 223 6.46 26.82 -19.64
N ARG D 224 5.40 26.28 -20.24
CA ARG D 224 5.09 26.59 -21.63
C ARG D 224 4.82 28.08 -21.80
N GLU D 225 4.09 28.67 -20.85
CA GLU D 225 3.76 30.09 -20.95
C GLU D 225 5.02 30.95 -20.87
N HIS D 226 5.96 30.57 -20.02
CA HIS D 226 7.15 31.38 -19.99
C HIS D 226 7.82 31.23 -21.32
N ILE D 227 8.06 30.00 -21.74
CA ILE D 227 8.79 29.81 -22.98
C ILE D 227 8.17 30.65 -24.09
N VAL D 228 6.84 30.67 -24.16
CA VAL D 228 6.16 31.43 -25.21
C VAL D 228 6.43 32.92 -25.05
N LYS D 229 6.34 33.44 -23.81
CA LYS D 229 6.60 34.86 -23.60
C LYS D 229 8.02 35.22 -24.00
N LYS D 230 9.00 34.49 -23.47
CA LYS D 230 10.39 34.91 -23.68
C LYS D 230 10.83 34.70 -25.13
N TYR D 231 10.44 33.57 -25.71
CA TYR D 231 11.02 33.16 -26.99
C TYR D 231 10.14 33.51 -28.17
N GLY D 232 8.95 34.05 -27.93
CA GLY D 232 8.03 34.39 -29.00
C GLY D 232 8.47 35.59 -29.81
N ASN E 25 -19.40 50.94 -14.64
CA ASN E 25 -20.20 50.41 -13.53
C ASN E 25 -20.20 48.89 -13.51
N VAL E 26 -21.23 48.31 -12.90
CA VAL E 26 -21.31 46.85 -12.75
C VAL E 26 -21.30 46.18 -14.12
N LEU E 27 -21.98 46.79 -15.09
CA LEU E 27 -22.01 46.23 -16.45
C LEU E 27 -20.60 46.03 -17.00
N GLU E 28 -19.71 46.98 -16.76
CA GLU E 28 -18.35 46.90 -17.30
C GLU E 28 -17.62 45.69 -16.75
N LYS E 29 -17.60 45.53 -15.42
CA LYS E 29 -16.90 44.40 -14.83
C LYS E 29 -17.54 43.08 -15.22
N VAL E 30 -18.87 43.04 -15.28
CA VAL E 30 -19.56 41.80 -15.64
C VAL E 30 -19.20 41.40 -17.07
N GLU E 31 -19.17 42.37 -17.98
CA GLU E 31 -18.81 42.07 -19.37
C GLU E 31 -17.33 41.69 -19.49
N GLU E 32 -16.45 42.30 -18.68
CA GLU E 32 -15.06 41.88 -18.68
C GLU E 32 -14.92 40.44 -18.24
N LEU E 33 -15.65 40.06 -17.19
CA LEU E 33 -15.66 38.67 -16.74
C LEU E 33 -16.17 37.76 -17.85
N LYS E 34 -17.24 38.17 -18.52
CA LYS E 34 -17.78 37.45 -19.66
C LYS E 34 -16.70 37.18 -20.70
N LYS E 35 -16.00 38.24 -21.11
CA LYS E 35 -14.96 38.09 -22.13
C LYS E 35 -13.84 37.16 -21.68
N GLU E 36 -13.34 37.34 -20.45
CA GLU E 36 -12.24 36.52 -19.97
C GLU E 36 -12.63 35.06 -19.92
N VAL E 37 -13.79 34.76 -19.34
CA VAL E 37 -14.26 33.38 -19.24
C VAL E 37 -14.47 32.80 -20.64
N LYS E 38 -14.99 33.62 -21.56
CA LYS E 38 -15.21 33.16 -22.92
C LYS E 38 -13.90 32.74 -23.58
N LYS E 39 -12.88 33.59 -23.49
CA LYS E 39 -11.59 33.25 -24.09
C LYS E 39 -10.99 31.99 -23.47
N LYS E 40 -11.01 31.91 -22.14
CA LYS E 40 -10.41 30.74 -21.49
C LYS E 40 -11.16 29.47 -21.86
N VAL E 41 -12.50 29.56 -21.95
CA VAL E 41 -13.29 28.41 -22.35
C VAL E 41 -12.94 27.99 -23.77
N GLU E 42 -12.79 28.96 -24.67
CA GLU E 42 -12.38 28.64 -26.04
C GLU E 42 -11.05 27.91 -26.06
N GLU E 43 -10.05 28.44 -25.35
CA GLU E 43 -8.73 27.82 -25.38
C GLU E 43 -8.77 26.41 -24.82
N VAL E 44 -9.48 26.21 -23.69
CA VAL E 44 -9.50 24.89 -23.08
C VAL E 44 -10.27 23.91 -23.96
N ALA E 45 -11.33 24.38 -24.61
CA ALA E 45 -12.12 23.54 -25.49
C ALA E 45 -11.33 23.09 -26.70
N LYS E 46 -10.49 23.98 -27.25
CA LYS E 46 -9.70 23.64 -28.42
C LYS E 46 -8.76 22.47 -28.15
N SER E 47 -8.17 22.43 -26.95
CA SER E 47 -7.12 21.47 -26.64
C SER E 47 -7.64 20.03 -26.60
N SER E 48 -6.73 19.08 -26.82
CA SER E 48 -7.04 17.65 -26.72
C SER E 48 -6.78 17.16 -25.31
N ASN E 49 -6.78 15.84 -25.12
CA ASN E 49 -6.52 15.20 -23.84
C ASN E 49 -7.46 15.78 -22.78
N VAL E 50 -8.72 15.38 -22.89
CA VAL E 50 -9.86 15.99 -22.18
C VAL E 50 -9.66 16.10 -20.68
N GLU E 51 -8.82 15.25 -20.09
CA GLU E 51 -8.64 15.28 -18.64
C GLU E 51 -8.07 16.62 -18.18
N ALA E 52 -7.03 17.10 -18.86
CA ALA E 52 -6.50 18.42 -18.54
C ALA E 52 -7.52 19.50 -18.84
N ALA E 53 -8.37 19.28 -19.84
CA ALA E 53 -9.42 20.25 -20.14
C ALA E 53 -10.39 20.38 -18.98
N LEU E 54 -10.81 19.25 -18.41
CA LEU E 54 -11.67 19.30 -17.23
C LEU E 54 -10.98 19.93 -16.04
N ILE E 55 -9.67 19.64 -15.86
CA ILE E 55 -8.94 20.27 -14.76
C ILE E 55 -8.93 21.79 -14.91
N LYS E 56 -8.59 22.26 -16.11
CA LYS E 56 -8.53 23.69 -16.37
C LYS E 56 -9.91 24.33 -16.21
N LEU E 57 -10.96 23.65 -16.68
CA LEU E 57 -12.31 24.19 -16.56
C LEU E 57 -12.73 24.25 -15.09
N LEU E 58 -12.33 23.26 -14.29
CA LEU E 58 -12.61 23.32 -12.86
C LEU E 58 -11.93 24.51 -12.21
N GLU E 59 -10.67 24.77 -12.58
CA GLU E 59 -9.97 25.92 -12.00
C GLU E 59 -10.62 27.23 -12.44
N ILE E 60 -11.06 27.29 -13.71
CA ILE E 60 -11.76 28.46 -14.21
C ILE E 60 -13.06 28.67 -13.44
N LEU E 61 -13.80 27.60 -13.20
CA LEU E 61 -15.05 27.71 -12.45
C LEU E 61 -14.78 28.19 -11.03
N ASP E 62 -13.71 27.69 -10.42
CA ASP E 62 -13.35 28.13 -9.07
C ASP E 62 -13.05 29.63 -9.04
N GLU E 63 -12.20 30.10 -9.94
CA GLU E 63 -11.85 31.52 -9.93
C GLU E 63 -13.06 32.39 -10.28
N PHE E 64 -13.94 31.90 -11.16
CA PHE E 64 -15.16 32.63 -11.47
C PHE E 64 -16.07 32.72 -10.26
N ILE E 65 -16.17 31.63 -9.50
CA ILE E 65 -16.94 31.64 -8.25
C ILE E 65 -16.38 32.70 -7.31
N HIS E 66 -15.06 32.73 -7.18
CA HIS E 66 -14.41 33.72 -6.32
C HIS E 66 -14.75 35.13 -6.77
N GLN E 67 -14.62 35.40 -8.07
CA GLN E 67 -14.87 36.73 -8.59
C GLN E 67 -16.32 37.16 -8.36
N VAL E 68 -17.26 36.22 -8.58
CA VAL E 68 -18.67 36.54 -8.36
C VAL E 68 -18.93 36.82 -6.90
N LYS E 69 -18.37 36.00 -6.01
CA LYS E 69 -18.56 36.22 -4.57
C LYS E 69 -18.02 37.58 -4.16
N LEU E 70 -16.91 38.00 -4.74
CA LEU E 70 -16.35 39.31 -4.45
C LEU E 70 -17.31 40.42 -4.91
N LEU E 71 -17.79 40.33 -6.14
CA LEU E 71 -18.62 41.39 -6.69
C LEU E 71 -19.98 41.41 -5.99
N PRO E 72 -20.59 42.59 -5.84
CA PRO E 72 -21.96 42.64 -5.32
C PRO E 72 -22.94 42.17 -6.38
N VAL E 73 -23.87 41.29 -5.99
CA VAL E 73 -24.80 40.66 -6.91
C VAL E 73 -26.17 41.29 -6.74
N ASN E 74 -26.77 41.71 -7.85
CA ASN E 74 -28.11 42.27 -7.85
C ASN E 74 -28.92 41.60 -8.96
N GLU E 75 -30.19 42.00 -9.06
CA GLU E 75 -31.06 41.41 -10.07
C GLU E 75 -30.63 41.81 -11.48
N GLU E 76 -29.91 42.92 -11.63
CA GLU E 76 -29.50 43.39 -12.95
C GLU E 76 -28.47 42.47 -13.60
N ASN E 77 -27.46 42.04 -12.85
CA ASN E 77 -26.36 41.27 -13.42
C ASN E 77 -26.58 39.76 -13.35
N ARG E 78 -27.69 39.30 -12.79
CA ARG E 78 -27.92 37.86 -12.67
C ARG E 78 -27.96 37.12 -14.01
N PRO E 79 -28.70 37.58 -15.03
CA PRO E 79 -28.76 36.78 -16.27
C PRO E 79 -27.41 36.54 -16.92
N ILE E 80 -26.52 37.54 -16.88
CA ILE E 80 -25.21 37.38 -17.51
C ILE E 80 -24.39 36.33 -16.78
N LEU E 81 -24.42 36.36 -15.44
CA LEU E 81 -23.74 35.33 -14.66
C LEU E 81 -24.33 33.96 -14.97
N VAL E 82 -25.66 33.88 -15.10
CA VAL E 82 -26.30 32.61 -15.38
C VAL E 82 -25.86 32.06 -16.74
N GLU E 83 -25.79 32.92 -17.76
CA GLU E 83 -25.39 32.42 -19.07
C GLU E 83 -23.90 32.09 -19.11
N ILE E 84 -23.07 32.79 -18.33
CA ILE E 84 -21.67 32.41 -18.22
C ILE E 84 -21.56 31.02 -17.60
N LEU E 85 -22.32 30.77 -16.54
CA LEU E 85 -22.34 29.46 -15.92
C LEU E 85 -22.82 28.40 -16.91
N GLU E 86 -23.83 28.74 -17.72
CA GLU E 86 -24.33 27.79 -18.72
C GLU E 86 -23.26 27.47 -19.75
N ILE E 87 -22.52 28.48 -20.20
CA ILE E 87 -21.43 28.24 -21.16
C ILE E 87 -20.41 27.29 -20.57
N ILE E 88 -19.99 27.57 -19.33
CA ILE E 88 -18.98 26.73 -18.68
C ILE E 88 -19.50 25.30 -18.52
N ALA E 89 -20.76 25.17 -18.12
CA ALA E 89 -21.34 23.85 -17.91
C ALA E 89 -21.44 23.06 -19.20
N ASN E 90 -21.89 23.70 -20.28
CA ASN E 90 -21.97 23.00 -21.57
C ASN E 90 -20.59 22.57 -22.03
N THR E 91 -19.60 23.46 -21.91
CA THR E 91 -18.25 23.09 -22.34
C THR E 91 -17.72 21.91 -21.54
N ALA E 92 -17.89 21.95 -20.22
CA ALA E 92 -17.39 20.88 -19.36
C ALA E 92 -18.10 19.57 -19.64
N VAL E 93 -19.42 19.61 -19.81
CA VAL E 93 -20.19 18.40 -20.08
C VAL E 93 -19.77 17.79 -21.40
N HIS E 94 -19.63 18.63 -22.44
CA HIS E 94 -19.25 18.13 -23.75
C HIS E 94 -17.86 17.52 -23.71
N LYS E 95 -16.92 18.19 -23.02
CA LYS E 95 -15.56 17.66 -22.93
C LYS E 95 -15.52 16.34 -22.17
N ALA E 96 -16.30 16.24 -21.08
CA ALA E 96 -16.34 15.00 -20.31
C ALA E 96 -16.92 13.87 -21.15
N ARG E 97 -17.97 14.17 -21.91
CA ARG E 97 -18.57 13.19 -22.80
C ARG E 97 -17.63 12.79 -23.94
N ASP E 98 -16.72 13.68 -24.35
CA ASP E 98 -15.91 13.47 -25.54
C ASP E 98 -15.00 12.25 -25.49
N GLY E 99 -15.03 11.47 -24.41
CA GLY E 99 -14.29 10.23 -24.38
C GLY E 99 -13.04 10.26 -23.52
N ALA E 100 -13.00 9.36 -22.53
CA ALA E 100 -11.89 9.22 -21.61
C ALA E 100 -12.17 7.97 -20.78
N GLU E 101 -11.28 7.70 -19.84
CA GLU E 101 -11.54 6.63 -18.88
C GLU E 101 -12.76 7.05 -18.06
N PRO E 102 -13.84 6.25 -18.07
CA PRO E 102 -15.11 6.74 -17.49
C PRO E 102 -15.04 7.13 -16.03
N GLU E 103 -14.28 6.39 -15.22
CA GLU E 103 -14.30 6.60 -13.78
C GLU E 103 -13.62 7.92 -13.41
N PHE E 104 -12.47 8.19 -14.02
CA PHE E 104 -11.76 9.45 -13.81
C PHE E 104 -12.64 10.63 -14.18
N ALA E 105 -13.20 10.61 -15.38
CA ALA E 105 -14.09 11.69 -15.79
C ALA E 105 -15.32 11.76 -14.90
N LEU E 106 -15.68 10.64 -14.27
CA LEU E 106 -16.85 10.63 -13.41
C LEU E 106 -16.58 11.38 -12.10
N GLU E 107 -15.44 11.13 -11.46
CA GLU E 107 -15.12 11.98 -10.31
C GLU E 107 -14.90 13.42 -10.72
N LEU E 108 -14.37 13.65 -11.93
CA LEU E 108 -14.29 15.03 -12.41
C LEU E 108 -15.67 15.67 -12.49
N LEU E 109 -16.65 14.90 -12.95
CA LEU E 109 -18.02 15.40 -13.01
C LEU E 109 -18.57 15.66 -11.62
N LEU E 110 -18.24 14.81 -10.65
CA LEU E 110 -18.70 15.04 -9.28
C LEU E 110 -18.12 16.33 -8.71
N ARG E 111 -16.82 16.56 -8.92
CA ARG E 111 -16.22 17.80 -8.46
C ARG E 111 -16.86 19.00 -9.17
N LEU E 112 -17.13 18.87 -10.46
CA LEU E 112 -17.80 19.95 -11.19
C LEU E 112 -19.17 20.21 -10.61
N VAL E 113 -19.89 19.16 -10.24
CA VAL E 113 -21.23 19.32 -9.66
C VAL E 113 -21.14 20.08 -8.34
N GLU E 114 -20.18 19.71 -7.50
CA GLU E 114 -20.03 20.41 -6.21
C GLU E 114 -19.68 21.88 -6.43
N ARG E 115 -18.73 22.16 -7.32
CA ARG E 115 -18.35 23.54 -7.56
C ARG E 115 -19.50 24.35 -8.14
N PHE E 116 -20.26 23.77 -9.07
CA PHE E 116 -21.37 24.49 -9.66
C PHE E 116 -22.50 24.68 -8.66
N THR E 117 -22.63 23.75 -7.71
CA THR E 117 -23.55 23.95 -6.58
C THR E 117 -23.16 25.18 -5.78
N GLU E 118 -21.88 25.31 -5.45
CA GLU E 118 -21.44 26.51 -4.76
C GLU E 118 -21.64 27.75 -5.62
N ALA E 119 -21.48 27.60 -6.94
CA ALA E 119 -21.69 28.73 -7.85
C ALA E 119 -23.13 29.23 -7.79
N VAL E 120 -24.10 28.32 -7.91
CA VAL E 120 -25.50 28.73 -7.88
C VAL E 120 -25.87 29.27 -6.50
N LYS E 121 -25.28 28.69 -5.44
CA LYS E 121 -25.49 29.22 -4.10
C LYS E 121 -25.04 30.67 -4.02
N ALA E 122 -23.87 30.98 -4.58
CA ALA E 122 -23.38 32.35 -4.59
C ALA E 122 -24.24 33.26 -5.45
N ILE E 123 -24.76 32.74 -6.56
CA ILE E 123 -25.51 33.56 -7.50
C ILE E 123 -26.78 34.11 -6.87
N GLY E 124 -27.52 33.27 -6.16
CA GLY E 124 -28.85 33.62 -5.73
C GLY E 124 -29.90 33.19 -6.72
N THR E 125 -31.14 33.57 -6.44
CA THR E 125 -32.27 33.14 -7.26
C THR E 125 -32.99 34.35 -7.84
N SER E 126 -33.69 34.11 -8.95
CA SER E 126 -34.27 35.17 -9.75
C SER E 126 -35.43 34.65 -10.60
N ASN E 127 -35.78 35.39 -11.64
CA ASN E 127 -36.80 35.01 -12.61
C ASN E 127 -36.65 33.56 -13.07
N GLU E 128 -37.78 32.94 -13.44
CA GLU E 128 -37.82 31.48 -13.59
C GLU E 128 -36.93 30.97 -14.71
N GLU E 129 -36.62 31.80 -15.71
CA GLU E 129 -35.87 31.33 -16.88
C GLU E 129 -34.47 30.87 -16.50
N GLU E 130 -33.80 31.62 -15.62
CA GLU E 130 -32.49 31.18 -15.15
C GLU E 130 -32.58 29.88 -14.37
N GLU E 131 -33.64 29.70 -13.58
CA GLU E 131 -33.84 28.43 -12.89
C GLU E 131 -34.03 27.29 -13.87
N ASN E 132 -34.75 27.54 -14.96
CA ASN E 132 -34.90 26.53 -16.01
C ASN E 132 -33.55 26.18 -16.61
N LYS E 133 -32.71 27.19 -16.88
CA LYS E 133 -31.39 26.94 -17.43
C LYS E 133 -30.55 26.09 -16.48
N LEU E 134 -30.58 26.41 -15.18
CA LEU E 134 -29.82 25.64 -14.21
C LEU E 134 -30.32 24.21 -14.13
N LEU E 135 -31.65 24.03 -14.13
CA LEU E 135 -32.21 22.68 -14.06
C LEU E 135 -31.83 21.85 -15.27
N GLU E 136 -31.88 22.44 -16.47
CA GLU E 136 -31.50 21.69 -17.65
C GLU E 136 -30.00 21.42 -17.66
N ILE E 137 -29.20 22.32 -17.07
CA ILE E 137 -27.78 22.05 -16.91
C ILE E 137 -27.56 20.82 -16.06
N LEU E 138 -28.25 20.76 -14.91
CA LEU E 138 -28.12 19.59 -14.04
C LEU E 138 -28.59 18.33 -14.75
N GLU E 139 -29.67 18.44 -15.50
CA GLU E 139 -30.21 17.27 -16.19
C GLU E 139 -29.25 16.76 -17.25
N SER E 140 -28.61 17.66 -17.99
CA SER E 140 -27.59 17.25 -18.96
C SER E 140 -26.40 16.61 -18.24
N ILE E 141 -26.01 17.16 -17.09
CA ILE E 141 -24.93 16.57 -16.31
C ILE E 141 -25.29 15.14 -15.91
N ALA E 142 -26.52 14.96 -15.44
CA ALA E 142 -26.96 13.63 -15.01
C ALA E 142 -26.97 12.65 -16.17
N HIS E 143 -27.46 13.08 -17.33
CA HIS E 143 -27.46 12.22 -18.50
C HIS E 143 -26.03 11.82 -18.89
N THR E 144 -25.13 12.81 -18.91
CA THR E 144 -23.74 12.51 -19.29
C THR E 144 -23.10 11.55 -18.31
N ALA E 145 -23.34 11.74 -17.01
CA ALA E 145 -22.72 10.88 -16.02
C ALA E 145 -23.29 9.47 -16.05
N ILE E 146 -24.60 9.36 -16.28
CA ILE E 146 -25.20 8.03 -16.46
C ILE E 146 -24.59 7.35 -17.68
N LEU E 147 -24.43 8.10 -18.77
CA LEU E 147 -23.84 7.56 -19.99
C LEU E 147 -22.41 7.10 -19.74
N LEU E 148 -21.68 7.84 -18.92
CA LEU E 148 -20.32 7.45 -18.58
C LEU E 148 -20.31 6.16 -17.76
N ALA E 149 -21.16 6.10 -16.72
CA ALA E 149 -21.20 4.92 -15.86
C ALA E 149 -21.78 3.71 -16.59
N ARG E 150 -22.39 3.94 -17.76
CA ARG E 150 -23.00 2.88 -18.55
C ARG E 150 -22.07 1.70 -18.82
N THR E 151 -20.76 1.92 -18.77
CA THR E 151 -19.78 0.94 -19.21
C THR E 151 -18.80 0.65 -18.09
N LEU E 152 -19.32 0.38 -16.89
CA LEU E 152 -18.49 -0.01 -15.76
C LEU E 152 -19.01 -1.33 -15.20
N THR E 153 -18.27 -1.84 -14.21
CA THR E 153 -18.74 -3.01 -13.48
C THR E 153 -19.97 -2.63 -12.65
N PRO E 154 -20.87 -3.59 -12.38
CA PRO E 154 -22.11 -3.24 -11.64
C PRO E 154 -21.85 -2.57 -10.30
N LEU E 155 -20.87 -3.05 -9.54
CA LEU E 155 -20.61 -2.47 -8.22
C LEU E 155 -20.07 -1.05 -8.34
N GLU E 156 -19.11 -0.85 -9.23
CA GLU E 156 -18.57 0.49 -9.43
C GLU E 156 -19.62 1.45 -9.96
N ALA E 157 -20.47 0.97 -10.87
CA ALA E 157 -21.57 1.79 -11.36
C ALA E 157 -22.50 2.17 -10.22
N THR E 158 -22.77 1.24 -9.30
CA THR E 158 -23.61 1.55 -8.16
C THR E 158 -22.98 2.60 -7.27
N ARG E 159 -21.68 2.48 -7.01
CA ARG E 159 -20.98 3.51 -6.23
C ARG E 159 -21.10 4.88 -6.88
N ALA E 160 -20.86 4.93 -8.20
CA ALA E 160 -20.96 6.20 -8.91
C ALA E 160 -22.37 6.76 -8.82
N LEU E 161 -23.38 5.90 -8.95
CA LEU E 161 -24.76 6.36 -8.94
C LEU E 161 -25.16 6.90 -7.57
N ILE E 162 -24.74 6.23 -6.48
CA ILE E 162 -25.13 6.72 -5.16
C ILE E 162 -24.40 8.03 -4.86
N ALA E 163 -23.14 8.15 -5.27
CA ALA E 163 -22.45 9.42 -5.12
C ALA E 163 -23.15 10.53 -5.88
N LEU E 164 -23.59 10.22 -7.11
CA LEU E 164 -24.35 11.18 -7.90
C LEU E 164 -25.63 11.60 -7.20
N VAL E 165 -26.35 10.64 -6.62
CA VAL E 165 -27.61 10.94 -5.95
C VAL E 165 -27.35 11.85 -4.75
N VAL E 166 -26.29 11.57 -4.00
CA VAL E 166 -25.97 12.41 -2.84
C VAL E 166 -25.65 13.84 -3.30
N ALA E 167 -24.84 13.98 -4.34
CA ALA E 167 -24.49 15.31 -4.82
C ALA E 167 -25.72 16.07 -5.32
N PHE E 168 -26.59 15.38 -6.06
CA PHE E 168 -27.79 16.04 -6.57
C PHE E 168 -28.74 16.41 -5.44
N THR E 169 -28.81 15.59 -4.39
CA THR E 169 -29.61 15.93 -3.22
C THR E 169 -29.07 17.20 -2.56
N LYS E 170 -27.75 17.29 -2.43
CA LYS E 170 -27.15 18.48 -1.86
C LYS E 170 -27.50 19.71 -2.69
N PHE E 171 -27.42 19.59 -4.01
CA PHE E 171 -27.77 20.71 -4.87
C PHE E 171 -29.22 21.11 -4.68
N PHE E 172 -30.13 20.15 -4.79
CA PHE E 172 -31.56 20.47 -4.73
C PHE E 172 -31.92 21.05 -3.37
N LEU E 173 -31.18 20.67 -2.33
CA LEU E 173 -31.29 21.36 -1.05
C LEU E 173 -30.85 22.81 -1.20
N ALA E 174 -29.74 23.04 -1.91
CA ALA E 174 -29.21 24.40 -2.03
C ALA E 174 -30.13 25.32 -2.83
N LEU E 175 -30.73 24.83 -3.91
CA LEU E 175 -31.48 25.70 -4.82
C LEU E 175 -32.76 26.20 -4.17
N LYS E 176 -33.19 27.39 -4.59
CA LYS E 176 -34.42 28.02 -4.15
C LYS E 176 -35.30 28.27 -5.36
N GLY E 177 -36.60 28.07 -5.22
CA GLY E 177 -37.53 28.31 -6.31
C GLY E 177 -38.88 27.69 -5.99
N SER E 178 -39.74 27.68 -7.00
CA SER E 178 -41.06 27.10 -6.86
C SER E 178 -40.96 25.60 -6.60
N PRO E 179 -41.72 25.06 -5.65
CA PRO E 179 -41.56 23.63 -5.30
C PRO E 179 -41.82 22.67 -6.45
N GLU E 180 -42.78 22.97 -7.32
CA GLU E 180 -43.22 21.98 -8.32
C GLU E 180 -42.09 21.62 -9.27
N LYS E 181 -41.36 22.61 -9.76
CA LYS E 181 -40.29 22.35 -10.72
C LYS E 181 -39.20 21.50 -10.08
N ILE E 182 -38.80 21.85 -8.85
CA ILE E 182 -37.72 21.12 -8.18
C ILE E 182 -38.14 19.68 -7.94
N ILE E 183 -39.35 19.47 -7.40
CA ILE E 183 -39.80 18.12 -7.10
C ILE E 183 -39.91 17.29 -8.37
N SER E 184 -40.50 17.86 -9.42
CA SER E 184 -40.67 17.12 -10.66
C SER E 184 -39.32 16.77 -11.29
N THR E 185 -38.39 17.72 -11.30
CA THR E 185 -37.08 17.46 -11.88
C THR E 185 -36.35 16.37 -11.11
N PHE E 186 -36.39 16.44 -9.77
CA PHE E 186 -35.73 15.42 -8.98
C PHE E 186 -36.35 14.05 -9.21
N GLU E 187 -37.69 13.99 -9.28
CA GLU E 187 -38.35 12.71 -9.51
C GLU E 187 -37.99 12.15 -10.88
N SER E 188 -37.89 13.02 -11.89
CA SER E 188 -37.50 12.55 -13.22
C SER E 188 -36.07 12.01 -13.22
N ILE E 189 -35.17 12.71 -12.51
CA ILE E 189 -33.79 12.22 -12.41
C ILE E 189 -33.76 10.87 -11.70
N ALA E 190 -34.56 10.73 -10.63
CA ALA E 190 -34.63 9.46 -9.92
C ALA E 190 -35.14 8.35 -10.83
N ARG E 191 -36.13 8.67 -11.67
CA ARG E 191 -36.66 7.68 -12.61
C ARG E 191 -35.59 7.27 -13.61
N ASP E 192 -34.81 8.23 -14.10
CA ASP E 192 -33.71 7.92 -15.02
C ASP E 192 -32.71 6.98 -14.37
N ILE E 193 -32.32 7.29 -13.12
CA ILE E 193 -31.35 6.46 -12.42
C ILE E 193 -31.90 5.06 -12.20
N LEU E 194 -33.17 4.96 -11.82
CA LEU E 194 -33.78 3.67 -11.58
C LEU E 194 -33.86 2.84 -12.86
N THR E 195 -34.23 3.47 -13.98
CA THR E 195 -34.28 2.76 -15.25
C THR E 195 -32.89 2.27 -15.65
N PHE E 196 -31.87 3.10 -15.47
CA PHE E 196 -30.51 2.68 -15.80
C PHE E 196 -30.07 1.52 -14.94
N ALA E 197 -30.41 1.54 -13.65
CA ALA E 197 -30.06 0.42 -12.78
C ALA E 197 -30.77 -0.86 -13.22
N GLU E 198 -32.07 -0.75 -13.51
CA GLU E 198 -32.81 -1.93 -13.95
C GLU E 198 -32.21 -2.50 -15.23
N GLN E 199 -31.68 -1.62 -16.09
CA GLN E 199 -30.91 -2.09 -17.25
C GLN E 199 -29.63 -2.81 -16.82
N LYS E 200 -28.82 -2.15 -15.98
CA LYS E 200 -27.44 -2.58 -15.78
C LYS E 200 -27.34 -3.85 -14.96
N LEU E 201 -28.05 -3.93 -13.84
CA LEU E 201 -27.96 -5.14 -13.02
C LEU E 201 -28.70 -6.33 -13.62
N ALA E 202 -29.19 -6.22 -14.86
CA ALA E 202 -29.82 -7.37 -15.50
C ALA E 202 -28.82 -8.48 -15.82
N THR E 203 -27.52 -8.20 -15.73
CA THR E 203 -26.48 -9.15 -16.11
C THR E 203 -25.86 -9.89 -14.93
N VAL E 204 -26.47 -9.83 -13.75
CA VAL E 204 -25.88 -10.41 -12.55
C VAL E 204 -26.92 -11.32 -11.90
N PRO E 205 -26.48 -12.27 -11.08
CA PRO E 205 -27.42 -13.18 -10.41
C PRO E 205 -28.42 -12.44 -9.54
N PRO E 206 -29.56 -13.06 -9.22
CA PRO E 206 -30.64 -12.34 -8.52
C PRO E 206 -30.23 -11.75 -7.18
N ALA E 207 -29.36 -12.42 -6.42
CA ALA E 207 -28.94 -11.89 -5.14
C ALA E 207 -28.21 -10.56 -5.29
N VAL E 208 -27.36 -10.46 -6.31
CA VAL E 208 -26.62 -9.22 -6.55
C VAL E 208 -27.57 -8.08 -6.88
N GLN E 209 -28.58 -8.34 -7.72
CA GLN E 209 -29.58 -7.32 -8.00
C GLN E 209 -30.31 -6.92 -6.73
N THR E 210 -30.71 -7.91 -5.93
CA THR E 210 -31.41 -7.60 -4.68
C THR E 210 -30.58 -6.63 -3.85
N VAL E 211 -29.31 -6.99 -3.61
CA VAL E 211 -28.43 -6.20 -2.77
C VAL E 211 -28.28 -4.78 -3.32
N LEU E 212 -27.71 -4.65 -4.52
CA LEU E 212 -27.36 -3.34 -5.03
C LEU E 212 -28.60 -2.49 -5.28
N LEU E 213 -29.63 -3.10 -5.84
CA LEU E 213 -30.86 -2.37 -6.13
C LEU E 213 -31.49 -1.86 -4.84
N SER E 214 -31.51 -2.68 -3.79
CA SER E 214 -32.07 -2.23 -2.51
C SER E 214 -31.29 -1.04 -1.97
N ALA E 215 -29.95 -1.09 -2.08
CA ALA E 215 -29.14 0.06 -1.67
C ALA E 215 -29.54 1.31 -2.44
N LEU E 216 -29.71 1.17 -3.76
CA LEU E 216 -30.03 2.32 -4.60
C LEU E 216 -31.39 2.92 -4.23
N LEU E 217 -32.43 2.07 -4.08
CA LEU E 217 -33.72 2.58 -3.66
C LEU E 217 -33.65 3.25 -2.30
N GLU E 218 -32.89 2.68 -1.36
CA GLU E 218 -32.86 3.27 -0.03
C GLU E 218 -32.25 4.66 -0.08
N VAL E 219 -31.14 4.81 -0.80
CA VAL E 219 -30.48 6.12 -0.85
C VAL E 219 -31.35 7.13 -1.60
N ILE E 220 -32.03 6.68 -2.65
CA ILE E 220 -32.87 7.58 -3.42
C ILE E 220 -34.09 8.01 -2.60
N GLU E 221 -34.60 7.10 -1.76
CA GLU E 221 -35.73 7.44 -0.91
C GLU E 221 -35.32 8.41 0.17
N ASP E 222 -34.12 8.25 0.73
CA ASP E 222 -33.62 9.22 1.69
C ASP E 222 -33.50 10.61 1.06
N ALA E 223 -32.97 10.66 -0.16
CA ALA E 223 -32.88 11.94 -0.86
C ALA E 223 -34.26 12.56 -1.05
N ARG E 224 -35.21 11.75 -1.52
CA ARG E 224 -36.57 12.24 -1.76
C ARG E 224 -37.17 12.78 -0.47
N GLU E 225 -36.96 12.07 0.64
CA GLU E 225 -37.63 12.42 1.88
C GLU E 225 -37.03 13.70 2.44
N HIS E 226 -35.72 13.88 2.28
CA HIS E 226 -35.09 15.14 2.68
C HIS E 226 -35.64 16.31 1.87
N ILE E 227 -35.75 16.13 0.55
CA ILE E 227 -36.30 17.21 -0.28
C ILE E 227 -37.74 17.51 0.12
N VAL E 228 -38.50 16.46 0.44
CA VAL E 228 -39.90 16.65 0.85
C VAL E 228 -39.97 17.43 2.15
N LYS E 229 -39.14 17.09 3.14
CA LYS E 229 -39.14 17.84 4.38
C LYS E 229 -38.81 19.32 4.13
N LYS E 230 -37.67 19.56 3.48
CA LYS E 230 -37.15 20.92 3.42
C LYS E 230 -37.99 21.80 2.51
N TYR E 231 -38.35 21.28 1.34
CA TYR E 231 -38.75 22.17 0.25
C TYR E 231 -40.27 22.23 0.08
N GLY E 232 -41.01 21.42 0.83
CA GLY E 232 -42.46 21.41 0.73
C GLY E 232 -43.12 22.60 1.41
N ASN F 25 5.69 67.34 -2.67
CA ASN F 25 4.79 66.97 -1.59
C ASN F 25 4.66 65.45 -1.45
N VAL F 26 3.53 64.99 -0.91
CA VAL F 26 3.31 63.56 -0.69
C VAL F 26 3.39 62.81 -2.02
N LEU F 27 2.84 63.41 -3.08
CA LEU F 27 2.84 62.77 -4.39
C LEU F 27 4.26 62.44 -4.84
N GLU F 28 5.19 63.36 -4.64
CA GLU F 28 6.57 63.15 -5.09
C GLU F 28 7.20 61.95 -4.40
N LYS F 29 7.10 61.90 -3.07
CA LYS F 29 7.69 60.79 -2.33
C LYS F 29 7.02 59.47 -2.68
N VAL F 30 5.69 59.48 -2.82
CA VAL F 30 4.97 58.25 -3.15
C VAL F 30 5.39 57.74 -4.53
N GLU F 31 5.52 58.64 -5.50
CA GLU F 31 5.96 58.24 -6.83
C GLU F 31 7.41 57.76 -6.84
N GLU F 32 8.27 58.38 -6.02
CA GLU F 32 9.64 57.89 -5.91
C GLU F 32 9.66 56.47 -5.36
N LEU F 33 8.85 56.22 -4.33
CA LEU F 33 8.74 54.86 -3.79
C LEU F 33 8.26 53.89 -4.86
N LYS F 34 7.25 54.32 -5.63
CA LYS F 34 6.74 53.53 -6.74
C LYS F 34 7.86 53.15 -7.70
N LYS F 35 8.64 54.13 -8.14
CA LYS F 35 9.72 53.87 -9.08
C LYS F 35 10.76 52.93 -8.51
N GLU F 36 11.21 53.17 -7.27
CA GLU F 36 12.24 52.33 -6.68
C GLU F 36 11.77 50.88 -6.56
N VAL F 37 10.56 50.69 -6.01
CA VAL F 37 10.03 49.34 -5.86
C VAL F 37 9.87 48.68 -7.22
N LYS F 38 9.45 49.46 -8.22
CA LYS F 38 9.26 48.92 -9.56
C LYS F 38 10.58 48.40 -10.13
N LYS F 39 11.64 49.21 -10.03
CA LYS F 39 12.94 48.77 -10.54
C LYS F 39 13.45 47.54 -9.82
N LYS F 40 13.33 47.53 -8.49
CA LYS F 40 13.80 46.38 -7.74
C LYS F 40 13.02 45.12 -8.10
N VAL F 41 11.70 45.26 -8.27
CA VAL F 41 10.86 44.12 -8.61
C VAL F 41 11.23 43.59 -9.99
N GLU F 42 11.43 44.48 -10.96
CA GLU F 42 11.85 44.04 -12.29
C GLU F 42 13.16 43.28 -12.21
N GLU F 43 14.15 43.86 -11.51
CA GLU F 43 15.47 43.26 -11.47
C GLU F 43 15.43 41.88 -10.84
N VAL F 44 14.66 41.73 -9.75
CA VAL F 44 14.61 40.43 -9.07
C VAL F 44 13.82 39.43 -9.91
N ALA F 45 12.77 39.89 -10.58
CA ALA F 45 11.94 39.02 -11.40
C ALA F 45 12.73 38.46 -12.57
N LYS F 46 13.61 39.28 -13.16
CA LYS F 46 14.45 38.81 -14.26
C LYS F 46 15.33 37.63 -13.84
N SER F 47 15.68 37.57 -12.56
CA SER F 47 16.67 36.62 -12.07
C SER F 47 16.18 35.17 -12.06
N SER F 48 17.12 34.24 -11.98
CA SER F 48 16.87 32.81 -11.85
C SER F 48 16.72 32.43 -10.38
N ASN F 49 16.86 31.13 -10.08
CA ASN F 49 16.98 30.54 -8.75
C ASN F 49 16.01 31.16 -7.75
N VAL F 50 14.72 30.90 -7.97
CA VAL F 50 13.58 31.58 -7.34
C VAL F 50 13.70 31.76 -5.82
N GLU F 51 14.49 30.92 -5.14
CA GLU F 51 14.59 31.08 -3.69
C GLU F 51 15.27 32.39 -3.31
N ALA F 52 16.35 32.73 -4.02
CA ALA F 52 17.00 34.01 -3.80
C ALA F 52 16.06 35.16 -4.16
N ALA F 53 15.26 34.97 -5.21
CA ALA F 53 14.28 35.98 -5.58
C ALA F 53 13.28 36.19 -4.46
N LEU F 54 12.78 35.10 -3.87
CA LEU F 54 11.81 35.21 -2.78
C LEU F 54 12.42 35.92 -1.59
N ILE F 55 13.68 35.62 -1.28
CA ILE F 55 14.37 36.34 -0.20
C ILE F 55 14.42 37.84 -0.52
N LYS F 56 14.73 38.17 -1.77
CA LYS F 56 14.85 39.58 -2.15
C LYS F 56 13.51 40.29 -2.06
N LEU F 57 12.42 39.67 -2.52
CA LEU F 57 11.11 40.28 -2.36
C LEU F 57 10.72 40.40 -0.89
N LEU F 58 11.11 39.45 -0.05
CA LEU F 58 10.85 39.61 1.37
C LEU F 58 11.54 40.84 1.93
N GLU F 59 12.81 41.04 1.57
CA GLU F 59 13.54 42.19 2.08
C GLU F 59 12.98 43.50 1.51
N ILE F 60 12.58 43.47 0.23
CA ILE F 60 11.96 44.65 -0.37
C ILE F 60 10.65 45.00 0.32
N LEU F 61 9.84 43.98 0.62
CA LEU F 61 8.58 44.22 1.32
C LEU F 61 8.84 44.78 2.71
N ASP F 62 9.88 44.29 3.38
CA ASP F 62 10.23 44.83 4.69
C ASP F 62 10.60 46.30 4.61
N GLU F 63 11.51 46.66 3.70
CA GLU F 63 11.91 48.05 3.59
C GLU F 63 10.74 48.93 3.17
N PHE F 64 9.85 48.38 2.33
CA PHE F 64 8.68 49.14 1.89
C PHE F 64 7.72 49.39 3.05
N ILE F 65 7.47 48.38 3.88
CA ILE F 65 6.60 48.58 5.03
C ILE F 65 7.21 49.59 5.98
N HIS F 66 8.54 49.55 6.12
CA HIS F 66 9.21 50.56 6.95
C HIS F 66 8.97 51.97 6.39
N GLN F 67 9.20 52.14 5.09
CA GLN F 67 9.04 53.46 4.49
C GLN F 67 7.60 53.96 4.61
N VAL F 68 6.63 53.06 4.40
CA VAL F 68 5.23 53.46 4.50
C VAL F 68 4.88 53.84 5.93
N LYS F 69 5.34 53.04 6.90
CA LYS F 69 5.10 53.35 8.30
C LYS F 69 5.66 54.72 8.66
N LEU F 70 6.83 55.06 8.09
CA LEU F 70 7.44 56.34 8.36
C LEU F 70 6.57 57.46 7.78
N LEU F 71 6.19 57.35 6.52
CA LEU F 71 5.47 58.42 5.86
C LEU F 71 4.06 58.56 6.45
N PRO F 72 3.51 59.78 6.51
CA PRO F 72 2.12 59.94 6.93
C PRO F 72 1.18 59.45 5.85
N VAL F 73 0.20 58.64 6.24
CA VAL F 73 -0.71 57.99 5.32
C VAL F 73 -2.06 58.70 5.38
N ASN F 74 -2.59 59.08 4.22
CA ASN F 74 -3.90 59.71 4.12
C ASN F 74 -4.69 59.02 3.02
N GLU F 75 -5.93 59.47 2.84
CA GLU F 75 -6.79 58.86 1.83
C GLU F 75 -6.28 59.13 0.41
N GLU F 76 -5.52 60.21 0.23
CA GLU F 76 -5.04 60.56 -1.11
C GLU F 76 -4.04 59.56 -1.66
N ASN F 77 -3.07 59.12 -0.83
CA ASN F 77 -2.00 58.27 -1.31
C ASN F 77 -2.29 56.77 -1.17
N ARG F 78 -3.44 56.39 -0.62
CA ARG F 78 -3.75 54.97 -0.43
C ARG F 78 -3.75 54.15 -1.72
N PRO F 79 -4.39 54.57 -2.82
CA PRO F 79 -4.43 53.70 -4.00
C PRO F 79 -3.05 53.34 -4.54
N ILE F 80 -2.11 54.29 -4.53
CA ILE F 80 -0.79 54.02 -5.07
C ILE F 80 -0.06 52.98 -4.21
N LEU F 81 -0.16 53.13 -2.88
CA LEU F 81 0.44 52.14 -1.99
C LEU F 81 -0.19 50.77 -2.22
N VAL F 82 -1.51 50.73 -2.40
CA VAL F 82 -2.19 49.45 -2.60
C VAL F 82 -1.73 48.80 -3.90
N GLU F 83 -1.60 49.57 -4.98
CA GLU F 83 -1.17 48.96 -6.23
C GLU F 83 0.29 48.54 -6.18
N ILE F 84 1.12 49.27 -5.43
CA ILE F 84 2.50 48.83 -5.20
C ILE F 84 2.51 47.48 -4.48
N LEU F 85 1.67 47.36 -3.44
CA LEU F 85 1.55 46.09 -2.74
C LEU F 85 1.07 44.99 -3.66
N GLU F 86 0.14 45.31 -4.56
CA GLU F 86 -0.37 44.32 -5.49
C GLU F 86 0.72 43.87 -6.46
N ILE F 87 1.55 44.80 -6.93
CA ILE F 87 2.68 44.44 -7.79
C ILE F 87 3.61 43.48 -7.06
N ILE F 88 3.95 43.84 -5.82
CA ILE F 88 4.85 42.99 -5.03
C ILE F 88 4.26 41.60 -4.85
N ALA F 89 2.96 41.54 -4.52
CA ALA F 89 2.31 40.27 -4.26
C ALA F 89 2.25 39.40 -5.51
N ASN F 90 1.89 40.00 -6.65
CA ASN F 90 1.86 39.23 -7.89
C ASN F 90 3.23 38.69 -8.25
N THR F 91 4.26 39.53 -8.12
CA THR F 91 5.61 39.08 -8.45
C THR F 91 6.03 37.93 -7.54
N ALA F 92 5.78 38.07 -6.24
CA ALA F 92 6.18 37.02 -5.30
C ALA F 92 5.42 35.73 -5.55
N VAL F 93 4.11 35.83 -5.80
CA VAL F 93 3.29 34.64 -6.03
C VAL F 93 3.75 33.93 -7.30
N HIS F 94 3.99 34.71 -8.37
CA HIS F 94 4.42 34.10 -9.62
C HIS F 94 5.78 33.42 -9.46
N LYS F 95 6.70 34.07 -8.75
CA LYS F 95 8.02 33.48 -8.54
C LYS F 95 7.93 32.20 -7.71
N ALA F 96 7.07 32.20 -6.68
CA ALA F 96 6.89 31.01 -5.86
C ALA F 96 6.30 29.87 -6.68
N ARG F 97 5.31 30.18 -7.52
CA ARG F 97 4.74 29.19 -8.41
C ARG F 97 5.74 28.68 -9.44
N ASP F 98 6.75 29.48 -9.80
CA ASP F 98 7.65 29.14 -10.89
C ASP F 98 8.48 27.89 -10.63
N GLY F 99 8.34 27.24 -9.48
CA GLY F 99 8.99 25.96 -9.25
C GLY F 99 10.15 26.00 -8.29
N ALA F 100 10.08 25.18 -7.25
CA ALA F 100 11.11 25.04 -6.23
C ALA F 100 10.72 23.87 -5.34
N GLU F 101 11.54 23.62 -4.33
CA GLU F 101 11.20 22.62 -3.33
C GLU F 101 9.94 23.08 -2.62
N PRO F 102 8.87 22.28 -2.59
CA PRO F 102 7.58 22.79 -2.08
C PRO F 102 7.59 23.30 -0.65
N GLU F 103 8.30 22.63 0.26
CA GLU F 103 8.17 22.94 1.67
C GLU F 103 8.83 24.28 1.99
N PHE F 104 10.03 24.50 1.43
CA PHE F 104 10.70 25.79 1.57
C PHE F 104 9.83 26.90 1.01
N ALA F 105 9.19 26.65 -0.13
CA ALA F 105 8.29 27.64 -0.71
C ALA F 105 7.10 27.91 0.21
N LEU F 106 6.62 26.87 0.91
CA LEU F 106 5.52 27.05 1.85
C LEU F 106 5.91 27.98 2.99
N GLU F 107 7.09 27.77 3.60
CA GLU F 107 7.48 28.69 4.66
C GLU F 107 7.75 30.10 4.11
N LEU F 108 8.30 30.21 2.90
CA LEU F 108 8.49 31.53 2.32
C LEU F 108 7.15 32.23 2.12
N LEU F 109 6.14 31.49 1.65
CA LEU F 109 4.81 32.06 1.49
C LEU F 109 4.20 32.46 2.82
N LEU F 110 4.43 31.66 3.87
CA LEU F 110 3.92 32.03 5.19
C LEU F 110 4.55 33.31 5.68
N ARG F 111 5.86 33.46 5.52
CA ARG F 111 6.52 34.70 5.93
C ARG F 111 6.01 35.88 5.11
N LEU F 112 5.82 35.68 3.81
CA LEU F 112 5.26 36.73 2.96
C LEU F 112 3.86 37.11 3.44
N VAL F 113 3.06 36.12 3.83
CA VAL F 113 1.71 36.39 4.31
C VAL F 113 1.76 37.24 5.57
N GLU F 114 2.66 36.89 6.49
CA GLU F 114 2.77 37.66 7.73
C GLU F 114 3.19 39.10 7.44
N ARG F 115 4.22 39.28 6.61
CA ARG F 115 4.70 40.62 6.30
C ARG F 115 3.62 41.44 5.59
N PHE F 116 2.88 40.82 4.68
CA PHE F 116 1.86 41.56 3.93
C PHE F 116 0.65 41.84 4.81
N THR F 117 0.41 40.98 5.80
CA THR F 117 -0.60 41.28 6.83
C THR F 117 -0.21 42.53 7.60
N GLU F 118 1.04 42.62 8.02
CA GLU F 118 1.50 43.85 8.66
C GLU F 118 1.41 45.03 7.70
N ALA F 119 1.64 44.79 6.41
CA ALA F 119 1.55 45.86 5.42
C ALA F 119 0.13 46.42 5.33
N VAL F 120 -0.87 45.56 5.22
CA VAL F 120 -2.24 46.04 5.15
C VAL F 120 -2.65 46.69 6.46
N LYS F 121 -2.15 46.16 7.59
CA LYS F 121 -2.41 46.81 8.87
C LYS F 121 -1.87 48.24 8.88
N ALA F 122 -0.66 48.44 8.36
CA ALA F 122 -0.06 49.77 8.32
C ALA F 122 -0.80 50.67 7.35
N ILE F 123 -1.27 50.12 6.23
CA ILE F 123 -1.91 50.93 5.20
C ILE F 123 -3.18 51.60 5.73
N GLY F 124 -4.01 50.84 6.43
CA GLY F 124 -5.34 51.31 6.78
C GLY F 124 -6.37 50.87 5.78
N THR F 125 -7.60 51.33 6.00
CA THR F 125 -8.73 50.92 5.17
C THR F 125 -9.30 52.11 4.43
N SER F 126 -9.95 51.82 3.30
CA SER F 126 -10.40 52.86 2.37
C SER F 126 -11.53 52.34 1.49
N ASN F 127 -11.77 53.02 0.37
CA ASN F 127 -12.76 52.63 -0.62
C ASN F 127 -12.68 51.15 -0.97
N GLU F 128 -13.82 50.58 -1.36
CA GLU F 128 -13.96 49.13 -1.43
C GLU F 128 -13.04 48.48 -2.45
N GLU F 129 -12.69 49.20 -3.53
CA GLU F 129 -11.93 48.59 -4.61
C GLU F 129 -10.56 48.12 -4.13
N GLU F 130 -9.89 48.91 -3.30
CA GLU F 130 -8.61 48.49 -2.76
C GLU F 130 -8.76 47.26 -1.87
N GLU F 131 -9.86 47.17 -1.12
CA GLU F 131 -10.13 45.98 -0.33
C GLU F 131 -10.33 44.77 -1.24
N ASN F 132 -10.99 44.97 -2.38
CA ASN F 132 -11.13 43.88 -3.35
C ASN F 132 -9.76 43.43 -3.85
N LYS F 133 -8.88 44.38 -4.14
CA LYS F 133 -7.53 44.03 -4.59
C LYS F 133 -6.79 43.23 -3.54
N LEU F 134 -6.86 43.68 -2.28
CA LEU F 134 -6.20 42.94 -1.21
C LEU F 134 -6.78 41.54 -1.05
N LEU F 135 -8.11 41.42 -1.16
CA LEU F 135 -8.75 40.12 -1.01
C LEU F 135 -8.35 39.16 -2.13
N GLU F 136 -8.28 39.66 -3.37
CA GLU F 136 -7.90 38.76 -4.45
C GLU F 136 -6.42 38.42 -4.38
N ILE F 137 -5.61 39.33 -3.83
CA ILE F 137 -4.21 38.99 -3.56
C ILE F 137 -4.13 37.85 -2.56
N LEU F 138 -4.89 37.95 -1.47
CA LEU F 138 -4.96 36.88 -0.48
C LEU F 138 -5.39 35.57 -1.11
N GLU F 139 -6.40 35.64 -1.97
CA GLU F 139 -6.95 34.43 -2.57
C GLU F 139 -5.96 33.78 -3.53
N SER F 140 -5.26 34.58 -4.32
CA SER F 140 -4.22 34.04 -5.18
C SER F 140 -3.10 33.41 -4.36
N ILE F 141 -2.75 34.04 -3.23
CA ILE F 141 -1.75 33.46 -2.34
C ILE F 141 -2.21 32.09 -1.85
N ALA F 142 -3.48 32.00 -1.45
CA ALA F 142 -4.02 30.75 -0.96
C ALA F 142 -3.98 29.68 -2.03
N HIS F 143 -4.41 30.04 -3.25
CA HIS F 143 -4.39 29.07 -4.35
C HIS F 143 -2.98 28.59 -4.64
N THR F 144 -2.01 29.51 -4.65
CA THR F 144 -0.63 29.11 -4.92
C THR F 144 -0.11 28.19 -3.82
N ALA F 145 -0.43 28.48 -2.56
CA ALA F 145 0.05 27.66 -1.46
C ALA F 145 -0.57 26.26 -1.51
N ILE F 146 -1.87 26.19 -1.81
CA ILE F 146 -2.52 24.89 -1.97
C ILE F 146 -1.89 24.12 -3.12
N LEU F 147 -1.64 24.80 -4.23
CA LEU F 147 -1.04 24.15 -5.40
C LEU F 147 0.35 23.62 -5.08
N LEU F 148 1.13 24.38 -4.31
CA LEU F 148 2.45 23.93 -3.92
C LEU F 148 2.37 22.73 -2.97
N ALA F 149 1.45 22.78 -2.01
CA ALA F 149 1.32 21.68 -1.06
C ALA F 149 0.72 20.44 -1.71
N ARG F 150 0.19 20.58 -2.92
CA ARG F 150 -0.42 19.47 -3.65
C ARG F 150 0.47 18.24 -3.78
N THR F 151 1.78 18.41 -3.65
CA THR F 151 2.74 17.34 -3.95
C THR F 151 3.59 17.05 -2.71
N LEU F 152 2.94 16.95 -1.56
CA LEU F 152 3.63 16.59 -0.32
C LEU F 152 3.00 15.35 0.28
N THR F 153 3.66 14.80 1.29
CA THR F 153 3.09 13.70 2.05
C THR F 153 1.90 14.20 2.86
N PRO F 154 0.94 13.33 3.17
CA PRO F 154 -0.29 13.80 3.84
C PRO F 154 -0.06 14.55 5.14
N LEU F 155 0.87 14.08 5.97
CA LEU F 155 1.06 14.71 7.28
C LEU F 155 1.68 16.09 7.13
N GLU F 156 2.74 16.20 6.35
CA GLU F 156 3.32 17.49 6.12
C GLU F 156 2.23 18.38 5.58
N ALA F 157 1.62 17.95 4.48
CA ALA F 157 0.60 18.77 3.86
C ALA F 157 -0.39 19.30 4.90
N THR F 158 -0.78 18.45 5.84
CA THR F 158 -1.69 18.88 6.89
C THR F 158 -1.07 19.98 7.74
N ARG F 159 0.21 19.82 8.12
CA ARG F 159 0.89 20.85 8.91
C ARG F 159 0.93 22.17 8.16
N ALA F 160 1.32 22.13 6.89
CA ALA F 160 1.40 23.34 6.10
C ALA F 160 0.03 24.01 6.01
N LEU F 161 -1.01 23.21 5.77
CA LEU F 161 -2.34 23.78 5.60
C LEU F 161 -2.85 24.41 6.89
N ILE F 162 -2.61 23.77 8.04
CA ILE F 162 -3.13 24.33 9.28
C ILE F 162 -2.37 25.59 9.66
N ALA F 163 -1.04 25.60 9.48
CA ALA F 163 -0.28 26.83 9.74
C ALA F 163 -0.75 27.94 8.82
N LEU F 164 -1.01 27.62 7.55
CA LEU F 164 -1.42 28.61 6.59
C LEU F 164 -2.79 29.19 6.95
N VAL F 165 -3.70 28.34 7.40
CA VAL F 165 -5.04 28.83 7.76
C VAL F 165 -4.97 29.66 9.04
N VAL F 166 -4.03 29.34 9.93
CA VAL F 166 -3.81 30.20 11.10
C VAL F 166 -3.35 31.59 10.66
N ALA F 167 -2.43 31.62 9.69
CA ALA F 167 -1.97 32.90 9.15
C ALA F 167 -3.14 33.68 8.53
N PHE F 168 -4.00 33.00 7.79
CA PHE F 168 -5.15 33.70 7.21
C PHE F 168 -6.10 34.19 8.29
N THR F 169 -6.25 33.43 9.38
CA THR F 169 -7.09 33.89 10.48
C THR F 169 -6.53 35.18 11.07
N LYS F 170 -5.21 35.23 11.27
CA LYS F 170 -4.58 36.43 11.76
C LYS F 170 -4.84 37.62 10.82
N PHE F 171 -4.68 37.39 9.52
CA PHE F 171 -4.95 38.45 8.56
C PHE F 171 -6.39 38.93 8.67
N PHE F 172 -7.34 38.00 8.60
CA PHE F 172 -8.75 38.39 8.56
C PHE F 172 -9.16 39.09 9.85
N LEU F 173 -8.50 38.75 10.96
CA LEU F 173 -8.67 39.55 12.16
C LEU F 173 -8.13 40.96 11.95
N ALA F 174 -6.99 41.07 11.28
CA ALA F 174 -6.36 42.38 11.11
C ALA F 174 -7.18 43.30 10.20
N LEU F 175 -7.74 42.78 9.11
CA LEU F 175 -8.39 43.63 8.13
C LEU F 175 -9.70 44.20 8.67
N LYS F 176 -10.05 45.39 8.19
CA LYS F 176 -11.31 46.06 8.50
C LYS F 176 -12.06 46.30 7.19
N GLY F 177 -13.37 46.18 7.23
CA GLY F 177 -14.17 46.41 6.03
C GLY F 177 -15.60 45.96 6.24
N SER F 178 -16.32 45.82 5.13
CA SER F 178 -17.68 45.34 5.16
C SER F 178 -17.73 43.90 5.64
N PRO F 179 -18.69 43.55 6.51
CA PRO F 179 -18.71 42.17 7.04
C PRO F 179 -18.92 41.10 5.99
N GLU F 180 -19.85 41.31 5.05
CA GLU F 180 -20.26 40.23 4.16
C GLU F 180 -19.11 39.77 3.28
N LYS F 181 -18.32 40.71 2.76
CA LYS F 181 -17.21 40.35 1.88
C LYS F 181 -16.19 39.49 2.61
N ILE F 182 -15.80 39.90 3.82
CA ILE F 182 -14.79 39.15 4.57
C ILE F 182 -15.32 37.78 4.93
N ILE F 183 -16.55 37.71 5.41
CA ILE F 183 -17.11 36.41 5.83
C ILE F 183 -17.20 35.46 4.65
N SER F 184 -17.72 35.96 3.51
CA SER F 184 -17.86 35.11 2.34
C SER F 184 -16.49 34.66 1.81
N THR F 185 -15.52 35.57 1.78
CA THR F 185 -14.19 35.21 1.30
C THR F 185 -13.55 34.16 2.19
N PHE F 186 -13.65 34.32 3.50
CA PHE F 186 -13.08 33.32 4.40
C PHE F 186 -13.77 31.98 4.25
N GLU F 187 -15.10 31.99 4.12
CA GLU F 187 -15.83 30.73 3.96
C GLU F 187 -15.41 30.03 2.69
N SER F 188 -15.29 30.78 1.59
CA SER F 188 -14.86 30.18 0.32
C SER F 188 -13.45 29.62 0.43
N ILE F 189 -12.54 30.37 1.07
CA ILE F 189 -11.17 29.89 1.22
C ILE F 189 -11.16 28.60 2.03
N ALA F 190 -11.96 28.56 3.10
CA ALA F 190 -12.09 27.35 3.90
C ALA F 190 -12.59 26.19 3.07
N ARG F 191 -13.52 26.47 2.15
CA ARG F 191 -14.06 25.39 1.32
C ARG F 191 -13.02 24.84 0.36
N ASP F 192 -12.19 25.71 -0.23
CA ASP F 192 -11.08 25.22 -1.04
C ASP F 192 -10.12 24.37 -0.21
N ILE F 193 -9.79 24.83 1.00
CA ILE F 193 -8.90 24.07 1.88
C ILE F 193 -9.48 22.69 2.14
N LEU F 194 -10.78 22.64 2.47
CA LEU F 194 -11.43 21.38 2.80
C LEU F 194 -11.48 20.46 1.59
N THR F 195 -11.77 21.00 0.41
CA THR F 195 -11.83 20.19 -0.80
C THR F 195 -10.48 19.57 -1.09
N PHE F 196 -9.41 20.37 -0.98
CA PHE F 196 -8.08 19.81 -1.18
C PHE F 196 -7.76 18.75 -0.15
N ALA F 197 -8.13 18.97 1.11
CA ALA F 197 -7.85 17.97 2.14
C ALA F 197 -8.56 16.66 1.81
N GLU F 198 -9.81 16.75 1.38
CA GLU F 198 -10.57 15.55 1.02
C GLU F 198 -9.91 14.83 -0.13
N GLN F 199 -9.51 15.57 -1.18
CA GLN F 199 -8.87 14.94 -2.33
C GLN F 199 -7.57 14.27 -1.94
N LYS F 200 -6.74 14.94 -1.14
CA LYS F 200 -5.41 14.42 -0.85
C LYS F 200 -5.46 13.23 0.10
N LEU F 201 -6.34 13.27 1.10
CA LEU F 201 -6.34 12.22 2.12
C LEU F 201 -6.85 10.88 1.60
N ALA F 202 -7.18 10.79 0.30
CA ALA F 202 -7.73 9.55 -0.22
C ALA F 202 -6.72 8.41 -0.26
N THR F 203 -5.42 8.71 -0.27
CA THR F 203 -4.39 7.69 -0.42
C THR F 203 -3.89 7.12 0.90
N VAL F 204 -4.69 7.19 1.96
CA VAL F 204 -4.26 6.72 3.27
C VAL F 204 -5.34 5.82 3.82
N PRO F 205 -5.01 4.95 4.78
CA PRO F 205 -6.04 4.21 5.49
C PRO F 205 -7.00 5.15 6.19
N PRO F 206 -8.28 4.78 6.27
CA PRO F 206 -9.29 5.73 6.76
C PRO F 206 -9.10 6.20 8.19
N ALA F 207 -8.33 5.48 9.01
CA ALA F 207 -8.03 5.99 10.35
C ALA F 207 -7.23 7.28 10.29
N VAL F 208 -6.23 7.34 9.42
CA VAL F 208 -5.47 8.57 9.25
C VAL F 208 -6.35 9.65 8.63
N GLN F 209 -7.27 9.25 7.76
CA GLN F 209 -8.28 10.18 7.26
C GLN F 209 -9.01 10.84 8.41
N THR F 210 -9.53 10.02 9.34
CA THR F 210 -10.26 10.52 10.49
C THR F 210 -9.39 11.49 11.28
N VAL F 211 -8.18 11.06 11.61
CA VAL F 211 -7.28 11.87 12.44
C VAL F 211 -7.03 13.23 11.81
N LEU F 212 -6.43 13.24 10.62
CA LEU F 212 -6.02 14.48 9.99
C LEU F 212 -7.21 15.36 9.66
N LEU F 213 -8.28 14.77 9.11
CA LEU F 213 -9.45 15.54 8.77
C LEU F 213 -10.07 16.18 10.00
N SER F 214 -10.18 15.44 11.11
CA SER F 214 -10.74 16.02 12.33
C SER F 214 -9.91 17.19 12.81
N ALA F 215 -8.58 17.05 12.76
CA ALA F 215 -7.72 18.16 13.13
C ALA F 215 -8.01 19.39 12.27
N LEU F 216 -8.14 19.17 10.95
CA LEU F 216 -8.35 20.29 10.05
C LEU F 216 -9.70 20.97 10.28
N LEU F 217 -10.74 20.17 10.45
CA LEU F 217 -12.05 20.73 10.73
C LEU F 217 -12.04 21.53 12.03
N GLU F 218 -11.35 21.01 13.05
CA GLU F 218 -11.36 21.70 14.34
C GLU F 218 -10.65 23.04 14.23
N VAL F 219 -9.50 23.07 13.57
CA VAL F 219 -8.76 24.34 13.47
C VAL F 219 -9.52 25.34 12.61
N ILE F 220 -10.17 24.86 11.54
CA ILE F 220 -10.89 25.77 10.66
C ILE F 220 -12.14 26.31 11.37
N GLU F 221 -12.75 25.49 12.23
CA GLU F 221 -13.90 25.95 13.01
C GLU F 221 -13.47 26.97 14.03
N ASP F 222 -12.29 26.78 14.64
CA ASP F 222 -11.77 27.79 15.55
C ASP F 222 -11.56 29.12 14.83
N ALA F 223 -10.98 29.06 13.63
CA ALA F 223 -10.79 30.28 12.85
C ALA F 223 -12.13 30.95 12.56
N ARG F 224 -13.12 30.16 12.15
CA ARG F 224 -14.44 30.70 11.85
C ARG F 224 -15.06 31.36 13.06
N GLU F 225 -14.94 30.71 14.23
CA GLU F 225 -15.53 31.27 15.45
C GLU F 225 -14.85 32.58 15.82
N HIS F 226 -13.56 32.70 15.62
CA HIS F 226 -12.99 33.96 15.99
C HIS F 226 -13.50 35.00 15.02
N ILE F 227 -13.36 34.75 13.73
CA ILE F 227 -13.76 35.80 12.79
C ILE F 227 -15.19 36.24 13.06
N VAL F 228 -16.09 35.28 13.33
CA VAL F 228 -17.48 35.63 13.56
C VAL F 228 -17.64 36.46 14.83
N LYS F 229 -17.00 36.03 15.92
CA LYS F 229 -17.16 36.74 17.18
C LYS F 229 -16.56 38.13 17.11
N LYS F 230 -15.31 38.25 16.64
CA LYS F 230 -14.66 39.55 16.63
C LYS F 230 -15.30 40.48 15.62
N TYR F 231 -15.66 39.97 14.45
CA TYR F 231 -15.92 40.84 13.31
C TYR F 231 -17.41 40.98 13.01
N GLY F 232 -18.22 40.04 13.48
CA GLY F 232 -19.65 40.08 13.23
C GLY F 232 -20.34 41.26 13.89
N ASN G 25 23.55 16.59 -47.78
CA ASN G 25 22.38 17.44 -47.59
C ASN G 25 21.24 16.68 -46.90
N VAL G 26 20.00 17.13 -47.16
CA VAL G 26 18.84 16.51 -46.52
C VAL G 26 18.75 15.04 -46.90
N LEU G 27 19.07 14.71 -48.15
CA LEU G 27 19.00 13.34 -48.62
C LEU G 27 19.89 12.42 -47.77
N GLU G 28 21.10 12.87 -47.46
CA GLU G 28 22.03 12.04 -46.70
C GLU G 28 21.47 11.70 -45.34
N LYS G 29 21.00 12.71 -44.60
CA LYS G 29 20.47 12.46 -43.26
C LYS G 29 19.22 11.60 -43.32
N VAL G 30 18.35 11.85 -44.30
CA VAL G 30 17.12 11.06 -44.43
C VAL G 30 17.46 9.59 -44.69
N GLU G 31 18.44 9.35 -45.57
CA GLU G 31 18.82 7.97 -45.87
C GLU G 31 19.50 7.31 -44.68
N GLU G 32 20.29 8.07 -43.90
CA GLU G 32 20.87 7.51 -42.69
C GLU G 32 19.78 7.10 -41.70
N LEU G 33 18.77 7.95 -41.55
CA LEU G 33 17.63 7.61 -40.70
C LEU G 33 16.94 6.35 -41.21
N LYS G 34 16.77 6.26 -42.53
CA LYS G 34 16.19 5.08 -43.18
C LYS G 34 16.96 3.83 -42.78
N LYS G 35 18.29 3.86 -42.94
CA LYS G 35 19.11 2.68 -42.64
C LYS G 35 19.03 2.30 -41.16
N GLU G 36 19.12 3.29 -40.27
CA GLU G 36 19.08 2.99 -38.84
C GLU G 36 17.75 2.38 -38.45
N VAL G 37 16.64 3.00 -38.87
CA VAL G 37 15.32 2.49 -38.53
C VAL G 37 15.12 1.10 -39.12
N LYS G 38 15.58 0.89 -40.36
CA LYS G 38 15.44 -0.40 -41.00
C LYS G 38 16.18 -1.48 -40.22
N LYS G 39 17.42 -1.21 -39.82
CA LYS G 39 18.20 -2.19 -39.08
C LYS G 39 17.55 -2.52 -37.74
N LYS G 40 17.11 -1.49 -37.01
CA LYS G 40 16.47 -1.73 -35.72
C LYS G 40 15.19 -2.53 -35.89
N VAL G 41 14.41 -2.21 -36.92
CA VAL G 41 13.15 -2.91 -37.17
C VAL G 41 13.41 -4.38 -37.50
N GLU G 42 14.42 -4.65 -38.33
CA GLU G 42 14.78 -6.03 -38.62
C GLU G 42 15.15 -6.77 -37.34
N GLU G 43 16.03 -6.16 -36.54
CA GLU G 43 16.53 -6.83 -35.35
C GLU G 43 15.40 -7.14 -34.37
N VAL G 44 14.47 -6.19 -34.18
CA VAL G 44 13.38 -6.43 -33.24
C VAL G 44 12.39 -7.44 -33.80
N ALA G 45 12.16 -7.41 -35.12
CA ALA G 45 11.23 -8.32 -35.76
C ALA G 45 11.71 -9.75 -35.63
N LYS G 46 13.03 -9.96 -35.72
CA LYS G 46 13.60 -11.29 -35.56
C LYS G 46 13.28 -11.88 -34.19
N SER G 47 13.17 -11.02 -33.17
CA SER G 47 13.06 -11.48 -31.79
C SER G 47 11.72 -12.16 -31.48
N SER G 48 11.71 -12.97 -30.43
CA SER G 48 10.50 -13.61 -29.90
C SER G 48 9.84 -12.71 -28.86
N ASN G 49 8.91 -13.27 -28.08
CA ASN G 49 8.27 -12.57 -26.97
C ASN G 49 7.78 -11.17 -27.37
N VAL G 50 6.81 -11.16 -28.28
CA VAL G 50 6.31 -9.99 -29.00
C VAL G 50 6.06 -8.76 -28.12
N GLU G 51 5.81 -8.94 -26.83
CA GLU G 51 5.54 -7.78 -25.98
C GLU G 51 6.76 -6.86 -25.89
N ALA G 52 7.95 -7.44 -25.72
CA ALA G 52 9.17 -6.64 -25.72
C ALA G 52 9.41 -6.03 -27.09
N ALA G 53 9.03 -6.75 -28.14
CA ALA G 53 9.14 -6.21 -29.50
C ALA G 53 8.27 -4.97 -29.65
N LEU G 54 7.05 -5.00 -29.11
CA LEU G 54 6.17 -3.84 -29.16
C LEU G 54 6.74 -2.69 -28.36
N ILE G 55 7.31 -2.97 -27.19
CA ILE G 55 7.93 -1.91 -26.38
C ILE G 55 9.07 -1.27 -27.15
N LYS G 56 9.93 -2.10 -27.76
CA LYS G 56 11.06 -1.57 -28.52
C LYS G 56 10.59 -0.76 -29.72
N LEU G 57 9.54 -1.23 -30.40
CA LEU G 57 9.00 -0.48 -31.52
C LEU G 57 8.42 0.86 -31.09
N LEU G 58 7.77 0.89 -29.92
CA LEU G 58 7.28 2.16 -29.40
C LEU G 58 8.44 3.12 -29.15
N GLU G 59 9.52 2.61 -28.54
CA GLU G 59 10.67 3.46 -28.27
C GLU G 59 11.31 3.97 -29.57
N ILE G 60 11.43 3.08 -30.57
CA ILE G 60 12.00 3.47 -31.86
C ILE G 60 11.12 4.51 -32.53
N LEU G 61 9.80 4.34 -32.48
CA LEU G 61 8.89 5.31 -33.08
C LEU G 61 9.02 6.66 -32.39
N ASP G 62 9.14 6.66 -31.06
CA ASP G 62 9.34 7.92 -30.34
C ASP G 62 10.63 8.60 -30.78
N GLU G 63 11.73 7.84 -30.85
CA GLU G 63 13.01 8.44 -31.25
C GLU G 63 12.95 8.97 -32.68
N PHE G 64 12.29 8.23 -33.58
CA PHE G 64 12.14 8.68 -34.95
C PHE G 64 11.29 9.95 -35.03
N ILE G 65 10.25 10.03 -34.21
CA ILE G 65 9.44 11.24 -34.13
C ILE G 65 10.32 12.42 -33.72
N HIS G 66 11.15 12.21 -32.70
CA HIS G 66 12.04 13.27 -32.24
C HIS G 66 12.99 13.71 -33.35
N GLN G 67 13.60 12.74 -34.04
CA GLN G 67 14.56 13.06 -35.08
C GLN G 67 13.91 13.83 -36.22
N VAL G 68 12.70 13.42 -36.62
CA VAL G 68 11.99 14.12 -37.69
C VAL G 68 11.65 15.54 -37.23
N LYS G 69 11.18 15.69 -35.99
CA LYS G 69 10.81 17.00 -35.48
C LYS G 69 12.02 17.94 -35.50
N LEU G 70 13.20 17.43 -35.13
CA LEU G 70 14.41 18.24 -35.16
C LEU G 70 14.76 18.65 -36.58
N LEU G 71 14.66 17.72 -37.53
CA LEU G 71 15.05 18.01 -38.89
C LEU G 71 14.03 18.94 -39.55
N PRO G 72 14.46 19.80 -40.47
CA PRO G 72 13.48 20.59 -41.24
C PRO G 72 12.81 19.73 -42.28
N VAL G 73 11.49 19.82 -42.36
CA VAL G 73 10.68 18.98 -43.23
C VAL G 73 10.22 19.80 -44.43
N ASN G 74 10.41 19.26 -45.62
CA ASN G 74 9.97 19.89 -46.85
C ASN G 74 9.26 18.86 -47.71
N GLU G 75 8.76 19.31 -48.86
CA GLU G 75 8.04 18.41 -49.76
C GLU G 75 8.96 17.36 -50.36
N GLU G 76 10.27 17.64 -50.43
CA GLU G 76 11.21 16.70 -51.04
C GLU G 76 11.37 15.43 -50.22
N ASN G 77 11.51 15.55 -48.90
CA ASN G 77 11.81 14.41 -48.05
C ASN G 77 10.58 13.71 -47.50
N ARG G 78 9.38 14.20 -47.79
CA ARG G 78 8.16 13.60 -47.24
C ARG G 78 7.97 12.13 -47.62
N PRO G 79 8.10 11.71 -48.89
CA PRO G 79 7.81 10.30 -49.20
C PRO G 79 8.66 9.30 -48.43
N ILE G 80 9.95 9.63 -48.21
CA ILE G 80 10.82 8.69 -47.51
C ILE G 80 10.40 8.56 -46.05
N LEU G 81 10.06 9.67 -45.41
CA LEU G 81 9.56 9.62 -44.05
C LEU G 81 8.27 8.82 -43.98
N VAL G 82 7.40 9.01 -44.97
CA VAL G 82 6.13 8.29 -44.98
C VAL G 82 6.34 6.78 -45.12
N GLU G 83 7.27 6.38 -46.00
CA GLU G 83 7.50 4.94 -46.16
C GLU G 83 8.21 4.36 -44.94
N ILE G 84 9.05 5.14 -44.28
CA ILE G 84 9.64 4.69 -43.01
C ILE G 84 8.54 4.44 -41.98
N LEU G 85 7.60 5.38 -41.89
CA LEU G 85 6.46 5.21 -40.99
C LEU G 85 5.65 3.98 -41.36
N GLU G 86 5.47 3.74 -42.66
CA GLU G 86 4.72 2.58 -43.11
C GLU G 86 5.43 1.28 -42.72
N ILE G 87 6.75 1.24 -42.85
CA ILE G 87 7.51 0.07 -42.44
C ILE G 87 7.32 -0.19 -40.95
N ILE G 88 7.47 0.87 -40.15
CA ILE G 88 7.33 0.73 -38.70
C ILE G 88 5.92 0.23 -38.36
N ALA G 89 4.91 0.80 -39.02
CA ALA G 89 3.53 0.45 -38.72
C ALA G 89 3.23 -0.99 -39.10
N ASN G 90 3.67 -1.43 -40.27
CA ASN G 90 3.46 -2.82 -40.67
C ASN G 90 4.14 -3.77 -39.70
N THR G 91 5.38 -3.47 -39.32
CA THR G 91 6.09 -4.34 -38.38
C THR G 91 5.36 -4.42 -37.04
N ALA G 92 4.93 -3.26 -36.53
CA ALA G 92 4.25 -3.24 -35.24
C ALA G 92 2.92 -3.97 -35.29
N VAL G 93 2.15 -3.74 -36.36
CA VAL G 93 0.85 -4.40 -36.49
C VAL G 93 1.03 -5.91 -36.57
N HIS G 94 1.98 -6.36 -37.39
CA HIS G 94 2.19 -7.78 -37.55
C HIS G 94 2.63 -8.42 -36.24
N LYS G 95 3.58 -7.77 -35.54
CA LYS G 95 4.08 -8.31 -34.29
C LYS G 95 2.97 -8.38 -33.23
N ALA G 96 2.15 -7.34 -33.15
CA ALA G 96 1.05 -7.33 -32.21
C ALA G 96 0.05 -8.44 -32.53
N ARG G 97 -0.23 -8.63 -33.82
CA ARG G 97 -1.18 -9.65 -34.23
C ARG G 97 -0.63 -11.07 -34.07
N ASP G 98 0.70 -11.22 -34.00
CA ASP G 98 1.33 -12.54 -33.93
C ASP G 98 0.99 -13.31 -32.66
N GLY G 99 0.20 -12.75 -31.75
CA GLY G 99 -0.24 -13.52 -30.59
C GLY G 99 0.36 -13.10 -29.27
N ALA G 100 -0.52 -12.77 -28.32
CA ALA G 100 -0.16 -12.38 -26.96
C ALA G 100 -1.46 -12.30 -26.18
N GLU G 101 -1.36 -11.90 -24.92
CA GLU G 101 -2.56 -11.67 -24.14
C GLU G 101 -3.25 -10.46 -24.76
N PRO G 102 -4.51 -10.59 -25.18
CA PRO G 102 -5.11 -9.54 -26.04
C PRO G 102 -5.14 -8.15 -25.42
N GLU G 103 -5.38 -8.06 -24.11
CA GLU G 103 -5.66 -6.76 -23.50
C GLU G 103 -4.37 -5.93 -23.43
N PHE G 104 -3.27 -6.55 -23.01
CA PHE G 104 -1.98 -5.88 -22.98
C PHE G 104 -1.58 -5.38 -24.36
N ALA G 105 -1.64 -6.27 -25.36
CA ALA G 105 -1.32 -5.88 -26.73
C ALA G 105 -2.28 -4.79 -27.20
N LEU G 106 -3.48 -4.75 -26.65
CA LEU G 106 -4.44 -3.74 -27.07
C LEU G 106 -4.09 -2.36 -26.55
N GLU G 107 -3.68 -2.25 -25.27
CA GLU G 107 -3.12 -0.96 -24.85
C GLU G 107 -1.86 -0.62 -25.63
N LEU G 108 -1.06 -1.62 -25.97
CA LEU G 108 0.13 -1.33 -26.78
C LEU G 108 -0.28 -0.73 -28.13
N LEU G 109 -1.34 -1.28 -28.73
CA LEU G 109 -1.84 -0.73 -29.99
C LEU G 109 -2.37 0.68 -29.82
N LEU G 110 -3.06 0.95 -28.71
CA LEU G 110 -3.55 2.31 -28.48
C LEU G 110 -2.40 3.29 -28.34
N ARG G 111 -1.36 2.92 -27.60
CA ARG G 111 -0.20 3.80 -27.47
C ARG G 111 0.49 4.00 -28.82
N LEU G 112 0.58 2.93 -29.61
CA LEU G 112 1.14 3.07 -30.96
C LEU G 112 0.31 4.03 -31.80
N VAL G 113 -1.02 3.96 -31.66
CA VAL G 113 -1.90 4.86 -32.41
C VAL G 113 -1.63 6.30 -32.02
N GLU G 114 -1.51 6.56 -30.72
CA GLU G 114 -1.25 7.93 -30.26
C GLU G 114 0.09 8.43 -30.77
N ARG G 115 1.14 7.60 -30.65
CA ARG G 115 2.45 8.02 -31.11
C ARG G 115 2.46 8.27 -32.61
N PHE G 116 1.80 7.41 -33.38
CA PHE G 116 1.79 7.59 -34.82
C PHE G 116 0.94 8.80 -35.22
N THR G 117 -0.07 9.12 -34.41
CA THR G 117 -0.79 10.38 -34.61
C THR G 117 0.13 11.58 -34.43
N GLU G 118 0.94 11.55 -33.38
CA GLU G 118 1.93 12.61 -33.21
C GLU G 118 2.90 12.64 -34.39
N ALA G 119 3.27 11.46 -34.89
CA ALA G 119 4.19 11.38 -36.02
C ALA G 119 3.62 12.04 -37.26
N VAL G 120 2.37 11.71 -37.61
CA VAL G 120 1.77 12.29 -38.81
C VAL G 120 1.55 13.78 -38.63
N LYS G 121 1.23 14.21 -37.40
CA LYS G 121 1.14 15.63 -37.11
C LYS G 121 2.47 16.33 -37.41
N ALA G 122 3.57 15.70 -36.99
CA ALA G 122 4.89 16.27 -37.24
C ALA G 122 5.22 16.27 -38.73
N ILE G 123 4.80 15.23 -39.45
CA ILE G 123 5.20 15.06 -40.85
C ILE G 123 4.64 16.20 -41.71
N GLY G 124 3.37 16.53 -41.53
CA GLY G 124 2.68 17.39 -42.46
C GLY G 124 1.98 16.59 -43.54
N THR G 125 1.41 17.30 -44.50
CA THR G 125 0.61 16.69 -45.55
C THR G 125 1.17 17.02 -46.92
N SER G 126 0.85 16.16 -47.89
CA SER G 126 1.47 16.18 -49.20
C SER G 126 0.59 15.51 -50.24
N ASN G 127 1.18 15.11 -51.36
CA ASN G 127 0.51 14.37 -52.43
C ASN G 127 -0.38 13.26 -51.89
N GLU G 128 -1.49 12.99 -52.58
CA GLU G 128 -2.54 12.13 -52.04
C GLU G 128 -2.07 10.72 -51.76
N GLU G 129 -1.04 10.24 -52.46
CA GLU G 129 -0.61 8.86 -52.30
C GLU G 129 -0.13 8.57 -50.88
N GLU G 130 0.63 9.51 -50.31
CA GLU G 130 1.09 9.33 -48.93
C GLU G 130 -0.08 9.31 -47.95
N GLU G 131 -1.08 10.15 -48.19
CA GLU G 131 -2.28 10.12 -47.35
C GLU G 131 -3.00 8.79 -47.48
N ASN G 132 -3.02 8.22 -48.69
CA ASN G 132 -3.59 6.89 -48.87
C ASN G 132 -2.82 5.85 -48.08
N LYS G 133 -1.49 5.94 -48.09
CA LYS G 133 -0.67 5.01 -47.32
C LYS G 133 -0.98 5.12 -45.83
N LEU G 134 -1.09 6.36 -45.34
CA LEU G 134 -1.45 6.54 -43.93
C LEU G 134 -2.82 5.98 -43.62
N LEU G 135 -3.78 6.18 -44.53
CA LEU G 135 -5.13 5.68 -44.30
C LEU G 135 -5.18 4.16 -44.25
N GLU G 136 -4.46 3.49 -45.16
CA GLU G 136 -4.47 2.03 -45.13
C GLU G 136 -3.71 1.50 -43.92
N ILE G 137 -2.66 2.21 -43.49
CA ILE G 137 -2.00 1.87 -42.24
C ILE G 137 -2.99 1.93 -41.09
N LEU G 138 -3.75 3.03 -41.02
CA LEU G 138 -4.71 3.22 -39.95
C LEU G 138 -5.78 2.12 -39.98
N GLU G 139 -6.23 1.77 -41.19
CA GLU G 139 -7.24 0.74 -41.35
C GLU G 139 -6.73 -0.63 -40.92
N SER G 140 -5.48 -0.94 -41.25
CA SER G 140 -4.90 -2.21 -40.80
C SER G 140 -4.79 -2.23 -39.28
N ILE G 141 -4.45 -1.09 -38.68
CA ILE G 141 -4.42 -0.99 -37.22
C ILE G 141 -5.81 -1.29 -36.66
N ALA G 142 -6.84 -0.70 -37.27
CA ALA G 142 -8.20 -0.92 -36.80
C ALA G 142 -8.59 -2.38 -36.89
N HIS G 143 -8.30 -3.01 -38.03
CA HIS G 143 -8.62 -4.43 -38.20
C HIS G 143 -7.91 -5.29 -37.19
N THR G 144 -6.62 -5.02 -36.97
CA THR G 144 -5.85 -5.81 -36.01
C THR G 144 -6.40 -5.65 -34.59
N ALA G 145 -6.78 -4.44 -34.22
CA ALA G 145 -7.28 -4.21 -32.87
C ALA G 145 -8.65 -4.86 -32.67
N ILE G 146 -9.51 -4.79 -33.69
CA ILE G 146 -10.79 -5.51 -33.63
C ILE G 146 -10.54 -7.01 -33.51
N LEU G 147 -9.55 -7.51 -34.26
CA LEU G 147 -9.23 -8.94 -34.21
C LEU G 147 -8.77 -9.34 -32.82
N LEU G 148 -7.96 -8.50 -32.19
CA LEU G 148 -7.53 -8.78 -30.82
C LEU G 148 -8.70 -8.75 -29.86
N ALA G 149 -9.57 -7.74 -29.98
CA ALA G 149 -10.71 -7.62 -29.08
C ALA G 149 -11.74 -8.71 -29.32
N ARG G 150 -11.63 -9.43 -30.44
CA ARG G 150 -12.57 -10.48 -30.80
C ARG G 150 -12.74 -11.54 -29.71
N THR G 151 -11.76 -11.68 -28.82
CA THR G 151 -11.72 -12.78 -27.86
C THR G 151 -11.64 -12.22 -26.44
N LEU G 152 -12.50 -11.26 -26.13
CA LEU G 152 -12.59 -10.72 -24.77
C LEU G 152 -14.03 -10.79 -24.28
N THR G 153 -14.21 -10.49 -23.00
CA THR G 153 -15.53 -10.39 -22.44
C THR G 153 -16.26 -9.19 -23.04
N PRO G 154 -17.60 -9.23 -23.11
CA PRO G 154 -18.32 -8.12 -23.78
C PRO G 154 -18.03 -6.75 -23.19
N LEU G 155 -17.94 -6.63 -21.87
CA LEU G 155 -17.71 -5.32 -21.26
C LEU G 155 -16.30 -4.82 -21.56
N GLU G 156 -15.30 -5.69 -21.39
CA GLU G 156 -13.93 -5.31 -21.70
C GLU G 156 -13.77 -4.97 -23.17
N ALA G 157 -14.42 -5.76 -24.03
CA ALA G 157 -14.40 -5.47 -25.46
C ALA G 157 -15.00 -4.09 -25.74
N THR G 158 -16.11 -3.76 -25.07
CA THR G 158 -16.72 -2.46 -25.29
C THR G 158 -15.79 -1.33 -24.85
N ARG G 159 -15.15 -1.49 -23.69
CA ARG G 159 -14.17 -0.48 -23.24
C ARG G 159 -13.07 -0.29 -24.27
N ALA G 160 -12.52 -1.41 -24.75
CA ALA G 160 -11.46 -1.34 -25.74
C ALA G 160 -11.93 -0.61 -26.99
N LEU G 161 -13.14 -0.93 -27.45
CA LEU G 161 -13.64 -0.34 -28.69
C LEU G 161 -13.90 1.15 -28.54
N ILE G 162 -14.43 1.59 -27.39
CA ILE G 162 -14.69 3.02 -27.23
C ILE G 162 -13.38 3.79 -27.13
N ALA G 163 -12.40 3.25 -26.39
CA ALA G 163 -11.10 3.89 -26.35
C ALA G 163 -10.49 3.96 -27.75
N LEU G 164 -10.66 2.89 -28.52
CA LEU G 164 -10.15 2.85 -29.89
C LEU G 164 -10.78 3.94 -30.75
N VAL G 165 -12.11 4.10 -30.66
CA VAL G 165 -12.78 5.07 -31.50
C VAL G 165 -12.42 6.49 -31.08
N VAL G 166 -12.18 6.70 -29.79
CA VAL G 166 -11.73 8.01 -29.33
C VAL G 166 -10.37 8.34 -29.93
N ALA G 167 -9.45 7.37 -29.89
CA ALA G 167 -8.13 7.59 -30.48
C ALA G 167 -8.23 7.83 -31.99
N PHE G 168 -9.11 7.08 -32.66
CA PHE G 168 -9.28 7.25 -34.09
C PHE G 168 -9.83 8.63 -34.42
N THR G 169 -10.77 9.12 -33.61
CA THR G 169 -11.31 10.46 -33.80
C THR G 169 -10.22 11.50 -33.62
N LYS G 170 -9.36 11.32 -32.62
CA LYS G 170 -8.25 12.24 -32.44
C LYS G 170 -7.35 12.26 -33.67
N PHE G 171 -7.02 11.08 -34.20
CA PHE G 171 -6.17 11.03 -35.38
C PHE G 171 -6.83 11.72 -36.57
N PHE G 172 -8.11 11.42 -36.81
CA PHE G 172 -8.82 12.00 -37.95
C PHE G 172 -8.91 13.51 -37.83
N LEU G 173 -9.07 14.01 -36.60
CA LEU G 173 -9.01 15.45 -36.38
C LEU G 173 -7.62 15.98 -36.76
N ALA G 174 -6.58 15.23 -36.39
CA ALA G 174 -5.22 15.69 -36.67
C ALA G 174 -4.92 15.75 -38.17
N LEU G 175 -5.37 14.76 -38.94
CA LEU G 175 -4.97 14.65 -40.34
C LEU G 175 -5.58 15.77 -41.19
N LYS G 176 -4.87 16.13 -42.25
CA LYS G 176 -5.32 17.10 -43.24
C LYS G 176 -5.39 16.41 -44.59
N GLY G 177 -6.38 16.78 -45.40
CA GLY G 177 -6.49 16.22 -46.73
C GLY G 177 -7.85 16.50 -47.32
N SER G 178 -8.14 15.82 -48.42
CA SER G 178 -9.42 15.93 -49.09
C SER G 178 -10.55 15.45 -48.19
N PRO G 179 -11.67 16.16 -48.10
CA PRO G 179 -12.75 15.73 -47.20
C PRO G 179 -13.30 14.35 -47.50
N GLU G 180 -13.43 13.99 -48.78
CA GLU G 180 -14.16 12.76 -49.12
C GLU G 180 -13.45 11.53 -48.58
N LYS G 181 -12.13 11.47 -48.73
CA LYS G 181 -11.38 10.30 -48.28
C LYS G 181 -11.50 10.13 -46.77
N ILE G 182 -11.34 11.22 -46.03
CA ILE G 182 -11.40 11.14 -44.57
C ILE G 182 -12.80 10.70 -44.12
N ILE G 183 -13.84 11.33 -44.66
CA ILE G 183 -15.19 11.01 -44.24
C ILE G 183 -15.53 9.56 -44.57
N SER G 184 -15.21 9.14 -45.80
CA SER G 184 -15.52 7.77 -46.21
C SER G 184 -14.75 6.76 -45.37
N THR G 185 -13.47 7.01 -45.11
CA THR G 185 -12.67 6.08 -44.31
C THR G 185 -13.22 5.97 -42.91
N PHE G 186 -13.57 7.11 -42.29
CA PHE G 186 -14.11 7.06 -40.94
C PHE G 186 -15.44 6.32 -40.90
N GLU G 187 -16.30 6.56 -41.89
CA GLU G 187 -17.58 5.87 -41.93
C GLU G 187 -17.39 4.37 -42.09
N SER G 188 -16.45 3.97 -42.93
CA SER G 188 -16.16 2.54 -43.09
C SER G 188 -15.66 1.93 -41.79
N ILE G 189 -14.73 2.61 -41.13
CA ILE G 189 -14.24 2.11 -39.84
C ILE G 189 -15.40 1.96 -38.86
N ALA G 190 -16.28 2.95 -38.81
CA ALA G 190 -17.44 2.88 -37.93
C ALA G 190 -18.30 1.68 -38.29
N ARG G 191 -18.45 1.39 -39.59
CA ARG G 191 -19.25 0.25 -40.01
C ARG G 191 -18.66 -1.06 -39.50
N ASP G 192 -17.35 -1.23 -39.63
CA ASP G 192 -16.70 -2.43 -39.08
C ASP G 192 -16.87 -2.53 -37.57
N ILE G 193 -16.69 -1.40 -36.86
CA ILE G 193 -16.85 -1.42 -35.42
C ILE G 193 -18.26 -1.86 -35.03
N LEU G 194 -19.26 -1.29 -35.71
CA LEU G 194 -20.64 -1.63 -35.41
C LEU G 194 -20.95 -3.09 -35.72
N THR G 195 -20.45 -3.58 -36.86
CA THR G 195 -20.69 -4.97 -37.23
C THR G 195 -20.09 -5.91 -36.19
N PHE G 196 -18.86 -5.64 -35.77
CA PHE G 196 -18.24 -6.51 -34.77
C PHE G 196 -18.99 -6.44 -33.43
N ALA G 197 -19.45 -5.25 -33.05
CA ALA G 197 -20.23 -5.13 -31.83
C ALA G 197 -21.50 -5.96 -31.92
N GLU G 198 -22.18 -5.90 -33.07
CA GLU G 198 -23.41 -6.67 -33.26
C GLU G 198 -23.13 -8.16 -33.16
N GLN G 199 -22.03 -8.63 -33.76
CA GLN G 199 -21.68 -10.03 -33.63
C GLN G 199 -21.40 -10.42 -32.18
N LYS G 200 -20.62 -9.60 -31.47
CA LYS G 200 -20.13 -10.00 -30.15
C LYS G 200 -21.24 -9.97 -29.11
N LEU G 201 -22.06 -8.93 -29.10
CA LEU G 201 -23.05 -8.78 -28.03
C LEU G 201 -24.17 -9.82 -28.13
N ALA G 202 -24.09 -10.76 -29.07
CA ALA G 202 -25.16 -11.75 -29.22
C ALA G 202 -25.23 -12.72 -28.06
N THR G 203 -24.14 -12.90 -27.31
CA THR G 203 -24.09 -13.90 -26.25
C THR G 203 -24.48 -13.35 -24.88
N VAL G 204 -25.24 -12.25 -24.83
CA VAL G 204 -25.64 -11.66 -23.56
C VAL G 204 -27.15 -11.46 -23.61
N PRO G 205 -27.78 -11.34 -22.44
CA PRO G 205 -29.20 -10.96 -22.40
C PRO G 205 -29.40 -9.62 -23.09
N PRO G 206 -30.52 -9.45 -23.79
CA PRO G 206 -30.67 -8.25 -24.64
C PRO G 206 -30.69 -6.93 -23.87
N ALA G 207 -30.92 -6.94 -22.56
CA ALA G 207 -30.74 -5.71 -21.79
C ALA G 207 -29.28 -5.26 -21.82
N VAL G 208 -28.35 -6.20 -21.66
CA VAL G 208 -26.94 -5.87 -21.80
C VAL G 208 -26.64 -5.40 -23.21
N GLN G 209 -27.28 -6.02 -24.20
CA GLN G 209 -27.20 -5.53 -25.57
C GLN G 209 -27.58 -4.06 -25.65
N THR G 210 -28.74 -3.70 -25.08
CA THR G 210 -29.22 -2.33 -25.11
C THR G 210 -28.19 -1.41 -24.50
N VAL G 211 -27.73 -1.74 -23.30
CA VAL G 211 -26.78 -0.89 -22.57
C VAL G 211 -25.53 -0.65 -23.41
N LEU G 212 -24.79 -1.73 -23.72
CA LEU G 212 -23.49 -1.57 -24.34
C LEU G 212 -23.60 -1.02 -25.75
N LEU G 213 -24.60 -1.49 -26.51
CA LEU G 213 -24.79 -1.00 -27.86
C LEU G 213 -25.12 0.49 -27.86
N SER G 214 -25.97 0.93 -26.93
CA SER G 214 -26.30 2.35 -26.85
C SER G 214 -25.05 3.17 -26.56
N ALA G 215 -24.21 2.69 -25.65
CA ALA G 215 -22.96 3.39 -25.38
C ALA G 215 -22.13 3.52 -26.66
N LEU G 216 -21.98 2.41 -27.39
CA LEU G 216 -21.13 2.41 -28.58
C LEU G 216 -21.67 3.35 -29.66
N LEU G 217 -22.97 3.27 -29.94
CA LEU G 217 -23.56 4.20 -30.91
C LEU G 217 -23.41 5.65 -30.48
N GLU G 218 -23.60 5.95 -29.20
CA GLU G 218 -23.56 7.34 -28.81
C GLU G 218 -22.14 7.89 -28.97
N VAL G 219 -21.14 7.10 -28.58
CA VAL G 219 -19.76 7.58 -28.70
C VAL G 219 -19.37 7.70 -30.16
N ILE G 220 -19.83 6.77 -31.01
CA ILE G 220 -19.48 6.81 -32.41
C ILE G 220 -20.16 8.00 -33.09
N GLU G 221 -21.36 8.34 -32.64
CA GLU G 221 -22.08 9.49 -33.19
C GLU G 221 -21.39 10.79 -32.78
N ASP G 222 -20.92 10.86 -31.53
CA ASP G 222 -20.16 12.04 -31.11
C ASP G 222 -18.90 12.21 -31.96
N ALA G 223 -18.19 11.11 -32.21
CA ALA G 223 -17.00 11.17 -33.05
C ALA G 223 -17.35 11.67 -34.45
N ARG G 224 -18.41 11.10 -35.04
CA ARG G 224 -18.83 11.50 -36.38
C ARG G 224 -19.19 12.98 -36.41
N GLU G 225 -19.89 13.45 -35.38
CA GLU G 225 -20.35 14.83 -35.37
C GLU G 225 -19.18 15.79 -35.25
N HIS G 226 -18.17 15.42 -34.43
CA HIS G 226 -16.97 16.23 -34.34
C HIS G 226 -16.25 16.32 -35.68
N ILE G 227 -16.09 15.18 -36.36
CA ILE G 227 -15.42 15.19 -37.66
C ILE G 227 -16.21 16.06 -38.64
N VAL G 228 -17.54 15.99 -38.58
CA VAL G 228 -18.36 16.77 -39.50
C VAL G 228 -18.19 18.27 -39.23
N LYS G 229 -18.26 18.67 -37.95
CA LYS G 229 -18.07 20.09 -37.64
C LYS G 229 -16.71 20.58 -38.09
N LYS G 230 -15.65 19.89 -37.66
CA LYS G 230 -14.30 20.38 -37.89
C LYS G 230 -13.94 20.37 -39.37
N TYR G 231 -14.25 19.27 -40.07
CA TYR G 231 -13.54 18.97 -41.29
C TYR G 231 -14.40 19.17 -42.54
N GLY G 232 -15.69 19.44 -42.35
CA GLY G 232 -16.59 19.66 -43.47
C GLY G 232 -16.42 21.01 -44.11
N ASN H 25 -10.13 43.58 54.49
CA ASN H 25 -9.82 42.27 55.06
C ASN H 25 -9.44 41.27 53.96
N VAL H 26 -9.71 40.00 54.21
CA VAL H 26 -9.40 38.95 53.23
C VAL H 26 -10.16 39.20 51.93
N LEU H 27 -11.43 39.59 52.05
CA LEU H 27 -12.24 39.84 50.87
C LEU H 27 -11.62 40.91 49.98
N GLU H 28 -11.15 42.00 50.57
CA GLU H 28 -10.56 43.08 49.79
C GLU H 28 -9.34 42.61 49.01
N LYS H 29 -8.43 41.91 49.68
CA LYS H 29 -7.22 41.45 49.01
C LYS H 29 -7.55 40.44 47.92
N VAL H 30 -8.49 39.53 48.18
CA VAL H 30 -8.87 38.53 47.18
C VAL H 30 -9.47 39.20 45.96
N GLU H 31 -10.34 40.20 46.19
CA GLU H 31 -10.94 40.91 45.06
C GLU H 31 -9.91 41.72 44.29
N GLU H 32 -8.92 42.31 44.98
CA GLU H 32 -7.85 43.01 44.27
C GLU H 32 -7.06 42.04 43.39
N LEU H 33 -6.77 40.86 43.92
CA LEU H 33 -6.10 39.83 43.12
C LEU H 33 -6.94 39.46 41.91
N LYS H 34 -8.25 39.30 42.12
CA LYS H 34 -9.20 39.03 41.05
C LYS H 34 -9.08 40.08 39.95
N LYS H 35 -9.15 41.36 40.33
CA LYS H 35 -9.09 42.43 39.35
C LYS H 35 -7.77 42.44 38.59
N GLU H 36 -6.65 42.33 39.31
CA GLU H 36 -5.35 42.38 38.65
C GLU H 36 -5.20 41.22 37.66
N VAL H 37 -5.52 40.01 38.10
CA VAL H 37 -5.41 38.84 37.22
C VAL H 37 -6.35 38.99 36.04
N LYS H 38 -7.53 39.55 36.26
CA LYS H 38 -8.49 39.74 35.18
C LYS H 38 -7.94 40.67 34.11
N LYS H 39 -7.38 41.82 34.54
CA LYS H 39 -6.81 42.76 33.58
C LYS H 39 -5.65 42.14 32.81
N LYS H 40 -4.76 41.44 33.52
CA LYS H 40 -3.62 40.83 32.83
C LYS H 40 -4.09 39.77 31.83
N VAL H 41 -5.09 38.98 32.23
CA VAL H 41 -5.60 37.93 31.35
C VAL H 41 -6.24 38.54 30.11
N GLU H 42 -7.02 39.60 30.28
CA GLU H 42 -7.62 40.28 29.13
C GLU H 42 -6.52 40.78 28.19
N GLU H 43 -5.51 41.44 28.76
CA GLU H 43 -4.46 42.04 27.94
C GLU H 43 -3.72 40.95 27.15
N VAL H 44 -3.37 39.86 27.82
CA VAL H 44 -2.61 38.81 27.13
C VAL H 44 -3.48 38.12 26.09
N ALA H 45 -4.77 37.95 26.38
CA ALA H 45 -5.69 37.30 25.45
C ALA H 45 -5.86 38.13 24.18
N LYS H 46 -5.92 39.45 24.33
CA LYS H 46 -6.09 40.32 23.17
C LYS H 46 -4.95 40.16 22.17
N SER H 47 -3.76 39.84 22.67
CA SER H 47 -2.55 39.88 21.85
C SER H 47 -2.48 38.78 20.81
N SER H 48 -1.57 38.96 19.83
CA SER H 48 -1.26 37.99 18.79
C SER H 48 -0.15 37.06 19.26
N ASN H 49 0.51 36.38 18.32
CA ASN H 49 1.68 35.52 18.52
C ASN H 49 1.56 34.69 19.79
N VAL H 50 0.64 33.73 19.77
CA VAL H 50 0.18 32.96 20.92
C VAL H 50 1.28 32.42 21.83
N GLU H 51 2.50 32.22 21.30
CA GLU H 51 3.56 31.68 22.16
C GLU H 51 3.97 32.70 23.22
N ALA H 52 4.09 33.97 22.83
CA ALA H 52 4.36 35.01 23.81
C ALA H 52 3.23 35.11 24.82
N ALA H 53 1.99 34.93 24.36
CA ALA H 53 0.85 34.91 25.26
C ALA H 53 0.96 33.77 26.26
N LEU H 54 1.41 32.60 25.79
CA LEU H 54 1.58 31.47 26.69
C LEU H 54 2.63 31.75 27.75
N ILE H 55 3.76 32.35 27.35
CA ILE H 55 4.79 32.67 28.32
C ILE H 55 4.27 33.68 29.34
N LYS H 56 3.57 34.71 28.87
CA LYS H 56 3.03 35.72 29.78
C LYS H 56 2.03 35.10 30.74
N LEU H 57 1.17 34.21 30.24
CA LEU H 57 0.19 33.56 31.10
C LEU H 57 0.87 32.65 32.11
N LEU H 58 1.94 31.97 31.73
CA LEU H 58 2.69 31.16 32.69
C LEU H 58 3.27 32.04 33.79
N GLU H 59 3.83 33.20 33.43
CA GLU H 59 4.39 34.08 34.44
C GLU H 59 3.30 34.64 35.35
N ILE H 60 2.13 34.96 34.77
CA ILE H 60 1.00 35.40 35.59
C ILE H 60 0.57 34.31 36.56
N LEU H 61 0.51 33.06 36.09
CA LEU H 61 0.14 31.97 36.96
C LEU H 61 1.15 31.79 38.08
N ASP H 62 2.43 31.98 37.76
CA ASP H 62 3.47 31.87 38.79
C ASP H 62 3.32 32.95 39.86
N GLU H 63 3.18 34.21 39.43
CA GLU H 63 3.03 35.28 40.42
C GLU H 63 1.75 35.10 41.23
N PHE H 64 0.69 34.59 40.61
CA PHE H 64 -0.54 34.31 41.33
C PHE H 64 -0.35 33.19 42.35
N ILE H 65 0.41 32.15 41.98
CA ILE H 65 0.68 31.07 42.93
C ILE H 65 1.43 31.61 44.14
N HIS H 66 2.37 32.52 43.88
CA HIS H 66 3.13 33.13 44.98
C HIS H 66 2.22 33.96 45.88
N GLN H 67 1.38 34.79 45.28
CA GLN H 67 0.50 35.65 46.06
C GLN H 67 -0.46 34.81 46.90
N VAL H 68 -1.00 33.74 46.32
CA VAL H 68 -1.89 32.85 47.07
C VAL H 68 -1.14 32.20 48.22
N LYS H 69 0.10 31.75 47.96
CA LYS H 69 0.88 31.10 49.00
C LYS H 69 1.12 32.05 50.18
N LEU H 70 1.40 33.32 49.88
CA LEU H 70 1.60 34.30 50.95
C LEU H 70 0.32 34.52 51.76
N LEU H 71 -0.80 34.67 51.09
CA LEU H 71 -2.05 34.96 51.80
C LEU H 71 -2.51 33.73 52.59
N PRO H 72 -3.13 33.93 53.76
CA PRO H 72 -3.72 32.79 54.47
C PRO H 72 -5.00 32.31 53.77
N VAL H 73 -5.07 31.02 53.53
CA VAL H 73 -6.18 30.42 52.78
C VAL H 73 -7.16 29.79 53.75
N ASN H 74 -8.44 30.12 53.60
CA ASN H 74 -9.49 29.54 54.41
C ASN H 74 -10.63 29.09 53.50
N GLU H 75 -11.66 28.51 54.11
CA GLU H 75 -12.80 28.02 53.34
C GLU H 75 -13.58 29.17 52.70
N GLU H 76 -13.50 30.37 53.28
CA GLU H 76 -14.27 31.50 52.77
C GLU H 76 -13.78 31.95 51.40
N ASN H 77 -12.46 32.05 51.20
CA ASN H 77 -11.91 32.61 49.97
C ASN H 77 -11.61 31.58 48.90
N ARG H 78 -11.85 30.30 49.17
CA ARG H 78 -11.55 29.25 48.19
C ARG H 78 -12.29 29.42 46.86
N PRO H 79 -13.61 29.66 46.82
CA PRO H 79 -14.28 29.72 45.51
C PRO H 79 -13.72 30.79 44.58
N ILE H 80 -13.35 31.95 45.12
CA ILE H 80 -12.85 33.02 44.27
C ILE H 80 -11.50 32.64 43.67
N LEU H 81 -10.63 32.05 44.49
CA LEU H 81 -9.35 31.57 43.96
C LEU H 81 -9.56 30.51 42.89
N VAL H 82 -10.52 29.61 43.12
CA VAL H 82 -10.78 28.55 42.16
C VAL H 82 -11.28 29.13 40.83
N GLU H 83 -12.17 30.12 40.89
CA GLU H 83 -12.68 30.67 39.63
C GLU H 83 -11.61 31.51 38.94
N ILE H 84 -10.72 32.15 39.69
CA ILE H 84 -9.58 32.83 39.06
C ILE H 84 -8.72 31.82 38.33
N LEU H 85 -8.43 30.69 38.98
CA LEU H 85 -7.67 29.63 38.33
C LEU H 85 -8.38 29.12 37.08
N GLU H 86 -9.71 29.00 37.14
CA GLU H 86 -10.47 28.54 35.99
C GLU H 86 -10.37 29.54 34.85
N ILE H 87 -10.44 30.83 35.15
CA ILE H 87 -10.29 31.87 34.11
C ILE H 87 -8.93 31.74 33.44
N ILE H 88 -7.88 31.62 34.25
CA ILE H 88 -6.54 31.50 33.71
C ILE H 88 -6.42 30.26 32.83
N ALA H 89 -6.96 29.14 33.32
CA ALA H 89 -6.87 27.88 32.59
C ALA H 89 -7.60 27.94 31.26
N ASN H 90 -8.82 28.50 31.25
CA ASN H 90 -9.57 28.61 30.00
C ASN H 90 -8.84 29.51 29.01
N THR H 91 -8.32 30.64 29.48
CA THR H 91 -7.62 31.56 28.58
C THR H 91 -6.39 30.87 27.99
N ALA H 92 -5.61 30.21 28.83
CA ALA H 92 -4.39 29.57 28.35
C ALA H 92 -4.70 28.42 27.39
N VAL H 93 -5.71 27.62 27.71
CA VAL H 93 -6.08 26.50 26.86
C VAL H 93 -6.55 27.01 25.50
N HIS H 94 -7.39 28.05 25.50
CA HIS H 94 -7.87 28.60 24.23
C HIS H 94 -6.72 29.17 23.41
N LYS H 95 -5.80 29.88 24.07
CA LYS H 95 -4.66 30.46 23.35
C LYS H 95 -3.78 29.38 22.75
N ALA H 96 -3.52 28.31 23.51
CA ALA H 96 -2.71 27.21 23.01
C ALA H 96 -3.40 26.53 21.83
N ARG H 97 -4.71 26.30 21.94
CA ARG H 97 -5.48 25.71 20.87
C ARG H 97 -5.57 26.61 19.64
N ASP H 98 -5.36 27.91 19.80
CA ASP H 98 -5.52 28.87 18.70
C ASP H 98 -4.50 28.68 17.58
N GLY H 99 -3.61 27.71 17.67
CA GLY H 99 -2.71 27.41 16.58
C GLY H 99 -1.28 27.87 16.77
N ALA H 100 -0.35 26.92 16.68
CA ALA H 100 1.08 27.18 16.82
C ALA H 100 1.80 25.88 16.43
N GLU H 101 3.13 25.92 16.52
CA GLU H 101 3.91 24.71 16.28
C GLU H 101 3.59 23.71 17.38
N PRO H 102 3.17 22.49 17.03
CA PRO H 102 2.64 21.57 18.05
C PRO H 102 3.58 21.24 19.20
N GLU H 103 4.89 21.06 18.92
CA GLU H 103 5.80 20.60 19.97
C GLU H 103 6.00 21.69 21.03
N PHE H 104 6.16 22.94 20.57
CA PHE H 104 6.26 24.07 21.46
C PHE H 104 5.04 24.18 22.35
N ALA H 105 3.85 24.12 21.76
CA ALA H 105 2.62 24.20 22.54
C ALA H 105 2.51 23.02 23.50
N LEU H 106 3.04 21.86 23.10
CA LEU H 106 3.00 20.70 23.99
C LEU H 106 3.83 20.93 25.24
N GLU H 107 5.07 21.40 25.10
CA GLU H 107 5.86 21.66 26.30
C GLU H 107 5.27 22.80 27.13
N LEU H 108 4.73 23.82 26.47
CA LEU H 108 4.06 24.88 27.21
C LEU H 108 2.89 24.33 28.02
N LEU H 109 2.13 23.42 27.44
CA LEU H 109 1.00 22.82 28.15
C LEU H 109 1.48 21.95 29.30
N LEU H 110 2.60 21.25 29.12
CA LEU H 110 3.14 20.45 30.23
C LEU H 110 3.56 21.33 31.39
N ARG H 111 4.23 22.45 31.10
CA ARG H 111 4.60 23.38 32.16
C ARG H 111 3.36 23.97 32.82
N LEU H 112 2.34 24.27 32.02
CA LEU H 112 1.07 24.74 32.57
C LEU H 112 0.49 23.71 33.52
N VAL H 113 0.55 22.43 33.14
CA VAL H 113 0.00 21.36 33.98
C VAL H 113 0.76 21.30 35.30
N GLU H 114 2.10 21.40 35.24
CA GLU H 114 2.87 21.35 36.48
C GLU H 114 2.56 22.54 37.38
N ARG H 115 2.46 23.74 36.80
CA ARG H 115 2.14 24.92 37.59
C ARG H 115 0.73 24.81 38.18
N PHE H 116 -0.20 24.25 37.41
CA PHE H 116 -1.56 24.07 37.91
C PHE H 116 -1.60 23.04 39.04
N THR H 117 -0.75 22.01 38.96
CA THR H 117 -0.62 21.07 40.06
C THR H 117 -0.15 21.77 41.33
N GLU H 118 0.87 22.62 41.18
CA GLU H 118 1.31 23.43 42.32
C GLU H 118 0.17 24.30 42.84
N ALA H 119 -0.63 24.85 41.93
CA ALA H 119 -1.71 25.75 42.33
C ALA H 119 -2.77 25.01 43.14
N VAL H 120 -3.20 23.84 42.67
CA VAL H 120 -4.23 23.10 43.39
C VAL H 120 -3.67 22.60 44.72
N LYS H 121 -2.38 22.25 44.75
CA LYS H 121 -1.76 21.86 46.02
C LYS H 121 -1.80 23.02 47.01
N ALA H 122 -1.50 24.23 46.54
CA ALA H 122 -1.49 25.39 47.42
C ALA H 122 -2.91 25.75 47.87
N ILE H 123 -3.88 25.62 46.99
CA ILE H 123 -5.25 26.05 47.28
C ILE H 123 -5.84 25.27 48.44
N GLY H 124 -5.67 23.95 48.43
CA GLY H 124 -6.39 23.09 49.33
C GLY H 124 -7.68 22.58 48.70
N THR H 125 -8.46 21.88 49.51
CA THR H 125 -9.66 21.21 49.03
C THR H 125 -10.89 21.69 49.79
N SER H 126 -12.03 21.56 49.14
CA SER H 126 -13.28 22.16 49.62
C SER H 126 -14.49 21.43 49.05
N ASN H 127 -15.64 22.09 49.09
CA ASN H 127 -16.89 21.58 48.52
C ASN H 127 -16.71 21.02 47.11
N GLU H 128 -17.55 20.05 46.75
CA GLU H 128 -17.29 19.24 45.56
C GLU H 128 -17.32 20.04 44.27
N GLU H 129 -18.05 21.16 44.24
CA GLU H 129 -18.21 21.91 42.99
C GLU H 129 -16.88 22.44 42.49
N GLU H 130 -16.05 22.95 43.38
CA GLU H 130 -14.74 23.44 42.98
C GLU H 130 -13.87 22.30 42.46
N GLU H 131 -13.97 21.11 43.07
CA GLU H 131 -13.26 19.95 42.56
C GLU H 131 -13.74 19.58 41.17
N ASN H 132 -15.05 19.70 40.93
CA ASN H 132 -15.58 19.48 39.58
C ASN H 132 -14.99 20.46 38.59
N LYS H 133 -14.89 21.73 38.99
CA LYS H 133 -14.29 22.73 38.11
C LYS H 133 -12.84 22.39 37.79
N LEU H 134 -12.09 21.98 38.80
CA LEU H 134 -10.70 21.60 38.58
C LEU H 134 -10.59 20.39 37.66
N LEU H 135 -11.46 19.40 37.86
CA LEU H 135 -11.43 18.20 37.02
C LEU H 135 -11.77 18.53 35.58
N GLU H 136 -12.75 19.40 35.35
CA GLU H 136 -13.10 19.75 33.99
C GLU H 136 -12.00 20.60 33.34
N ILE H 137 -11.31 21.42 34.14
CA ILE H 137 -10.12 22.11 33.64
C ILE H 137 -9.08 21.10 33.18
N LEU H 138 -8.81 20.12 34.02
CA LEU H 138 -7.87 19.04 33.67
C LEU H 138 -8.29 18.35 32.38
N GLU H 139 -9.57 18.05 32.25
CA GLU H 139 -10.06 17.30 31.09
C GLU H 139 -9.97 18.13 29.82
N SER H 140 -10.27 19.42 29.90
CA SER H 140 -10.09 20.31 28.75
C SER H 140 -8.63 20.40 28.36
N ILE H 141 -7.74 20.45 29.35
CA ILE H 141 -6.31 20.45 29.05
C ILE H 141 -5.92 19.17 28.30
N ALA H 142 -6.43 18.03 28.78
CA ALA H 142 -6.13 16.76 28.13
C ALA H 142 -6.63 16.75 26.69
N HIS H 143 -7.86 17.21 26.47
CA HIS H 143 -8.41 17.23 25.12
C HIS H 143 -7.61 18.14 24.21
N THR H 144 -7.22 19.32 24.70
CA THR H 144 -6.45 20.25 23.89
C THR H 144 -5.09 19.67 23.54
N ALA H 145 -4.44 19.02 24.50
CA ALA H 145 -3.12 18.45 24.24
C ALA H 145 -3.20 17.30 23.25
N ILE H 146 -4.22 16.44 23.38
CA ILE H 146 -4.42 15.38 22.40
C ILE H 146 -4.69 15.98 21.02
N LEU H 147 -5.50 17.02 20.96
CA LEU H 147 -5.81 17.67 19.69
C LEU H 147 -4.54 18.24 19.04
N LEU H 148 -3.66 18.81 19.86
CA LEU H 148 -2.41 19.36 19.33
C LEU H 148 -1.48 18.25 18.85
N ALA H 149 -1.37 17.17 19.63
CA ALA H 149 -0.49 16.06 19.25
C ALA H 149 -1.04 15.30 18.07
N ARG H 150 -2.31 15.54 17.70
CA ARG H 150 -2.95 14.88 16.57
C ARG H 150 -2.14 14.94 15.28
N THR H 151 -1.23 15.90 15.14
CA THR H 151 -0.56 16.17 13.88
C THR H 151 0.96 16.10 14.07
N LEU H 152 1.42 15.04 14.72
CA LEU H 152 2.86 14.81 14.87
C LEU H 152 3.22 13.44 14.32
N THR H 153 4.52 13.18 14.26
CA THR H 153 5.00 11.86 13.90
C THR H 153 4.65 10.86 14.99
N PRO H 154 4.49 9.58 14.65
CA PRO H 154 4.07 8.60 15.67
C PRO H 154 4.99 8.55 16.88
N LEU H 155 6.31 8.62 16.68
CA LEU H 155 7.23 8.55 17.81
C LEU H 155 7.15 9.79 18.68
N GLU H 156 7.13 10.97 18.06
CA GLU H 156 7.02 12.21 18.82
C GLU H 156 5.69 12.28 19.55
N ALA H 157 4.62 11.83 18.90
CA ALA H 157 3.32 11.76 19.56
C ALA H 157 3.38 10.82 20.76
N THR H 158 4.07 9.69 20.61
CA THR H 158 4.21 8.77 21.73
C THR H 158 4.93 9.43 22.90
N ARG H 159 6.04 10.13 22.63
CA ARG H 159 6.77 10.82 23.69
C ARG H 159 5.90 11.84 24.39
N ALA H 160 5.21 12.68 23.61
CA ALA H 160 4.37 13.71 24.21
C ALA H 160 3.28 13.07 25.06
N LEU H 161 2.67 11.99 24.57
CA LEU H 161 1.58 11.36 25.30
C LEU H 161 2.06 10.75 26.60
N ILE H 162 3.21 10.07 26.60
CA ILE H 162 3.65 9.42 27.83
C ILE H 162 4.06 10.47 28.86
N ALA H 163 4.77 11.51 28.43
CA ALA H 163 5.14 12.57 29.37
C ALA H 163 3.89 13.24 29.93
N LEU H 164 2.89 13.46 29.08
CA LEU H 164 1.66 14.12 29.50
C LEU H 164 0.92 13.25 30.50
N VAL H 165 0.90 11.94 30.27
CA VAL H 165 0.25 11.01 31.20
C VAL H 165 0.96 11.03 32.55
N VAL H 166 2.29 11.10 32.53
CA VAL H 166 3.05 11.22 33.78
C VAL H 166 2.65 12.48 34.52
N ALA H 167 2.49 13.58 33.78
CA ALA H 167 2.07 14.83 34.39
C ALA H 167 0.70 14.70 35.04
N PHE H 168 -0.26 14.05 34.34
CA PHE H 168 -1.57 13.87 34.96
C PHE H 168 -1.50 12.96 36.17
N THR H 169 -0.63 11.95 36.15
CA THR H 169 -0.48 11.08 37.31
C THR H 169 0.00 11.89 38.51
N LYS H 170 0.98 12.76 38.28
CA LYS H 170 1.46 13.64 39.36
C LYS H 170 0.33 14.51 39.88
N PHE H 171 -0.46 15.08 38.98
CA PHE H 171 -1.56 15.94 39.42
C PHE H 171 -2.56 15.16 40.26
N PHE H 172 -3.00 14.00 39.77
CA PHE H 172 -4.00 13.20 40.48
C PHE H 172 -3.48 12.74 41.83
N LEU H 173 -2.17 12.45 41.91
CA LEU H 173 -1.59 12.17 43.22
C LEU H 173 -1.68 13.39 44.13
N ALA H 174 -1.43 14.57 43.58
CA ALA H 174 -1.48 15.80 44.39
C ALA H 174 -2.89 16.11 44.88
N LEU H 175 -3.90 15.89 44.05
CA LEU H 175 -5.25 16.27 44.40
C LEU H 175 -5.78 15.46 45.58
N LYS H 176 -6.68 16.08 46.35
CA LYS H 176 -7.36 15.43 47.47
C LYS H 176 -8.86 15.53 47.23
N GLY H 177 -9.58 14.46 47.54
CA GLY H 177 -11.02 14.47 47.35
C GLY H 177 -11.56 13.06 47.44
N SER H 178 -12.84 12.93 47.07
CA SER H 178 -13.51 11.64 47.08
C SER H 178 -12.90 10.73 46.01
N PRO H 179 -12.50 9.51 46.35
CA PRO H 179 -11.78 8.66 45.38
C PRO H 179 -12.56 8.34 44.12
N GLU H 180 -13.88 8.21 44.19
CA GLU H 180 -14.65 7.72 43.05
C GLU H 180 -14.51 8.64 41.84
N LYS H 181 -14.66 9.94 42.06
CA LYS H 181 -14.58 10.90 40.95
C LYS H 181 -13.17 10.90 40.36
N ILE H 182 -12.14 10.86 41.21
CA ILE H 182 -10.78 10.88 40.72
C ILE H 182 -10.50 9.65 39.86
N ILE H 183 -10.90 8.48 40.35
CA ILE H 183 -10.66 7.24 39.61
C ILE H 183 -11.40 7.25 38.29
N SER H 184 -12.67 7.66 38.31
CA SER H 184 -13.45 7.68 37.08
C SER H 184 -12.86 8.65 36.06
N THR H 185 -12.47 9.84 36.52
CA THR H 185 -11.89 10.83 35.60
C THR H 185 -10.58 10.31 35.02
N PHE H 186 -9.73 9.71 35.85
CA PHE H 186 -8.47 9.18 35.34
C PHE H 186 -8.70 8.07 34.33
N GLU H 187 -9.67 7.18 34.61
CA GLU H 187 -9.98 6.10 33.68
C GLU H 187 -10.49 6.65 32.35
N SER H 188 -11.34 7.68 32.41
CA SER H 188 -11.83 8.28 31.18
C SER H 188 -10.70 8.91 30.37
N ILE H 189 -9.82 9.65 31.05
CA ILE H 189 -8.67 10.24 30.35
C ILE H 189 -7.83 9.14 29.72
N ALA H 190 -7.62 8.04 30.46
CA ALA H 190 -6.89 6.90 29.93
C ALA H 190 -7.56 6.37 28.66
N ARG H 191 -8.89 6.32 28.66
CA ARG H 191 -9.59 5.79 27.50
C ARG H 191 -9.39 6.69 26.28
N ASP H 192 -9.47 8.00 26.47
CA ASP H 192 -9.20 8.91 25.36
C ASP H 192 -7.77 8.76 24.85
N ILE H 193 -6.80 8.66 25.77
CA ILE H 193 -5.41 8.50 25.36
C ILE H 193 -5.23 7.23 24.53
N LEU H 194 -5.80 6.13 25.01
CA LEU H 194 -5.67 4.85 24.31
C LEU H 194 -6.35 4.90 22.95
N THR H 195 -7.53 5.51 22.88
CA THR H 195 -8.25 5.59 21.61
C THR H 195 -7.46 6.39 20.59
N PHE H 196 -6.88 7.52 21.01
CA PHE H 196 -6.05 8.30 20.09
C PHE H 196 -4.82 7.50 19.66
N ALA H 197 -4.23 6.74 20.58
CA ALA H 197 -3.08 5.92 20.20
C ALA H 197 -3.47 4.92 19.12
N GLU H 198 -4.61 4.26 19.28
CA GLU H 198 -5.06 3.31 18.28
C GLU H 198 -5.33 3.99 16.94
N GLN H 199 -5.93 5.18 16.97
CA GLN H 199 -6.15 5.93 15.74
C GLN H 199 -4.83 6.25 15.04
N LYS H 200 -3.87 6.78 15.79
CA LYS H 200 -2.68 7.34 15.15
C LYS H 200 -1.73 6.26 14.67
N LEU H 201 -1.54 5.19 15.46
CA LEU H 201 -0.54 4.19 15.10
C LEU H 201 -0.95 3.36 13.88
N ALA H 202 -2.10 3.65 13.27
CA ALA H 202 -2.54 2.86 12.13
C ALA H 202 -1.68 3.04 10.89
N THR H 203 -0.90 4.12 10.82
CA THR H 203 -0.12 4.43 9.63
C THR H 203 1.30 3.89 9.66
N VAL H 204 1.59 2.92 10.53
CA VAL H 204 2.94 2.39 10.67
C VAL H 204 2.85 0.86 10.51
N PRO H 205 3.96 0.22 10.16
CA PRO H 205 4.00 -1.24 10.19
C PRO H 205 3.67 -1.76 11.58
N PRO H 206 2.96 -2.88 11.67
CA PRO H 206 2.42 -3.31 12.98
C PRO H 206 3.49 -3.63 14.02
N ALA H 207 4.75 -3.83 13.61
CA ALA H 207 5.81 -3.97 14.61
C ALA H 207 5.97 -2.69 15.42
N VAL H 208 5.96 -1.54 14.75
CA VAL H 208 6.00 -0.26 15.45
C VAL H 208 4.75 -0.09 16.29
N GLN H 209 3.61 -0.56 15.78
CA GLN H 209 2.39 -0.59 16.57
C GLN H 209 2.62 -1.30 17.90
N THR H 210 3.16 -2.51 17.83
CA THR H 210 3.44 -3.30 19.03
C THR H 210 4.34 -2.52 19.98
N VAL H 211 5.45 -1.99 19.43
CA VAL H 211 6.42 -1.28 20.25
C VAL H 211 5.77 -0.13 21.01
N LEU H 212 5.25 0.85 20.26
CA LEU H 212 4.74 2.07 20.89
C LEU H 212 3.53 1.79 21.75
N LEU H 213 2.63 0.93 21.27
CA LEU H 213 1.43 0.62 22.03
C LEU H 213 1.77 -0.06 23.34
N SER H 214 2.73 -0.99 23.32
CA SER H 214 3.14 -1.65 24.56
C SER H 214 3.74 -0.64 25.54
N ALA H 215 4.56 0.27 25.04
CA ALA H 215 5.13 1.30 25.91
C ALA H 215 4.02 2.13 26.57
N LEU H 216 3.07 2.60 25.76
CA LEU H 216 2.00 3.43 26.29
C LEU H 216 1.14 2.68 27.30
N LEU H 217 0.77 1.43 26.98
CA LEU H 217 -0.01 0.64 27.92
C LEU H 217 0.73 0.42 29.23
N GLU H 218 2.03 0.14 29.16
CA GLU H 218 2.76 -0.12 30.40
C GLU H 218 2.80 1.14 31.27
N VAL H 219 3.07 2.29 30.65
CA VAL H 219 3.18 3.52 31.45
C VAL H 219 1.82 3.89 32.04
N ILE H 220 0.74 3.66 31.28
CA ILE H 220 -0.57 4.05 31.77
C ILE H 220 -1.03 3.07 32.86
N GLU H 221 -0.63 1.80 32.76
CA GLU H 221 -0.92 0.85 33.81
C GLU H 221 -0.17 1.18 35.09
N ASP H 222 1.08 1.63 34.96
CA ASP H 222 1.82 2.07 36.14
C ASP H 222 1.14 3.26 36.80
N ALA H 223 0.68 4.22 35.99
CA ALA H 223 -0.05 5.35 36.55
C ALA H 223 -1.31 4.89 37.27
N ARG H 224 -2.03 3.94 36.66
CA ARG H 224 -3.25 3.43 37.28
C ARG H 224 -2.94 2.74 38.60
N GLU H 225 -1.87 1.96 38.66
CA GLU H 225 -1.50 1.26 39.88
C GLU H 225 -1.16 2.26 40.98
N HIS H 226 -0.50 3.34 40.65
CA HIS H 226 -0.21 4.26 41.73
C HIS H 226 -1.51 4.87 42.18
N ILE H 227 -2.28 5.41 41.25
CA ILE H 227 -3.48 6.11 41.69
C ILE H 227 -4.37 5.19 42.53
N VAL H 228 -4.39 3.90 42.19
CA VAL H 228 -5.21 2.95 42.93
C VAL H 228 -4.66 2.76 44.34
N LYS H 229 -3.34 2.56 44.47
CA LYS H 229 -2.79 2.39 45.81
C LYS H 229 -2.96 3.66 46.65
N LYS H 230 -2.72 4.83 46.05
CA LYS H 230 -2.83 6.06 46.81
C LYS H 230 -4.27 6.31 47.25
N TYR H 231 -5.24 6.10 46.35
CA TYR H 231 -6.60 6.49 46.64
C TYR H 231 -7.47 5.32 47.08
N GLY H 232 -6.89 4.13 47.23
CA GLY H 232 -7.66 2.97 47.64
C GLY H 232 -8.14 3.06 49.07
N ASN I 25 34.59 -39.00 -17.80
CA ASN I 25 34.43 -38.11 -18.94
C ASN I 25 32.99 -37.65 -19.09
N VAL I 26 32.60 -37.31 -20.32
CA VAL I 26 31.24 -36.82 -20.58
C VAL I 26 30.22 -37.87 -20.17
N LEU I 27 30.51 -39.15 -20.44
CA LEU I 27 29.60 -40.22 -20.10
C LEU I 27 29.26 -40.22 -18.62
N GLU I 28 30.27 -40.04 -17.76
CA GLU I 28 30.06 -40.07 -16.33
C GLU I 28 29.09 -38.98 -15.89
N LYS I 29 29.33 -37.75 -16.31
CA LYS I 29 28.47 -36.63 -15.91
C LYS I 29 27.07 -36.81 -16.47
N VAL I 30 26.95 -37.26 -17.72
CA VAL I 30 25.63 -37.45 -18.32
C VAL I 30 24.85 -38.52 -17.56
N GLU I 31 25.51 -39.62 -17.19
CA GLU I 31 24.84 -40.67 -16.44
C GLU I 31 24.48 -40.21 -15.03
N GLU I 32 25.32 -39.38 -14.41
CA GLU I 32 24.96 -38.83 -13.10
C GLU I 32 23.72 -37.95 -13.21
N LEU I 33 23.64 -37.13 -14.26
CA LEU I 33 22.46 -36.33 -14.49
C LEU I 33 21.24 -37.22 -14.68
N LYS I 34 21.40 -38.29 -15.47
CA LYS I 34 20.35 -39.28 -15.68
C LYS I 34 19.83 -39.80 -14.35
N LYS I 35 20.74 -40.26 -13.48
CA LYS I 35 20.34 -40.82 -12.20
C LYS I 35 19.62 -39.80 -11.33
N GLU I 36 20.17 -38.59 -11.22
CA GLU I 36 19.56 -37.58 -10.37
C GLU I 36 18.16 -37.23 -10.85
N VAL I 37 18.02 -36.97 -12.15
CA VAL I 37 16.70 -36.64 -12.71
C VAL I 37 15.74 -37.80 -12.51
N LYS I 38 16.23 -39.02 -12.66
CA LYS I 38 15.38 -40.21 -12.50
C LYS I 38 14.83 -40.29 -11.08
N LYS I 39 15.71 -40.12 -10.08
CA LYS I 39 15.26 -40.18 -8.69
C LYS I 39 14.26 -39.07 -8.38
N LYS I 40 14.55 -37.84 -8.83
CA LYS I 40 13.63 -36.75 -8.55
C LYS I 40 12.28 -36.98 -9.22
N VAL I 41 12.30 -37.48 -10.46
CA VAL I 41 11.05 -37.73 -11.18
C VAL I 41 10.23 -38.80 -10.48
N GLU I 42 10.88 -39.89 -10.06
CA GLU I 42 10.18 -40.93 -9.32
C GLU I 42 9.54 -40.36 -8.05
N GLU I 43 10.34 -39.60 -7.29
CA GLU I 43 9.86 -39.08 -6.02
C GLU I 43 8.66 -38.17 -6.21
N VAL I 44 8.71 -37.28 -7.21
CA VAL I 44 7.60 -36.36 -7.42
C VAL I 44 6.39 -37.10 -7.97
N ALA I 45 6.62 -38.10 -8.82
CA ALA I 45 5.52 -38.87 -9.40
C ALA I 45 4.76 -39.62 -8.33
N LYS I 46 5.46 -40.14 -7.33
CA LYS I 46 4.81 -40.85 -6.24
C LYS I 46 3.82 -39.96 -5.49
N SER I 47 4.10 -38.65 -5.45
CA SER I 47 3.32 -37.74 -4.61
C SER I 47 1.91 -37.50 -5.14
N SER I 48 1.03 -37.06 -4.24
CA SER I 48 -0.34 -36.67 -4.56
C SER I 48 -0.40 -35.18 -4.89
N ASN I 49 -1.61 -34.61 -4.92
CA ASN I 49 -1.83 -33.17 -5.12
C ASN I 49 -1.02 -32.63 -6.30
N VAL I 50 -1.37 -33.12 -7.49
CA VAL I 50 -0.62 -32.99 -8.74
C VAL I 50 -0.12 -31.58 -9.03
N GLU I 51 -0.75 -30.55 -8.48
CA GLU I 51 -0.30 -29.19 -8.79
C GLU I 51 1.12 -28.94 -8.28
N ALA I 52 1.39 -29.35 -7.04
CA ALA I 52 2.76 -29.25 -6.53
C ALA I 52 3.70 -30.12 -7.34
N ALA I 53 3.20 -31.24 -7.84
CA ALA I 53 4.03 -32.08 -8.70
C ALA I 53 4.43 -31.32 -9.97
N LEU I 54 3.47 -30.63 -10.59
CA LEU I 54 3.78 -29.87 -11.80
C LEU I 54 4.79 -28.77 -11.50
N ILE I 55 4.65 -28.09 -10.36
CA ILE I 55 5.66 -27.10 -9.97
C ILE I 55 7.03 -27.77 -9.84
N LYS I 56 7.06 -28.96 -9.23
CA LYS I 56 8.33 -29.64 -9.01
C LYS I 56 9.00 -30.06 -10.32
N LEU I 57 8.24 -30.64 -11.24
CA LEU I 57 8.82 -30.94 -12.55
C LEU I 57 9.22 -29.68 -13.30
N LEU I 58 8.51 -28.57 -13.13
CA LEU I 58 8.96 -27.33 -13.75
C LEU I 58 10.33 -26.92 -13.21
N GLU I 59 10.51 -26.98 -11.89
CA GLU I 59 11.80 -26.62 -11.30
C GLU I 59 12.90 -27.58 -11.73
N ILE I 60 12.56 -28.87 -11.80
CA ILE I 60 13.54 -29.87 -12.25
C ILE I 60 13.94 -29.64 -13.69
N LEU I 61 12.96 -29.33 -14.55
CA LEU I 61 13.26 -29.04 -15.94
C LEU I 61 14.14 -27.80 -16.05
N ASP I 62 13.89 -26.80 -15.22
CA ASP I 62 14.72 -25.60 -15.23
C ASP I 62 16.16 -25.93 -14.84
N GLU I 63 16.36 -26.64 -13.73
CA GLU I 63 17.73 -26.95 -13.32
C GLU I 63 18.40 -27.85 -14.34
N PHE I 64 17.64 -28.73 -14.99
CA PHE I 64 18.21 -29.59 -16.02
C PHE I 64 18.62 -28.78 -17.24
N ILE I 65 17.81 -27.78 -17.62
CA ILE I 65 18.17 -26.92 -18.74
C ILE I 65 19.46 -26.19 -18.42
N HIS I 66 19.60 -25.75 -17.16
CA HIS I 66 20.82 -25.06 -16.75
C HIS I 66 22.02 -25.99 -16.85
N GLN I 67 21.89 -27.20 -16.31
CA GLN I 67 23.00 -28.14 -16.30
C GLN I 67 23.42 -28.51 -17.72
N VAL I 68 22.44 -28.72 -18.60
CA VAL I 68 22.76 -29.04 -19.99
C VAL I 68 23.44 -27.86 -20.67
N LYS I 69 22.94 -26.65 -20.44
CA LYS I 69 23.55 -25.46 -21.05
C LYS I 69 25.00 -25.32 -20.61
N LEU I 70 25.28 -25.63 -19.35
CA LEU I 70 26.65 -25.57 -18.85
C LEU I 70 27.53 -26.60 -19.55
N LEU I 71 27.07 -27.84 -19.62
CA LEU I 71 27.90 -28.90 -20.17
C LEU I 71 28.09 -28.72 -21.68
N PRO I 72 29.24 -29.10 -22.23
CA PRO I 72 29.40 -29.07 -23.68
C PRO I 72 28.62 -30.20 -24.33
N VAL I 73 27.81 -29.84 -25.32
CA VAL I 73 26.91 -30.79 -25.98
C VAL I 73 27.53 -31.24 -27.29
N ASN I 74 27.59 -32.54 -27.51
CA ASN I 74 28.10 -33.12 -28.74
C ASN I 74 27.14 -34.19 -29.22
N GLU I 75 27.44 -34.75 -30.40
CA GLU I 75 26.57 -35.77 -30.97
C GLU I 75 26.56 -37.04 -30.12
N GLU I 76 27.64 -37.30 -29.37
CA GLU I 76 27.71 -38.52 -28.58
C GLU I 76 26.69 -38.56 -27.46
N ASN I 77 26.50 -37.45 -26.74
CA ASN I 77 25.64 -37.44 -25.57
C ASN I 77 24.21 -37.04 -25.86
N ARG I 78 23.87 -36.72 -27.11
CA ARG I 78 22.52 -36.27 -27.43
C ARG I 78 21.43 -37.28 -27.10
N PRO I 79 21.53 -38.57 -27.46
CA PRO I 79 20.39 -39.47 -27.18
C PRO I 79 20.02 -39.58 -25.72
N ILE I 80 21.01 -39.55 -24.82
CA ILE I 80 20.71 -39.68 -23.39
C ILE I 80 19.95 -38.44 -22.91
N LEU I 81 20.37 -37.26 -23.34
CA LEU I 81 19.64 -36.04 -23.01
C LEU I 81 18.22 -36.09 -23.55
N VAL I 82 18.07 -36.61 -24.78
CA VAL I 82 16.75 -36.69 -25.40
C VAL I 82 15.85 -37.61 -24.59
N GLU I 83 16.36 -38.76 -24.16
CA GLU I 83 15.51 -39.69 -23.41
C GLU I 83 15.22 -39.16 -22.01
N ILE I 84 16.16 -38.41 -21.42
CA ILE I 84 15.87 -37.76 -20.14
C ILE I 84 14.71 -36.77 -20.31
N LEU I 85 14.77 -35.97 -21.37
CA LEU I 85 13.69 -35.03 -21.66
C LEU I 85 12.38 -35.76 -21.89
N GLU I 86 12.43 -36.89 -22.58
CA GLU I 86 11.23 -37.67 -22.83
C GLU I 86 10.63 -38.19 -21.52
N ILE I 87 11.49 -38.67 -20.61
CA ILE I 87 11.01 -39.14 -19.31
C ILE I 87 10.31 -38.01 -18.58
N ILE I 88 10.95 -36.84 -18.54
CA ILE I 88 10.37 -35.69 -17.84
C ILE I 88 9.03 -35.32 -18.46
N ALA I 89 8.98 -35.29 -19.78
CA ALA I 89 7.76 -34.89 -20.48
C ALA I 89 6.63 -35.88 -20.22
N ASN I 90 6.91 -37.18 -20.31
CA ASN I 90 5.88 -38.17 -20.04
C ASN I 90 5.36 -38.07 -18.62
N THR I 91 6.26 -37.92 -17.65
CA THR I 91 5.83 -37.82 -16.26
C THR I 91 4.95 -36.59 -16.05
N ALA I 92 5.38 -35.44 -16.59
CA ALA I 92 4.62 -34.21 -16.41
C ALA I 92 3.27 -34.29 -17.10
N VAL I 93 3.23 -34.84 -18.32
CA VAL I 93 1.97 -34.97 -19.05
C VAL I 93 1.01 -35.87 -18.30
N HIS I 94 1.51 -37.02 -17.81
CA HIS I 94 0.67 -37.94 -17.08
C HIS I 94 0.12 -37.29 -15.81
N LYS I 95 0.98 -36.55 -15.10
CA LYS I 95 0.54 -35.89 -13.88
C LYS I 95 -0.53 -34.84 -14.18
N ALA I 96 -0.33 -34.06 -15.26
CA ALA I 96 -1.32 -33.05 -15.64
C ALA I 96 -2.65 -33.71 -16.00
N ARG I 97 -2.59 -34.81 -16.74
CA ARG I 97 -3.80 -35.57 -17.08
C ARG I 97 -4.47 -36.18 -15.86
N ASP I 98 -3.71 -36.45 -14.79
CA ASP I 98 -4.23 -37.18 -13.64
C ASP I 98 -5.36 -36.45 -12.91
N GLY I 99 -5.74 -35.25 -13.34
CA GLY I 99 -6.90 -34.60 -12.75
C GLY I 99 -6.56 -33.42 -11.86
N ALA I 100 -7.11 -32.26 -12.20
CA ALA I 100 -6.93 -31.02 -11.45
C ALA I 100 -7.87 -29.99 -12.06
N GLU I 101 -7.82 -28.78 -11.53
CA GLU I 101 -8.58 -27.69 -12.11
C GLU I 101 -8.01 -27.39 -13.49
N PRO I 102 -8.79 -27.48 -14.56
CA PRO I 102 -8.22 -27.44 -15.91
C PRO I 102 -7.44 -26.18 -16.24
N GLU I 103 -7.89 -25.01 -15.76
CA GLU I 103 -7.30 -23.74 -16.17
C GLU I 103 -5.89 -23.60 -15.60
N PHE I 104 -5.75 -23.89 -14.30
CA PHE I 104 -4.45 -23.86 -13.65
C PHE I 104 -3.47 -24.85 -14.28
N ALA I 105 -3.90 -26.10 -14.43
CA ALA I 105 -3.05 -27.11 -15.06
C ALA I 105 -2.72 -26.71 -16.49
N LEU I 106 -3.59 -25.94 -17.13
CA LEU I 106 -3.34 -25.52 -18.50
C LEU I 106 -2.22 -24.48 -18.56
N GLU I 107 -2.24 -23.50 -17.67
CA GLU I 107 -1.09 -22.58 -17.64
C GLU I 107 0.19 -23.32 -17.25
N LEU I 108 0.08 -24.32 -16.37
CA LEU I 108 1.25 -25.13 -16.07
C LEU I 108 1.77 -25.82 -17.33
N LEU I 109 0.86 -26.33 -18.16
CA LEU I 109 1.25 -26.94 -19.42
C LEU I 109 1.91 -25.93 -20.36
N LEU I 110 1.39 -24.70 -20.39
CA LEU I 110 1.99 -23.67 -21.24
C LEU I 110 3.41 -23.36 -20.81
N ARG I 111 3.64 -23.19 -19.51
CA ARG I 111 4.99 -22.96 -19.02
C ARG I 111 5.89 -24.15 -19.32
N LEU I 112 5.36 -25.36 -19.17
CA LEU I 112 6.11 -26.56 -19.53
C LEU I 112 6.51 -26.51 -21.00
N VAL I 113 5.59 -26.09 -21.86
CA VAL I 113 5.87 -26.02 -23.30
C VAL I 113 6.99 -25.03 -23.57
N GLU I 114 6.94 -23.87 -22.92
CA GLU I 114 8.00 -22.88 -23.13
C GLU I 114 9.35 -23.41 -22.66
N ARG I 115 9.40 -24.03 -21.48
CA ARG I 115 10.66 -24.55 -20.97
C ARG I 115 11.17 -25.68 -21.86
N PHE I 116 10.27 -26.50 -22.40
CA PHE I 116 10.68 -27.58 -23.29
C PHE I 116 11.20 -27.02 -24.61
N THR I 117 10.61 -25.91 -25.08
CA THR I 117 11.14 -25.23 -26.26
C THR I 117 12.57 -24.77 -26.03
N GLU I 118 12.83 -24.17 -24.88
CA GLU I 118 14.21 -23.81 -24.55
C GLU I 118 15.09 -25.04 -24.42
N ALA I 119 14.53 -26.15 -23.94
CA ALA I 119 15.31 -27.36 -23.79
C ALA I 119 15.76 -27.89 -25.15
N VAL I 120 14.84 -27.96 -26.12
CA VAL I 120 15.23 -28.47 -27.44
C VAL I 120 16.16 -27.48 -28.13
N LYS I 121 15.98 -26.18 -27.91
CA LYS I 121 16.92 -25.21 -28.46
C LYS I 121 18.32 -25.44 -27.91
N ALA I 122 18.43 -25.68 -26.60
CA ALA I 122 19.73 -25.92 -25.99
C ALA I 122 20.35 -27.23 -26.46
N ILE I 123 19.51 -28.26 -26.64
CA ILE I 123 20.02 -29.58 -27.00
C ILE I 123 20.71 -29.56 -28.36
N GLY I 124 20.08 -28.92 -29.34
CA GLY I 124 20.51 -29.04 -30.71
C GLY I 124 19.77 -30.15 -31.43
N THR I 125 20.16 -30.38 -32.68
CA THR I 125 19.48 -31.33 -33.54
C THR I 125 20.44 -32.44 -33.97
N SER I 126 19.85 -33.58 -34.30
CA SER I 126 20.62 -34.80 -34.54
C SER I 126 19.81 -35.77 -35.40
N ASN I 127 20.20 -37.05 -35.36
CA ASN I 127 19.53 -38.13 -36.07
C ASN I 127 18.01 -38.08 -35.91
N GLU I 128 17.29 -38.56 -36.93
CA GLU I 128 15.86 -38.30 -37.03
C GLU I 128 15.06 -38.91 -35.87
N GLU I 129 15.58 -39.97 -35.26
CA GLU I 129 14.81 -40.66 -34.21
C GLU I 129 14.56 -39.74 -33.02
N GLU I 130 15.56 -38.97 -32.62
CA GLU I 130 15.36 -38.01 -31.53
C GLU I 130 14.32 -36.95 -31.92
N GLU I 131 14.33 -36.52 -33.18
CA GLU I 131 13.31 -35.58 -33.65
C GLU I 131 11.92 -36.19 -33.57
N ASN I 132 11.81 -37.48 -33.91
CA ASN I 132 10.52 -38.16 -33.78
C ASN I 132 10.08 -38.22 -32.33
N LYS I 133 11.01 -38.49 -31.42
CA LYS I 133 10.68 -38.52 -30.00
C LYS I 133 10.17 -37.15 -29.53
N LEU I 134 10.86 -36.09 -29.93
CA LEU I 134 10.42 -34.74 -29.57
C LEU I 134 9.05 -34.44 -30.17
N LEU I 135 8.82 -34.85 -31.41
CA LEU I 135 7.54 -34.57 -32.05
C LEU I 135 6.40 -35.29 -31.36
N GLU I 136 6.60 -36.56 -30.97
CA GLU I 136 5.52 -37.26 -30.28
C GLU I 136 5.34 -36.72 -28.87
N ILE I 137 6.41 -36.23 -28.25
CA ILE I 137 6.27 -35.52 -26.97
C ILE I 137 5.36 -34.30 -27.14
N LEU I 138 5.66 -33.49 -28.16
CA LEU I 138 4.84 -32.31 -28.44
C LEU I 138 3.40 -32.69 -28.72
N GLU I 139 3.21 -33.75 -29.49
CA GLU I 139 1.86 -34.19 -29.84
C GLU I 139 1.08 -34.66 -28.62
N SER I 140 1.73 -35.40 -27.73
CA SER I 140 1.08 -35.83 -26.50
C SER I 140 0.72 -34.62 -25.63
N ILE I 141 1.61 -33.63 -25.58
CA ILE I 141 1.31 -32.40 -24.85
C ILE I 141 0.07 -31.74 -25.42
N ALA I 142 0.00 -31.65 -26.76
CA ALA I 142 -1.14 -31.02 -27.41
C ALA I 142 -2.43 -31.78 -27.11
N HIS I 143 -2.39 -33.11 -27.21
CA HIS I 143 -3.58 -33.91 -26.92
C HIS I 143 -4.02 -33.74 -25.48
N THR I 144 -3.07 -33.75 -24.54
CA THR I 144 -3.43 -33.59 -23.14
C THR I 144 -4.03 -32.21 -22.86
N ALA I 145 -3.49 -31.17 -23.50
CA ALA I 145 -4.00 -29.82 -23.29
C ALA I 145 -5.39 -29.66 -23.88
N ILE I 146 -5.62 -30.23 -25.08
CA ILE I 146 -6.95 -30.26 -25.65
C ILE I 146 -7.90 -31.01 -24.72
N LEU I 147 -7.43 -32.10 -24.14
CA LEU I 147 -8.25 -32.90 -23.24
C LEU I 147 -8.66 -32.10 -22.02
N LEU I 148 -7.72 -31.33 -21.46
CA LEU I 148 -8.03 -30.47 -20.33
C LEU I 148 -9.02 -29.39 -20.74
N ALA I 149 -8.84 -28.82 -21.94
CA ALA I 149 -9.71 -27.74 -22.40
C ALA I 149 -11.09 -28.24 -22.75
N ARG I 150 -11.29 -29.55 -22.88
CA ARG I 150 -12.60 -30.07 -23.28
C ARG I 150 -13.74 -29.58 -22.38
N THR I 151 -13.44 -29.18 -21.16
CA THR I 151 -14.46 -28.95 -20.13
C THR I 151 -14.36 -27.53 -19.59
N LEU I 152 -14.28 -26.55 -20.49
CA LEU I 152 -14.29 -25.15 -20.11
C LEU I 152 -15.38 -24.42 -20.87
N THR I 153 -15.58 -23.15 -20.50
CA THR I 153 -16.50 -22.30 -21.24
C THR I 153 -15.93 -22.01 -22.64
N PRO I 154 -16.80 -21.77 -23.63
CA PRO I 154 -16.30 -21.56 -24.99
C PRO I 154 -15.27 -20.45 -25.13
N LEU I 155 -15.48 -19.32 -24.46
CA LEU I 155 -14.54 -18.21 -24.58
C LEU I 155 -13.20 -18.54 -23.93
N GLU I 156 -13.24 -19.09 -22.72
CA GLU I 156 -12.00 -19.49 -22.06
C GLU I 156 -11.27 -20.55 -22.85
N ALA I 157 -12.02 -21.51 -23.42
CA ALA I 157 -11.42 -22.53 -24.26
C ALA I 157 -10.74 -21.89 -25.48
N THR I 158 -11.39 -20.89 -26.07
CA THR I 158 -10.79 -20.21 -27.22
C THR I 158 -9.49 -19.52 -26.84
N ARG I 159 -9.49 -18.81 -25.71
CA ARG I 159 -8.26 -18.17 -25.25
C ARG I 159 -7.15 -19.19 -25.03
N ALA I 160 -7.50 -20.29 -24.36
CA ALA I 160 -6.52 -21.34 -24.11
C ALA I 160 -5.95 -21.87 -25.41
N LEU I 161 -6.82 -22.11 -26.39
CA LEU I 161 -6.38 -22.72 -27.64
C LEU I 161 -5.49 -21.78 -28.44
N ILE I 162 -5.82 -20.48 -28.46
CA ILE I 162 -4.98 -19.56 -29.24
C ILE I 162 -3.62 -19.40 -28.57
N ALA I 163 -3.60 -19.29 -27.24
CA ALA I 163 -2.31 -19.21 -26.54
C ALA I 163 -1.48 -20.46 -26.81
N LEU I 164 -2.15 -21.62 -26.79
CA LEU I 164 -1.47 -22.89 -27.06
C LEU I 164 -0.89 -22.92 -28.46
N VAL I 165 -1.65 -22.45 -29.45
CA VAL I 165 -1.17 -22.50 -30.84
C VAL I 165 0.00 -21.54 -31.02
N VAL I 166 -0.02 -20.41 -30.29
CA VAL I 166 1.11 -19.49 -30.35
C VAL I 166 2.36 -20.16 -29.77
N ALA I 167 2.19 -20.85 -28.65
CA ALA I 167 3.33 -21.54 -28.04
C ALA I 167 3.90 -22.60 -28.98
N PHE I 168 3.02 -23.38 -29.62
CA PHE I 168 3.51 -24.40 -30.55
C PHE I 168 4.14 -23.79 -31.79
N THR I 169 3.64 -22.63 -32.23
CA THR I 169 4.30 -21.92 -33.32
C THR I 169 5.71 -21.53 -32.95
N LYS I 170 5.88 -21.02 -31.72
CA LYS I 170 7.23 -20.69 -31.23
C LYS I 170 8.12 -21.92 -31.22
N PHE I 171 7.59 -23.04 -30.72
CA PHE I 171 8.37 -24.28 -30.71
C PHE I 171 8.81 -24.68 -32.11
N PHE I 172 7.86 -24.75 -33.05
CA PHE I 172 8.18 -25.18 -34.40
C PHE I 172 9.15 -24.22 -35.06
N LEU I 173 9.09 -22.94 -34.70
CA LEU I 173 10.12 -22.00 -35.14
C LEU I 173 11.48 -22.41 -34.59
N ALA I 174 11.53 -22.82 -33.33
CA ALA I 174 12.82 -23.18 -32.72
C ALA I 174 13.41 -24.45 -33.34
N LEU I 175 12.58 -25.44 -33.64
CA LEU I 175 13.08 -26.74 -34.05
C LEU I 175 13.75 -26.68 -35.43
N LYS I 176 14.74 -27.55 -35.61
CA LYS I 176 15.45 -27.71 -36.88
C LYS I 176 15.32 -29.15 -37.33
N GLY I 177 15.13 -29.37 -38.63
CA GLY I 177 15.05 -30.72 -39.16
C GLY I 177 14.53 -30.70 -40.58
N SER I 178 14.18 -31.89 -41.07
CA SER I 178 13.64 -32.05 -42.40
C SER I 178 12.30 -31.32 -42.51
N PRO I 179 12.04 -30.61 -43.60
CA PRO I 179 10.79 -29.85 -43.71
C PRO I 179 9.53 -30.69 -43.63
N GLU I 180 9.52 -31.89 -44.22
CA GLU I 180 8.27 -32.62 -44.37
C GLU I 180 7.67 -32.99 -43.02
N LYS I 181 8.48 -33.50 -42.10
CA LYS I 181 7.96 -33.94 -40.81
C LYS I 181 7.39 -32.76 -40.03
N ILE I 182 8.10 -31.63 -40.03
CA ILE I 182 7.64 -30.46 -39.29
C ILE I 182 6.33 -29.95 -39.86
N ILE I 183 6.27 -29.79 -41.18
CA ILE I 183 5.05 -29.26 -41.81
C ILE I 183 3.88 -30.19 -41.57
N SER I 184 4.09 -31.50 -41.77
CA SER I 184 3.01 -32.46 -41.59
C SER I 184 2.52 -32.49 -40.14
N THR I 185 3.46 -32.48 -39.19
CA THR I 185 3.08 -32.50 -37.78
C THR I 185 2.29 -31.25 -37.41
N PHE I 186 2.73 -30.09 -37.88
CA PHE I 186 2.00 -28.86 -37.57
C PHE I 186 0.60 -28.91 -38.18
N GLU I 187 0.49 -29.36 -39.42
CA GLU I 187 -0.83 -29.43 -40.06
C GLU I 187 -1.74 -30.39 -39.32
N SER I 188 -1.21 -31.52 -38.86
CA SER I 188 -2.01 -32.47 -38.09
C SER I 188 -2.48 -31.83 -36.79
N ILE I 189 -1.58 -31.17 -36.07
CA ILE I 189 -1.97 -30.49 -34.84
C ILE I 189 -3.09 -29.48 -35.13
N ALA I 190 -2.93 -28.73 -36.21
CA ALA I 190 -3.95 -27.77 -36.62
C ALA I 190 -5.28 -28.45 -36.85
N ARG I 191 -5.25 -29.64 -37.46
CA ARG I 191 -6.49 -30.35 -37.77
C ARG I 191 -7.21 -30.77 -36.50
N ASP I 192 -6.46 -31.31 -35.53
CA ASP I 192 -7.08 -31.62 -34.23
C ASP I 192 -7.65 -30.38 -33.55
N ILE I 193 -6.91 -29.27 -33.59
CA ILE I 193 -7.39 -28.05 -32.97
C ILE I 193 -8.71 -27.61 -33.60
N LEU I 194 -8.76 -27.63 -34.93
CA LEU I 194 -9.97 -27.20 -35.64
C LEU I 194 -11.13 -28.14 -35.35
N THR I 195 -10.87 -29.45 -35.31
CA THR I 195 -11.93 -30.41 -35.02
C THR I 195 -12.51 -30.18 -33.62
N PHE I 196 -11.64 -29.95 -32.63
CA PHE I 196 -12.13 -29.67 -31.29
C PHE I 196 -12.91 -28.37 -31.24
N ALA I 197 -12.45 -27.34 -31.96
CA ALA I 197 -13.20 -26.10 -31.99
C ALA I 197 -14.59 -26.31 -32.57
N GLU I 198 -14.68 -27.09 -33.65
CA GLU I 198 -15.97 -27.38 -34.27
C GLU I 198 -16.87 -28.15 -33.31
N GLN I 199 -16.31 -29.09 -32.56
CA GLN I 199 -17.09 -29.77 -31.53
C GLN I 199 -17.62 -28.80 -30.49
N LYS I 200 -16.73 -27.99 -29.90
CA LYS I 200 -17.10 -27.25 -28.71
C LYS I 200 -18.03 -26.08 -29.03
N LEU I 201 -17.82 -25.42 -30.17
CA LEU I 201 -18.64 -24.25 -30.48
C LEU I 201 -20.06 -24.63 -30.90
N ALA I 202 -20.43 -25.91 -30.80
CA ALA I 202 -21.77 -26.31 -31.22
C ALA I 202 -22.85 -25.85 -30.24
N THR I 203 -22.49 -25.61 -28.98
CA THR I 203 -23.47 -25.29 -27.95
C THR I 203 -23.71 -23.78 -27.80
N VAL I 204 -23.47 -23.00 -28.84
CA VAL I 204 -23.58 -21.55 -28.75
C VAL I 204 -24.38 -21.06 -29.95
N PRO I 205 -24.95 -19.86 -29.87
CA PRO I 205 -25.62 -19.27 -31.04
C PRO I 205 -24.63 -19.07 -32.18
N PRO I 206 -25.11 -19.06 -33.42
CA PRO I 206 -24.19 -19.01 -34.57
C PRO I 206 -23.29 -17.78 -34.62
N ALA I 207 -23.72 -16.65 -34.05
CA ALA I 207 -22.88 -15.46 -34.06
C ALA I 207 -21.58 -15.70 -33.29
N VAL I 208 -21.69 -16.31 -32.12
CA VAL I 208 -20.49 -16.62 -31.32
C VAL I 208 -19.64 -17.64 -32.06
N GLN I 209 -20.28 -18.60 -32.74
CA GLN I 209 -19.55 -19.52 -33.61
C GLN I 209 -18.69 -18.74 -34.59
N THR I 210 -19.30 -17.80 -35.31
CA THR I 210 -18.59 -16.98 -36.28
C THR I 210 -17.41 -16.28 -35.63
N VAL I 211 -17.68 -15.60 -34.50
CA VAL I 211 -16.65 -14.79 -33.85
C VAL I 211 -15.44 -15.64 -33.48
N LEU I 212 -15.64 -16.59 -32.56
CA LEU I 212 -14.51 -17.35 -32.04
C LEU I 212 -13.86 -18.21 -33.12
N LEU I 213 -14.67 -18.81 -34.01
CA LEU I 213 -14.10 -19.63 -35.06
C LEU I 213 -13.22 -18.79 -35.98
N SER I 214 -13.68 -17.59 -36.36
CA SER I 214 -12.87 -16.74 -37.22
C SER I 214 -11.56 -16.38 -36.53
N ALA I 215 -11.61 -16.08 -35.24
CA ALA I 215 -10.38 -15.80 -34.50
C ALA I 215 -9.42 -16.98 -34.59
N LEU I 216 -9.95 -18.19 -34.38
CA LEU I 216 -9.09 -19.38 -34.38
C LEU I 216 -8.47 -19.64 -35.74
N LEU I 217 -9.28 -19.58 -36.82
CA LEU I 217 -8.70 -19.73 -38.15
C LEU I 217 -7.65 -18.66 -38.44
N GLU I 218 -7.90 -17.42 -38.04
CA GLU I 218 -6.93 -16.38 -38.38
C GLU I 218 -5.60 -16.63 -37.67
N VAL I 219 -5.65 -16.96 -36.39
CA VAL I 219 -4.40 -17.17 -35.65
C VAL I 219 -3.67 -18.41 -36.17
N ILE I 220 -4.42 -19.46 -36.49
CA ILE I 220 -3.77 -20.68 -36.96
C ILE I 220 -3.18 -20.48 -38.36
N GLU I 221 -3.83 -19.64 -39.17
CA GLU I 221 -3.30 -19.32 -40.48
C GLU I 221 -2.03 -18.49 -40.37
N ASP I 222 -2.00 -17.56 -39.41
CA ASP I 222 -0.77 -16.81 -39.17
C ASP I 222 0.38 -17.74 -38.79
N ALA I 223 0.09 -18.69 -37.90
CA ALA I 223 1.13 -19.65 -37.51
C ALA I 223 1.61 -20.45 -38.72
N ARG I 224 0.67 -20.93 -39.54
CA ARG I 224 1.03 -21.67 -40.74
C ARG I 224 1.91 -20.85 -41.65
N GLU I 225 1.55 -19.58 -41.83
CA GLU I 225 2.24 -18.76 -42.82
C GLU I 225 3.65 -18.44 -42.34
N HIS I 226 3.82 -18.30 -41.04
CA HIS I 226 5.17 -18.07 -40.58
C HIS I 226 5.94 -19.34 -40.87
N ILE I 227 5.47 -20.46 -40.37
CA ILE I 227 6.24 -21.69 -40.56
C ILE I 227 6.60 -21.86 -42.02
N VAL I 228 5.67 -21.52 -42.92
CA VAL I 228 5.94 -21.64 -44.35
C VAL I 228 7.06 -20.71 -44.78
N LYS I 229 7.02 -19.44 -44.33
CA LYS I 229 8.10 -18.52 -44.67
C LYS I 229 9.44 -19.06 -44.18
N LYS I 230 9.54 -19.32 -42.87
CA LYS I 230 10.84 -19.60 -42.28
C LYS I 230 11.39 -20.93 -42.75
N TYR I 231 10.55 -21.96 -42.78
CA TYR I 231 11.06 -23.32 -42.74
C TYR I 231 10.99 -24.00 -44.10
N GLY I 232 10.33 -23.37 -45.08
CA GLY I 232 10.21 -23.95 -46.40
C GLY I 232 11.48 -23.81 -47.22
N ASN J 25 27.45 -6.21 68.48
CA ASN J 25 28.37 -6.93 67.60
C ASN J 25 28.04 -6.68 66.13
N VAL J 26 28.32 -7.68 65.28
CA VAL J 26 28.06 -7.55 63.85
C VAL J 26 26.57 -7.33 63.61
N LEU J 27 25.73 -8.09 64.32
CA LEU J 27 24.29 -7.99 64.13
C LEU J 27 23.80 -6.57 64.39
N GLU J 28 24.31 -5.94 65.46
CA GLU J 28 23.84 -4.61 65.81
C GLU J 28 24.12 -3.60 64.71
N LYS J 29 25.37 -3.55 64.23
CA LYS J 29 25.71 -2.56 63.21
C LYS J 29 25.03 -2.87 61.89
N VAL J 30 24.89 -4.15 61.54
CA VAL J 30 24.21 -4.51 60.31
C VAL J 30 22.75 -4.07 60.37
N GLU J 31 22.08 -4.30 61.50
CA GLU J 31 20.69 -3.88 61.64
C GLU J 31 20.57 -2.36 61.65
N GLU J 32 21.54 -1.66 62.24
CA GLU J 32 21.53 -0.20 62.18
C GLU J 32 21.62 0.29 60.74
N LEU J 33 22.51 -0.32 59.95
CA LEU J 33 22.60 0.02 58.54
C LEU J 33 21.28 -0.24 57.83
N LYS J 34 20.67 -1.38 58.13
CA LYS J 34 19.35 -1.71 57.61
C LYS J 34 18.36 -0.59 57.88
N LYS J 35 18.30 -0.14 59.14
CA LYS J 35 17.35 0.90 59.53
C LYS J 35 17.60 2.21 58.78
N GLU J 36 18.86 2.68 58.76
CA GLU J 36 19.13 3.95 58.11
C GLU J 36 18.81 3.89 56.62
N VAL J 37 19.24 2.80 55.95
CA VAL J 37 18.95 2.67 54.53
C VAL J 37 17.45 2.62 54.29
N LYS J 38 16.72 1.93 55.17
CA LYS J 38 15.27 1.83 55.03
C LYS J 38 14.62 3.20 55.12
N LYS J 39 15.01 3.99 56.13
CA LYS J 39 14.42 5.33 56.29
C LYS J 39 14.73 6.21 55.09
N LYS J 40 15.98 6.20 54.64
CA LYS J 40 16.34 7.03 53.48
C LYS J 40 15.58 6.60 52.24
N VAL J 41 15.44 5.28 52.04
CA VAL J 41 14.72 4.78 50.88
C VAL J 41 13.26 5.21 50.92
N GLU J 42 12.61 5.09 52.08
CA GLU J 42 11.23 5.53 52.21
C GLU J 42 11.11 7.02 51.88
N GLU J 43 12.00 7.83 52.47
CA GLU J 43 11.91 9.27 52.30
C GLU J 43 12.07 9.66 50.83
N VAL J 44 13.03 9.06 50.15
CA VAL J 44 13.27 9.42 48.75
C VAL J 44 12.14 8.90 47.86
N ALA J 45 11.62 7.72 48.19
CA ALA J 45 10.53 7.13 47.42
C ALA J 45 9.29 7.99 47.49
N LYS J 46 9.02 8.58 48.66
CA LYS J 46 7.86 9.45 48.80
C LYS J 46 7.93 10.65 47.87
N SER J 47 9.14 11.11 47.55
CA SER J 47 9.32 12.36 46.83
C SER J 47 8.89 12.27 45.37
N SER J 48 8.62 13.42 44.76
CA SER J 48 8.31 13.55 43.34
C SER J 48 9.57 13.80 42.54
N ASN J 49 9.43 14.21 41.27
CA ASN J 49 10.55 14.59 40.41
C ASN J 49 11.67 13.54 40.40
N VAL J 50 11.31 12.37 39.87
CA VAL J 50 12.07 11.12 39.97
C VAL J 50 13.56 11.24 39.69
N GLU J 51 13.99 12.24 38.92
CA GLU J 51 15.41 12.35 38.60
C GLU J 51 16.24 12.62 39.85
N ALA J 52 15.78 13.54 40.71
CA ALA J 52 16.46 13.77 41.99
C ALA J 52 16.38 12.53 42.86
N ALA J 53 15.30 11.76 42.74
CA ALA J 53 15.19 10.51 43.47
C ALA J 53 16.28 9.54 43.04
N LEU J 54 16.50 9.40 41.74
CA LEU J 54 17.57 8.52 41.27
C LEU J 54 18.93 9.01 41.74
N ILE J 55 19.14 10.33 41.73
CA ILE J 55 20.39 10.87 42.25
C ILE J 55 20.58 10.49 43.71
N LYS J 56 19.52 10.63 44.50
CA LYS J 56 19.59 10.31 45.92
C LYS J 56 19.86 8.83 46.15
N LEU J 57 19.18 7.95 45.41
CA LEU J 57 19.46 6.53 45.52
C LEU J 57 20.89 6.21 45.11
N LEU J 58 21.41 6.89 44.10
CA LEU J 58 22.80 6.66 43.72
C LEU J 58 23.75 7.03 44.86
N GLU J 59 23.52 8.17 45.51
CA GLU J 59 24.39 8.56 46.61
C GLU J 59 24.24 7.61 47.80
N ILE J 60 23.01 7.17 48.08
CA ILE J 60 22.79 6.20 49.15
C ILE J 60 23.51 4.90 48.85
N LEU J 61 23.42 4.42 47.61
CA LEU J 61 24.10 3.20 47.24
C LEU J 61 25.61 3.34 47.37
N ASP J 62 26.14 4.50 46.99
CA ASP J 62 27.57 4.74 47.12
C ASP J 62 28.00 4.68 48.58
N GLU J 63 27.30 5.40 49.46
CA GLU J 63 27.70 5.41 50.86
C GLU J 63 27.49 4.04 51.51
N PHE J 64 26.46 3.31 51.08
CA PHE J 64 26.26 1.96 51.60
C PHE J 64 27.38 1.03 51.15
N ILE J 65 27.83 1.17 49.90
CA ILE J 65 28.97 0.41 49.42
C ILE J 65 30.19 0.70 50.28
N HIS J 66 30.41 1.98 50.57
CA HIS J 66 31.52 2.37 51.42
C HIS J 66 31.43 1.70 52.79
N GLN J 67 30.25 1.79 53.41
CA GLN J 67 30.08 1.23 54.75
C GLN J 67 30.30 -0.27 54.76
N VAL J 68 29.77 -0.97 53.75
CA VAL J 68 29.94 -2.42 53.68
C VAL J 68 31.41 -2.77 53.48
N LYS J 69 32.08 -2.03 52.58
CA LYS J 69 33.50 -2.27 52.34
C LYS J 69 34.31 -2.10 53.62
N LEU J 70 33.94 -1.12 54.43
CA LEU J 70 34.63 -0.89 55.69
C LEU J 70 34.41 -2.05 56.65
N LEU J 71 33.15 -2.47 56.81
CA LEU J 71 32.83 -3.51 57.78
C LEU J 71 33.40 -4.85 57.32
N PRO J 72 33.83 -5.71 58.24
CA PRO J 72 34.24 -7.07 57.85
C PRO J 72 33.02 -7.89 57.46
N VAL J 73 33.10 -8.55 56.31
CA VAL J 73 31.98 -9.30 55.75
C VAL J 73 32.23 -10.79 55.98
N ASN J 74 31.22 -11.47 56.52
CA ASN J 74 31.27 -12.90 56.75
C ASN J 74 29.99 -13.53 56.23
N GLU J 75 29.93 -14.86 56.30
CA GLU J 75 28.76 -15.58 55.81
C GLU J 75 27.52 -15.26 56.65
N GLU J 76 27.71 -14.87 57.91
CA GLU J 76 26.56 -14.61 58.79
C GLU J 76 25.76 -13.40 58.35
N ASN J 77 26.42 -12.30 57.97
CA ASN J 77 25.74 -11.06 57.66
C ASN J 77 25.38 -10.90 56.19
N ARG J 78 25.75 -11.85 55.34
CA ARG J 78 25.49 -11.72 53.91
C ARG J 78 24.01 -11.58 53.55
N PRO J 79 23.08 -12.39 54.06
CA PRO J 79 21.68 -12.24 53.61
C PRO J 79 21.09 -10.87 53.88
N ILE J 80 21.44 -10.25 55.01
CA ILE J 80 20.88 -8.94 55.33
C ILE J 80 21.39 -7.89 54.34
N LEU J 81 22.68 -7.95 54.01
CA LEU J 81 23.21 -7.04 53.00
C LEU J 81 22.55 -7.28 51.66
N VAL J 82 22.31 -8.55 51.32
CA VAL J 82 21.68 -8.86 50.04
C VAL J 82 20.27 -8.29 49.98
N GLU J 83 19.50 -8.42 51.06
CA GLU J 83 18.13 -7.90 51.02
C GLU J 83 18.11 -6.38 51.05
N ILE J 84 19.09 -5.76 51.72
CA ILE J 84 19.21 -4.31 51.65
C ILE J 84 19.46 -3.86 50.22
N LEU J 85 20.38 -4.55 49.54
CA LEU J 85 20.66 -4.24 48.15
C LEU J 85 19.42 -4.46 47.28
N GLU J 86 18.65 -5.51 47.58
CA GLU J 86 17.43 -5.76 46.81
C GLU J 86 16.41 -4.65 47.01
N ILE J 87 16.28 -4.15 48.24
CA ILE J 87 15.39 -3.01 48.50
C ILE J 87 15.84 -1.81 47.68
N ILE J 88 17.13 -1.51 47.72
CA ILE J 88 17.67 -0.38 46.97
C ILE J 88 17.36 -0.53 45.48
N ALA J 89 17.60 -1.73 44.95
CA ALA J 89 17.43 -1.97 43.52
C ALA J 89 15.97 -1.86 43.11
N ASN J 90 15.06 -2.44 43.89
CA ASN J 90 13.64 -2.35 43.56
C ASN J 90 13.17 -0.90 43.59
N THR J 91 13.57 -0.16 44.62
CA THR J 91 13.16 1.24 44.70
C THR J 91 13.68 2.03 43.51
N ALA J 92 14.95 1.86 43.17
CA ALA J 92 15.54 2.60 42.06
C ALA J 92 14.89 2.22 40.73
N VAL J 93 14.66 0.93 40.52
CA VAL J 93 14.05 0.47 39.28
C VAL J 93 12.64 1.01 39.14
N HIS J 94 11.85 0.95 40.21
CA HIS J 94 10.48 1.45 40.15
C HIS J 94 10.47 2.95 39.89
N LYS J 95 11.36 3.70 40.56
CA LYS J 95 11.42 5.13 40.36
C LYS J 95 11.81 5.48 38.92
N ALA J 96 12.78 4.75 38.37
CA ALA J 96 13.19 4.99 36.98
C ALA J 96 12.04 4.68 36.03
N ARG J 97 11.32 3.59 36.28
CA ARG J 97 10.16 3.24 35.47
C ARG J 97 9.02 4.24 35.60
N ASP J 98 8.94 4.97 36.72
CA ASP J 98 7.80 5.83 36.98
C ASP J 98 7.66 6.99 36.00
N GLY J 99 8.55 7.13 35.02
CA GLY J 99 8.36 8.12 33.99
C GLY J 99 9.28 9.32 34.08
N ALA J 100 10.04 9.56 33.01
CA ALA J 100 10.96 10.67 32.90
C ALA J 100 11.45 10.70 31.46
N GLU J 101 12.34 11.63 31.16
CA GLU J 101 12.99 11.66 29.87
C GLU J 101 13.82 10.38 29.73
N PRO J 102 13.58 9.56 28.71
CA PRO J 102 14.20 8.22 28.68
C PRO J 102 15.71 8.22 28.70
N GLU J 103 16.37 9.14 28.01
CA GLU J 103 17.82 9.10 27.87
C GLU J 103 18.49 9.37 29.21
N PHE J 104 18.05 10.42 29.90
CA PHE J 104 18.59 10.77 31.20
C PHE J 104 18.40 9.63 32.21
N ALA J 105 17.18 9.11 32.30
CA ALA J 105 16.89 8.06 33.26
C ALA J 105 17.67 6.79 32.93
N LEU J 106 17.88 6.53 31.64
CA LEU J 106 18.61 5.33 31.24
C LEU J 106 20.10 5.47 31.54
N GLU J 107 20.66 6.67 31.39
CA GLU J 107 22.04 6.89 31.82
C GLU J 107 22.16 6.71 33.34
N LEU J 108 21.17 7.21 34.08
CA LEU J 108 21.13 6.97 35.52
C LEU J 108 21.08 5.47 35.81
N LEU J 109 20.34 4.72 35.00
CA LEU J 109 20.28 3.27 35.17
C LEU J 109 21.63 2.64 34.93
N LEU J 110 22.36 3.10 33.92
CA LEU J 110 23.70 2.58 33.66
C LEU J 110 24.63 2.84 34.83
N ARG J 111 24.59 4.05 35.38
CA ARG J 111 25.40 4.35 36.56
C ARG J 111 25.00 3.48 37.74
N LEU J 112 23.70 3.25 37.92
CA LEU J 112 23.23 2.36 38.96
C LEU J 112 23.76 0.94 38.75
N VAL J 113 23.82 0.50 37.50
CA VAL J 113 24.35 -0.83 37.20
C VAL J 113 25.81 -0.92 37.59
N GLU J 114 26.59 0.12 37.26
CA GLU J 114 28.01 0.10 37.63
C GLU J 114 28.18 0.07 39.15
N ARG J 115 27.42 0.90 39.86
CA ARG J 115 27.51 0.91 41.31
C ARG J 115 27.07 -0.43 41.90
N PHE J 116 26.06 -1.05 41.30
CA PHE J 116 25.62 -2.37 41.76
C PHE J 116 26.69 -3.42 41.52
N THR J 117 27.43 -3.30 40.42
CA THR J 117 28.56 -4.19 40.17
C THR J 117 29.61 -4.04 41.27
N GLU J 118 29.93 -2.79 41.62
CA GLU J 118 30.84 -2.56 42.74
C GLU J 118 30.31 -3.18 44.03
N ALA J 119 29.00 -3.03 44.26
CA ALA J 119 28.40 -3.56 45.49
C ALA J 119 28.51 -5.08 45.56
N VAL J 120 28.20 -5.77 44.46
CA VAL J 120 28.25 -7.23 44.49
C VAL J 120 29.69 -7.71 44.60
N LYS J 121 30.64 -6.98 43.97
CA LYS J 121 32.04 -7.31 44.18
C LYS J 121 32.42 -7.19 45.65
N ALA J 122 31.93 -6.14 46.31
CA ALA J 122 32.23 -5.95 47.73
C ALA J 122 31.60 -7.05 48.58
N ILE J 123 30.38 -7.47 48.24
CA ILE J 123 29.63 -8.40 49.08
C ILE J 123 30.31 -9.75 49.17
N GLY J 124 30.74 -10.29 48.04
CA GLY J 124 31.17 -11.67 47.98
C GLY J 124 30.02 -12.59 47.59
N THR J 125 30.32 -13.89 47.55
CA THR J 125 29.37 -14.88 47.07
C THR J 125 29.11 -15.93 48.15
N SER J 126 27.91 -16.50 48.09
CA SER J 126 27.41 -17.40 49.12
C SER J 126 26.28 -18.27 48.58
N ASN J 127 25.48 -18.84 49.48
CA ASN J 127 24.37 -19.73 49.13
C ASN J 127 23.52 -19.20 47.98
N GLU J 128 22.96 -20.12 47.20
CA GLU J 128 22.47 -19.79 45.86
C GLU J 128 21.31 -18.81 45.88
N GLU J 129 20.55 -18.75 46.97
CA GLU J 129 19.33 -17.93 46.98
C GLU J 129 19.63 -16.45 46.77
N GLU J 130 20.70 -15.99 47.40
CA GLU J 130 21.10 -14.62 47.21
C GLU J 130 21.36 -14.44 45.74
N GLU J 131 22.26 -15.25 45.21
CA GLU J 131 22.62 -15.12 43.80
C GLU J 131 21.39 -15.06 42.91
N ASN J 132 20.36 -15.85 43.24
CA ASN J 132 19.11 -15.74 42.50
C ASN J 132 18.48 -14.36 42.66
N LYS J 133 18.54 -13.81 43.87
CA LYS J 133 18.02 -12.47 44.10
C LYS J 133 18.77 -11.45 43.26
N LEU J 134 20.10 -11.55 43.22
CA LEU J 134 20.89 -10.64 42.40
C LEU J 134 20.56 -10.80 40.92
N LEU J 135 20.37 -12.04 40.47
CA LEU J 135 20.05 -12.28 39.07
C LEU J 135 18.71 -11.68 38.69
N GLU J 136 17.69 -11.81 39.55
CA GLU J 136 16.41 -11.20 39.21
C GLU J 136 16.46 -9.69 39.33
N ILE J 137 17.32 -9.16 40.21
CA ILE J 137 17.57 -7.71 40.23
C ILE J 137 18.12 -7.25 38.89
N LEU J 138 19.14 -7.97 38.39
CA LEU J 138 19.68 -7.73 37.07
C LEU J 138 18.60 -7.79 36.01
N GLU J 139 17.73 -8.80 36.10
CA GLU J 139 16.65 -8.96 35.13
C GLU J 139 15.70 -7.77 35.14
N SER J 140 15.31 -7.33 36.33
CA SER J 140 14.40 -6.18 36.42
C SER J 140 15.06 -4.94 35.84
N ILE J 141 16.35 -4.75 36.12
CA ILE J 141 17.07 -3.61 35.56
C ILE J 141 17.06 -3.68 34.04
N ALA J 142 17.33 -4.87 33.49
CA ALA J 142 17.39 -5.01 32.03
C ALA J 142 16.03 -4.74 31.40
N HIS J 143 14.98 -5.31 31.98
CA HIS J 143 13.64 -5.09 31.43
C HIS J 143 13.24 -3.63 31.51
N THR J 144 13.52 -2.97 32.64
CA THR J 144 13.17 -1.57 32.78
C THR J 144 13.94 -0.71 31.79
N ALA J 145 15.22 -1.02 31.57
CA ALA J 145 16.02 -0.22 30.64
C ALA J 145 15.58 -0.44 29.20
N ILE J 146 15.26 -1.67 28.84
CA ILE J 146 14.69 -1.93 27.52
C ILE J 146 13.38 -1.17 27.35
N LEU J 147 12.57 -1.15 28.42
CA LEU J 147 11.30 -0.45 28.38
C LEU J 147 11.51 1.05 28.17
N LEU J 148 12.51 1.62 28.83
CA LEU J 148 12.84 3.02 28.65
C LEU J 148 13.31 3.29 27.22
N ALA J 149 14.15 2.40 26.70
CA ALA J 149 14.71 2.59 25.35
C ALA J 149 13.67 2.34 24.27
N ARG J 150 12.52 1.75 24.63
CA ARG J 150 11.50 1.43 23.63
C ARG J 150 11.04 2.63 22.81
N THR J 151 11.23 3.84 23.32
CA THR J 151 10.63 5.04 22.75
C THR J 151 11.73 6.06 22.41
N LEU J 152 12.78 5.60 21.75
CA LEU J 152 13.83 6.48 21.27
C LEU J 152 14.03 6.26 19.78
N THR J 153 14.89 7.11 19.20
CA THR J 153 15.27 6.93 17.81
C THR J 153 16.11 5.66 17.67
N PRO J 154 16.08 5.01 16.50
CA PRO J 154 16.81 3.74 16.35
C PRO J 154 18.30 3.84 16.67
N LEU J 155 18.95 4.92 16.25
CA LEU J 155 20.38 5.06 16.50
C LEU J 155 20.66 5.24 17.99
N GLU J 156 19.92 6.13 18.65
CA GLU J 156 20.09 6.32 20.09
C GLU J 156 19.75 5.05 20.84
N ALA J 157 18.73 4.32 20.39
CA ALA J 157 18.39 3.05 21.00
C ALA J 157 19.55 2.07 20.90
N THR J 158 20.20 2.00 19.73
CA THR J 158 21.33 1.10 19.58
C THR J 158 22.49 1.51 20.48
N ARG J 159 22.76 2.81 20.60
CA ARG J 159 23.81 3.27 21.51
C ARG J 159 23.51 2.83 22.93
N ALA J 160 22.28 3.09 23.40
CA ALA J 160 21.90 2.72 24.75
C ALA J 160 22.04 1.22 24.96
N LEU J 161 21.61 0.43 23.97
CA LEU J 161 21.61 -1.02 24.13
C LEU J 161 23.03 -1.58 24.14
N ILE J 162 23.92 -1.05 23.31
CA ILE J 162 25.29 -1.58 23.31
C ILE J 162 26.00 -1.21 24.61
N ALA J 163 25.80 0.02 25.09
CA ALA J 163 26.36 0.40 26.38
C ALA J 163 25.80 -0.49 27.48
N LEU J 164 24.51 -0.79 27.41
CA LEU J 164 23.86 -1.64 28.39
C LEU J 164 24.47 -3.04 28.39
N VAL J 165 24.70 -3.59 27.20
CA VAL J 165 25.28 -4.92 27.08
C VAL J 165 26.69 -4.94 27.63
N VAL J 166 27.45 -3.88 27.37
CA VAL J 166 28.81 -3.80 27.94
C VAL J 166 28.74 -3.80 29.46
N ALA J 167 27.80 -3.04 30.02
CA ALA J 167 27.67 -2.99 31.48
C ALA J 167 27.31 -4.37 32.04
N PHE J 168 26.37 -5.07 31.40
CA PHE J 168 26.02 -6.39 31.90
C PHE J 168 27.16 -7.38 31.74
N THR J 169 27.95 -7.24 30.67
CA THR J 169 29.12 -8.11 30.51
C THR J 169 30.10 -7.88 31.66
N LYS J 170 30.32 -6.63 32.02
CA LYS J 170 31.18 -6.33 33.17
C LYS J 170 30.63 -6.97 34.43
N PHE J 171 29.33 -6.83 34.66
CA PHE J 171 28.73 -7.42 35.86
C PHE J 171 28.91 -8.93 35.89
N PHE J 172 28.55 -9.59 34.80
CA PHE J 172 28.65 -11.05 34.74
C PHE J 172 30.10 -11.51 34.90
N LEU J 173 31.04 -10.70 34.43
CA LEU J 173 32.44 -10.97 34.71
C LEU J 173 32.71 -10.90 36.21
N ALA J 174 32.13 -9.90 36.88
CA ALA J 174 32.36 -9.74 38.31
C ALA J 174 31.78 -10.89 39.14
N LEU J 175 30.58 -11.35 38.80
CA LEU J 175 29.86 -12.29 39.64
C LEU J 175 30.54 -13.66 39.66
N LYS J 176 30.40 -14.35 40.79
CA LYS J 176 30.90 -15.71 40.98
C LYS J 176 29.73 -16.61 41.35
N GLY J 177 29.71 -17.82 40.80
CA GLY J 177 28.65 -18.77 41.12
C GLY J 177 28.67 -19.94 40.17
N SER J 178 27.59 -20.70 40.21
CA SER J 178 27.44 -21.86 39.35
C SER J 178 27.43 -21.45 37.88
N PRO J 179 28.17 -22.14 37.01
CA PRO J 179 28.21 -21.72 35.59
C PRO J 179 26.86 -21.73 34.90
N GLU J 180 26.00 -22.72 35.19
CA GLU J 180 24.77 -22.88 34.40
C GLU J 180 23.86 -21.67 34.56
N LYS J 181 23.68 -21.20 35.81
CA LYS J 181 22.76 -20.09 36.04
C LYS J 181 23.24 -18.83 35.34
N ILE J 182 24.54 -18.54 35.43
CA ILE J 182 25.08 -17.34 34.81
C ILE J 182 24.94 -17.41 33.30
N ILE J 183 25.33 -18.54 32.70
CA ILE J 183 25.26 -18.66 31.25
C ILE J 183 23.82 -18.56 30.76
N SER J 184 22.92 -19.26 31.44
CA SER J 184 21.51 -19.22 31.03
C SER J 184 20.92 -17.83 31.15
N THR J 185 21.22 -17.14 32.26
CA THR J 185 20.69 -15.79 32.45
C THR J 185 21.23 -14.85 31.40
N PHE J 186 22.53 -14.94 31.09
CA PHE J 186 23.09 -14.05 30.07
C PHE J 186 22.47 -14.34 28.71
N GLU J 187 22.30 -15.61 28.36
CA GLU J 187 21.70 -15.94 27.07
C GLU J 187 20.26 -15.44 27.00
N SER J 188 19.54 -15.55 28.10
CA SER J 188 18.18 -15.02 28.16
C SER J 188 18.17 -13.51 27.92
N ILE J 189 19.02 -12.77 28.64
CA ILE J 189 19.08 -11.33 28.45
C ILE J 189 19.42 -11.00 27.02
N ALA J 190 20.35 -11.74 26.43
CA ALA J 190 20.71 -11.53 25.03
C ALA J 190 19.51 -11.72 24.12
N ARG J 191 18.67 -12.73 24.42
CA ARG J 191 17.49 -12.95 23.60
C ARG J 191 16.49 -11.80 23.69
N ASP J 192 16.27 -11.28 24.90
CA ASP J 192 15.41 -10.09 25.00
C ASP J 192 15.99 -8.91 24.23
N ILE J 193 17.30 -8.68 24.33
CA ILE J 193 17.91 -7.57 23.60
C ILE J 193 17.71 -7.75 22.11
N LEU J 194 17.96 -8.96 21.61
CA LEU J 194 17.83 -9.21 20.17
C LEU J 194 16.40 -9.06 19.70
N THR J 195 15.45 -9.57 20.48
CA THR J 195 14.04 -9.45 20.10
C THR J 195 13.61 -7.99 20.06
N PHE J 196 14.02 -7.21 21.06
CA PHE J 196 13.68 -5.79 21.06
C PHE J 196 14.30 -5.07 19.86
N ALA J 197 15.54 -5.40 19.53
CA ALA J 197 16.17 -4.78 18.35
C ALA J 197 15.40 -5.14 17.09
N GLU J 198 14.99 -6.41 16.97
CA GLU J 198 14.23 -6.84 15.80
C GLU J 198 12.92 -6.08 15.69
N GLN J 199 12.24 -5.88 16.82
CA GLN J 199 11.03 -5.05 16.82
C GLN J 199 11.32 -3.63 16.37
N LYS J 200 12.32 -3.00 16.97
CA LYS J 200 12.46 -1.55 16.81
C LYS J 200 13.00 -1.17 15.44
N LEU J 201 13.97 -1.94 14.92
CA LEU J 201 14.59 -1.55 13.66
C LEU J 201 13.65 -1.68 12.47
N ALA J 202 12.48 -2.29 12.65
CA ALA J 202 11.58 -2.55 11.54
C ALA J 202 11.08 -1.26 10.88
N THR J 203 11.21 -0.12 11.55
CA THR J 203 10.70 1.15 11.04
C THR J 203 11.71 1.91 10.19
N VAL J 204 12.80 1.27 9.78
CA VAL J 204 13.87 1.96 9.05
C VAL J 204 14.08 1.23 7.74
N PRO J 205 14.71 1.88 6.76
CA PRO J 205 15.13 1.18 5.54
C PRO J 205 16.06 0.03 5.87
N PRO J 206 15.99 -1.07 5.12
CA PRO J 206 16.73 -2.29 5.52
C PRO J 206 18.23 -2.15 5.55
N ALA J 207 18.81 -1.15 4.87
CA ALA J 207 20.26 -0.95 4.98
C ALA J 207 20.65 -0.57 6.40
N VAL J 208 19.91 0.35 7.02
CA VAL J 208 20.17 0.70 8.41
C VAL J 208 19.87 -0.48 9.32
N GLN J 209 18.87 -1.29 8.96
CA GLN J 209 18.64 -2.55 9.65
C GLN J 209 19.90 -3.39 9.69
N THR J 210 20.51 -3.60 8.52
CA THR J 210 21.73 -4.39 8.41
C THR J 210 22.82 -3.80 9.28
N VAL J 211 23.05 -2.49 9.15
CA VAL J 211 24.12 -1.83 9.88
C VAL J 211 23.96 -2.04 11.39
N LEU J 212 22.85 -1.54 11.92
CA LEU J 212 22.65 -1.54 13.37
C LEU J 212 22.56 -2.96 13.92
N LEU J 213 21.86 -3.85 13.20
CA LEU J 213 21.72 -5.21 13.66
C LEU J 213 23.07 -5.93 13.69
N SER J 214 23.91 -5.70 12.67
CA SER J 214 25.23 -6.32 12.67
C SER J 214 26.07 -5.82 13.84
N ALA J 215 26.00 -4.51 14.12
CA ALA J 215 26.74 -3.99 15.27
C ALA J 215 26.30 -4.65 16.56
N LEU J 216 24.98 -4.73 16.77
CA LEU J 216 24.46 -5.32 18.00
C LEU J 216 24.82 -6.79 18.13
N LEU J 217 24.68 -7.55 17.04
CA LEU J 217 25.06 -8.96 17.07
C LEU J 217 26.53 -9.13 17.40
N GLU J 218 27.40 -8.30 16.81
CA GLU J 218 28.82 -8.49 17.04
C GLU J 218 29.19 -8.18 18.49
N VAL J 219 28.64 -7.10 19.06
CA VAL J 219 28.99 -6.78 20.44
C VAL J 219 28.44 -7.85 21.40
N ILE J 220 27.22 -8.33 21.12
CA ILE J 220 26.64 -9.36 21.98
C ILE J 220 27.43 -10.65 21.87
N GLU J 221 27.96 -10.95 20.68
CA GLU J 221 28.77 -12.14 20.50
C GLU J 221 30.08 -12.01 21.27
N ASP J 222 30.69 -10.82 21.24
CA ASP J 222 31.91 -10.61 22.03
C ASP J 222 31.64 -10.81 23.51
N ALA J 223 30.50 -10.29 24.00
CA ALA J 223 30.15 -10.50 25.40
C ALA J 223 30.01 -11.98 25.71
N ARG J 224 29.33 -12.71 24.84
CA ARG J 224 29.18 -14.16 25.04
C ARG J 224 30.54 -14.84 25.07
N GLU J 225 31.44 -14.45 24.17
CA GLU J 225 32.74 -15.08 24.09
C GLU J 225 33.55 -14.84 25.36
N HIS J 226 33.47 -13.65 25.91
CA HIS J 226 34.25 -13.45 27.09
C HIS J 226 33.65 -14.33 28.16
N ILE J 227 32.36 -14.18 28.40
CA ILE J 227 31.78 -14.96 29.50
C ILE J 227 32.16 -16.43 29.37
N VAL J 228 32.16 -16.95 28.14
CA VAL J 228 32.50 -18.35 27.94
C VAL J 228 33.96 -18.61 28.29
N LYS J 229 34.87 -17.76 27.84
CA LYS J 229 36.28 -17.95 28.14
C LYS J 229 36.53 -17.91 29.64
N LYS J 230 36.06 -16.84 30.31
CA LYS J 230 36.37 -16.68 31.73
C LYS J 230 35.67 -17.73 32.57
N TYR J 231 34.38 -17.96 32.32
CA TYR J 231 33.53 -18.54 33.34
C TYR J 231 33.25 -20.02 33.10
N GLY J 232 33.71 -20.56 31.97
CA GLY J 232 33.49 -21.96 31.66
C GLY J 232 34.46 -22.89 32.35
N ASN K 25 -6.78 -45.65 30.74
CA ASN K 25 -5.91 -46.13 29.67
C ASN K 25 -6.43 -45.71 28.30
N VAL K 26 -6.14 -46.54 27.28
CA VAL K 26 -6.59 -46.24 25.93
C VAL K 26 -8.11 -46.15 25.87
N LEU K 27 -8.78 -47.09 26.53
CA LEU K 27 -10.24 -47.12 26.51
C LEU K 27 -10.83 -45.83 27.03
N GLU K 28 -10.28 -45.30 28.12
CA GLU K 28 -10.83 -44.09 28.73
C GLU K 28 -10.78 -42.92 27.76
N LYS K 29 -9.61 -42.65 27.18
CA LYS K 29 -9.48 -41.51 26.29
C LYS K 29 -10.28 -41.70 25.00
N VAL K 30 -10.32 -42.94 24.50
CA VAL K 30 -11.11 -43.21 23.29
C VAL K 30 -12.58 -42.94 23.56
N GLU K 31 -13.09 -43.39 24.71
CA GLU K 31 -14.49 -43.15 25.05
C GLU K 31 -14.76 -41.66 25.30
N GLU K 32 -13.79 -40.94 25.86
CA GLU K 32 -13.95 -39.50 26.02
C GLU K 32 -14.07 -38.82 24.66
N LEU K 33 -13.23 -39.22 23.71
CA LEU K 33 -13.34 -38.70 22.35
C LEU K 33 -14.71 -39.02 21.76
N LYS K 34 -15.17 -40.25 21.97
CA LYS K 34 -16.50 -40.67 21.54
C LYS K 34 -17.57 -39.73 22.07
N LYS K 35 -17.55 -39.48 23.38
CA LYS K 35 -18.56 -38.62 23.99
C LYS K 35 -18.50 -37.19 23.45
N GLU K 36 -17.30 -36.63 23.36
CA GLU K 36 -17.18 -35.25 22.89
C GLU K 36 -17.69 -35.11 21.45
N VAL K 37 -17.25 -36.01 20.58
CA VAL K 37 -17.69 -35.97 19.19
C VAL K 37 -19.19 -36.16 19.11
N LYS K 38 -19.74 -37.05 19.94
CA LYS K 38 -21.16 -37.31 19.94
C LYS K 38 -21.95 -36.05 20.31
N LYS K 39 -21.55 -35.37 21.38
CA LYS K 39 -22.24 -34.15 21.78
C LYS K 39 -22.16 -33.08 20.71
N LYS K 40 -20.97 -32.88 20.14
CA LYS K 40 -20.83 -31.85 19.10
C LYS K 40 -21.68 -32.19 17.89
N VAL K 41 -21.71 -33.46 17.50
CA VAL K 41 -22.49 -33.88 16.33
C VAL K 41 -23.97 -33.65 16.59
N GLU K 42 -24.45 -34.03 17.77
CA GLU K 42 -25.86 -33.79 18.10
C GLU K 42 -26.18 -32.30 18.03
N GLU K 43 -25.34 -31.47 18.64
CA GLU K 43 -25.61 -30.04 18.72
C GLU K 43 -25.67 -29.45 17.31
N VAL K 44 -24.71 -29.80 16.45
CA VAL K 44 -24.69 -29.22 15.12
C VAL K 44 -25.85 -29.75 14.27
N ALA K 45 -26.20 -31.03 14.46
CA ALA K 45 -27.29 -31.64 13.72
C ALA K 45 -28.62 -30.98 14.04
N LYS K 46 -28.81 -30.61 15.31
CA LYS K 46 -30.04 -29.93 15.71
C LYS K 46 -30.22 -28.61 14.96
N SER K 47 -29.12 -27.97 14.59
CA SER K 47 -29.15 -26.62 14.05
C SER K 47 -29.75 -26.52 12.65
N SER K 48 -30.08 -25.30 12.25
CA SER K 48 -30.59 -24.96 10.92
C SER K 48 -29.43 -24.64 9.98
N ASN K 49 -29.74 -23.97 8.87
CA ASN K 49 -28.80 -23.36 7.91
C ASN K 49 -27.61 -24.26 7.63
N VAL K 50 -27.89 -25.37 6.94
CA VAL K 50 -26.99 -26.51 6.75
C VAL K 50 -25.56 -26.15 6.36
N GLU K 51 -25.34 -24.98 5.76
CA GLU K 51 -23.97 -24.63 5.37
C GLU K 51 -23.08 -24.40 6.59
N ALA K 52 -23.61 -23.69 7.59
CA ALA K 52 -22.86 -23.53 8.83
C ALA K 52 -22.64 -24.88 9.51
N ALA K 53 -23.64 -25.76 9.45
CA ALA K 53 -23.48 -27.10 10.00
C ALA K 53 -22.36 -27.84 9.30
N LEU K 54 -22.29 -27.75 7.97
CA LEU K 54 -21.25 -28.43 7.22
C LEU K 54 -19.88 -27.89 7.59
N ILE K 55 -19.77 -26.57 7.75
CA ILE K 55 -18.52 -25.99 8.24
C ILE K 55 -18.15 -26.60 9.59
N LYS K 56 -19.14 -26.74 10.47
CA LYS K 56 -18.88 -27.27 11.80
C LYS K 56 -18.41 -28.71 11.75
N LEU K 57 -19.04 -29.52 10.91
CA LEU K 57 -18.61 -30.89 10.73
C LEU K 57 -17.18 -30.91 10.24
N LEU K 58 -16.88 -30.07 9.25
CA LEU K 58 -15.53 -30.05 8.70
C LEU K 58 -14.50 -29.78 9.79
N GLU K 59 -14.77 -28.78 10.64
CA GLU K 59 -13.81 -28.45 11.70
C GLU K 59 -13.73 -29.58 12.73
N ILE K 60 -14.87 -30.19 13.05
CA ILE K 60 -14.88 -31.32 13.99
C ILE K 60 -14.07 -32.48 13.43
N LEU K 61 -14.24 -32.79 12.14
CA LEU K 61 -13.49 -33.87 11.54
C LEU K 61 -12.00 -33.56 11.54
N ASP K 62 -11.63 -32.30 11.29
CA ASP K 62 -10.24 -31.91 11.34
C ASP K 62 -9.65 -32.15 12.72
N GLU K 63 -10.31 -31.63 13.76
CA GLU K 63 -9.77 -31.78 15.11
C GLU K 63 -9.77 -33.24 15.56
N PHE K 64 -10.75 -34.02 15.11
CA PHE K 64 -10.76 -35.45 15.41
C PHE K 64 -9.59 -36.16 14.74
N ILE K 65 -9.29 -35.78 13.50
CA ILE K 65 -8.11 -36.32 12.83
C ILE K 65 -6.86 -36.01 13.63
N HIS K 66 -6.75 -34.77 14.09
CA HIS K 66 -5.60 -34.38 14.90
C HIS K 66 -5.49 -35.23 16.16
N GLN K 67 -6.59 -35.37 16.88
CA GLN K 67 -6.58 -36.11 18.13
C GLN K 67 -6.21 -37.57 17.90
N VAL K 68 -6.76 -38.18 16.85
CA VAL K 68 -6.41 -39.57 16.54
C VAL K 68 -4.93 -39.68 16.19
N LYS K 69 -4.43 -38.72 15.41
CA LYS K 69 -3.02 -38.74 15.03
C LYS K 69 -2.11 -38.69 16.25
N LEU K 70 -2.46 -37.85 17.23
CA LEU K 70 -1.68 -37.75 18.45
C LEU K 70 -1.70 -39.07 19.24
N LEU K 71 -2.87 -39.68 19.37
CA LEU K 71 -2.98 -40.89 20.16
C LEU K 71 -2.34 -42.07 19.43
N PRO K 72 -1.73 -43.00 20.15
CA PRO K 72 -1.23 -44.22 19.49
C PRO K 72 -2.39 -45.14 19.11
N VAL K 73 -2.39 -45.59 17.86
CA VAL K 73 -3.47 -46.39 17.31
C VAL K 73 -3.06 -47.85 17.29
N ASN K 74 -3.92 -48.72 17.81
CA ASN K 74 -3.69 -50.15 17.81
C ASN K 74 -4.95 -50.85 17.32
N GLU K 75 -4.85 -52.18 17.22
CA GLU K 75 -6.00 -52.96 16.74
C GLU K 75 -7.16 -52.93 17.73
N GLU K 76 -6.87 -52.68 19.00
CA GLU K 76 -7.91 -52.69 20.02
C GLU K 76 -8.89 -51.53 19.85
N ASN K 77 -8.40 -50.31 19.59
CA ASN K 77 -9.24 -49.13 19.53
C ASN K 77 -9.78 -48.81 18.15
N ARG K 78 -9.42 -49.59 17.13
CA ARG K 78 -9.87 -49.30 15.77
C ARG K 78 -11.38 -49.26 15.60
N PRO K 79 -12.16 -50.25 16.09
CA PRO K 79 -13.61 -50.20 15.82
C PRO K 79 -14.29 -48.94 16.34
N ILE K 80 -13.88 -48.45 17.51
CA ILE K 80 -14.52 -47.26 18.07
C ILE K 80 -14.23 -46.05 17.20
N LEU K 81 -12.99 -45.89 16.76
CA LEU K 81 -12.66 -44.80 15.85
C LEU K 81 -13.44 -44.91 14.55
N VAL K 82 -13.59 -46.14 14.04
CA VAL K 82 -14.32 -46.32 12.78
C VAL K 82 -15.79 -45.94 12.95
N GLU K 83 -16.41 -46.33 14.06
CA GLU K 83 -17.82 -46.00 14.24
C GLU K 83 -18.00 -44.50 14.51
N ILE K 84 -17.02 -43.87 15.16
CA ILE K 84 -17.07 -42.41 15.30
C ILE K 84 -17.04 -41.74 13.92
N LEU K 85 -16.12 -42.22 13.06
CA LEU K 85 -16.05 -41.71 11.70
C LEU K 85 -17.36 -41.93 10.96
N GLU K 86 -17.99 -43.10 11.16
CA GLU K 86 -19.25 -43.39 10.50
C GLU K 86 -20.34 -42.46 10.97
N ILE K 87 -20.39 -42.16 12.28
CA ILE K 87 -21.36 -41.21 12.81
C ILE K 87 -21.18 -39.85 12.14
N ILE K 88 -19.94 -39.38 12.10
CA ILE K 88 -19.66 -38.07 11.51
C ILE K 88 -20.05 -38.06 10.04
N ALA K 89 -19.73 -39.14 9.32
CA ALA K 89 -20.02 -39.20 7.89
C ALA K 89 -21.51 -39.21 7.62
N ASN K 90 -22.27 -40.01 8.39
CA ASN K 90 -23.72 -40.04 8.19
C ASN K 90 -24.33 -38.68 8.49
N THR K 91 -23.89 -38.03 9.58
CA THR K 91 -24.44 -36.72 9.91
C THR K 91 -24.15 -35.71 8.81
N ALA K 92 -22.90 -35.69 8.32
CA ALA K 92 -22.52 -34.74 7.29
C ALA K 92 -23.27 -35.00 5.99
N VAL K 93 -23.39 -36.28 5.61
CA VAL K 93 -24.08 -36.62 4.37
C VAL K 93 -25.54 -36.22 4.45
N HIS K 94 -26.20 -36.52 5.58
CA HIS K 94 -27.61 -36.18 5.73
C HIS K 94 -27.80 -34.67 5.70
N LYS K 95 -26.92 -33.93 6.39
CA LYS K 95 -27.03 -32.48 6.40
C LYS K 95 -26.84 -31.88 5.01
N ALA K 96 -25.85 -32.41 4.27
CA ALA K 96 -25.60 -31.93 2.91
C ALA K 96 -26.81 -32.22 2.01
N ARG K 97 -27.39 -33.41 2.16
CA ARG K 97 -28.58 -33.76 1.41
C ARG K 97 -29.78 -32.90 1.78
N ASP K 98 -29.84 -32.39 3.01
CA ASP K 98 -31.03 -31.73 3.51
C ASP K 98 -31.40 -30.46 2.75
N GLY K 99 -30.63 -30.05 1.75
CA GLY K 99 -31.02 -28.93 0.92
C GLY K 99 -30.18 -27.69 1.09
N ALA K 100 -29.59 -27.25 -0.02
CA ALA K 100 -28.78 -26.04 -0.08
C ALA K 100 -28.51 -25.77 -1.55
N GLU K 101 -27.80 -24.67 -1.82
CA GLU K 101 -27.39 -24.38 -3.18
C GLU K 101 -26.43 -25.47 -3.64
N PRO K 102 -26.63 -26.08 -4.80
CA PRO K 102 -25.88 -27.30 -5.14
C PRO K 102 -24.37 -27.13 -5.17
N GLU K 103 -23.84 -26.12 -5.85
CA GLU K 103 -22.40 -26.07 -6.11
C GLU K 103 -21.62 -25.95 -4.80
N PHE K 104 -22.10 -25.11 -3.88
CA PHE K 104 -21.47 -24.97 -2.58
C PHE K 104 -21.47 -26.31 -1.85
N ALA K 105 -22.58 -27.04 -1.91
CA ALA K 105 -22.66 -28.35 -1.27
C ALA K 105 -21.67 -29.32 -1.91
N LEU K 106 -21.49 -29.24 -3.22
CA LEU K 106 -20.52 -30.10 -3.89
C LEU K 106 -19.10 -29.83 -3.42
N GLU K 107 -18.70 -28.56 -3.33
CA GLU K 107 -17.35 -28.28 -2.84
C GLU K 107 -17.20 -28.69 -1.38
N LEU K 108 -18.24 -28.49 -0.57
CA LEU K 108 -18.18 -28.95 0.82
C LEU K 108 -18.01 -30.46 0.89
N LEU K 109 -18.71 -31.19 0.02
CA LEU K 109 -18.59 -32.65 -0.01
C LEU K 109 -17.21 -33.08 -0.47
N LEU K 110 -16.62 -32.36 -1.43
CA LEU K 110 -15.26 -32.68 -1.86
C LEU K 110 -14.26 -32.47 -0.72
N ARG K 111 -14.38 -31.37 0.01
CA ARG K 111 -13.51 -31.16 1.15
C ARG K 111 -13.71 -32.24 2.21
N LEU K 112 -14.96 -32.61 2.46
CA LEU K 112 -15.24 -33.69 3.40
C LEU K 112 -14.60 -35.00 2.94
N VAL K 113 -14.64 -35.28 1.64
CA VAL K 113 -14.05 -36.50 1.11
C VAL K 113 -12.54 -36.48 1.33
N GLU K 114 -11.90 -35.34 1.07
CA GLU K 114 -10.46 -35.25 1.27
C GLU K 114 -10.09 -35.44 2.74
N ARG K 115 -10.83 -34.78 3.64
CA ARG K 115 -10.53 -34.93 5.06
C ARG K 115 -10.77 -36.35 5.53
N PHE K 116 -11.83 -36.99 5.04
CA PHE K 116 -12.13 -38.35 5.46
C PHE K 116 -11.09 -39.32 4.91
N THR K 117 -10.55 -39.03 3.73
CA THR K 117 -9.43 -39.80 3.20
C THR K 117 -8.22 -39.68 4.12
N GLU K 118 -7.92 -38.46 4.57
CA GLU K 118 -6.83 -38.30 5.51
C GLU K 118 -7.10 -39.05 6.80
N ALA K 119 -8.36 -39.05 7.24
CA ALA K 119 -8.75 -39.75 8.46
C ALA K 119 -8.51 -41.25 8.34
N VAL K 120 -8.96 -41.86 7.24
CA VAL K 120 -8.79 -43.30 7.09
C VAL K 120 -7.32 -43.64 6.92
N LYS K 121 -6.55 -42.77 6.25
CA LYS K 121 -5.11 -42.98 6.18
C LYS K 121 -4.49 -43.00 7.57
N ALA K 122 -4.93 -42.08 8.44
CA ALA K 122 -4.42 -42.05 9.81
C ALA K 122 -4.86 -43.28 10.59
N ILE K 123 -6.08 -43.76 10.36
CA ILE K 123 -6.65 -44.84 11.16
C ILE K 123 -5.85 -46.12 11.00
N GLY K 124 -5.51 -46.47 9.76
CA GLY K 124 -5.00 -47.80 9.49
C GLY K 124 -6.12 -48.74 9.08
N THR K 125 -5.75 -50.00 8.87
CA THR K 125 -6.68 -50.99 8.35
C THR K 125 -6.74 -52.20 9.28
N SER K 126 -7.88 -52.90 9.20
CA SER K 126 -8.19 -53.97 10.15
C SER K 126 -9.20 -54.95 9.56
N ASN K 127 -9.85 -55.72 10.44
CA ASN K 127 -10.89 -56.68 10.07
C ASN K 127 -11.88 -56.13 9.04
N GLU K 128 -12.38 -57.02 8.18
CA GLU K 128 -13.05 -56.61 6.96
C GLU K 128 -14.31 -55.79 7.21
N GLU K 129 -14.94 -55.95 8.37
CA GLU K 129 -16.20 -55.25 8.64
C GLU K 129 -16.02 -53.75 8.64
N GLU K 130 -14.92 -53.27 9.23
CA GLU K 130 -14.66 -51.83 9.23
C GLU K 130 -14.41 -51.31 7.82
N GLU K 131 -13.73 -52.09 6.98
CA GLU K 131 -13.55 -51.71 5.59
C GLU K 131 -14.89 -51.65 4.86
N ASN K 132 -15.79 -52.58 5.19
CA ASN K 132 -17.14 -52.52 4.62
C ASN K 132 -17.85 -51.24 5.04
N LYS K 133 -17.72 -50.87 6.31
CA LYS K 133 -18.34 -49.64 6.78
C LYS K 133 -17.78 -48.43 6.05
N LEU K 134 -16.46 -48.37 5.87
CA LEU K 134 -15.86 -47.26 5.15
C LEU K 134 -16.32 -47.22 3.70
N LEU K 135 -16.39 -48.39 3.06
CA LEU K 135 -16.82 -48.44 1.67
C LEU K 135 -18.26 -47.99 1.50
N GLU K 136 -19.14 -48.41 2.42
CA GLU K 136 -20.54 -47.98 2.31
C GLU K 136 -20.67 -46.49 2.63
N ILE K 137 -19.82 -45.96 3.52
CA ILE K 137 -19.79 -44.52 3.76
C ILE K 137 -19.43 -43.79 2.47
N LEU K 138 -18.38 -44.24 1.80
CA LEU K 138 -17.97 -43.64 0.54
C LEU K 138 -19.06 -43.73 -0.52
N GLU K 139 -19.74 -44.88 -0.57
CA GLU K 139 -20.78 -45.07 -1.56
C GLU K 139 -21.98 -44.16 -1.30
N SER K 140 -22.36 -43.99 -0.04
CA SER K 140 -23.41 -43.05 0.29
C SER K 140 -23.00 -41.62 -0.07
N ILE K 141 -21.73 -41.28 0.15
CA ILE K 141 -21.23 -39.97 -0.27
C ILE K 141 -21.39 -39.82 -1.78
N ALA K 142 -21.03 -40.86 -2.53
CA ALA K 142 -21.16 -40.80 -3.99
C ALA K 142 -22.61 -40.58 -4.40
N HIS K 143 -23.52 -41.33 -3.79
CA HIS K 143 -24.94 -41.19 -4.14
C HIS K 143 -25.45 -39.80 -3.82
N THR K 144 -25.11 -39.28 -2.64
CA THR K 144 -25.56 -37.95 -2.26
C THR K 144 -25.01 -36.89 -3.19
N ALA K 145 -23.74 -37.01 -3.58
CA ALA K 145 -23.13 -36.02 -4.46
C ALA K 145 -23.74 -36.07 -5.85
N ILE K 146 -24.00 -37.27 -6.36
CA ILE K 146 -24.68 -37.39 -7.65
C ILE K 146 -26.07 -36.78 -7.57
N LEU K 147 -26.78 -37.05 -6.47
CA LEU K 147 -28.12 -36.50 -6.29
C LEU K 147 -28.10 -34.98 -6.27
N LEU K 148 -27.11 -34.40 -5.60
CA LEU K 148 -26.99 -32.95 -5.55
C LEU K 148 -26.66 -32.38 -6.93
N ALA K 149 -25.74 -33.03 -7.65
CA ALA K 149 -25.35 -32.53 -8.96
C ALA K 149 -26.43 -32.78 -10.01
N ARG K 150 -27.43 -33.58 -9.67
CA ARG K 150 -28.52 -33.91 -10.58
C ARG K 150 -29.22 -32.69 -11.18
N THR K 151 -29.09 -31.54 -10.56
CA THR K 151 -29.88 -30.36 -10.92
C THR K 151 -28.96 -29.18 -11.20
N LEU K 152 -27.93 -29.41 -12.01
CA LEU K 152 -27.03 -28.34 -12.45
C LEU K 152 -27.03 -28.26 -13.97
N THR K 153 -26.32 -27.27 -14.48
CA THR K 153 -26.08 -27.19 -15.91
C THR K 153 -25.16 -28.35 -16.33
N PRO K 154 -25.28 -28.82 -17.57
CA PRO K 154 -24.46 -29.99 -17.99
C PRO K 154 -22.97 -29.79 -17.80
N LEU K 155 -22.45 -28.60 -18.12
CA LEU K 155 -21.02 -28.37 -18.00
C LEU K 155 -20.58 -28.34 -16.53
N GLU K 156 -21.35 -27.64 -15.68
CA GLU K 156 -21.03 -27.60 -14.26
C GLU K 156 -21.13 -28.98 -13.64
N ALA K 157 -22.14 -29.75 -14.05
CA ALA K 157 -22.25 -31.13 -13.59
C ALA K 157 -21.03 -31.93 -14.01
N THR K 158 -20.55 -31.71 -15.24
CA THR K 158 -19.36 -32.42 -15.70
C THR K 158 -18.15 -32.08 -14.84
N ARG K 159 -17.96 -30.79 -14.55
CA ARG K 159 -16.84 -30.37 -13.72
C ARG K 159 -16.91 -31.02 -12.34
N ALA K 160 -18.08 -30.94 -11.69
CA ALA K 160 -18.22 -31.52 -10.37
C ALA K 160 -17.95 -33.02 -10.40
N LEU K 161 -18.48 -33.70 -11.41
CA LEU K 161 -18.32 -35.15 -11.48
C LEU K 161 -16.86 -35.54 -11.69
N ILE K 162 -16.13 -34.82 -12.56
CA ILE K 162 -14.75 -35.23 -12.82
C ILE K 162 -13.87 -34.97 -11.60
N ALA K 163 -14.02 -33.79 -10.98
CA ALA K 163 -13.27 -33.53 -9.76
C ALA K 163 -13.61 -34.57 -8.70
N LEU K 164 -14.87 -34.98 -8.65
CA LEU K 164 -15.32 -35.85 -7.58
C LEU K 164 -14.75 -37.25 -7.76
N VAL K 165 -14.73 -37.74 -8.99
CA VAL K 165 -14.17 -39.07 -9.24
C VAL K 165 -12.66 -39.05 -9.05
N VAL K 166 -12.03 -37.90 -9.32
CA VAL K 166 -10.61 -37.76 -8.97
C VAL K 166 -10.43 -37.93 -7.47
N ALA K 167 -11.34 -37.35 -6.68
CA ALA K 167 -11.28 -37.53 -5.24
C ALA K 167 -11.43 -39.00 -4.86
N PHE K 168 -12.35 -39.72 -5.50
CA PHE K 168 -12.45 -41.15 -5.23
C PHE K 168 -11.17 -41.89 -5.61
N THR K 169 -10.52 -41.49 -6.71
CA THR K 169 -9.29 -42.15 -7.10
C THR K 169 -8.23 -41.98 -6.03
N LYS K 170 -8.10 -40.75 -5.52
CA LYS K 170 -7.16 -40.50 -4.42
C LYS K 170 -7.49 -41.38 -3.22
N PHE K 171 -8.77 -41.46 -2.85
CA PHE K 171 -9.14 -42.29 -1.71
C PHE K 171 -8.79 -43.74 -1.94
N PHE K 172 -9.22 -44.30 -3.07
CA PHE K 172 -9.04 -45.73 -3.33
C PHE K 172 -7.56 -46.08 -3.42
N LEU K 173 -6.74 -45.15 -3.89
CA LEU K 173 -5.30 -45.35 -3.79
C LEU K 173 -4.88 -45.38 -2.32
N ALA K 174 -5.44 -44.48 -1.51
CA ALA K 174 -5.04 -44.41 -0.11
C ALA K 174 -5.43 -45.65 0.69
N LEU K 175 -6.62 -46.20 0.44
CA LEU K 175 -7.12 -47.30 1.26
C LEU K 175 -6.26 -48.55 1.09
N LYS K 176 -6.16 -49.33 2.16
CA LYS K 176 -5.50 -50.62 2.17
C LYS K 176 -6.55 -51.69 2.44
N GLY K 177 -6.48 -52.79 1.70
CA GLY K 177 -7.45 -53.87 1.91
C GLY K 177 -7.35 -54.91 0.81
N SER K 178 -8.30 -55.83 0.84
CA SER K 178 -8.37 -56.89 -0.15
C SER K 178 -8.70 -56.31 -1.53
N PRO K 179 -7.95 -56.65 -2.57
CA PRO K 179 -8.11 -55.97 -3.86
C PRO K 179 -9.50 -56.10 -4.48
N GLU K 180 -10.12 -57.27 -4.40
CA GLU K 180 -11.35 -57.52 -5.16
C GLU K 180 -12.48 -56.59 -4.71
N LYS K 181 -12.59 -56.36 -3.40
CA LYS K 181 -13.64 -55.48 -2.90
C LYS K 181 -13.44 -54.06 -3.41
N ILE K 182 -12.20 -53.56 -3.37
CA ILE K 182 -11.92 -52.20 -3.83
C ILE K 182 -12.23 -52.08 -5.32
N ILE K 183 -11.79 -53.06 -6.11
CA ILE K 183 -12.02 -53.00 -7.55
C ILE K 183 -13.50 -53.02 -7.86
N SER K 184 -14.24 -53.93 -7.21
CA SER K 184 -15.68 -54.03 -7.46
C SER K 184 -16.40 -52.75 -7.06
N THR K 185 -16.05 -52.19 -5.89
CA THR K 185 -16.70 -50.97 -5.44
C THR K 185 -16.42 -49.81 -6.39
N PHE K 186 -15.17 -49.67 -6.83
CA PHE K 186 -14.84 -48.58 -7.76
C PHE K 186 -15.55 -48.76 -9.08
N GLU K 187 -15.62 -50.00 -9.58
CA GLU K 187 -16.32 -50.25 -10.83
C GLU K 187 -17.80 -49.91 -10.71
N SER K 188 -18.41 -50.26 -9.58
CA SER K 188 -19.81 -49.93 -9.36
C SER K 188 -20.02 -48.41 -9.32
N ILE K 189 -19.14 -47.70 -8.61
CA ILE K 189 -19.24 -46.25 -8.57
C ILE K 189 -19.12 -45.66 -9.97
N ALA K 190 -18.18 -46.18 -10.75
CA ALA K 190 -18.04 -45.74 -12.13
C ALA K 190 -19.31 -45.99 -12.92
N ARG K 191 -19.98 -47.12 -12.64
CA ARG K 191 -21.22 -47.45 -13.34
C ARG K 191 -22.31 -46.43 -13.04
N ASP K 192 -22.47 -46.06 -11.77
CA ASP K 192 -23.42 -45.01 -11.43
C ASP K 192 -23.06 -43.68 -12.07
N ILE K 193 -21.78 -43.32 -12.06
CA ILE K 193 -21.37 -42.06 -12.67
C ILE K 193 -21.71 -42.03 -14.15
N LEU K 194 -21.39 -43.12 -14.86
CA LEU K 194 -21.66 -43.20 -16.29
C LEU K 194 -23.14 -43.17 -16.58
N THR K 195 -23.94 -43.89 -15.77
CA THR K 195 -25.38 -43.89 -15.96
C THR K 195 -25.96 -42.49 -15.77
N PHE K 196 -25.49 -41.78 -14.74
CA PHE K 196 -25.99 -40.43 -14.50
C PHE K 196 -25.59 -39.50 -15.64
N ALA K 197 -24.38 -39.66 -16.17
CA ALA K 197 -23.98 -38.85 -17.32
C ALA K 197 -24.87 -39.13 -18.52
N GLU K 198 -25.16 -40.41 -18.78
CA GLU K 198 -26.03 -40.76 -19.90
C GLU K 198 -27.42 -40.16 -19.70
N GLN K 199 -27.88 -40.09 -18.46
CA GLN K 199 -29.11 -39.36 -18.16
C GLN K 199 -28.97 -37.88 -18.51
N LYS K 200 -27.93 -37.24 -17.99
CA LYS K 200 -27.92 -35.78 -17.95
C LYS K 200 -27.63 -35.16 -19.32
N LEU K 201 -26.63 -35.68 -20.03
CA LEU K 201 -26.33 -35.09 -21.34
C LEU K 201 -27.38 -35.40 -22.39
N ALA K 202 -28.48 -36.06 -22.03
CA ALA K 202 -29.54 -36.32 -23.00
C ALA K 202 -30.27 -35.05 -23.42
N THR K 203 -30.08 -33.95 -22.69
CA THR K 203 -30.80 -32.70 -22.97
C THR K 203 -30.00 -31.73 -23.83
N VAL K 204 -28.86 -32.13 -24.36
CA VAL K 204 -27.97 -31.23 -25.10
C VAL K 204 -27.83 -31.77 -26.51
N PRO K 205 -27.41 -30.94 -27.47
CA PRO K 205 -27.10 -31.44 -28.80
C PRO K 205 -26.01 -32.48 -28.75
N PRO K 206 -26.05 -33.46 -29.65
CA PRO K 206 -25.14 -34.62 -29.51
C PRO K 206 -23.65 -34.28 -29.62
N ALA K 207 -23.30 -33.14 -30.21
CA ALA K 207 -21.89 -32.74 -30.21
C ALA K 207 -21.39 -32.50 -28.79
N VAL K 208 -22.18 -31.79 -27.98
CA VAL K 208 -21.82 -31.60 -26.58
C VAL K 208 -21.81 -32.93 -25.86
N GLN K 209 -22.72 -33.83 -26.23
CA GLN K 209 -22.69 -35.18 -25.70
C GLN K 209 -21.33 -35.83 -25.93
N THR K 210 -20.86 -35.80 -27.18
CA THR K 210 -19.57 -36.37 -27.53
C THR K 210 -18.48 -35.75 -26.67
N VAL K 211 -18.46 -34.41 -26.63
CA VAL K 211 -17.41 -33.70 -25.89
C VAL K 211 -17.36 -34.14 -24.43
N LEU K 212 -18.43 -33.86 -23.70
CA LEU K 212 -18.41 -34.10 -22.25
C LEU K 212 -18.31 -35.58 -21.93
N LEU K 213 -19.03 -36.42 -22.68
CA LEU K 213 -19.01 -37.85 -22.40
C LEU K 213 -17.62 -38.42 -22.63
N SER K 214 -16.93 -37.99 -23.70
CA SER K 214 -15.57 -38.45 -23.94
C SER K 214 -14.63 -38.01 -22.83
N ALA K 215 -14.79 -36.76 -22.36
CA ALA K 215 -13.96 -36.30 -21.24
C ALA K 215 -14.16 -37.19 -20.02
N LEU K 216 -15.43 -37.47 -19.69
CA LEU K 216 -15.73 -38.26 -18.51
C LEU K 216 -15.17 -39.68 -18.64
N LEU K 217 -15.36 -40.29 -19.81
CA LEU K 217 -14.81 -41.62 -20.03
C LEU K 217 -13.31 -41.63 -19.87
N GLU K 218 -12.63 -40.65 -20.45
CA GLU K 218 -11.17 -40.65 -20.39
C GLU K 218 -10.71 -40.53 -18.95
N VAL K 219 -11.32 -39.64 -18.16
CA VAL K 219 -10.86 -39.46 -16.79
C VAL K 219 -11.16 -40.71 -15.96
N ILE K 220 -12.30 -41.35 -16.21
CA ILE K 220 -12.66 -42.53 -15.43
C ILE K 220 -11.77 -43.71 -15.80
N GLU K 221 -11.37 -43.78 -17.08
CA GLU K 221 -10.46 -44.84 -17.51
C GLU K 221 -9.07 -44.63 -16.90
N ASP K 222 -8.62 -43.38 -16.84
CA ASP K 222 -7.34 -43.10 -16.19
C ASP K 222 -7.38 -43.51 -14.72
N ALA K 223 -8.48 -43.18 -14.04
CA ALA K 223 -8.62 -43.59 -12.65
C ALA K 223 -8.60 -45.12 -12.52
N ARG K 224 -9.32 -45.80 -13.40
CA ARG K 224 -9.35 -47.26 -13.38
C ARG K 224 -7.95 -47.83 -13.58
N GLU K 225 -7.20 -47.28 -14.52
CA GLU K 225 -5.86 -47.76 -14.79
C GLU K 225 -4.96 -47.58 -13.58
N HIS K 226 -5.07 -46.47 -12.89
CA HIS K 226 -4.20 -46.32 -11.77
C HIS K 226 -4.59 -47.38 -10.76
N ILE K 227 -5.86 -47.42 -10.40
CA ILE K 227 -6.25 -48.37 -9.36
C ILE K 227 -5.78 -49.77 -9.71
N VAL K 228 -5.89 -50.14 -10.99
CA VAL K 228 -5.48 -51.48 -11.40
C VAL K 228 -3.98 -51.67 -11.21
N LYS K 229 -3.18 -50.68 -11.61
CA LYS K 229 -1.74 -50.79 -11.43
C LYS K 229 -1.37 -50.88 -9.94
N LYS K 230 -1.88 -49.94 -9.14
CA LYS K 230 -1.47 -49.88 -7.74
C LYS K 230 -1.95 -51.10 -6.97
N TYR K 231 -3.19 -51.53 -7.21
CA TYR K 231 -3.80 -52.56 -6.40
C TYR K 231 -3.76 -53.94 -7.06
N GLY K 232 -3.13 -54.05 -8.23
CA GLY K 232 -3.06 -55.33 -8.92
C GLY K 232 -2.27 -56.37 -8.16
N ASN L 25 74.37 -11.34 24.39
CA ASN L 25 74.31 -10.60 23.14
C ASN L 25 72.92 -10.00 22.91
N VAL L 26 72.61 -9.68 21.64
CA VAL L 26 71.37 -8.98 21.32
C VAL L 26 70.16 -9.80 21.76
N LEU L 27 70.26 -11.13 21.63
CA LEU L 27 69.16 -12.01 22.03
C LEU L 27 68.72 -11.75 23.46
N GLU L 28 69.67 -11.49 24.35
CA GLU L 28 69.34 -11.30 25.76
C GLU L 28 68.44 -10.09 25.96
N LYS L 29 68.85 -8.93 25.42
CA LYS L 29 68.04 -7.73 25.58
C LYS L 29 66.72 -7.85 24.84
N VAL L 30 66.72 -8.49 23.68
CA VAL L 30 65.47 -8.65 22.94
C VAL L 30 64.48 -9.49 23.72
N GLU L 31 64.96 -10.59 24.33
CA GLU L 31 64.08 -11.43 25.13
C GLU L 31 63.64 -10.74 26.41
N GLU L 32 64.50 -9.92 27.01
CA GLU L 32 64.09 -9.14 28.17
C GLU L 32 62.96 -8.18 27.81
N LEU L 33 63.09 -7.51 26.65
CA LEU L 33 62.03 -6.63 26.18
C LEU L 33 60.75 -7.42 25.95
N LYS L 34 60.87 -8.61 25.35
CA LYS L 34 59.75 -9.51 25.14
C LYS L 34 59.03 -9.78 26.44
N LYS L 35 59.78 -10.19 27.47
CA LYS L 35 59.17 -10.51 28.76
C LYS L 35 58.49 -9.30 29.39
N GLU L 36 59.17 -8.16 29.40
CA GLU L 36 58.60 -6.97 30.02
C GLU L 36 57.30 -6.55 29.33
N VAL L 37 57.33 -6.49 27.99
CA VAL L 37 56.13 -6.11 27.26
C VAL L 37 55.02 -7.12 27.49
N LYS L 38 55.39 -8.41 27.57
CA LYS L 38 54.40 -9.45 27.80
C LYS L 38 53.70 -9.25 29.13
N LYS L 39 54.46 -9.03 30.20
CA LYS L 39 53.86 -8.83 31.51
C LYS L 39 52.98 -7.58 31.53
N LYS L 40 53.47 -6.47 30.96
CA LYS L 40 52.66 -5.26 30.97
C LYS L 40 51.37 -5.44 30.19
N VAL L 41 51.45 -6.14 29.04
CA VAL L 41 50.26 -6.40 28.25
C VAL L 41 49.27 -7.25 29.03
N GLU L 42 49.77 -8.28 29.73
CA GLU L 42 48.91 -9.12 30.55
C GLU L 42 48.17 -8.28 31.60
N GLU L 43 48.92 -7.48 32.37
CA GLU L 43 48.28 -6.72 33.44
C GLU L 43 47.27 -5.71 32.89
N VAL L 44 47.61 -5.04 31.79
CA VAL L 44 46.68 -4.04 31.26
C VAL L 44 45.43 -4.72 30.70
N ALA L 45 45.61 -5.89 30.08
CA ALA L 45 44.49 -6.64 29.51
C ALA L 45 43.54 -7.13 30.61
N LYS L 46 44.10 -7.56 31.73
CA LYS L 46 43.26 -8.05 32.82
C LYS L 46 42.30 -7.00 33.33
N SER L 47 42.74 -5.74 33.34
CA SER L 47 41.96 -4.65 33.92
C SER L 47 40.69 -4.35 33.13
N SER L 48 39.74 -3.68 33.78
CA SER L 48 38.49 -3.26 33.15
C SER L 48 38.65 -1.89 32.51
N ASN L 49 37.55 -1.15 32.35
CA ASN L 49 37.48 0.26 31.96
C ASN L 49 38.44 0.56 30.82
N VAL L 50 38.16 -0.04 29.66
CA VAL L 50 39.08 -0.17 28.52
C VAL L 50 39.78 1.12 28.13
N GLU L 51 39.24 2.28 28.53
CA GLU L 51 39.89 3.54 28.19
C GLU L 51 41.27 3.66 28.85
N ALA L 52 41.35 3.34 30.14
CA ALA L 52 42.64 3.34 30.82
C ALA L 52 43.56 2.29 30.22
N ALA L 53 43.00 1.16 29.80
CA ALA L 53 43.79 0.13 29.15
C ALA L 53 44.41 0.65 27.86
N LEU L 54 43.62 1.37 27.07
CA LEU L 54 44.13 1.93 25.83
C LEU L 54 45.23 2.96 26.09
N ILE L 55 45.03 3.81 27.10
CA ILE L 55 46.05 4.81 27.43
C ILE L 55 47.35 4.11 27.85
N LYS L 56 47.25 3.10 28.71
CA LYS L 56 48.44 2.39 29.16
C LYS L 56 49.12 1.68 28.01
N LEU L 57 48.34 1.09 27.10
CA LEU L 57 48.94 0.42 25.95
C LEU L 57 49.63 1.41 25.03
N LEU L 58 49.06 2.61 24.86
CA LEU L 58 49.74 3.63 24.07
C LEU L 58 51.07 4.03 24.71
N GLU L 59 51.10 4.18 26.03
CA GLU L 59 52.34 4.54 26.70
C GLU L 59 53.37 3.42 26.57
N ILE L 60 52.91 2.16 26.68
CA ILE L 60 53.80 1.02 26.47
C ILE L 60 54.37 1.02 25.07
N LEU L 61 53.52 1.32 24.07
CA LEU L 61 53.98 1.36 22.70
C LEU L 61 55.03 2.45 22.50
N ASP L 62 54.81 3.61 23.13
CA ASP L 62 55.78 4.70 23.02
C ASP L 62 57.12 4.31 23.62
N GLU L 63 57.11 3.75 24.82
CA GLU L 63 58.39 3.38 25.46
C GLU L 63 59.07 2.26 24.69
N PHE L 64 58.28 1.33 24.12
CA PHE L 64 58.85 0.29 23.29
C PHE L 64 59.49 0.87 22.03
N ILE L 65 58.86 1.88 21.44
CA ILE L 65 59.42 2.54 20.27
C ILE L 65 60.77 3.18 20.63
N HIS L 66 60.81 3.87 21.76
CA HIS L 66 62.06 4.49 22.19
C HIS L 66 63.14 3.45 22.41
N GLN L 67 62.79 2.34 23.08
CA GLN L 67 63.76 1.29 23.34
C GLN L 67 64.29 0.68 22.06
N VAL L 68 63.40 0.43 21.09
CA VAL L 68 63.82 -0.14 19.81
C VAL L 68 64.74 0.83 19.08
N LYS L 69 64.38 2.12 19.07
CA LYS L 69 65.22 3.12 18.41
C LYS L 69 66.61 3.14 19.03
N LEU L 70 66.68 3.02 20.34
CA LEU L 70 67.98 2.99 21.03
C LEU L 70 68.78 1.76 20.60
N LEU L 71 68.13 0.61 20.55
CA LEU L 71 68.84 -0.63 20.24
C LEU L 71 69.23 -0.67 18.77
N PRO L 72 70.36 -1.28 18.42
CA PRO L 72 70.68 -1.51 17.00
C PRO L 72 69.84 -2.65 16.45
N VAL L 73 69.29 -2.42 15.25
CA VAL L 73 68.36 -3.36 14.64
C VAL L 73 69.06 -4.08 13.48
N ASN L 74 68.97 -5.40 13.46
CA ASN L 74 69.53 -6.21 12.39
C ASN L 74 68.48 -7.22 11.95
N GLU L 75 68.84 -8.01 10.93
CA GLU L 75 67.90 -9.01 10.41
C GLU L 75 67.63 -10.12 11.40
N GLU L 76 68.55 -10.34 12.35
CA GLU L 76 68.38 -11.42 13.31
C GLU L 76 67.23 -11.17 14.28
N ASN L 77 67.12 -9.95 14.83
CA ASN L 77 66.14 -9.66 15.85
C ASN L 77 64.81 -9.14 15.32
N ARG L 78 64.68 -8.98 14.01
CA ARG L 78 63.43 -8.46 13.44
C ARG L 78 62.19 -9.30 13.77
N PRO L 79 62.19 -10.62 13.62
CA PRO L 79 60.93 -11.37 13.87
C PRO L 79 60.41 -11.21 15.29
N ILE L 80 61.30 -11.15 16.28
CA ILE L 80 60.84 -11.03 17.67
C ILE L 80 60.19 -9.67 17.89
N LEU L 81 60.79 -8.61 17.36
CA LEU L 81 60.19 -7.29 17.45
C LEU L 81 58.84 -7.27 16.76
N VAL L 82 58.74 -7.93 15.60
CA VAL L 82 57.48 -7.94 14.86
C VAL L 82 56.40 -8.67 15.64
N GLU L 83 56.74 -9.79 16.26
CA GLU L 83 55.71 -10.52 17.01
C GLU L 83 55.34 -9.77 18.29
N ILE L 84 56.29 -9.04 18.89
CA ILE L 84 55.93 -8.18 20.02
C ILE L 84 54.93 -7.11 19.58
N LEU L 85 55.19 -6.49 18.44
CA LEU L 85 54.26 -5.51 17.89
C LEU L 85 52.90 -6.14 17.62
N GLU L 86 52.90 -7.37 17.11
CA GLU L 86 51.64 -8.05 16.82
C GLU L 86 50.86 -8.32 18.10
N ILE L 87 51.56 -8.73 19.17
CA ILE L 87 50.90 -8.95 20.46
C ILE L 87 50.25 -7.66 20.94
N ILE L 88 51.01 -6.56 20.89
CA ILE L 88 50.50 -5.27 21.36
C ILE L 88 49.29 -4.86 20.53
N ALA L 89 49.38 -5.04 19.21
CA ALA L 89 48.30 -4.63 18.32
C ALA L 89 47.04 -5.45 18.56
N ASN L 90 47.17 -6.76 18.70
CA ASN L 90 46.01 -7.60 18.97
C ASN L 90 45.36 -7.22 20.29
N THR L 91 46.17 -7.03 21.34
CA THR L 91 45.61 -6.67 22.63
C THR L 91 44.87 -5.34 22.56
N ALA L 92 45.48 -4.35 21.90
CA ALA L 92 44.86 -3.02 21.82
C ALA L 92 43.58 -3.07 20.99
N VAL L 93 43.60 -3.78 19.87
CA VAL L 93 42.42 -3.89 19.02
C VAL L 93 41.29 -4.57 19.78
N HIS L 94 41.59 -5.66 20.47
CA HIS L 94 40.57 -6.38 21.22
C HIS L 94 39.99 -5.50 22.31
N LYS L 95 40.86 -4.78 23.04
CA LYS L 95 40.38 -3.92 24.12
C LYS L 95 39.50 -2.80 23.58
N ALA L 96 39.90 -2.19 22.47
CA ALA L 96 39.12 -1.12 21.86
C ALA L 96 37.75 -1.63 21.40
N ARG L 97 37.75 -2.81 20.77
CA ARG L 97 36.50 -3.39 20.29
C ARG L 97 35.61 -3.88 21.43
N ASP L 98 36.18 -4.08 22.63
CA ASP L 98 35.42 -4.61 23.76
C ASP L 98 34.34 -3.67 24.27
N GLY L 99 34.15 -2.51 23.66
CA GLY L 99 33.03 -1.66 24.03
C GLY L 99 33.40 -0.42 24.83
N ALA L 100 33.04 0.75 24.31
CA ALA L 100 33.28 2.04 24.94
C ALA L 100 32.53 3.08 24.12
N GLU L 101 32.68 4.33 24.51
CA GLU L 101 32.12 5.43 23.73
C GLU L 101 32.83 5.46 22.37
N PRO L 102 32.09 5.39 21.26
CA PRO L 102 32.75 5.18 19.96
C PRO L 102 33.75 6.26 19.57
N GLU L 103 33.44 7.54 19.77
CA GLU L 103 34.30 8.60 19.25
C GLU L 103 35.63 8.60 19.98
N PHE L 104 35.58 8.44 21.31
CA PHE L 104 36.80 8.32 22.11
C PHE L 104 37.66 7.15 21.62
N ALA L 105 37.03 6.00 21.37
CA ALA L 105 37.76 4.84 20.89
C ALA L 105 38.37 5.11 19.52
N LEU L 106 37.66 5.83 18.66
CA LEU L 106 38.22 6.17 17.35
C LEU L 106 39.46 7.04 17.48
N GLU L 107 39.42 8.05 18.35
CA GLU L 107 40.60 8.89 18.51
C GLU L 107 41.78 8.11 19.09
N LEU L 108 41.50 7.23 20.07
CA LEU L 108 42.57 6.37 20.58
C LEU L 108 43.13 5.47 19.48
N LEU L 109 42.26 4.96 18.61
CA LEU L 109 42.71 4.11 17.52
C LEU L 109 43.57 4.89 16.53
N LEU L 110 43.21 6.14 16.25
CA LEU L 110 44.03 6.96 15.37
C LEU L 110 45.41 7.22 15.97
N ARG L 111 45.45 7.53 17.27
CA ARG L 111 46.75 7.69 17.92
C ARG L 111 47.56 6.40 17.86
N LEU L 112 46.88 5.26 18.07
CA LEU L 112 47.54 3.96 17.97
C LEU L 112 48.11 3.75 16.58
N VAL L 113 47.35 4.12 15.54
CA VAL L 113 47.80 3.94 14.17
C VAL L 113 49.04 4.78 13.90
N GLU L 114 49.03 6.03 14.39
CA GLU L 114 50.20 6.88 14.19
C GLU L 114 51.43 6.32 14.89
N ARG L 115 51.26 5.86 16.14
CA ARG L 115 52.39 5.29 16.86
C ARG L 115 52.87 4.02 16.20
N PHE L 116 51.95 3.21 15.67
CA PHE L 116 52.34 2.00 14.97
C PHE L 116 53.10 2.32 13.69
N THR L 117 52.71 3.40 13.01
CA THR L 117 53.46 3.84 11.84
C THR L 117 54.89 4.21 12.22
N GLU L 118 55.03 4.95 13.32
CA GLU L 118 56.38 5.28 13.79
C GLU L 118 57.15 4.01 14.13
N ALA L 119 56.49 3.04 14.77
CA ALA L 119 57.15 1.79 15.14
C ALA L 119 57.64 1.03 13.92
N VAL L 120 56.80 0.90 12.89
CA VAL L 120 57.20 0.14 11.71
C VAL L 120 58.31 0.88 10.97
N LYS L 121 58.26 2.21 10.94
CA LYS L 121 59.37 2.97 10.39
C LYS L 121 60.66 2.66 11.12
N ALA L 122 60.60 2.58 12.45
CA ALA L 122 61.78 2.27 13.24
C ALA L 122 62.28 0.84 12.96
N ILE L 123 61.35 -0.10 12.79
CA ILE L 123 61.72 -1.51 12.69
C ILE L 123 62.54 -1.77 11.42
N GLY L 124 62.09 -1.23 10.29
CA GLY L 124 62.65 -1.63 9.01
C GLY L 124 61.85 -2.76 8.39
N THR L 125 62.33 -3.22 7.23
CA THR L 125 61.63 -4.23 6.45
C THR L 125 62.49 -5.47 6.28
N SER L 126 61.82 -6.58 6.02
CA SER L 126 62.45 -7.91 6.04
C SER L 126 61.65 -8.90 5.21
N ASN L 127 61.88 -10.19 5.44
CA ASN L 127 61.17 -11.29 4.81
C ASN L 127 59.65 -11.07 4.78
N GLU L 128 58.99 -11.62 3.76
CA GLU L 128 57.63 -11.24 3.44
C GLU L 128 56.63 -11.61 4.55
N GLU L 129 56.94 -12.62 5.36
CA GLU L 129 55.98 -13.08 6.36
C GLU L 129 55.69 -11.99 7.39
N GLU L 130 56.73 -11.28 7.83
CA GLU L 130 56.51 -10.18 8.76
C GLU L 130 55.69 -9.07 8.14
N GLU L 131 55.89 -8.80 6.84
CA GLU L 131 55.06 -7.82 6.16
C GLU L 131 53.61 -8.27 6.10
N ASN L 132 53.38 -9.58 5.90
CA ASN L 132 52.02 -10.11 5.96
C ASN L 132 51.41 -9.89 7.34
N LYS L 133 52.19 -10.12 8.39
CA LYS L 133 51.70 -9.89 9.74
C LYS L 133 51.31 -8.43 9.94
N LEU L 134 52.17 -7.51 9.49
CA LEU L 134 51.85 -6.09 9.62
C LEU L 134 50.59 -5.73 8.84
N LEU L 135 50.45 -6.29 7.63
CA LEU L 135 49.29 -5.99 6.81
C LEU L 135 48.00 -6.51 7.45
N GLU L 136 48.03 -7.71 8.04
CA GLU L 136 46.82 -8.22 8.66
C GLU L 136 46.53 -7.46 9.95
N ILE L 137 47.56 -6.97 10.64
CA ILE L 137 47.35 -6.07 11.77
C ILE L 137 46.61 -4.81 11.32
N LEU L 138 47.06 -4.23 10.22
CA LEU L 138 46.41 -3.03 9.70
C LEU L 138 44.97 -3.33 9.30
N GLU L 139 44.74 -4.48 8.69
CA GLU L 139 43.39 -4.89 8.31
C GLU L 139 42.49 -5.03 9.53
N SER L 140 42.99 -5.64 10.60
CA SER L 140 42.20 -5.78 11.82
C SER L 140 41.88 -4.43 12.41
N ILE L 141 42.85 -3.50 12.39
CA ILE L 141 42.61 -2.16 12.88
C ILE L 141 41.51 -1.50 12.08
N ALA L 142 41.58 -1.62 10.75
CA ALA L 142 40.57 -1.01 9.88
C ALA L 142 39.20 -1.59 10.16
N HIS L 143 39.10 -2.92 10.28
CA HIS L 143 37.81 -3.54 10.54
C HIS L 143 37.25 -3.11 11.88
N THR L 144 38.09 -3.08 12.91
CA THR L 144 37.62 -2.66 14.23
C THR L 144 37.14 -1.22 14.22
N ALA L 145 37.88 -0.33 13.56
CA ALA L 145 37.49 1.07 13.54
C ALA L 145 36.21 1.28 12.74
N ILE L 146 36.05 0.56 11.63
CA ILE L 146 34.80 0.62 10.87
C ILE L 146 33.65 0.13 11.72
N LEU L 147 33.85 -0.98 12.43
CA LEU L 147 32.81 -1.55 13.27
C LEU L 147 32.42 -0.58 14.39
N LEU L 148 33.40 0.14 14.93
CA LEU L 148 33.10 1.12 15.96
C LEU L 148 32.34 2.31 15.41
N ALA L 149 32.79 2.83 14.26
CA ALA L 149 32.13 3.99 13.65
C ALA L 149 30.76 3.61 13.09
N ARG L 150 30.46 2.32 13.00
CA ARG L 150 29.19 1.83 12.49
C ARG L 150 27.96 2.50 13.12
N THR L 151 28.11 3.01 14.33
CA THR L 151 26.96 3.45 15.13
C THR L 151 27.14 4.90 15.54
N LEU L 152 27.48 5.76 14.57
CA LEU L 152 27.57 7.19 14.80
C LEU L 152 26.64 7.92 13.84
N THR L 153 26.57 9.24 14.02
CA THR L 153 25.84 10.07 13.07
C THR L 153 26.59 10.08 11.73
N PRO L 154 25.86 10.27 10.62
CA PRO L 154 26.53 10.21 9.31
C PRO L 154 27.70 11.16 9.15
N LEU L 155 27.57 12.40 9.64
CA LEU L 155 28.64 13.37 9.49
C LEU L 155 29.86 13.00 10.33
N GLU L 156 29.63 12.62 11.59
CA GLU L 156 30.73 12.21 12.45
C GLU L 156 31.41 10.97 11.90
N ALA L 157 30.62 10.02 11.40
CA ALA L 157 31.19 8.84 10.76
C ALA L 157 32.05 9.23 9.57
N THR L 158 31.58 10.20 8.77
CA THR L 158 32.36 10.65 7.62
C THR L 158 33.70 11.24 8.05
N ARG L 159 33.68 12.09 9.09
CA ARG L 159 34.92 12.69 9.57
C ARG L 159 35.88 11.63 10.08
N ALA L 160 35.39 10.70 10.88
CA ALA L 160 36.24 9.62 11.39
C ALA L 160 36.82 8.81 10.24
N LEU L 161 36.00 8.54 9.22
CA LEU L 161 36.45 7.72 8.11
C LEU L 161 37.52 8.42 7.29
N ILE L 162 37.37 9.72 7.03
CA ILE L 162 38.38 10.41 6.23
C ILE L 162 39.68 10.53 7.02
N ALA L 163 39.59 10.81 8.32
CA ALA L 163 40.80 10.81 9.14
C ALA L 163 41.49 9.45 9.11
N LEU L 164 40.68 8.39 9.18
CA LEU L 164 41.21 7.03 9.10
C LEU L 164 41.93 6.79 7.78
N VAL L 165 41.34 7.25 6.68
CA VAL L 165 41.94 7.05 5.36
C VAL L 165 43.26 7.79 5.28
N VAL L 166 43.32 9.00 5.83
CA VAL L 166 44.58 9.76 5.83
C VAL L 166 45.65 9.01 6.62
N ALA L 167 45.27 8.48 7.78
CA ALA L 167 46.23 7.73 8.58
C ALA L 167 46.73 6.50 7.85
N PHE L 168 45.82 5.77 7.19
CA PHE L 168 46.25 4.59 6.43
C PHE L 168 47.15 4.98 5.27
N THR L 169 46.87 6.11 4.61
CA THR L 169 47.74 6.57 3.53
C THR L 169 49.14 6.86 4.06
N LYS L 170 49.22 7.51 5.23
CA LYS L 170 50.53 7.76 5.83
C LYS L 170 51.26 6.46 6.11
N PHE L 171 50.55 5.48 6.70
CA PHE L 171 51.19 4.20 7.02
C PHE L 171 51.69 3.51 5.75
N PHE L 172 50.84 3.46 4.73
CA PHE L 172 51.21 2.78 3.49
C PHE L 172 52.40 3.46 2.83
N LEU L 173 52.45 4.79 2.92
CA LEU L 173 53.63 5.52 2.45
C LEU L 173 54.87 5.09 3.23
N ALA L 174 54.73 4.92 4.56
CA ALA L 174 55.87 4.54 5.36
C ALA L 174 56.39 3.15 5.02
N LEU L 175 55.49 2.18 4.82
CA LEU L 175 55.90 0.79 4.66
C LEU L 175 56.66 0.57 3.35
N LYS L 176 57.59 -0.38 3.39
CA LYS L 176 58.38 -0.78 2.23
C LYS L 176 58.13 -2.26 1.95
N GLY L 177 58.08 -2.62 0.67
CA GLY L 177 57.89 -4.02 0.30
C GLY L 177 57.55 -4.11 -1.17
N SER L 178 57.13 -5.31 -1.57
CA SER L 178 56.73 -5.56 -2.94
C SER L 178 55.47 -4.76 -3.28
N PRO L 179 55.39 -4.13 -4.45
CA PRO L 179 54.24 -3.27 -4.75
C PRO L 179 52.90 -3.98 -4.74
N GLU L 180 52.83 -5.23 -5.19
CA GLU L 180 51.55 -5.87 -5.42
C GLU L 180 50.74 -5.99 -4.13
N LYS L 181 51.38 -6.46 -3.06
CA LYS L 181 50.67 -6.64 -1.80
C LYS L 181 50.16 -5.33 -1.26
N ILE L 182 50.99 -4.28 -1.30
CA ILE L 182 50.60 -2.98 -0.77
C ILE L 182 49.41 -2.43 -1.54
N ILE L 183 49.51 -2.44 -2.87
CA ILE L 183 48.44 -1.87 -3.70
C ILE L 183 47.15 -2.65 -3.51
N SER L 184 47.24 -3.98 -3.52
CA SER L 184 46.03 -4.80 -3.36
C SER L 184 45.39 -4.59 -1.99
N THR L 185 46.22 -4.53 -0.94
CA THR L 185 45.68 -4.32 0.40
C THR L 185 45.00 -2.97 0.51
N PHE L 186 45.62 -1.92 -0.04
CA PHE L 186 45.00 -0.61 0.03
C PHE L 186 43.69 -0.57 -0.74
N GLU L 187 43.66 -1.17 -1.94
CA GLU L 187 42.43 -1.18 -2.72
C GLU L 187 41.33 -1.94 -1.99
N SER L 188 41.68 -3.06 -1.36
CA SER L 188 40.68 -3.82 -0.60
C SER L 188 40.14 -2.99 0.56
N ILE L 189 41.04 -2.34 1.32
CA ILE L 189 40.59 -1.50 2.42
C ILE L 189 39.67 -0.41 1.92
N ALA L 190 40.03 0.21 0.79
CA ALA L 190 39.17 1.23 0.19
C ALA L 190 37.80 0.67 -0.16
N ARG L 191 37.76 -0.58 -0.63
CA ARG L 191 36.48 -1.18 -0.97
C ARG L 191 35.61 -1.38 0.28
N ASP L 192 36.20 -1.85 1.38
CA ASP L 192 35.43 -1.94 2.62
C ASP L 192 34.94 -0.57 3.07
N ILE L 193 35.79 0.45 2.97
CA ILE L 193 35.38 1.79 3.38
C ILE L 193 34.18 2.26 2.55
N LEU L 194 34.27 2.06 1.24
CA LEU L 194 33.19 2.48 0.35
C LEU L 194 31.91 1.71 0.60
N THR L 195 32.02 0.40 0.84
CA THR L 195 30.84 -0.40 1.13
C THR L 195 30.16 0.07 2.41
N PHE L 196 30.96 0.35 3.45
CA PHE L 196 30.36 0.82 4.69
C PHE L 196 29.72 2.18 4.50
N ALA L 197 30.32 3.06 3.69
CA ALA L 197 29.71 4.35 3.41
C ALA L 197 28.37 4.17 2.69
N GLU L 198 28.33 3.26 1.71
CA GLU L 198 27.10 3.00 1.00
C GLU L 198 26.02 2.48 1.94
N GLN L 199 26.42 1.65 2.91
CA GLN L 199 25.50 1.25 3.97
C GLN L 199 25.00 2.45 4.76
N LYS L 200 25.92 3.27 5.28
CA LYS L 200 25.57 4.23 6.32
C LYS L 200 24.77 5.40 5.78
N LEU L 201 25.19 5.97 4.65
CA LEU L 201 24.48 7.14 4.13
C LEU L 201 23.13 6.80 3.53
N ALA L 202 22.64 5.58 3.71
CA ALA L 202 21.32 5.23 3.20
C ALA L 202 20.19 5.93 3.96
N THR L 203 20.44 6.38 5.19
CA THR L 203 19.39 6.96 6.02
C THR L 203 19.31 8.48 5.93
N VAL L 204 19.82 9.07 4.86
CA VAL L 204 19.84 10.53 4.72
C VAL L 204 19.22 10.88 3.37
N PRO L 205 18.71 12.11 3.23
CA PRO L 205 18.24 12.55 1.91
C PRO L 205 19.37 12.54 0.90
N PRO L 206 19.06 12.39 -0.38
CA PRO L 206 20.13 12.20 -1.38
C PRO L 206 21.11 13.35 -1.48
N ALA L 207 20.75 14.55 -1.05
CA ALA L 207 21.71 15.65 -1.05
C ALA L 207 22.87 15.37 -0.10
N VAL L 208 22.58 14.91 1.11
CA VAL L 208 23.64 14.54 2.05
C VAL L 208 24.44 13.37 1.50
N GLN L 209 23.76 12.43 0.85
CA GLN L 209 24.44 11.33 0.17
C GLN L 209 25.49 11.86 -0.80
N THR L 210 25.07 12.76 -1.69
CA THR L 210 25.97 13.35 -2.67
C THR L 210 27.14 14.01 -1.99
N VAL L 211 26.85 14.86 -1.00
CA VAL L 211 27.89 15.63 -0.31
C VAL L 211 28.94 14.70 0.28
N LEU L 212 28.51 13.85 1.23
CA LEU L 212 29.47 13.05 1.98
C LEU L 212 30.14 12.00 1.11
N LEU L 213 29.38 11.38 0.19
CA LEU L 213 29.96 10.39 -0.69
C LEU L 213 31.01 11.01 -1.59
N SER L 214 30.74 12.21 -2.12
CA SER L 214 31.73 12.87 -2.96
C SER L 214 32.99 13.19 -2.16
N ALA L 215 32.83 13.67 -0.93
CA ALA L 215 33.99 13.97 -0.11
C ALA L 215 34.85 12.72 0.11
N LEU L 216 34.20 11.63 0.52
CA LEU L 216 34.93 10.40 0.81
C LEU L 216 35.59 9.84 -0.45
N LEU L 217 34.87 9.85 -1.58
CA LEU L 217 35.44 9.36 -2.82
C LEU L 217 36.67 10.16 -3.21
N GLU L 218 36.59 11.49 -3.09
CA GLU L 218 37.70 12.31 -3.55
C GLU L 218 38.92 12.11 -2.66
N VAL L 219 38.70 12.01 -1.34
CA VAL L 219 39.85 11.81 -0.45
C VAL L 219 40.48 10.44 -0.69
N ILE L 220 39.64 9.42 -0.94
CA ILE L 220 40.19 8.08 -1.19
C ILE L 220 40.94 8.06 -2.52
N GLU L 221 40.46 8.84 -3.49
CA GLU L 221 41.15 8.92 -4.77
C GLU L 221 42.50 9.60 -4.63
N ASP L 222 42.56 10.66 -3.81
CA ASP L 222 43.84 11.31 -3.55
C ASP L 222 44.82 10.35 -2.87
N ALA L 223 44.32 9.57 -1.91
CA ALA L 223 45.18 8.57 -1.27
C ALA L 223 45.70 7.56 -2.30
N ARG L 224 44.81 7.09 -3.18
CA ARG L 224 45.23 6.15 -4.22
C ARG L 224 46.30 6.77 -5.11
N GLU L 225 46.10 8.03 -5.50
CA GLU L 225 47.06 8.71 -6.37
C GLU L 225 48.43 8.82 -5.71
N HIS L 226 48.47 9.10 -4.42
CA HIS L 226 49.78 9.20 -3.86
C HIS L 226 50.38 7.82 -3.86
N ILE L 227 49.68 6.84 -3.32
CA ILE L 227 50.30 5.53 -3.22
C ILE L 227 50.80 5.07 -4.59
N VAL L 228 50.04 5.36 -5.65
CA VAL L 228 50.42 4.91 -6.97
C VAL L 228 51.69 5.62 -7.44
N LYS L 229 51.73 6.95 -7.31
CA LYS L 229 52.93 7.66 -7.77
C LYS L 229 54.14 7.28 -6.93
N LYS L 230 54.00 7.25 -5.61
CA LYS L 230 55.15 6.96 -4.76
C LYS L 230 55.65 5.54 -4.98
N TYR L 231 54.75 4.57 -4.99
CA TYR L 231 55.15 3.19 -4.73
C TYR L 231 55.19 2.34 -6.00
N GLY L 232 54.75 2.88 -7.12
CA GLY L 232 54.75 2.14 -8.37
C GLY L 232 56.11 2.02 -9.00
N ASN M 25 -50.61 0.81 28.28
CA ASN M 25 -50.11 -0.53 28.55
C ASN M 25 -49.75 -1.26 27.27
N VAL M 26 -49.82 -2.60 27.31
CA VAL M 26 -49.47 -3.41 26.13
C VAL M 26 -50.39 -3.06 24.97
N LEU M 27 -51.67 -2.84 25.27
CA LEU M 27 -52.64 -2.52 24.21
C LEU M 27 -52.22 -1.28 23.43
N GLU M 28 -51.77 -0.24 24.14
CA GLU M 28 -51.39 1.00 23.47
C GLU M 28 -50.23 0.77 22.50
N LYS M 29 -49.18 0.09 22.96
CA LYS M 29 -48.03 -0.16 22.10
C LYS M 29 -48.41 -1.03 20.90
N VAL M 30 -49.22 -2.07 21.14
CA VAL M 30 -49.63 -2.95 20.05
C VAL M 30 -50.44 -2.18 19.02
N GLU M 31 -51.35 -1.33 19.47
CA GLU M 31 -52.15 -0.54 18.53
C GLU M 31 -51.30 0.48 17.78
N GLU M 32 -50.31 1.07 18.45
CA GLU M 32 -49.39 1.97 17.75
C GLU M 32 -48.63 1.24 16.66
N LEU M 33 -48.16 0.02 16.96
CA LEU M 33 -47.50 -0.79 15.96
C LEU M 33 -48.44 -1.08 14.80
N LYS M 34 -49.70 -1.42 15.11
CA LYS M 34 -50.73 -1.66 14.12
C LYS M 34 -50.84 -0.46 13.19
N LYS M 35 -51.00 0.73 13.76
CA LYS M 35 -51.17 1.94 12.95
C LYS M 35 -49.95 2.20 12.06
N GLU M 36 -48.75 2.12 12.63
CA GLU M 36 -47.54 2.41 11.86
C GLU M 36 -47.40 1.43 10.70
N VAL M 37 -47.55 0.13 10.98
CA VAL M 37 -47.41 -0.86 9.92
C VAL M 37 -48.50 -0.66 8.88
N LYS M 38 -49.70 -0.29 9.31
CA LYS M 38 -50.80 -0.06 8.38
C LYS M 38 -50.48 1.07 7.41
N LYS M 39 -50.02 2.20 7.95
CA LYS M 39 -49.67 3.34 7.10
C LYS M 39 -48.56 2.99 6.12
N LYS M 40 -47.51 2.32 6.62
CA LYS M 40 -46.40 1.97 5.73
C LYS M 40 -46.87 1.01 4.64
N VAL M 41 -47.71 0.04 4.99
CA VAL M 41 -48.20 -0.92 4.02
C VAL M 41 -49.05 -0.23 2.96
N GLU M 42 -49.93 0.68 3.38
CA GLU M 42 -50.72 1.43 2.41
C GLU M 42 -49.83 2.21 1.45
N GLU M 43 -48.85 2.93 2.02
CA GLU M 43 -48.02 3.80 1.20
C GLU M 43 -47.21 2.99 0.20
N VAL M 44 -46.68 1.84 0.62
CA VAL M 44 -45.87 1.03 -0.29
C VAL M 44 -46.76 0.35 -1.34
N ALA M 45 -47.97 -0.06 -0.93
CA ALA M 45 -48.90 -0.71 -1.85
C ALA M 45 -49.32 0.24 -2.96
N LYS M 46 -49.51 1.52 -2.62
CA LYS M 46 -49.88 2.52 -3.62
C LYS M 46 -48.82 2.62 -4.72
N SER M 47 -47.56 2.39 -4.37
CA SER M 47 -46.45 2.63 -5.30
C SER M 47 -46.43 1.64 -6.45
N SER M 48 -45.78 2.04 -7.54
CA SER M 48 -45.55 1.18 -8.71
C SER M 48 -44.23 0.45 -8.57
N ASN M 49 -43.76 -0.16 -9.67
CA ASN M 49 -42.44 -0.80 -9.71
C ASN M 49 -42.25 -1.77 -8.54
N VAL M 50 -43.03 -2.85 -8.59
CA VAL M 50 -43.23 -3.81 -7.51
C VAL M 50 -41.95 -4.29 -6.83
N GLU M 51 -40.80 -4.22 -7.50
CA GLU M 51 -39.58 -4.74 -6.89
C GLU M 51 -39.16 -3.89 -5.67
N ALA M 52 -39.20 -2.57 -5.82
CA ALA M 52 -38.92 -1.70 -4.68
C ALA M 52 -39.95 -1.88 -3.59
N ALA M 53 -41.20 -2.13 -3.98
CA ALA M 53 -42.24 -2.42 -3.00
C ALA M 53 -41.90 -3.67 -2.21
N LEU M 54 -41.42 -4.71 -2.90
CA LEU M 54 -41.04 -5.94 -2.20
C LEU M 54 -39.88 -5.68 -1.24
N ILE M 55 -38.90 -4.87 -1.66
CA ILE M 55 -37.81 -4.49 -0.77
C ILE M 55 -38.37 -3.80 0.47
N LYS M 56 -39.30 -2.87 0.28
CA LYS M 56 -39.84 -2.11 1.40
C LYS M 56 -40.63 -3.00 2.35
N LEU M 57 -41.44 -3.91 1.81
CA LEU M 57 -42.14 -4.86 2.68
C LEU M 57 -41.17 -5.76 3.43
N LEU M 58 -40.07 -6.17 2.79
CA LEU M 58 -39.08 -6.96 3.50
C LEU M 58 -38.50 -6.20 4.68
N GLU M 59 -38.15 -4.93 4.47
CA GLU M 59 -37.57 -4.14 5.56
C GLU M 59 -38.60 -3.87 6.65
N ILE M 60 -39.85 -3.63 6.27
CA ILE M 60 -40.91 -3.43 7.25
C ILE M 60 -41.11 -4.68 8.08
N LEU M 61 -41.12 -5.85 7.43
CA LEU M 61 -41.28 -7.10 8.15
C LEU M 61 -40.11 -7.32 9.11
N ASP M 62 -38.90 -6.98 8.68
CA ASP M 62 -37.74 -7.10 9.55
C ASP M 62 -37.88 -6.24 10.79
N GLU M 63 -38.19 -4.95 10.60
CA GLU M 63 -38.30 -4.06 11.76
C GLU M 63 -39.47 -4.44 12.65
N PHE M 64 -40.55 -4.95 12.06
CA PHE M 64 -41.68 -5.42 12.85
C PHE M 64 -41.30 -6.63 13.69
N ILE M 65 -40.52 -7.54 13.10
CA ILE M 65 -40.00 -8.68 13.85
C ILE M 65 -39.19 -8.19 15.05
N HIS M 66 -38.32 -7.21 14.81
CA HIS M 66 -37.51 -6.67 15.90
C HIS M 66 -38.39 -6.07 16.99
N GLN M 67 -39.37 -5.27 16.61
CA GLN M 67 -40.23 -4.61 17.59
C GLN M 67 -41.01 -5.62 18.40
N VAL M 68 -41.52 -6.66 17.74
CA VAL M 68 -42.23 -7.72 18.47
C VAL M 68 -41.29 -8.43 19.43
N LYS M 69 -40.07 -8.70 18.99
CA LYS M 69 -39.10 -9.36 19.84
C LYS M 69 -38.82 -8.56 21.10
N LEU M 70 -38.68 -7.24 20.95
CA LEU M 70 -38.44 -6.39 22.11
C LEU M 70 -39.62 -6.40 23.08
N LEU M 71 -40.84 -6.32 22.55
CA LEU M 71 -42.01 -6.26 23.42
C LEU M 71 -42.25 -7.63 24.07
N PRO M 72 -42.75 -7.67 25.30
CA PRO M 72 -43.14 -8.96 25.90
C PRO M 72 -44.42 -9.48 25.25
N VAL M 73 -44.40 -10.74 24.85
CA VAL M 73 -45.51 -11.36 24.13
C VAL M 73 -46.30 -12.23 25.10
N ASN M 74 -47.62 -12.04 25.12
CA ASN M 74 -48.51 -12.84 25.93
C ASN M 74 -49.69 -13.29 25.08
N GLU M 75 -50.58 -14.06 25.70
CA GLU M 75 -51.75 -14.55 24.98
C GLU M 75 -52.71 -13.43 24.60
N GLU M 76 -52.69 -12.33 25.35
CA GLU M 76 -53.62 -11.23 25.09
C GLU M 76 -53.34 -10.54 23.77
N ASN M 77 -52.07 -10.26 23.46
CA ASN M 77 -51.72 -9.48 22.27
C ASN M 77 -51.46 -10.33 21.04
N ARG M 78 -51.53 -11.66 21.14
CA ARG M 78 -51.24 -12.51 20.00
C ARG M 78 -52.14 -12.26 18.78
N PRO M 79 -53.48 -12.19 18.91
CA PRO M 79 -54.29 -12.04 17.69
C PRO M 79 -53.97 -10.79 16.87
N ILE M 80 -53.66 -9.68 17.54
CA ILE M 80 -53.37 -8.44 16.81
C ILE M 80 -52.07 -8.58 16.03
N LEU M 81 -51.05 -9.18 16.64
CA LEU M 81 -49.82 -9.44 15.93
C LEU M 81 -50.06 -10.37 14.75
N VAL M 82 -50.91 -11.38 14.95
CA VAL M 82 -51.20 -12.33 13.87
C VAL M 82 -51.88 -11.62 12.70
N GLU M 83 -52.84 -10.74 12.98
CA GLU M 83 -53.53 -10.06 11.88
C GLU M 83 -52.62 -9.03 11.21
N ILE M 84 -51.71 -8.43 11.97
CA ILE M 84 -50.71 -7.55 11.35
C ILE M 84 -49.85 -8.35 10.38
N LEU M 85 -49.40 -9.52 10.82
CA LEU M 85 -48.62 -10.39 9.95
C LEU M 85 -49.42 -10.80 8.72
N GLU M 86 -50.72 -11.05 8.90
CA GLU M 86 -51.56 -11.43 7.77
C GLU M 86 -51.70 -10.28 6.78
N ILE M 87 -51.84 -9.05 7.27
CA ILE M 87 -51.88 -7.88 6.39
C ILE M 87 -50.60 -7.80 5.58
N ILE M 88 -49.46 -7.93 6.27
CA ILE M 88 -48.16 -7.84 5.60
C ILE M 88 -48.05 -8.93 4.53
N ALA M 89 -48.45 -10.15 4.89
CA ALA M 89 -48.31 -11.27 3.96
C ALA M 89 -49.21 -11.09 2.74
N ASN M 90 -50.46 -10.68 2.94
CA ASN M 90 -51.34 -10.46 1.80
C ASN M 90 -50.82 -9.36 0.88
N THR M 91 -50.36 -8.25 1.47
CA THR M 91 -49.84 -7.17 0.65
C THR M 91 -48.63 -7.61 -0.15
N ALA M 92 -47.69 -8.30 0.50
CA ALA M 92 -46.48 -8.74 -0.18
C ALA M 92 -46.79 -9.75 -1.28
N VAL M 93 -47.68 -10.70 -0.98
CA VAL M 93 -48.03 -11.73 -1.95
C VAL M 93 -48.70 -11.09 -3.17
N HIS M 94 -49.64 -10.17 -2.94
CA HIS M 94 -50.32 -9.53 -4.04
C HIS M 94 -49.34 -8.71 -4.88
N LYS M 95 -48.44 -7.98 -4.23
CA LYS M 95 -47.47 -7.18 -4.96
C LYS M 95 -46.55 -8.05 -5.79
N ALA M 96 -46.08 -9.17 -5.22
CA ALA M 96 -45.22 -10.08 -5.96
C ALA M 96 -45.95 -10.69 -7.15
N ARG M 97 -47.21 -11.07 -6.96
CA ARG M 97 -48.00 -11.65 -8.03
C ARG M 97 -48.38 -10.63 -9.09
N ASP M 98 -48.32 -9.34 -8.77
CA ASP M 98 -48.76 -8.30 -9.70
C ASP M 98 -47.90 -8.18 -10.94
N GLY M 99 -46.85 -9.00 -11.09
CA GLY M 99 -46.08 -9.00 -12.32
C GLY M 99 -44.69 -8.41 -12.19
N ALA M 100 -43.69 -9.21 -12.55
CA ALA M 100 -42.28 -8.83 -12.52
C ALA M 100 -41.50 -9.96 -13.18
N GLU M 101 -40.19 -9.79 -13.22
CA GLU M 101 -39.32 -10.86 -13.71
C GLU M 101 -39.46 -12.04 -12.74
N PRO M 102 -39.84 -13.22 -13.20
CA PRO M 102 -40.19 -14.31 -12.26
C PRO M 102 -39.08 -14.71 -11.31
N GLU M 103 -37.83 -14.76 -11.76
CA GLU M 103 -36.76 -15.28 -10.91
C GLU M 103 -36.47 -14.34 -9.75
N PHE M 104 -36.36 -13.04 -10.03
CA PHE M 104 -36.12 -12.07 -8.97
C PHE M 104 -37.27 -12.05 -7.96
N ALA M 105 -38.50 -12.04 -8.46
CA ALA M 105 -39.66 -12.03 -7.57
C ALA M 105 -39.70 -13.30 -6.73
N LEU M 106 -39.28 -14.43 -7.30
CA LEU M 106 -39.33 -15.68 -6.56
C LEU M 106 -38.24 -15.72 -5.49
N GLU M 107 -37.06 -15.17 -5.77
CA GLU M 107 -36.06 -15.03 -4.72
C GLU M 107 -36.56 -14.13 -3.60
N LEU M 108 -37.23 -13.04 -3.97
CA LEU M 108 -37.84 -12.17 -2.96
C LEU M 108 -38.87 -12.94 -2.14
N LEU M 109 -39.63 -13.81 -2.79
CA LEU M 109 -40.60 -14.63 -2.07
C LEU M 109 -39.92 -15.58 -1.10
N LEU M 110 -38.79 -16.16 -1.51
CA LEU M 110 -38.05 -17.02 -0.60
C LEU M 110 -37.56 -16.27 0.62
N ARG M 111 -37.03 -15.07 0.42
CA ARG M 111 -36.59 -14.26 1.55
C ARG M 111 -37.77 -13.89 2.45
N LEU M 112 -38.90 -13.54 1.84
CA LEU M 112 -40.11 -13.25 2.61
C LEU M 112 -40.52 -14.47 3.43
N VAL M 113 -40.44 -15.66 2.84
CA VAL M 113 -40.81 -16.87 3.56
C VAL M 113 -39.90 -17.06 4.77
N GLU M 114 -38.59 -16.89 4.58
CA GLU M 114 -37.66 -17.06 5.69
C GLU M 114 -37.95 -16.07 6.82
N ARG M 115 -38.15 -14.79 6.45
CA ARG M 115 -38.48 -13.80 7.47
C ARG M 115 -39.81 -14.14 8.14
N PHE M 116 -40.73 -14.75 7.42
CA PHE M 116 -42.01 -15.12 8.01
C PHE M 116 -41.86 -16.25 9.01
N THR M 117 -40.98 -17.22 8.72
CA THR M 117 -40.68 -18.25 9.70
C THR M 117 -40.09 -17.63 10.96
N GLU M 118 -39.18 -16.67 10.78
CA GLU M 118 -38.62 -15.99 11.94
C GLU M 118 -39.71 -15.27 12.73
N ALA M 119 -40.64 -14.62 12.02
CA ALA M 119 -41.71 -13.89 12.68
C ALA M 119 -42.60 -14.83 13.50
N VAL M 120 -43.01 -15.96 12.91
CA VAL M 120 -43.91 -16.86 13.63
C VAL M 120 -43.17 -17.50 14.82
N LYS M 121 -41.88 -17.79 14.65
CA LYS M 121 -41.09 -18.29 15.77
C LYS M 121 -41.08 -17.28 16.90
N ALA M 122 -40.93 -16.00 16.57
CA ALA M 122 -40.98 -14.96 17.60
C ALA M 122 -42.35 -14.88 18.24
N ILE M 123 -43.42 -15.03 17.45
CA ILE M 123 -44.78 -14.86 17.94
C ILE M 123 -45.13 -15.90 18.99
N GLY M 124 -44.83 -17.16 18.72
CA GLY M 124 -45.35 -18.24 19.53
C GLY M 124 -46.65 -18.78 18.97
N THR M 125 -47.24 -19.72 19.71
CA THR M 125 -48.44 -20.41 19.27
C THR M 125 -49.58 -20.18 20.25
N SER M 126 -50.80 -20.33 19.72
CA SER M 126 -52.01 -19.93 20.44
C SER M 126 -53.22 -20.68 19.90
N ASN M 127 -54.42 -20.15 20.18
CA ASN M 127 -55.68 -20.69 19.69
C ASN M 127 -55.63 -21.03 18.21
N GLU M 128 -56.43 -22.02 17.81
CA GLU M 128 -56.27 -22.65 16.50
C GLU M 128 -56.52 -21.69 15.34
N GLU M 129 -57.33 -20.64 15.55
CA GLU M 129 -57.71 -19.77 14.45
C GLU M 129 -56.49 -19.03 13.88
N GLU M 130 -55.60 -18.57 14.75
CA GLU M 130 -54.37 -17.93 14.27
C GLU M 130 -53.51 -18.92 13.48
N GLU M 131 -53.47 -20.17 13.91
CA GLU M 131 -52.75 -21.19 13.15
C GLU M 131 -53.37 -21.41 11.79
N ASN M 132 -54.71 -21.38 11.71
CA ASN M 132 -55.38 -21.48 10.42
C ASN M 132 -55.01 -20.30 9.53
N LYS M 133 -54.95 -19.10 10.10
CA LYS M 133 -54.56 -17.93 9.31
C LYS M 133 -53.14 -18.08 8.78
N LEU M 134 -52.22 -18.53 9.64
CA LEU M 134 -50.84 -18.73 9.18
C LEU M 134 -50.76 -19.79 8.09
N LEU M 135 -51.52 -20.87 8.24
CA LEU M 135 -51.49 -21.95 7.26
C LEU M 135 -52.06 -21.51 5.93
N GLU M 136 -53.14 -20.72 5.94
CA GLU M 136 -53.69 -20.24 4.67
C GLU M 136 -52.77 -19.21 4.04
N ILE M 137 -52.06 -18.44 4.87
CA ILE M 137 -51.01 -17.56 4.35
C ILE M 137 -49.94 -18.39 3.63
N LEU M 138 -49.56 -19.51 4.24
CA LEU M 138 -48.57 -20.38 3.63
C LEU M 138 -49.06 -20.93 2.30
N GLU M 139 -50.32 -21.36 2.28
CA GLU M 139 -50.88 -21.93 1.05
C GLU M 139 -50.96 -20.89 -0.06
N SER M 140 -51.35 -19.66 0.28
CA SER M 140 -51.36 -18.59 -0.72
C SER M 140 -49.96 -18.31 -1.23
N ILE M 141 -48.97 -18.30 -0.33
CA ILE M 141 -47.58 -18.08 -0.74
C ILE M 141 -47.14 -19.18 -1.72
N ALA M 142 -47.46 -20.43 -1.39
CA ALA M 142 -47.06 -21.55 -2.24
C ALA M 142 -47.72 -21.45 -3.60
N HIS M 143 -49.02 -21.15 -3.64
CA HIS M 143 -49.71 -21.02 -4.92
C HIS M 143 -49.14 -19.89 -5.75
N THR M 144 -48.86 -18.75 -5.11
CA THR M 144 -48.28 -17.63 -5.85
C THR M 144 -46.90 -17.96 -6.40
N ALA M 145 -46.09 -18.66 -5.60
CA ALA M 145 -44.74 -19.01 -6.06
C ALA M 145 -44.80 -20.02 -7.20
N ILE M 146 -45.70 -20.98 -7.12
CA ILE M 146 -45.89 -21.91 -8.24
C ILE M 146 -46.33 -21.17 -9.48
N LEU M 147 -47.25 -20.22 -9.32
CA LEU M 147 -47.74 -19.43 -10.44
C LEU M 147 -46.61 -18.63 -11.08
N LEU M 148 -45.72 -18.08 -10.25
CA LEU M 148 -44.57 -17.34 -10.78
C LEU M 148 -43.62 -18.27 -11.52
N ALA M 149 -43.34 -19.44 -10.94
CA ALA M 149 -42.41 -20.37 -11.57
C ALA M 149 -43.00 -21.02 -12.81
N ARG M 150 -44.32 -20.88 -13.01
CA ARG M 150 -45.02 -21.45 -14.15
C ARG M 150 -44.38 -21.14 -15.50
N THR M 151 -43.60 -20.07 -15.59
CA THR M 151 -43.13 -19.55 -16.87
C THR M 151 -41.60 -19.44 -16.86
N LEU M 152 -40.94 -20.51 -16.43
CA LEU M 152 -39.49 -20.57 -16.45
C LEU M 152 -39.04 -21.82 -17.21
N THR M 153 -37.73 -21.91 -17.43
CA THR M 153 -37.16 -23.11 -18.01
C THR M 153 -37.29 -24.27 -17.01
N PRO M 154 -37.37 -25.51 -17.50
CA PRO M 154 -37.57 -26.65 -16.58
C PRO M 154 -36.51 -26.76 -15.49
N LEU M 155 -35.24 -26.55 -15.84
CA LEU M 155 -34.19 -26.65 -14.83
C LEU M 155 -34.29 -25.54 -13.79
N GLU M 156 -34.53 -24.31 -14.25
CA GLU M 156 -34.70 -23.20 -13.32
C GLU M 156 -35.92 -23.41 -12.44
N ALA M 157 -37.00 -23.94 -13.02
CA ALA M 157 -38.19 -24.26 -12.24
C ALA M 157 -37.86 -25.31 -11.17
N THR M 158 -37.04 -26.31 -11.53
CA THR M 158 -36.66 -27.32 -10.56
C THR M 158 -35.86 -26.72 -9.40
N ARG M 159 -34.89 -25.85 -9.72
CA ARG M 159 -34.13 -25.17 -8.67
C ARG M 159 -35.04 -24.36 -7.77
N ALA M 160 -35.94 -23.59 -8.37
CA ALA M 160 -36.85 -22.76 -7.59
C ALA M 160 -37.72 -23.61 -6.68
N LEU M 161 -38.25 -24.72 -7.21
CA LEU M 161 -39.16 -25.55 -6.44
C LEU M 161 -38.43 -26.27 -5.30
N ILE M 162 -37.19 -26.72 -5.54
CA ILE M 162 -36.48 -27.41 -4.48
C ILE M 162 -36.11 -26.45 -3.36
N ALA M 163 -35.65 -25.24 -3.71
CA ALA M 163 -35.40 -24.24 -2.67
C ALA M 163 -36.69 -23.92 -1.93
N LEU M 164 -37.79 -23.84 -2.67
CA LEU M 164 -39.10 -23.57 -2.09
C LEU M 164 -39.49 -24.61 -1.05
N VAL M 165 -39.40 -25.89 -1.41
CA VAL M 165 -39.84 -26.95 -0.49
C VAL M 165 -38.90 -27.02 0.71
N VAL M 166 -37.62 -26.71 0.51
CA VAL M 166 -36.71 -26.62 1.65
C VAL M 166 -37.17 -25.52 2.62
N ALA M 167 -37.54 -24.36 2.08
CA ALA M 167 -38.00 -23.27 2.93
C ALA M 167 -39.26 -23.64 3.70
N PHE M 168 -40.24 -24.25 3.02
CA PHE M 168 -41.44 -24.67 3.72
C PHE M 168 -41.16 -25.78 4.74
N THR M 169 -40.19 -26.66 4.46
CA THR M 169 -39.80 -27.65 5.45
C THR M 169 -39.26 -26.97 6.70
N LYS M 170 -38.42 -25.96 6.53
CA LYS M 170 -37.90 -25.22 7.67
C LYS M 170 -39.03 -24.57 8.46
N PHE M 171 -39.98 -23.95 7.75
CA PHE M 171 -41.09 -23.31 8.44
C PHE M 171 -41.90 -24.33 9.23
N PHE M 172 -42.29 -25.43 8.58
CA PHE M 172 -43.13 -26.43 9.24
C PHE M 172 -42.41 -27.03 10.44
N LEU M 173 -41.08 -27.13 10.36
CA LEU M 173 -40.31 -27.50 11.54
C LEU M 173 -40.47 -26.45 12.64
N ALA M 174 -40.44 -25.16 12.26
CA ALA M 174 -40.54 -24.11 13.26
C ALA M 174 -41.89 -24.08 13.97
N LEU M 175 -42.98 -24.32 13.23
CA LEU M 175 -44.31 -24.12 13.80
C LEU M 175 -44.65 -25.20 14.83
N LYS M 176 -45.54 -24.83 15.76
CA LYS M 176 -46.07 -25.74 16.77
C LYS M 176 -47.59 -25.80 16.61
N GLY M 177 -48.18 -26.94 16.89
CA GLY M 177 -49.63 -27.07 16.81
C GLY M 177 -50.04 -28.52 16.82
N SER M 178 -51.31 -28.74 16.50
CA SER M 178 -51.85 -30.08 16.40
C SER M 178 -51.25 -30.80 15.19
N PRO M 179 -50.98 -32.11 15.29
CA PRO M 179 -50.32 -32.81 14.17
C PRO M 179 -51.11 -32.82 12.88
N GLU M 180 -52.44 -33.05 12.95
CA GLU M 180 -53.21 -33.35 11.76
C GLU M 180 -53.19 -32.19 10.77
N LYS M 181 -53.37 -30.97 11.26
CA LYS M 181 -53.41 -29.82 10.38
C LYS M 181 -52.10 -29.63 9.65
N ILE M 182 -50.98 -29.72 10.37
CA ILE M 182 -49.67 -29.52 9.76
C ILE M 182 -49.38 -30.61 8.73
N ILE M 183 -49.66 -31.86 9.09
CA ILE M 183 -49.38 -32.96 8.16
C ILE M 183 -50.22 -32.82 6.91
N SER M 184 -51.52 -32.53 7.08
CA SER M 184 -52.41 -32.40 5.94
C SER M 184 -52.01 -31.23 5.04
N THR M 185 -51.66 -30.09 5.64
CA THR M 185 -51.25 -28.94 4.86
C THR M 185 -49.97 -29.21 4.08
N PHE M 186 -49.00 -29.85 4.72
CA PHE M 186 -47.76 -30.18 4.02
C PHE M 186 -48.02 -31.16 2.89
N GLU M 187 -48.92 -32.13 3.11
CA GLU M 187 -49.25 -33.08 2.05
C GLU M 187 -49.94 -32.39 0.89
N SER M 188 -50.83 -31.42 1.19
CA SER M 188 -51.48 -30.67 0.12
C SER M 188 -50.46 -29.86 -0.68
N ILE M 189 -49.51 -29.23 0.00
CA ILE M 189 -48.46 -28.49 -0.69
C ILE M 189 -47.65 -29.45 -1.57
N ALA M 190 -47.35 -30.63 -1.04
CA ALA M 190 -46.61 -31.63 -1.81
C ALA M 190 -47.38 -32.03 -3.06
N ARG M 191 -48.69 -32.23 -2.92
CA ARG M 191 -49.50 -32.61 -4.07
C ARG M 191 -49.50 -31.50 -5.12
N ASP M 192 -49.64 -30.25 -4.69
CA ASP M 192 -49.61 -29.14 -5.63
C ASP M 192 -48.29 -29.07 -6.38
N ILE M 193 -47.18 -29.20 -5.64
CA ILE M 193 -45.86 -29.12 -6.27
C ILE M 193 -45.67 -30.27 -7.25
N LEU M 194 -46.07 -31.47 -6.84
CA LEU M 194 -45.92 -32.63 -7.72
C LEU M 194 -46.75 -32.47 -8.98
N THR M 195 -47.99 -32.01 -8.84
CA THR M 195 -48.84 -31.82 -10.01
C THR M 195 -48.24 -30.78 -10.96
N PHE M 196 -47.75 -29.67 -10.42
CA PHE M 196 -47.13 -28.66 -11.28
C PHE M 196 -45.90 -29.21 -11.98
N ALA M 197 -45.08 -29.97 -11.26
CA ALA M 197 -43.89 -30.55 -11.89
C ALA M 197 -44.27 -31.48 -13.03
N GLU M 198 -45.29 -32.33 -12.80
CA GLU M 198 -45.71 -33.25 -13.84
C GLU M 198 -46.24 -32.50 -15.06
N GLN M 199 -47.01 -31.43 -14.84
CA GLN M 199 -47.51 -30.65 -15.95
C GLN M 199 -46.38 -29.98 -16.72
N LYS M 200 -45.40 -29.43 -16.01
CA LYS M 200 -44.37 -28.64 -16.68
C LYS M 200 -43.36 -29.52 -17.42
N LEU M 201 -42.93 -30.63 -16.81
CA LEU M 201 -41.86 -31.42 -17.42
C LEU M 201 -42.30 -32.13 -18.69
N ALA M 202 -43.55 -31.94 -19.14
CA ALA M 202 -44.02 -32.65 -20.31
C ALA M 202 -43.31 -32.19 -21.59
N THR M 203 -42.75 -30.98 -21.58
CA THR M 203 -42.15 -30.40 -22.78
C THR M 203 -40.66 -30.72 -22.92
N VAL M 204 -40.17 -31.78 -22.31
CA VAL M 204 -38.76 -32.14 -22.38
C VAL M 204 -38.69 -33.62 -22.76
N PRO M 205 -37.54 -34.06 -23.29
CA PRO M 205 -37.33 -35.49 -23.48
C PRO M 205 -37.44 -36.23 -22.16
N PRO M 206 -38.03 -37.43 -22.17
CA PRO M 206 -38.34 -38.09 -20.89
C PRO M 206 -37.14 -38.45 -20.03
N ALA M 207 -35.93 -38.44 -20.59
CA ALA M 207 -34.75 -38.59 -19.73
C ALA M 207 -34.63 -37.42 -18.76
N VAL M 208 -34.85 -36.20 -19.25
CA VAL M 208 -34.87 -35.04 -18.36
C VAL M 208 -36.03 -35.15 -17.38
N GLN M 209 -37.16 -35.69 -17.82
CA GLN M 209 -38.25 -36.01 -16.91
C GLN M 209 -37.76 -36.87 -15.75
N THR M 210 -37.09 -37.97 -16.07
CA THR M 210 -36.57 -38.88 -15.07
C THR M 210 -35.66 -38.13 -14.10
N VAL M 211 -34.70 -37.40 -14.65
CA VAL M 211 -33.71 -36.70 -13.83
C VAL M 211 -34.39 -35.74 -12.85
N LEU M 212 -35.08 -34.74 -13.39
CA LEU M 212 -35.63 -33.68 -12.55
C LEU M 212 -36.71 -34.22 -11.62
N LEU M 213 -37.57 -35.11 -12.13
CA LEU M 213 -38.64 -35.65 -11.32
C LEU M 213 -38.09 -36.46 -10.15
N SER M 214 -37.05 -37.27 -10.40
CA SER M 214 -36.45 -38.05 -9.33
C SER M 214 -35.85 -37.12 -8.28
N ALA M 215 -35.16 -36.07 -8.72
CA ALA M 215 -34.60 -35.12 -7.75
C ALA M 215 -35.70 -34.52 -6.87
N LEU M 216 -36.78 -34.04 -7.50
CA LEU M 216 -37.85 -33.40 -6.75
C LEU M 216 -38.54 -34.36 -5.79
N LEU M 217 -38.85 -35.57 -6.25
CA LEU M 217 -39.46 -36.57 -5.38
C LEU M 217 -38.57 -36.89 -4.20
N GLU M 218 -37.26 -37.06 -4.44
CA GLU M 218 -36.40 -37.46 -3.33
C GLU M 218 -36.32 -36.35 -2.30
N VAL M 219 -36.21 -35.10 -2.75
CA VAL M 219 -36.09 -33.99 -1.79
C VAL M 219 -37.39 -33.83 -1.01
N ILE M 220 -38.54 -33.96 -1.67
CA ILE M 220 -39.80 -33.76 -0.96
C ILE M 220 -40.05 -34.92 -0.01
N GLU M 221 -39.59 -36.12 -0.37
CA GLU M 221 -39.69 -37.25 0.54
C GLU M 221 -38.82 -37.04 1.77
N ASP M 222 -37.62 -36.47 1.58
CA ASP M 222 -36.78 -36.16 2.73
C ASP M 222 -37.46 -35.14 3.65
N ALA M 223 -38.09 -34.12 3.05
CA ALA M 223 -38.82 -33.15 3.84
C ALA M 223 -39.95 -33.82 4.63
N ARG M 224 -40.70 -34.69 3.98
CA ARG M 224 -41.77 -35.42 4.66
C ARG M 224 -41.22 -36.25 5.80
N GLU M 225 -40.09 -36.90 5.58
CA GLU M 225 -39.50 -37.75 6.60
C GLU M 225 -39.08 -36.94 7.82
N HIS M 226 -38.53 -35.76 7.60
CA HIS M 226 -38.19 -35.00 8.77
C HIS M 226 -39.46 -34.65 9.47
N ILE M 227 -40.40 -34.07 8.75
CA ILE M 227 -41.62 -33.63 9.41
C ILE M 227 -42.19 -34.76 10.27
N VAL M 228 -42.19 -35.99 9.73
CA VAL M 228 -42.75 -37.12 10.46
C VAL M 228 -41.92 -37.43 11.70
N LYS M 229 -40.59 -37.47 11.55
CA LYS M 229 -39.74 -37.75 12.70
C LYS M 229 -39.92 -36.73 13.80
N LYS M 230 -39.78 -35.45 13.47
CA LYS M 230 -39.79 -34.42 14.50
C LYS M 230 -41.18 -34.26 15.11
N TYR M 231 -42.21 -34.25 14.28
CA TYR M 231 -43.48 -33.66 14.70
C TYR M 231 -44.52 -34.72 15.06
N GLY M 232 -44.35 -35.94 14.57
CA GLY M 232 -45.29 -37.01 14.86
C GLY M 232 -45.33 -37.41 16.31
N ASN N 25 72.65 40.45 -13.61
CA ASN N 25 71.59 41.44 -13.66
C ASN N 25 70.30 40.91 -13.02
N VAL N 26 69.16 41.46 -13.45
CA VAL N 26 67.87 41.06 -12.90
C VAL N 26 67.65 39.57 -13.08
N LEU N 27 68.05 39.04 -14.24
CA LEU N 27 67.86 37.62 -14.52
C LEU N 27 68.54 36.75 -13.48
N GLU N 28 69.76 37.12 -13.08
CA GLU N 28 70.49 36.31 -12.11
C GLU N 28 69.76 36.23 -10.78
N LYS N 29 69.35 37.39 -10.25
CA LYS N 29 68.65 37.40 -8.97
C LYS N 29 67.32 36.66 -9.05
N VAL N 30 66.59 36.86 -10.15
CA VAL N 30 65.29 36.19 -10.30
C VAL N 30 65.48 34.67 -10.34
N GLU N 31 66.49 34.21 -11.08
CA GLU N 31 66.74 32.77 -11.14
C GLU N 31 67.22 32.22 -9.80
N GLU N 32 68.00 32.99 -9.04
CA GLU N 32 68.40 32.56 -7.71
C GLU N 32 67.18 32.41 -6.81
N LEU N 33 66.26 33.37 -6.88
CA LEU N 33 65.01 33.27 -6.12
C LEU N 33 64.22 32.03 -6.54
N LYS N 34 64.16 31.78 -7.85
CA LYS N 34 63.52 30.59 -8.39
C LYS N 34 64.10 29.33 -7.76
N LYS N 35 65.42 29.21 -7.78
CA LYS N 35 66.07 28.01 -7.24
C LYS N 35 65.80 27.85 -5.74
N GLU N 36 65.95 28.93 -4.98
CA GLU N 36 65.75 28.83 -3.53
C GLU N 36 64.32 28.42 -3.20
N VAL N 37 63.34 29.09 -3.82
CA VAL N 37 61.95 28.74 -3.57
C VAL N 37 61.67 27.31 -3.99
N LYS N 38 62.27 26.88 -5.10
CA LYS N 38 62.06 25.52 -5.58
C LYS N 38 62.56 24.50 -4.56
N LYS N 39 63.78 24.69 -4.05
CA LYS N 39 64.32 23.76 -3.06
C LYS N 39 63.47 23.74 -1.79
N LYS N 40 63.10 24.92 -1.28
CA LYS N 40 62.30 24.95 -0.07
C LYS N 40 60.95 24.27 -0.27
N VAL N 41 60.32 24.51 -1.43
CA VAL N 41 59.04 23.88 -1.73
C VAL N 41 59.18 22.36 -1.78
N GLU N 42 60.25 21.88 -2.42
CA GLU N 42 60.48 20.44 -2.46
C GLU N 42 60.61 19.86 -1.06
N GLU N 43 61.45 20.49 -0.22
CA GLU N 43 61.70 19.96 1.11
C GLU N 43 60.42 19.94 1.94
N VAL N 44 59.63 21.02 1.87
CA VAL N 44 58.42 21.07 2.69
C VAL N 44 57.38 20.08 2.16
N ALA N 45 57.32 19.92 0.84
CA ALA N 45 56.37 19.00 0.23
C ALA N 45 56.67 17.56 0.62
N LYS N 46 57.95 17.20 0.69
CA LYS N 46 58.33 15.85 1.08
C LYS N 46 57.81 15.49 2.47
N SER N 47 57.74 16.47 3.36
CA SER N 47 57.42 16.21 4.76
C SER N 47 55.95 15.80 4.96
N SER N 48 55.68 15.12 6.06
CA SER N 48 54.32 14.75 6.47
C SER N 48 53.74 15.82 7.38
N ASN N 49 52.63 15.49 8.04
CA ASN N 49 51.99 16.38 9.02
C ASN N 49 51.72 17.75 8.39
N VAL N 50 50.77 17.75 7.46
CA VAL N 50 50.49 18.82 6.51
C VAL N 50 50.36 20.20 7.14
N GLU N 51 49.97 20.28 8.42
CA GLU N 51 49.76 21.60 9.03
C GLU N 51 51.07 22.39 9.13
N ALA N 52 52.15 21.72 9.56
CA ALA N 52 53.44 22.40 9.59
C ALA N 52 53.91 22.74 8.19
N ALA N 53 53.56 21.89 7.21
CA ALA N 53 53.87 22.21 5.83
C ALA N 53 53.17 23.49 5.39
N LEU N 54 51.89 23.64 5.74
CA LEU N 54 51.17 24.86 5.39
C LEU N 54 51.78 26.07 6.06
N ILE N 55 52.19 25.93 7.32
CA ILE N 55 52.85 27.03 8.02
C ILE N 55 54.15 27.40 7.29
N LYS N 56 54.91 26.39 6.87
CA LYS N 56 56.17 26.64 6.19
C LYS N 56 55.96 27.34 4.85
N LEU N 57 54.96 26.90 4.08
CA LEU N 57 54.66 27.61 2.83
C LEU N 57 54.18 29.03 3.10
N LEU N 58 53.46 29.26 4.18
CA LEU N 58 53.07 30.63 4.51
C LEU N 58 54.29 31.50 4.77
N GLU N 59 55.25 30.98 5.55
CA GLU N 59 56.45 31.78 5.84
C GLU N 59 57.28 31.99 4.57
N ILE N 60 57.36 30.97 3.72
CA ILE N 60 58.06 31.11 2.44
C ILE N 60 57.39 32.18 1.59
N LEU N 61 56.06 32.18 1.54
CA LEU N 61 55.35 33.18 0.76
C LEU N 61 55.60 34.58 1.31
N ASP N 62 55.63 34.72 2.63
CA ASP N 62 55.89 36.03 3.22
C ASP N 62 57.29 36.53 2.86
N GLU N 63 58.30 35.68 3.01
CA GLU N 63 59.66 36.11 2.71
C GLU N 63 59.83 36.38 1.21
N PHE N 64 59.15 35.60 0.37
CA PHE N 64 59.19 35.85 -1.06
C PHE N 64 58.53 37.17 -1.41
N ILE N 65 57.44 37.50 -0.72
CA ILE N 65 56.78 38.79 -0.92
C ILE N 65 57.71 39.93 -0.57
N HIS N 66 58.41 39.80 0.57
CA HIS N 66 59.35 40.85 0.96
C HIS N 66 60.47 40.98 -0.06
N GLN N 67 61.01 39.85 -0.53
CA GLN N 67 62.09 39.88 -1.51
C GLN N 67 61.64 40.54 -2.81
N VAL N 68 60.43 40.21 -3.28
CA VAL N 68 59.91 40.81 -4.51
C VAL N 68 59.71 42.31 -4.33
N LYS N 69 59.13 42.70 -3.19
CA LYS N 69 58.91 44.12 -2.93
C LYS N 69 60.24 44.87 -2.93
N LEU N 70 61.29 44.24 -2.44
CA LEU N 70 62.62 44.86 -2.46
C LEU N 70 63.11 45.02 -3.90
N LEU N 71 63.00 43.96 -4.70
CA LEU N 71 63.54 44.00 -6.05
C LEU N 71 62.69 44.92 -6.93
N PRO N 72 63.29 45.58 -7.92
CA PRO N 72 62.48 46.33 -8.89
C PRO N 72 61.82 45.39 -9.88
N VAL N 73 60.54 45.63 -10.14
CA VAL N 73 59.73 44.75 -10.98
C VAL N 73 59.51 45.43 -12.33
N ASN N 74 59.78 44.69 -13.41
CA ASN N 74 59.55 45.17 -14.76
C ASN N 74 58.81 44.09 -15.54
N GLU N 75 58.48 44.42 -16.80
CA GLU N 75 57.76 43.47 -17.64
C GLU N 75 58.61 42.25 -17.98
N GLU N 76 59.94 42.37 -17.90
CA GLU N 76 60.80 41.26 -18.27
C GLU N 76 60.73 40.12 -17.27
N ASN N 77 60.75 40.41 -15.96
CA ASN N 77 60.82 39.38 -14.94
C ASN N 77 59.45 38.91 -14.45
N ARG N 78 58.36 39.49 -14.94
CA ARG N 78 57.03 39.11 -14.47
C ARG N 78 56.70 37.62 -14.67
N PRO N 79 56.92 37.01 -15.84
CA PRO N 79 56.51 35.60 -15.99
C PRO N 79 57.17 34.66 -15.00
N ILE N 80 58.44 34.88 -14.68
CA ILE N 80 59.14 33.99 -13.76
C ILE N 80 58.56 34.12 -12.36
N LEU N 81 58.27 35.34 -11.92
CA LEU N 81 57.63 35.55 -10.63
C LEU N 81 56.26 34.88 -10.60
N VAL N 82 55.52 34.99 -11.70
CA VAL N 82 54.18 34.41 -11.76
C VAL N 82 54.25 32.89 -11.66
N GLU N 83 55.21 32.27 -12.36
CA GLU N 83 55.29 30.81 -12.30
C GLU N 83 55.81 30.35 -10.93
N ILE N 84 56.66 31.15 -10.29
CA ILE N 84 57.06 30.83 -8.92
C ILE N 84 55.84 30.85 -8.00
N LEU N 85 55.01 31.88 -8.14
CA LEU N 85 53.77 31.95 -7.36
C LEU N 85 52.87 30.76 -7.65
N GLU N 86 52.79 30.35 -8.91
CA GLU N 86 51.96 29.21 -9.28
C GLU N 86 52.48 27.93 -8.65
N ILE N 87 53.80 27.74 -8.64
CA ILE N 87 54.40 26.58 -7.98
C ILE N 87 54.00 26.56 -6.51
N ILE N 88 54.18 27.69 -5.84
CA ILE N 88 53.87 27.77 -4.40
C ILE N 88 52.40 27.47 -4.17
N ALA N 89 51.53 28.05 -5.01
CA ALA N 89 50.10 27.88 -4.83
C ALA N 89 49.68 26.44 -5.04
N ASN N 90 50.19 25.78 -6.09
CA ASN N 90 49.84 24.39 -6.33
C ASN N 90 50.32 23.50 -5.19
N THR N 91 51.55 23.72 -4.72
CA THR N 91 52.07 22.91 -3.63
C THR N 91 51.22 23.08 -2.38
N ALA N 92 50.90 24.33 -2.03
CA ALA N 92 50.11 24.59 -0.83
C ALA N 92 48.71 24.02 -0.95
N VAL N 93 48.08 24.17 -2.11
CA VAL N 93 46.73 23.67 -2.31
C VAL N 93 46.71 22.14 -2.20
N HIS N 94 47.68 21.49 -2.83
CA HIS N 94 47.76 20.03 -2.76
C HIS N 94 47.96 19.57 -1.32
N LYS N 95 48.86 20.24 -0.59
CA LYS N 95 49.11 19.86 0.79
C LYS N 95 47.86 20.06 1.66
N ALA N 96 47.15 21.16 1.44
CA ALA N 96 45.92 21.41 2.20
C ALA N 96 44.87 20.36 1.91
N ARG N 97 44.73 20.00 0.62
CA ARG N 97 43.80 18.95 0.24
C ARG N 97 44.20 17.58 0.77
N ASP N 98 45.49 17.38 1.06
CA ASP N 98 45.99 16.06 1.45
C ASP N 98 45.41 15.54 2.76
N GLY N 99 44.52 16.27 3.41
CA GLY N 99 43.84 15.75 4.59
C GLY N 99 44.31 16.32 5.89
N ALA N 100 43.39 16.92 6.64
CA ALA N 100 43.65 17.50 7.95
C ALA N 100 42.30 17.87 8.56
N GLU N 101 42.35 18.43 9.76
CA GLU N 101 41.15 18.94 10.41
C GLU N 101 40.60 20.09 9.58
N PRO N 102 39.33 20.05 9.17
CA PRO N 102 38.82 21.04 8.20
C PRO N 102 38.93 22.49 8.65
N GLU N 103 38.64 22.80 9.91
CA GLU N 103 38.65 24.18 10.36
C GLU N 103 40.07 24.76 10.33
N PHE N 104 41.05 23.98 10.77
CA PHE N 104 42.44 24.41 10.74
C PHE N 104 42.88 24.67 9.30
N ALA N 105 42.53 23.77 8.40
CA ALA N 105 42.88 23.94 6.99
C ALA N 105 42.21 25.17 6.40
N LEU N 106 40.96 25.43 6.80
CA LEU N 106 40.27 26.62 6.31
C LEU N 106 40.95 27.90 6.79
N GLU N 107 41.35 27.94 8.07
CA GLU N 107 42.08 29.10 8.57
C GLU N 107 43.37 29.30 7.80
N LEU N 108 44.13 28.22 7.60
CA LEU N 108 45.37 28.32 6.85
C LEU N 108 45.12 28.80 5.42
N LEU N 109 44.04 28.32 4.81
CA LEU N 109 43.74 28.72 3.44
C LEU N 109 43.36 30.19 3.36
N LEU N 110 42.63 30.69 4.35
CA LEU N 110 42.30 32.12 4.37
C LEU N 110 43.56 32.97 4.51
N ARG N 111 44.47 32.57 5.41
CA ARG N 111 45.73 33.29 5.52
C ARG N 111 46.52 33.23 4.22
N LEU N 112 46.53 32.07 3.57
CA LEU N 112 47.21 31.91 2.29
C LEU N 112 46.61 32.84 1.24
N VAL N 113 45.28 32.94 1.21
CA VAL N 113 44.62 33.78 0.23
C VAL N 113 44.99 35.24 0.45
N GLU N 114 44.99 35.68 1.72
CA GLU N 114 45.38 37.06 1.99
C GLU N 114 46.82 37.34 1.59
N ARG N 115 47.73 36.43 1.93
CA ARG N 115 49.13 36.63 1.58
C ARG N 115 49.32 36.65 0.08
N PHE N 116 48.64 35.76 -0.64
CA PHE N 116 48.78 35.71 -2.09
C PHE N 116 48.14 36.93 -2.74
N THR N 117 47.12 37.51 -2.10
CA THR N 117 46.57 38.78 -2.55
C THR N 117 47.61 39.88 -2.44
N GLU N 118 48.30 39.94 -1.30
CA GLU N 118 49.39 40.90 -1.17
C GLU N 118 50.47 40.66 -2.22
N ALA N 119 50.75 39.38 -2.50
CA ALA N 119 51.76 39.04 -3.51
C ALA N 119 51.38 39.54 -4.88
N VAL N 120 50.14 39.30 -5.32
CA VAL N 120 49.74 39.73 -6.66
C VAL N 120 49.68 41.25 -6.72
N LYS N 121 49.28 41.91 -5.62
CA LYS N 121 49.36 43.36 -5.58
C LYS N 121 50.80 43.84 -5.81
N ALA N 122 51.75 43.18 -5.17
CA ALA N 122 53.15 43.55 -5.33
C ALA N 122 53.63 43.30 -6.77
N ILE N 123 53.18 42.20 -7.37
CA ILE N 123 53.68 41.79 -8.68
C ILE N 123 53.35 42.81 -9.75
N GLY N 124 52.12 43.29 -9.77
CA GLY N 124 51.64 44.06 -10.90
C GLY N 124 50.96 43.18 -11.93
N THR N 125 50.55 43.82 -13.02
CA THR N 125 49.78 43.13 -14.06
C THR N 125 50.49 43.23 -15.40
N SER N 126 50.14 42.27 -16.27
CA SER N 126 50.87 42.05 -17.52
C SER N 126 49.99 41.35 -18.54
N ASN N 127 50.63 40.75 -19.55
CA ASN N 127 49.97 39.95 -20.57
C ASN N 127 48.93 38.99 -20.01
N GLU N 128 47.90 38.70 -20.80
CA GLU N 128 46.69 38.04 -20.28
C GLU N 128 46.97 36.63 -19.75
N GLU N 129 48.00 35.96 -20.27
CA GLU N 129 48.24 34.57 -19.89
C GLU N 129 48.54 34.44 -18.40
N GLU N 130 49.36 35.35 -17.86
CA GLU N 130 49.65 35.33 -16.44
C GLU N 130 48.40 35.60 -15.60
N GLU N 131 47.52 36.48 -16.08
CA GLU N 131 46.25 36.71 -15.39
C GLU N 131 45.39 35.46 -15.41
N ASN N 132 45.40 34.72 -16.52
CA ASN N 132 44.68 33.45 -16.56
C ASN N 132 45.25 32.46 -15.56
N LYS N 133 46.58 32.44 -15.44
CA LYS N 133 47.22 31.57 -14.45
C LYS N 133 46.77 31.92 -13.04
N LEU N 134 46.77 33.21 -12.71
CA LEU N 134 46.31 33.63 -11.39
C LEU N 134 44.86 33.27 -11.18
N LEU N 135 44.03 33.43 -12.21
CA LEU N 135 42.61 33.12 -12.08
C LEU N 135 42.39 31.63 -11.84
N GLU N 136 43.13 30.77 -12.54
CA GLU N 136 42.92 29.34 -12.31
C GLU N 136 43.49 28.92 -10.96
N ILE N 137 44.53 29.62 -10.50
CA ILE N 137 45.01 29.40 -9.13
C ILE N 137 43.90 29.70 -8.13
N LEU N 138 43.23 30.84 -8.30
CA LEU N 138 42.15 31.21 -7.41
C LEU N 138 41.01 30.21 -7.48
N GLU N 139 40.70 29.75 -8.70
CA GLU N 139 39.65 28.75 -8.88
C GLU N 139 39.98 27.45 -8.15
N SER N 140 41.23 27.00 -8.25
CA SER N 140 41.64 25.79 -7.54
C SER N 140 41.56 25.99 -6.04
N ILE N 141 41.94 27.17 -5.55
CA ILE N 141 41.84 27.47 -4.13
C ILE N 141 40.37 27.39 -3.69
N ALA N 142 39.48 27.97 -4.48
CA ALA N 142 38.06 27.95 -4.13
C ALA N 142 37.52 26.54 -4.11
N HIS N 143 37.88 25.73 -5.11
CA HIS N 143 37.42 24.35 -5.15
C HIS N 143 37.94 23.56 -3.95
N THR N 144 39.22 23.72 -3.62
CA THR N 144 39.79 22.99 -2.50
C THR N 144 39.13 23.39 -1.20
N ALA N 145 38.88 24.68 -1.01
CA ALA N 145 38.27 25.15 0.24
C ALA N 145 36.82 24.68 0.35
N ILE N 146 36.09 24.69 -0.77
CA ILE N 146 34.73 24.16 -0.76
C ILE N 146 34.75 22.68 -0.41
N LEU N 147 35.67 21.94 -1.01
CA LEU N 147 35.76 20.50 -0.76
C LEU N 147 36.11 20.24 0.71
N LEU N 148 36.94 21.08 1.29
CA LEU N 148 37.29 20.92 2.70
C LEU N 148 36.10 21.23 3.60
N ALA N 149 35.39 22.32 3.31
CA ALA N 149 34.24 22.71 4.12
C ALA N 149 33.06 21.76 3.92
N ARG N 150 33.13 20.92 2.89
CA ARG N 150 32.09 19.94 2.59
C ARG N 150 31.67 19.09 3.79
N THR N 151 32.56 18.92 4.76
CA THR N 151 32.35 17.98 5.86
C THR N 151 32.33 18.72 7.19
N LEU N 152 31.60 19.83 7.24
CA LEU N 152 31.43 20.57 8.49
C LEU N 152 29.95 20.70 8.82
N THR N 153 29.67 21.21 10.01
CA THR N 153 28.31 21.54 10.39
C THR N 153 27.81 22.70 9.53
N PRO N 154 26.50 22.78 9.29
CA PRO N 154 25.99 23.82 8.38
C PRO N 154 26.37 25.24 8.79
N LEU N 155 26.32 25.55 10.08
CA LEU N 155 26.65 26.90 10.53
C LEU N 155 28.13 27.20 10.33
N GLU N 156 29.00 26.26 10.70
CA GLU N 156 30.44 26.45 10.50
C GLU N 156 30.77 26.57 9.02
N ALA N 157 30.10 25.76 8.19
CA ALA N 157 30.29 25.87 6.75
C ALA N 157 29.87 27.25 6.27
N THR N 158 28.78 27.79 6.81
CA THR N 158 28.35 29.13 6.44
C THR N 158 29.40 30.17 6.80
N ARG N 159 29.97 30.06 8.00
CA ARG N 159 31.03 31.00 8.39
C ARG N 159 32.22 30.89 7.44
N ALA N 160 32.64 29.66 7.13
CA ALA N 160 33.78 29.47 6.26
C ALA N 160 33.53 30.06 4.88
N LEU N 161 32.34 29.83 4.33
CA LEU N 161 32.05 30.33 3.00
C LEU N 161 31.93 31.85 2.99
N ILE N 162 31.37 32.44 4.05
CA ILE N 162 31.26 33.90 4.09
C ILE N 162 32.64 34.54 4.16
N ALA N 163 33.54 33.96 4.98
CA ALA N 163 34.91 34.46 5.04
C ALA N 163 35.59 34.30 3.68
N LEU N 164 35.35 33.17 3.02
CA LEU N 164 35.93 32.93 1.71
C LEU N 164 35.46 33.96 0.69
N VAL N 165 34.17 34.29 0.72
CA VAL N 165 33.62 35.26 -0.21
C VAL N 165 34.21 36.63 0.04
N VAL N 166 34.38 36.99 1.32
CA VAL N 166 35.02 38.27 1.63
C VAL N 166 36.44 38.32 1.09
N ALA N 167 37.19 37.23 1.28
CA ALA N 167 38.57 37.19 0.79
C ALA N 167 38.63 37.29 -0.72
N PHE N 168 37.76 36.56 -1.43
CA PHE N 168 37.74 36.64 -2.88
C PHE N 168 37.32 38.03 -3.36
N THR N 169 36.40 38.68 -2.67
CA THR N 169 36.02 40.04 -3.02
C THR N 169 37.22 40.97 -2.90
N LYS N 170 37.98 40.84 -1.81
CA LYS N 170 39.18 41.64 -1.63
C LYS N 170 40.17 41.40 -2.77
N PHE N 171 40.39 40.13 -3.11
CA PHE N 171 41.34 39.82 -4.18
C PHE N 171 40.88 40.41 -5.51
N PHE N 172 39.61 40.18 -5.88
CA PHE N 172 39.11 40.66 -7.16
C PHE N 172 39.16 42.17 -7.24
N LEU N 173 38.94 42.85 -6.11
CA LEU N 173 39.14 44.29 -6.09
C LEU N 173 40.60 44.63 -6.32
N ALA N 174 41.52 43.85 -5.75
CA ALA N 174 42.94 44.13 -5.90
C ALA N 174 43.43 43.94 -7.33
N LEU N 175 42.96 42.90 -8.02
CA LEU N 175 43.50 42.55 -9.32
C LEU N 175 43.16 43.60 -10.38
N LYS N 176 44.05 43.73 -11.36
CA LYS N 176 43.86 44.60 -12.51
C LYS N 176 43.85 43.74 -13.76
N GLY N 177 42.99 44.09 -14.72
CA GLY N 177 42.93 43.33 -15.96
C GLY N 177 41.66 43.66 -16.71
N SER N 178 41.39 42.86 -17.74
CA SER N 178 40.19 43.02 -18.54
C SER N 178 38.95 42.69 -17.72
N PRO N 179 37.93 43.56 -17.72
CA PRO N 179 36.78 43.33 -16.85
C PRO N 179 36.03 42.03 -17.11
N GLU N 180 35.95 41.59 -18.36
CA GLU N 180 35.10 40.44 -18.68
C GLU N 180 35.55 39.18 -17.95
N LYS N 181 36.86 38.92 -17.94
CA LYS N 181 37.37 37.72 -17.28
C LYS N 181 37.10 37.78 -15.79
N ILE N 182 37.34 38.94 -15.17
CA ILE N 182 37.13 39.06 -13.73
C ILE N 182 35.67 38.84 -13.37
N ILE N 183 34.76 39.48 -14.11
CA ILE N 183 33.34 39.35 -13.81
C ILE N 183 32.88 37.91 -14.02
N SER N 184 33.30 37.28 -15.12
CA SER N 184 32.89 35.91 -15.39
C SER N 184 33.42 34.96 -14.32
N THR N 185 34.68 35.12 -13.92
CA THR N 185 35.25 34.26 -12.90
C THR N 185 34.54 34.44 -11.57
N PHE N 186 34.24 35.68 -11.19
CA PHE N 186 33.54 35.91 -9.94
C PHE N 186 32.15 35.29 -9.97
N GLU N 187 31.44 35.44 -11.10
CA GLU N 187 30.11 34.85 -11.21
C GLU N 187 30.18 33.33 -11.11
N SER N 188 31.19 32.73 -11.75
CA SER N 188 31.33 31.28 -11.68
C SER N 188 31.61 30.83 -10.25
N ILE N 189 32.49 31.53 -9.54
CA ILE N 189 32.77 31.17 -8.16
C ILE N 189 31.51 31.31 -7.31
N ALA N 190 30.74 32.38 -7.53
CA ALA N 190 29.50 32.58 -6.79
C ALA N 190 28.54 31.42 -7.05
N ARG N 191 28.45 30.97 -8.30
CA ARG N 191 27.54 29.89 -8.64
C ARG N 191 27.98 28.57 -8.00
N ASP N 192 29.29 28.32 -7.96
CA ASP N 192 29.79 27.15 -7.25
C ASP N 192 29.42 27.19 -5.77
N ILE N 193 29.63 28.35 -5.13
CA ILE N 193 29.31 28.49 -3.72
C ILE N 193 27.81 28.26 -3.49
N LEU N 194 26.99 28.82 -4.37
CA LEU N 194 25.55 28.67 -4.23
C LEU N 194 25.13 27.21 -4.38
N THR N 195 25.69 26.52 -5.36
CA THR N 195 25.36 25.10 -5.55
C THR N 195 25.75 24.29 -4.32
N PHE N 196 26.94 24.54 -3.79
CA PHE N 196 27.38 23.79 -2.61
C PHE N 196 26.49 24.07 -1.42
N ALA N 197 26.09 25.34 -1.23
CA ALA N 197 25.19 25.67 -0.13
C ALA N 197 23.84 24.97 -0.30
N GLU N 198 23.34 24.95 -1.54
CA GLU N 198 22.07 24.28 -1.79
C GLU N 198 22.16 22.79 -1.48
N GLN N 199 23.32 22.19 -1.75
CA GLN N 199 23.55 20.81 -1.30
C GLN N 199 23.51 20.72 0.22
N LYS N 200 24.30 21.55 0.90
CA LYS N 200 24.55 21.32 2.32
C LYS N 200 23.33 21.61 3.19
N LEU N 201 22.64 22.72 2.93
CA LEU N 201 21.53 23.09 3.81
C LEU N 201 20.33 22.16 3.69
N ALA N 202 20.36 21.22 2.74
CA ALA N 202 19.21 20.33 2.56
C ALA N 202 18.98 19.41 3.76
N THR N 203 19.95 19.31 4.67
CA THR N 203 19.86 18.41 5.81
C THR N 203 19.33 19.07 7.08
N VAL N 204 18.77 20.27 6.99
CA VAL N 204 18.34 21.01 8.18
C VAL N 204 16.90 21.45 7.95
N PRO N 205 16.17 21.77 9.02
CA PRO N 205 14.81 22.27 8.86
C PRO N 205 14.77 23.54 8.02
N PRO N 206 13.69 23.74 7.27
CA PRO N 206 13.69 24.82 6.27
C PRO N 206 13.86 26.22 6.82
N ALA N 207 13.54 26.45 8.09
CA ALA N 207 13.83 27.75 8.68
C ALA N 207 15.33 28.02 8.72
N VAL N 208 16.12 26.98 9.03
CA VAL N 208 17.57 27.14 9.06
C VAL N 208 18.11 27.43 7.67
N GLN N 209 17.57 26.76 6.64
CA GLN N 209 17.98 27.09 5.28
C GLN N 209 17.59 28.52 4.95
N THR N 210 16.40 28.94 5.33
CA THR N 210 15.99 30.33 5.08
C THR N 210 17.04 31.27 5.65
N VAL N 211 17.37 31.08 6.92
CA VAL N 211 18.33 31.96 7.61
C VAL N 211 19.68 31.97 6.89
N LEU N 212 20.33 30.80 6.85
CA LEU N 212 21.71 30.76 6.36
C LEU N 212 21.79 31.11 4.88
N LEU N 213 20.85 30.61 4.07
CA LEU N 213 20.84 30.92 2.66
C LEU N 213 20.64 32.41 2.43
N SER N 214 19.74 33.04 3.19
CA SER N 214 19.54 34.48 3.04
C SER N 214 20.83 35.23 3.35
N ALA N 215 21.53 34.82 4.42
CA ALA N 215 22.82 35.43 4.73
C ALA N 215 23.79 35.29 3.56
N LEU N 216 23.86 34.08 2.99
CA LEU N 216 24.82 33.83 1.93
C LEU N 216 24.51 34.63 0.67
N LEU N 217 23.26 34.65 0.26
CA LEU N 217 22.87 35.43 -0.90
C LEU N 217 23.14 36.91 -0.68
N GLU N 218 22.88 37.41 0.53
CA GLU N 218 23.04 38.83 0.78
C GLU N 218 24.52 39.23 0.74
N VAL N 219 25.38 38.39 1.33
CA VAL N 219 26.81 38.72 1.32
C VAL N 219 27.36 38.61 -0.10
N ILE N 220 26.89 37.62 -0.87
CA ILE N 220 27.39 37.45 -2.22
C ILE N 220 26.91 38.58 -3.11
N GLU N 221 25.71 39.10 -2.83
CA GLU N 221 25.19 40.24 -3.58
C GLU N 221 25.97 41.50 -3.26
N ASP N 222 26.34 41.69 -2.00
CA ASP N 222 27.19 42.82 -1.65
C ASP N 222 28.54 42.73 -2.35
N ALA N 223 29.13 41.54 -2.39
CA ALA N 223 30.39 41.35 -3.09
C ALA N 223 30.23 41.66 -4.58
N ARG N 224 29.14 41.19 -5.18
CA ARG N 224 28.89 41.45 -6.59
C ARG N 224 28.75 42.95 -6.85
N GLU N 225 28.02 43.64 -5.97
CA GLU N 225 27.85 45.08 -6.13
C GLU N 225 29.19 45.81 -6.05
N HIS N 226 30.07 45.38 -5.18
CA HIS N 226 31.30 46.13 -5.13
C HIS N 226 32.08 45.83 -6.39
N ILE N 227 32.26 44.56 -6.73
CA ILE N 227 33.13 44.29 -7.87
C ILE N 227 32.58 44.96 -9.12
N VAL N 228 31.25 45.02 -9.25
CA VAL N 228 30.66 45.64 -10.43
C VAL N 228 30.92 47.14 -10.45
N LYS N 229 30.66 47.83 -9.34
CA LYS N 229 30.90 49.27 -9.33
C LYS N 229 32.37 49.60 -9.51
N LYS N 230 33.25 48.88 -8.79
CA LYS N 230 34.68 49.17 -8.88
C LYS N 230 35.21 48.89 -10.29
N TYR N 231 34.81 47.76 -10.88
CA TYR N 231 35.52 47.29 -12.07
C TYR N 231 34.73 47.54 -13.34
N GLY N 232 33.55 48.15 -13.25
CA GLY N 232 32.72 48.41 -14.42
C GLY N 232 33.28 49.49 -15.32
N ASN O 25 -44.03 33.79 -26.26
CA ASN O 25 -44.75 33.19 -25.14
C ASN O 25 -44.71 31.67 -25.19
N VAL O 26 -45.73 31.03 -24.62
CA VAL O 26 -45.78 29.56 -24.61
C VAL O 26 -45.79 29.01 -26.03
N LEU O 27 -46.52 29.69 -26.93
CA LEU O 27 -46.60 29.22 -28.31
C LEU O 27 -45.23 29.13 -28.95
N GLU O 28 -44.38 30.13 -28.73
CA GLU O 28 -43.06 30.14 -29.35
C GLU O 28 -42.24 28.95 -28.90
N LYS O 29 -42.17 28.70 -27.59
CA LYS O 29 -41.39 27.59 -27.07
C LYS O 29 -41.94 26.25 -27.55
N VAL O 30 -43.27 26.11 -27.54
CA VAL O 30 -43.88 24.86 -27.97
C VAL O 30 -43.57 24.60 -29.45
N GLU O 31 -43.66 25.63 -30.28
CA GLU O 31 -43.35 25.46 -31.70
C GLU O 31 -41.86 25.17 -31.92
N GLU O 32 -40.99 25.77 -31.13
CA GLU O 32 -39.56 25.44 -31.23
C GLU O 32 -39.33 23.97 -30.89
N LEU O 33 -39.99 23.49 -29.83
CA LEU O 33 -39.90 22.07 -29.48
C LEU O 33 -40.41 21.20 -30.63
N LYS O 34 -41.52 21.60 -31.23
CA LYS O 34 -42.09 20.92 -32.38
C LYS O 34 -41.06 20.80 -33.49
N LYS O 35 -40.43 21.91 -33.85
CA LYS O 35 -39.45 21.91 -34.93
C LYS O 35 -38.25 21.02 -34.61
N GLU O 36 -37.71 21.15 -33.40
CA GLU O 36 -36.53 20.36 -33.05
C GLU O 36 -36.84 18.87 -33.07
N VAL O 37 -37.95 18.46 -32.45
CA VAL O 37 -38.33 17.06 -32.45
C VAL O 37 -38.58 16.57 -33.86
N LYS O 38 -39.19 17.42 -34.71
CA LYS O 38 -39.46 17.04 -36.08
C LYS O 38 -38.17 16.76 -36.84
N LYS O 39 -37.19 17.66 -36.73
CA LYS O 39 -35.92 17.46 -37.43
C LYS O 39 -35.22 16.20 -36.94
N LYS O 40 -35.17 16.00 -35.62
CA LYS O 40 -34.50 14.82 -35.09
C LYS O 40 -35.19 13.54 -35.55
N VAL O 41 -36.53 13.54 -35.55
CA VAL O 41 -37.28 12.37 -35.97
C VAL O 41 -37.03 12.07 -37.44
N GLU O 42 -37.04 13.10 -38.28
CA GLU O 42 -36.74 12.88 -39.69
C GLU O 42 -35.35 12.29 -39.87
N GLU O 43 -34.36 12.88 -39.19
CA GLU O 43 -32.98 12.44 -39.36
C GLU O 43 -32.82 10.99 -38.94
N VAL O 44 -33.42 10.60 -37.81
CA VAL O 44 -33.26 9.24 -37.33
C VAL O 44 -34.04 8.27 -38.21
N ALA O 45 -35.20 8.70 -38.72
CA ALA O 45 -36.02 7.85 -39.58
C ALA O 45 -35.32 7.55 -40.89
N LYS O 46 -34.58 8.53 -41.42
CA LYS O 46 -33.86 8.33 -42.67
C LYS O 46 -32.84 7.20 -42.55
N SER O 47 -32.25 7.04 -41.37
CA SER O 47 -31.14 6.11 -41.17
C SER O 47 -31.56 4.65 -41.26
N SER O 48 -30.58 3.76 -41.50
CA SER O 48 -30.78 2.32 -41.54
C SER O 48 -30.58 1.72 -40.14
N ASN O 49 -30.26 0.43 -40.08
CA ASN O 49 -29.86 -0.33 -38.89
C ASN O 49 -30.74 0.04 -37.71
N VAL O 50 -32.01 -0.35 -37.78
CA VAL O 50 -33.09 0.16 -36.95
C VAL O 50 -32.77 0.23 -35.47
N GLU O 51 -31.92 -0.67 -34.95
CA GLU O 51 -31.70 -0.71 -33.50
C GLU O 51 -31.14 0.62 -32.99
N ALA O 52 -30.20 1.21 -33.73
CA ALA O 52 -29.72 2.54 -33.39
C ALA O 52 -30.83 3.56 -33.48
N ALA O 53 -31.76 3.37 -34.43
CA ALA O 53 -32.89 4.28 -34.55
C ALA O 53 -33.77 4.23 -33.31
N LEU O 54 -34.09 3.04 -32.82
CA LEU O 54 -34.88 2.94 -31.60
C LEU O 54 -34.14 3.55 -30.41
N ILE O 55 -32.81 3.36 -30.35
CA ILE O 55 -32.06 4.00 -29.28
C ILE O 55 -32.19 5.51 -29.35
N LYS O 56 -32.07 6.07 -30.56
CA LYS O 56 -32.17 7.52 -30.71
C LYS O 56 -33.56 8.03 -30.39
N LEU O 57 -34.62 7.32 -30.82
CA LEU O 57 -35.97 7.73 -30.45
C LEU O 57 -36.18 7.65 -28.94
N LEU O 58 -35.60 6.65 -28.27
CA LEU O 58 -35.71 6.60 -26.82
C LEU O 58 -35.07 7.83 -26.19
N GLU O 59 -33.88 8.21 -26.66
CA GLU O 59 -33.19 9.36 -26.07
C GLU O 59 -33.96 10.65 -26.37
N ILE O 60 -34.51 10.76 -27.59
CA ILE O 60 -35.32 11.94 -27.94
C ILE O 60 -36.56 12.00 -27.07
N LEU O 61 -37.22 10.88 -26.84
CA LEU O 61 -38.41 10.86 -25.99
C LEU O 61 -38.04 11.26 -24.57
N ASP O 62 -36.87 10.82 -24.09
CA ASP O 62 -36.43 11.22 -22.76
C ASP O 62 -36.22 12.72 -22.65
N GLU O 63 -35.48 13.30 -23.59
CA GLU O 63 -35.23 14.73 -23.53
C GLU O 63 -36.53 15.52 -23.70
N PHE O 64 -37.46 14.99 -24.51
CA PHE O 64 -38.75 15.65 -24.70
C PHE O 64 -39.58 15.61 -23.42
N ILE O 65 -39.58 14.47 -22.72
CA ILE O 65 -40.29 14.38 -21.45
C ILE O 65 -39.69 15.37 -20.46
N HIS O 66 -38.36 15.51 -20.48
CA HIS O 66 -37.70 16.47 -19.61
C HIS O 66 -38.16 17.89 -19.92
N GLN O 67 -38.13 18.27 -21.19
CA GLN O 67 -38.50 19.61 -21.58
C GLN O 67 -39.96 19.90 -21.23
N VAL O 68 -40.85 18.94 -21.47
CA VAL O 68 -42.26 19.14 -21.16
C VAL O 68 -42.46 19.28 -19.66
N LYS O 69 -41.82 18.42 -18.87
CA LYS O 69 -41.93 18.51 -17.42
C LYS O 69 -41.44 19.87 -16.92
N LEU O 70 -40.40 20.41 -17.57
CA LEU O 70 -39.88 21.72 -17.20
C LEU O 70 -40.90 22.82 -17.51
N LEU O 71 -41.46 22.81 -18.72
CA LEU O 71 -42.35 23.87 -19.13
C LEU O 71 -43.67 23.78 -18.37
N PRO O 72 -44.33 24.90 -18.08
CA PRO O 72 -45.67 24.84 -17.49
C PRO O 72 -46.69 24.40 -18.53
N VAL O 73 -47.52 23.42 -18.16
CA VAL O 73 -48.48 22.82 -19.07
C VAL O 73 -49.87 23.37 -18.77
N ASN O 74 -50.56 23.82 -19.81
CA ASN O 74 -51.93 24.30 -19.69
C ASN O 74 -52.77 23.66 -20.78
N GLU O 75 -54.07 24.00 -20.77
CA GLU O 75 -54.97 23.43 -21.76
C GLU O 75 -54.67 23.94 -23.16
N GLU O 76 -54.04 25.12 -23.28
CA GLU O 76 -53.76 25.69 -24.59
C GLU O 76 -52.73 24.88 -25.37
N ASN O 77 -51.65 24.46 -24.73
CA ASN O 77 -50.55 23.80 -25.42
C ASN O 77 -50.68 22.28 -25.48
N ARG O 78 -51.71 21.70 -24.88
CA ARG O 78 -51.86 20.25 -24.85
C ARG O 78 -51.92 19.61 -26.24
N PRO O 79 -52.74 20.09 -27.19
CA PRO O 79 -52.82 19.38 -28.49
C PRO O 79 -51.49 19.27 -29.22
N ILE O 80 -50.67 20.31 -29.15
CA ILE O 80 -49.39 20.28 -29.87
C ILE O 80 -48.46 19.24 -29.25
N LEU O 81 -48.41 19.18 -27.92
CA LEU O 81 -47.62 18.16 -27.25
C LEU O 81 -48.13 16.77 -27.61
N VAL O 82 -49.46 16.61 -27.67
CA VAL O 82 -50.03 15.31 -27.99
C VAL O 82 -49.66 14.88 -29.41
N GLU O 83 -49.72 15.82 -30.37
CA GLU O 83 -49.38 15.43 -31.73
C GLU O 83 -47.88 15.19 -31.89
N ILE O 84 -47.05 15.89 -31.12
CA ILE O 84 -45.63 15.57 -31.10
C ILE O 84 -45.41 14.15 -30.59
N LEU O 85 -46.10 13.79 -29.51
CA LEU O 85 -46.01 12.43 -28.99
C LEU O 85 -46.47 11.42 -30.02
N GLU O 86 -47.54 11.76 -30.75
CA GLU O 86 -48.05 10.86 -31.78
C GLU O 86 -47.04 10.67 -32.90
N ILE O 87 -46.37 11.76 -33.32
CA ILE O 87 -45.32 11.65 -34.33
C ILE O 87 -44.23 10.70 -33.85
N ILE O 88 -43.76 10.91 -32.62
CA ILE O 88 -42.68 10.08 -32.09
C ILE O 88 -43.12 8.62 -32.02
N ALA O 89 -44.34 8.38 -31.55
CA ALA O 89 -44.83 7.02 -31.39
C ALA O 89 -44.97 6.31 -32.73
N ASN O 90 -45.53 7.01 -33.74
CA ASN O 90 -45.65 6.39 -35.05
C ASN O 90 -44.29 6.08 -35.65
N THR O 91 -43.34 7.01 -35.52
CA THR O 91 -42.01 6.77 -36.06
C THR O 91 -41.36 5.57 -35.40
N ALA O 92 -41.44 5.50 -34.06
CA ALA O 92 -40.82 4.39 -33.34
C ALA O 92 -41.48 3.07 -33.68
N VAL O 93 -42.82 3.05 -33.75
CA VAL O 93 -43.54 1.82 -34.06
C VAL O 93 -43.19 1.35 -35.46
N HIS O 94 -43.14 2.28 -36.43
CA HIS O 94 -42.81 1.91 -37.80
C HIS O 94 -41.39 1.37 -37.87
N LYS O 95 -40.46 2.01 -37.16
CA LYS O 95 -39.07 1.53 -37.17
C LYS O 95 -38.95 0.14 -36.57
N ALA O 96 -39.67 -0.10 -35.46
CA ALA O 96 -39.66 -1.42 -34.85
C ALA O 96 -40.25 -2.46 -35.78
N ARG O 97 -41.33 -2.12 -36.46
CA ARG O 97 -41.92 -2.99 -37.47
C ARG O 97 -40.98 -3.26 -38.63
N ASP O 98 -40.08 -2.33 -38.95
CA ASP O 98 -39.26 -2.41 -40.16
C ASP O 98 -38.28 -3.59 -40.14
N GLY O 99 -38.24 -4.40 -39.09
CA GLY O 99 -37.47 -5.62 -39.12
C GLY O 99 -36.17 -5.58 -38.35
N ALA O 100 -36.00 -6.53 -37.44
CA ALA O 100 -34.81 -6.71 -36.63
C ALA O 100 -34.95 -8.04 -35.90
N GLU O 101 -34.02 -8.31 -35.00
CA GLU O 101 -34.18 -9.44 -34.11
C GLU O 101 -35.40 -9.16 -33.23
N PRO O 102 -36.40 -10.03 -33.22
CA PRO O 102 -37.67 -9.69 -32.56
C PRO O 102 -37.55 -9.36 -31.09
N GLU O 103 -36.71 -10.07 -30.34
CA GLU O 103 -36.77 -9.99 -28.88
C GLU O 103 -36.05 -8.72 -28.40
N PHE O 104 -34.97 -8.35 -29.07
CA PHE O 104 -34.30 -7.08 -28.78
C PHE O 104 -35.22 -5.90 -29.03
N ALA O 105 -35.83 -5.85 -30.23
CA ALA O 105 -36.79 -4.81 -30.53
C ALA O 105 -37.98 -4.87 -29.57
N LEU O 106 -38.26 -6.06 -29.03
CA LEU O 106 -39.33 -6.19 -28.07
C LEU O 106 -39.03 -5.49 -26.76
N GLU O 107 -37.82 -5.69 -26.21
CA GLU O 107 -37.45 -4.91 -25.03
C GLU O 107 -37.38 -3.42 -25.35
N LEU O 108 -36.93 -3.07 -26.56
CA LEU O 108 -36.93 -1.66 -26.94
C LEU O 108 -38.35 -1.09 -26.92
N LEU O 109 -39.32 -1.85 -27.41
CA LEU O 109 -40.71 -1.43 -27.38
C LEU O 109 -41.23 -1.33 -25.96
N LEU O 110 -40.82 -2.25 -25.09
CA LEU O 110 -41.24 -2.17 -23.69
C LEU O 110 -40.74 -0.90 -23.03
N ARG O 111 -39.46 -0.57 -23.25
CA ARG O 111 -38.93 0.68 -22.70
C ARG O 111 -39.65 1.89 -23.29
N LEU O 112 -39.93 1.86 -24.59
CA LEU O 112 -40.70 2.92 -25.22
C LEU O 112 -42.07 3.06 -24.56
N VAL O 113 -42.71 1.93 -24.27
CA VAL O 113 -44.03 1.97 -23.64
C VAL O 113 -43.93 2.63 -22.27
N GLU O 114 -42.93 2.24 -21.48
CA GLU O 114 -42.79 2.82 -20.15
C GLU O 114 -42.56 4.33 -20.23
N ARG O 115 -41.65 4.76 -21.11
CA ARG O 115 -41.42 6.20 -21.27
C ARG O 115 -42.69 6.89 -21.76
N PHE O 116 -43.51 6.20 -22.53
CA PHE O 116 -44.73 6.80 -23.04
C PHE O 116 -45.78 6.95 -21.93
N THR O 117 -45.86 5.99 -21.02
CA THR O 117 -46.72 6.17 -19.85
C THR O 117 -46.26 7.36 -19.03
N GLU O 118 -44.94 7.49 -18.86
CA GLU O 118 -44.44 8.65 -18.11
C GLU O 118 -44.78 9.96 -18.83
N ALA O 119 -44.67 9.97 -20.16
CA ALA O 119 -45.03 11.17 -20.92
C ALA O 119 -46.51 11.49 -20.79
N VAL O 120 -47.36 10.47 -20.82
CA VAL O 120 -48.79 10.69 -20.64
C VAL O 120 -49.07 11.27 -19.26
N LYS O 121 -48.40 10.75 -18.23
CA LYS O 121 -48.55 11.29 -16.89
C LYS O 121 -48.13 12.76 -16.84
N ALA O 122 -47.01 13.08 -17.50
CA ALA O 122 -46.53 14.46 -17.51
C ALA O 122 -47.49 15.39 -18.23
N ILE O 123 -48.08 14.93 -19.33
CA ILE O 123 -48.91 15.80 -20.17
C ILE O 123 -50.15 16.26 -19.41
N GLY O 124 -50.82 15.34 -18.73
CA GLY O 124 -52.14 15.62 -18.21
C GLY O 124 -53.22 15.17 -19.18
N THR O 125 -54.46 15.48 -18.82
CA THR O 125 -55.62 15.02 -19.59
C THR O 125 -56.45 16.21 -20.05
N SER O 126 -57.18 15.99 -21.15
CA SER O 126 -57.86 17.06 -21.87
C SER O 126 -59.03 16.51 -22.69
N ASN O 127 -59.47 17.29 -23.67
CA ASN O 127 -60.51 16.92 -24.61
C ASN O 127 -60.36 15.49 -25.14
N GLU O 128 -61.48 14.84 -25.43
CA GLU O 128 -61.49 13.40 -25.68
C GLU O 128 -60.67 13.02 -26.91
N GLU O 129 -60.50 13.93 -27.87
CA GLU O 129 -59.82 13.59 -29.11
C GLU O 129 -58.37 13.19 -28.85
N GLU O 130 -57.68 13.92 -27.97
CA GLU O 130 -56.31 13.57 -27.63
C GLU O 130 -56.25 12.21 -26.95
N GLU O 131 -57.23 11.90 -26.10
CA GLU O 131 -57.29 10.57 -25.48
C GLU O 131 -57.49 9.49 -26.53
N ASN O 132 -58.31 9.78 -27.56
CA ASN O 132 -58.46 8.83 -28.65
C ASN O 132 -57.13 8.61 -29.36
N LYS O 133 -56.39 9.69 -29.60
CA LYS O 133 -55.08 9.56 -30.25
C LYS O 133 -54.15 8.69 -29.41
N LEU O 134 -54.11 8.93 -28.10
CA LEU O 134 -53.26 8.12 -27.23
C LEU O 134 -53.69 6.66 -27.23
N LEU O 135 -54.99 6.41 -27.19
CA LEU O 135 -55.48 5.03 -27.16
C LEU O 135 -55.16 4.30 -28.46
N GLU O 136 -55.28 4.99 -29.60
CA GLU O 136 -54.94 4.33 -30.86
C GLU O 136 -53.44 4.14 -31.00
N ILE O 137 -52.63 5.04 -30.44
CA ILE O 137 -51.20 4.80 -30.31
C ILE O 137 -50.95 3.51 -29.54
N LEU O 138 -51.64 3.34 -28.41
CA LEU O 138 -51.45 2.16 -27.59
C LEU O 138 -51.87 0.90 -28.33
N GLU O 139 -52.98 0.97 -29.06
CA GLU O 139 -53.45 -0.19 -29.83
C GLU O 139 -52.45 -0.56 -30.92
N SER O 140 -51.90 0.45 -31.62
CA SER O 140 -50.89 0.17 -32.63
C SER O 140 -49.65 -0.46 -32.01
N ILE O 141 -49.24 0.03 -30.83
CA ILE O 141 -48.09 -0.56 -30.15
C ILE O 141 -48.38 -2.02 -29.81
N ALA O 142 -49.58 -2.30 -29.32
CA ALA O 142 -49.93 -3.68 -28.96
C ALA O 142 -49.90 -4.57 -30.20
N HIS O 143 -50.47 -4.11 -31.31
CA HIS O 143 -50.47 -4.92 -32.52
C HIS O 143 -49.06 -5.16 -33.03
N THR O 144 -48.22 -4.12 -33.00
CA THR O 144 -46.84 -4.27 -33.44
C THR O 144 -46.08 -5.27 -32.58
N ALA O 145 -46.31 -5.22 -31.27
CA ALA O 145 -45.58 -6.11 -30.37
C ALA O 145 -46.05 -7.55 -30.51
N ILE O 146 -47.35 -7.76 -30.70
CA ILE O 146 -47.86 -9.09 -31.01
C ILE O 146 -47.26 -9.59 -32.32
N LEU O 147 -47.16 -8.70 -33.31
CA LEU O 147 -46.57 -9.06 -34.59
C LEU O 147 -45.12 -9.49 -34.43
N LEU O 148 -44.38 -8.79 -33.58
CA LEU O 148 -42.99 -9.16 -33.33
C LEU O 148 -42.90 -10.50 -32.61
N ALA O 149 -43.70 -10.68 -31.56
CA ALA O 149 -43.63 -11.91 -30.77
C ALA O 149 -44.19 -13.09 -31.54
N ARG O 150 -44.84 -12.83 -32.68
CA ARG O 150 -45.45 -13.88 -33.50
C ARG O 150 -44.48 -14.98 -33.91
N THR O 151 -43.18 -14.69 -33.88
CA THR O 151 -42.16 -15.59 -34.43
C THR O 151 -41.12 -15.92 -33.37
N LEU O 152 -41.59 -16.31 -32.18
CA LEU O 152 -40.70 -16.72 -31.10
C LEU O 152 -41.13 -18.09 -30.58
N THR O 153 -40.30 -18.65 -29.70
CA THR O 153 -40.64 -19.90 -29.04
C THR O 153 -41.83 -19.68 -28.09
N PRO O 154 -42.62 -20.72 -27.84
CA PRO O 154 -43.82 -20.52 -26.99
C PRO O 154 -43.53 -19.94 -25.62
N LEU O 155 -42.47 -20.41 -24.94
CA LEU O 155 -42.17 -19.89 -23.62
C LEU O 155 -41.70 -18.44 -23.68
N GLU O 156 -40.83 -18.13 -24.65
CA GLU O 156 -40.39 -16.75 -24.82
C GLU O 156 -41.55 -15.84 -25.16
N ALA O 157 -42.47 -16.31 -26.00
CA ALA O 157 -43.66 -15.53 -26.30
C ALA O 157 -44.50 -15.31 -25.04
N THR O 158 -44.62 -16.33 -24.20
CA THR O 158 -45.40 -16.18 -22.98
C THR O 158 -44.79 -15.10 -22.08
N ARG O 159 -43.47 -15.13 -21.92
CA ARG O 159 -42.80 -14.08 -21.16
C ARG O 159 -43.03 -12.71 -21.79
N ALA O 160 -42.95 -12.66 -23.13
CA ALA O 160 -43.16 -11.41 -23.84
C ALA O 160 -44.51 -10.81 -23.52
N LEU O 161 -45.58 -11.58 -23.71
CA LEU O 161 -46.92 -11.03 -23.49
C LEU O 161 -47.19 -10.77 -22.02
N ILE O 162 -46.64 -11.57 -21.11
CA ILE O 162 -46.91 -11.29 -19.69
C ILE O 162 -46.28 -9.96 -19.28
N ALA O 163 -45.02 -9.74 -19.64
CA ALA O 163 -44.38 -8.46 -19.32
C ALA O 163 -45.10 -7.32 -20.03
N LEU O 164 -45.52 -7.56 -21.27
CA LEU O 164 -46.11 -6.51 -22.08
C LEU O 164 -47.45 -6.08 -21.49
N VAL O 165 -48.26 -7.05 -21.04
CA VAL O 165 -49.56 -6.74 -20.48
C VAL O 165 -49.39 -6.09 -19.10
N VAL O 166 -48.30 -6.42 -18.39
CA VAL O 166 -47.98 -5.66 -17.18
C VAL O 166 -47.75 -4.20 -17.53
N ALA O 167 -47.01 -3.96 -18.62
CA ALA O 167 -46.76 -2.58 -19.05
C ALA O 167 -48.07 -1.87 -19.40
N PHE O 168 -48.96 -2.54 -20.13
CA PHE O 168 -50.25 -1.93 -20.43
C PHE O 168 -51.06 -1.67 -19.17
N THR O 169 -51.00 -2.57 -18.18
CA THR O 169 -51.71 -2.33 -16.94
C THR O 169 -51.20 -1.07 -16.26
N LYS O 170 -49.89 -0.90 -16.23
CA LYS O 170 -49.31 0.31 -15.64
C LYS O 170 -49.78 1.56 -16.40
N PHE O 171 -49.75 1.50 -17.73
CA PHE O 171 -50.20 2.64 -18.52
C PHE O 171 -51.66 2.98 -18.23
N PHE O 172 -52.53 1.98 -18.27
CA PHE O 172 -53.95 2.21 -18.08
C PHE O 172 -54.23 2.74 -16.68
N LEU O 173 -53.44 2.29 -15.70
CA LEU O 173 -53.53 2.89 -14.38
C LEU O 173 -53.15 4.36 -14.42
N ALA O 174 -52.11 4.70 -15.17
CA ALA O 174 -51.66 6.09 -15.24
C ALA O 174 -52.69 7.00 -15.89
N LEU O 175 -53.35 6.54 -16.95
CA LEU O 175 -54.22 7.41 -17.75
C LEU O 175 -55.46 7.82 -16.97
N LYS O 176 -56.02 8.98 -17.35
CA LYS O 176 -57.24 9.51 -16.77
C LYS O 176 -58.22 9.84 -17.90
N GLY O 177 -59.50 9.55 -17.68
CA GLY O 177 -60.51 9.86 -18.68
C GLY O 177 -61.81 9.18 -18.32
N SER O 178 -62.69 9.12 -19.32
CA SER O 178 -63.98 8.47 -19.16
C SER O 178 -63.81 6.96 -18.99
N PRO O 179 -64.57 6.31 -18.10
CA PRO O 179 -64.38 4.87 -17.88
C PRO O 179 -64.61 4.00 -19.11
N GLU O 180 -65.62 4.29 -19.92
CA GLU O 180 -66.04 3.33 -20.95
C GLU O 180 -64.94 3.09 -21.96
N LYS O 181 -64.30 4.16 -22.42
CA LYS O 181 -63.25 4.02 -23.43
C LYS O 181 -62.07 3.21 -22.91
N ILE O 182 -61.65 3.49 -21.67
CA ILE O 182 -60.52 2.76 -21.09
C ILE O 182 -60.85 1.28 -20.95
N ILE O 183 -62.02 0.98 -20.40
CA ILE O 183 -62.40 -0.42 -20.17
C ILE O 183 -62.51 -1.15 -21.51
N SER O 184 -63.15 -0.53 -22.50
CA SER O 184 -63.33 -1.18 -23.79
C SER O 184 -61.99 -1.39 -24.49
N THR O 185 -61.10 -0.41 -24.43
CA THR O 185 -59.80 -0.56 -25.06
C THR O 185 -58.99 -1.67 -24.40
N PHE O 186 -59.02 -1.73 -23.07
CA PHE O 186 -58.30 -2.80 -22.39
C PHE O 186 -58.89 -4.16 -22.74
N GLU O 187 -60.21 -4.24 -22.83
CA GLU O 187 -60.85 -5.51 -23.21
C GLU O 187 -60.45 -5.93 -24.62
N SER O 188 -60.40 -4.97 -25.54
CA SER O 188 -59.97 -5.28 -26.90
C SER O 188 -58.53 -5.78 -26.93
N ILE O 189 -57.65 -5.12 -26.17
CA ILE O 189 -56.26 -5.56 -26.10
C ILE O 189 -56.17 -6.97 -25.53
N ALA O 190 -56.94 -7.23 -24.48
CA ALA O 190 -56.96 -8.56 -23.86
C ALA O 190 -57.44 -9.61 -24.85
N ARG O 191 -58.48 -9.29 -25.62
CA ARG O 191 -58.99 -10.23 -26.61
C ARG O 191 -57.94 -10.52 -27.67
N ASP O 192 -57.24 -9.49 -28.15
CA ASP O 192 -56.19 -9.70 -29.14
C ASP O 192 -55.09 -10.59 -28.59
N ILE O 193 -54.65 -10.32 -27.36
CA ILE O 193 -53.59 -11.11 -26.75
C ILE O 193 -54.02 -12.56 -26.59
N LEU O 194 -55.25 -12.77 -26.12
CA LEU O 194 -55.75 -14.12 -25.91
C LEU O 194 -55.88 -14.88 -27.23
N THR O 195 -56.37 -14.21 -28.27
CA THR O 195 -56.49 -14.86 -29.57
C THR O 195 -55.13 -15.26 -30.10
N PHE O 196 -54.13 -14.38 -29.98
CA PHE O 196 -52.80 -14.71 -30.45
C PHE O 196 -52.21 -15.87 -29.65
N ALA O 197 -52.43 -15.88 -28.33
CA ALA O 197 -51.91 -16.96 -27.50
C ALA O 197 -52.54 -18.29 -27.88
N GLU O 198 -53.85 -18.29 -28.10
CA GLU O 198 -54.53 -19.52 -28.49
C GLU O 198 -54.02 -20.01 -29.84
N GLN O 199 -53.78 -19.08 -30.76
CA GLN O 199 -53.22 -19.46 -32.06
C GLN O 199 -51.83 -20.04 -31.93
N LYS O 200 -50.99 -19.42 -31.11
CA LYS O 200 -49.58 -19.82 -31.03
C LYS O 200 -49.41 -21.14 -30.29
N LEU O 201 -50.09 -21.32 -29.16
CA LEU O 201 -49.88 -22.51 -28.35
C LEU O 201 -50.39 -23.79 -29.01
N ALA O 202 -50.92 -23.71 -30.23
CA ALA O 202 -51.44 -24.89 -30.90
C ALA O 202 -50.34 -25.90 -31.24
N THR O 203 -49.09 -25.47 -31.31
CA THR O 203 -47.99 -26.33 -31.72
C THR O 203 -47.27 -27.01 -30.56
N VAL O 204 -47.93 -27.15 -29.41
CA VAL O 204 -47.30 -27.76 -28.24
C VAL O 204 -48.26 -28.82 -27.70
N PRO O 205 -47.76 -29.78 -26.95
CA PRO O 205 -48.64 -30.76 -26.30
C PRO O 205 -49.61 -30.09 -25.35
N PRO O 206 -50.73 -30.76 -25.02
CA PRO O 206 -51.75 -30.10 -24.20
C PRO O 206 -51.27 -29.63 -22.83
N ALA O 207 -50.29 -30.31 -22.23
CA ALA O 207 -49.81 -29.89 -20.91
C ALA O 207 -49.19 -28.50 -20.96
N VAL O 208 -48.34 -28.24 -21.96
CA VAL O 208 -47.74 -26.92 -22.10
C VAL O 208 -48.82 -25.87 -22.38
N GLN O 209 -49.82 -26.25 -23.18
CA GLN O 209 -50.97 -25.38 -23.39
C GLN O 209 -51.59 -24.98 -22.07
N THR O 210 -51.89 -25.97 -21.22
CA THR O 210 -52.50 -25.72 -19.92
C THR O 210 -51.64 -24.76 -19.11
N VAL O 211 -50.35 -25.07 -19.00
CA VAL O 211 -49.44 -24.27 -18.17
C VAL O 211 -49.44 -22.82 -18.63
N LEU O 212 -48.99 -22.59 -19.87
CA LEU O 212 -48.80 -21.23 -20.33
C LEU O 212 -50.11 -20.47 -20.41
N LEU O 213 -51.17 -21.13 -20.89
CA LEU O 213 -52.46 -20.47 -21.01
C LEU O 213 -52.99 -20.07 -19.65
N SER O 214 -52.86 -20.95 -18.64
CA SER O 214 -53.33 -20.61 -17.30
C SER O 214 -52.56 -19.41 -16.75
N ALA O 215 -51.25 -19.39 -16.96
CA ALA O 215 -50.46 -18.23 -16.52
C ALA O 215 -50.97 -16.94 -17.17
N LEU O 216 -51.17 -16.97 -18.48
CA LEU O 216 -51.58 -15.76 -19.20
C LEU O 216 -52.96 -15.29 -18.76
N LEU O 217 -53.92 -16.21 -18.63
CA LEU O 217 -55.25 -15.83 -18.14
C LEU O 217 -55.18 -15.26 -16.73
N GLU O 218 -54.39 -15.85 -15.85
CA GLU O 218 -54.35 -15.34 -14.49
C GLU O 218 -53.79 -13.92 -14.47
N VAL O 219 -52.73 -13.68 -15.24
CA VAL O 219 -52.13 -12.35 -15.26
C VAL O 219 -53.09 -11.33 -15.86
N ILE O 220 -53.76 -11.69 -16.95
CA ILE O 220 -54.67 -10.77 -17.59
C ILE O 220 -55.87 -10.49 -16.68
N GLU O 221 -56.30 -11.49 -15.91
CA GLU O 221 -57.41 -11.29 -14.98
C GLU O 221 -56.99 -10.35 -13.85
N ASP O 222 -55.76 -10.50 -13.35
CA ASP O 222 -55.28 -9.57 -12.34
C ASP O 222 -55.24 -8.15 -12.87
N ALA O 223 -54.78 -7.98 -14.11
CA ALA O 223 -54.76 -6.66 -14.72
C ALA O 223 -56.17 -6.09 -14.82
N ARG O 224 -57.13 -6.90 -15.28
CA ARG O 224 -58.50 -6.45 -15.39
C ARG O 224 -59.06 -6.05 -14.03
N GLU O 225 -58.75 -6.83 -13.00
CA GLU O 225 -59.32 -6.58 -11.68
C GLU O 225 -58.75 -5.30 -11.09
N HIS O 226 -57.49 -5.02 -11.35
CA HIS O 226 -56.97 -3.78 -10.84
C HIS O 226 -57.71 -2.68 -11.58
N ILE O 227 -57.71 -2.74 -12.90
CA ILE O 227 -58.34 -1.67 -13.65
C ILE O 227 -59.73 -1.40 -13.10
N VAL O 228 -60.47 -2.47 -12.77
CA VAL O 228 -61.83 -2.31 -12.26
C VAL O 228 -61.81 -1.62 -10.90
N LYS O 229 -60.91 -2.06 -10.00
CA LYS O 229 -60.83 -1.41 -8.69
C LYS O 229 -60.52 0.07 -8.83
N LYS O 230 -59.48 0.39 -9.58
CA LYS O 230 -59.04 1.79 -9.68
C LYS O 230 -60.08 2.65 -10.37
N TYR O 231 -60.61 2.18 -11.50
CA TYR O 231 -61.19 3.10 -12.46
C TYR O 231 -62.71 3.04 -12.50
N GLY O 232 -63.32 2.14 -11.73
CA GLY O 232 -64.76 1.98 -11.75
C GLY O 232 -65.49 3.04 -10.94
N ASN P 25 30.94 83.27 9.37
CA ASN P 25 29.97 83.03 10.44
C ASN P 25 29.68 81.54 10.61
N VAL P 26 28.48 81.22 11.09
CA VAL P 26 28.12 79.82 11.38
C VAL P 26 28.26 78.97 10.12
N LEU P 27 27.81 79.51 8.97
CA LEU P 27 27.93 78.79 7.71
C LEU P 27 29.36 78.36 7.44
N GLU P 28 30.32 79.25 7.69
CA GLU P 28 31.71 78.95 7.39
C GLU P 28 32.21 77.76 8.19
N LYS P 29 32.02 77.80 9.51
CA LYS P 29 32.50 76.70 10.36
C LYS P 29 31.77 75.41 10.06
N VAL P 30 30.44 75.49 9.83
CA VAL P 30 29.68 74.28 9.54
C VAL P 30 30.15 73.64 8.24
N GLU P 31 30.39 74.46 7.21
CA GLU P 31 30.87 73.92 5.95
C GLU P 31 32.29 73.38 6.06
N GLU P 32 33.14 74.01 6.88
CA GLU P 32 34.47 73.45 7.12
C GLU P 32 34.37 72.08 7.78
N LEU P 33 33.47 71.94 8.76
CA LEU P 33 33.24 70.64 9.38
C LEU P 33 32.77 69.63 8.33
N LYS P 34 31.85 70.06 7.48
CA LYS P 34 31.35 69.23 6.38
C LYS P 34 32.50 68.72 5.53
N LYS P 35 33.37 69.62 5.07
CA LYS P 35 34.47 69.24 4.20
C LYS P 35 35.42 68.26 4.90
N GLU P 36 35.83 68.58 6.13
CA GLU P 36 36.78 67.72 6.82
C GLU P 36 36.20 66.33 7.06
N VAL P 37 34.96 66.26 7.53
CA VAL P 37 34.32 64.96 7.75
C VAL P 37 34.20 64.20 6.44
N LYS P 38 33.88 64.91 5.36
CA LYS P 38 33.75 64.27 4.06
C LYS P 38 35.07 63.64 3.62
N LYS P 39 36.16 64.39 3.73
CA LYS P 39 37.46 63.86 3.33
C LYS P 39 37.85 62.64 4.18
N LYS P 40 37.67 62.75 5.50
CA LYS P 40 38.04 61.64 6.37
C LYS P 40 37.20 60.40 6.05
N VAL P 41 35.90 60.60 5.80
CA VAL P 41 35.02 59.49 5.47
C VAL P 41 35.47 58.83 4.17
N GLU P 42 35.82 59.65 3.17
CA GLU P 42 36.31 59.10 1.91
C GLU P 42 37.56 58.24 2.14
N GLU P 43 38.53 58.80 2.87
CA GLU P 43 39.78 58.08 3.06
C GLU P 43 39.56 56.77 3.81
N VAL P 44 38.73 56.79 4.85
CA VAL P 44 38.52 55.57 5.63
C VAL P 44 37.74 54.54 4.81
N ALA P 45 36.79 55.02 3.99
CA ALA P 45 35.98 54.13 3.16
C ALA P 45 36.84 53.44 2.11
N LYS P 46 37.81 54.16 1.54
CA LYS P 46 38.67 53.57 0.52
C LYS P 46 39.44 52.37 1.05
N SER P 47 39.89 52.44 2.31
CA SER P 47 40.77 51.42 2.88
C SER P 47 40.06 50.08 3.05
N SER P 48 40.85 49.00 3.06
CA SER P 48 40.34 47.66 3.33
C SER P 48 40.47 47.36 4.82
N ASN P 49 40.30 46.08 5.19
CA ASN P 49 40.42 45.65 6.58
C ASN P 49 39.44 46.47 7.45
N VAL P 50 38.15 46.15 7.27
CA VAL P 50 37.03 46.96 7.72
C VAL P 50 37.07 47.29 9.21
N GLU P 51 37.70 46.45 10.02
CA GLU P 51 37.68 46.69 11.47
C GLU P 51 38.37 48.00 11.83
N ALA P 52 39.52 48.28 11.21
CA ALA P 52 40.16 49.56 11.42
C ALA P 52 39.31 50.70 10.86
N ALA P 53 38.54 50.41 9.80
CA ALA P 53 37.65 51.43 9.26
C ALA P 53 36.58 51.82 10.27
N LEU P 54 35.96 50.83 10.93
CA LEU P 54 34.99 51.14 11.97
C LEU P 54 35.64 51.86 13.14
N ILE P 55 36.85 51.46 13.52
CA ILE P 55 37.53 52.14 14.62
C ILE P 55 37.78 53.61 14.28
N LYS P 56 38.27 53.86 13.07
CA LYS P 56 38.54 55.24 12.66
C LYS P 56 37.24 56.03 12.55
N LEU P 57 36.17 55.40 12.08
CA LEU P 57 34.88 56.09 12.01
C LEU P 57 34.37 56.43 13.40
N LEU P 58 34.58 55.54 14.37
CA LEU P 58 34.20 55.87 15.74
C LEU P 58 34.99 57.05 16.26
N GLU P 59 36.29 57.11 15.98
CA GLU P 59 37.10 58.23 16.43
C GLU P 59 36.66 59.53 15.74
N ILE P 60 36.32 59.45 14.46
CA ILE P 60 35.80 60.60 13.74
C ILE P 60 34.49 61.06 14.37
N LEU P 61 33.62 60.12 14.73
CA LEU P 61 32.35 60.48 15.35
C LEU P 61 32.57 61.16 16.69
N ASP P 62 33.58 60.70 17.44
CA ASP P 62 33.87 61.32 18.73
C ASP P 62 34.40 62.74 18.57
N GLU P 63 35.33 62.95 17.64
CA GLU P 63 35.81 64.31 17.43
C GLU P 63 34.70 65.20 16.91
N PHE P 64 33.81 64.65 16.07
CA PHE P 64 32.67 65.42 15.58
C PHE P 64 31.71 65.79 16.70
N ILE P 65 31.46 64.86 17.63
CA ILE P 65 30.55 65.17 18.73
C ILE P 65 31.15 66.26 19.62
N HIS P 66 32.46 66.19 19.86
CA HIS P 66 33.10 67.24 20.65
C HIS P 66 33.00 68.59 19.94
N GLN P 67 33.26 68.59 18.63
CA GLN P 67 33.19 69.85 17.88
C GLN P 67 31.78 70.42 17.91
N VAL P 68 30.76 69.57 17.74
CA VAL P 68 29.38 70.04 17.74
C VAL P 68 29.01 70.59 19.12
N LYS P 69 29.39 69.86 20.18
CA LYS P 69 29.10 70.32 21.53
C LYS P 69 29.75 71.69 21.79
N LEU P 70 30.93 71.91 21.22
CA LEU P 70 31.60 73.19 21.37
C LEU P 70 30.79 74.28 20.65
N LEU P 71 30.41 74.02 19.40
CA LEU P 71 29.75 75.05 18.60
C LEU P 71 28.34 75.30 19.12
N PRO P 72 27.83 76.53 19.02
CA PRO P 72 26.42 76.77 19.35
C PRO P 72 25.51 76.25 18.24
N VAL P 73 24.44 75.57 18.65
CA VAL P 73 23.53 74.91 17.72
C VAL P 73 22.22 75.68 17.68
N ASN P 74 21.76 75.97 16.46
CA ASN P 74 20.49 76.64 16.25
C ASN P 74 19.74 75.92 15.14
N GLU P 75 18.51 76.39 14.87
CA GLU P 75 17.70 75.77 13.83
C GLU P 75 18.29 75.99 12.44
N GLU P 76 19.13 77.01 12.28
CA GLU P 76 19.69 77.32 10.96
C GLU P 76 20.70 76.29 10.50
N ASN P 77 21.55 75.78 11.40
CA ASN P 77 22.61 74.86 11.03
C ASN P 77 22.24 73.39 11.23
N ARG P 78 21.05 73.08 11.72
CA ARG P 78 20.69 71.70 12.00
C ARG P 78 20.71 70.78 10.77
N PRO P 79 20.14 71.14 9.62
CA PRO P 79 20.12 70.17 8.50
C PRO P 79 21.49 69.72 8.06
N ILE P 80 22.48 70.62 8.06
CA ILE P 80 23.81 70.24 7.60
C ILE P 80 24.44 69.24 8.57
N LEU P 81 24.28 69.49 9.88
CA LEU P 81 24.77 68.53 10.87
C LEU P 81 24.08 67.19 10.70
N VAL P 82 22.78 67.20 10.44
CA VAL P 82 22.03 65.95 10.29
C VAL P 82 22.52 65.18 9.08
N GLU P 83 22.76 65.86 7.96
CA GLU P 83 23.23 65.14 6.78
C GLU P 83 24.66 64.66 6.95
N ILE P 84 25.48 65.39 7.70
CA ILE P 84 26.81 64.89 8.03
C ILE P 84 26.71 63.60 8.84
N LEU P 85 25.83 63.60 9.84
CA LEU P 85 25.61 62.39 10.63
C LEU P 85 25.12 61.25 9.76
N GLU P 86 24.24 61.56 8.80
CA GLU P 86 23.72 60.52 7.90
C GLU P 86 24.83 59.95 7.03
N ILE P 87 25.72 60.81 6.52
CA ILE P 87 26.86 60.34 5.75
C ILE P 87 27.70 59.38 6.58
N ILE P 88 28.04 59.80 7.80
CA ILE P 88 28.87 58.97 8.67
C ILE P 88 28.18 57.63 8.95
N ALA P 89 26.89 57.68 9.25
CA ALA P 89 26.16 56.47 9.60
C ALA P 89 26.07 55.51 8.42
N ASN P 90 25.78 56.01 7.22
CA ASN P 90 25.71 55.14 6.05
C ASN P 90 27.07 54.52 5.77
N THR P 91 28.14 55.31 5.87
CA THR P 91 29.47 54.75 5.62
C THR P 91 29.79 53.66 6.62
N ALA P 92 29.50 53.91 7.91
CA ALA P 92 29.80 52.92 8.94
C ALA P 92 28.97 51.65 8.74
N VAL P 93 27.68 51.81 8.42
CA VAL P 93 26.83 50.65 8.22
C VAL P 93 27.31 49.83 7.04
N HIS P 94 27.65 50.50 5.94
CA HIS P 94 28.11 49.77 4.75
C HIS P 94 29.41 49.05 5.04
N LYS P 95 30.34 49.70 5.75
CA LYS P 95 31.62 49.08 6.05
C LYS P 95 31.44 47.87 6.98
N ALA P 96 30.56 48.00 7.97
CA ALA P 96 30.28 46.88 8.87
C ALA P 96 29.66 45.72 8.11
N ARG P 97 28.73 46.03 7.21
CA ARG P 97 28.11 45.02 6.35
C ARG P 97 29.12 44.37 5.41
N ASP P 98 30.22 45.06 5.08
CA ASP P 98 31.16 44.58 4.08
C ASP P 98 31.87 43.28 4.47
N GLY P 99 31.59 42.72 5.64
CA GLY P 99 32.14 41.42 5.99
C GLY P 99 33.26 41.45 7.01
N ALA P 100 33.06 40.75 8.12
CA ALA P 100 34.04 40.66 9.20
C ALA P 100 33.54 39.58 10.15
N GLU P 101 34.30 39.37 11.23
CA GLU P 101 33.87 38.45 12.27
C GLU P 101 32.63 39.03 12.93
N PRO P 102 31.52 38.31 12.98
CA PRO P 102 30.25 38.92 13.41
C PRO P 102 30.24 39.50 14.82
N GLU P 103 30.87 38.84 15.79
CA GLU P 103 30.81 39.31 17.16
C GLU P 103 31.56 40.63 17.34
N PHE P 104 32.74 40.73 16.74
CA PHE P 104 33.51 41.96 16.77
C PHE P 104 32.72 43.11 16.13
N ALA P 105 32.09 42.85 14.99
CA ALA P 105 31.30 43.86 14.32
C ALA P 105 30.08 44.25 15.16
N LEU P 106 29.52 43.28 15.90
CA LEU P 106 28.41 43.60 16.80
C LEU P 106 28.85 44.53 17.92
N GLU P 107 30.03 44.27 18.51
CA GLU P 107 30.56 45.19 19.51
C GLU P 107 30.75 46.60 18.92
N LEU P 108 31.31 46.67 17.71
CA LEU P 108 31.51 47.97 17.07
C LEU P 108 30.18 48.66 16.80
N LEU P 109 29.16 47.90 16.39
CA LEU P 109 27.84 48.47 16.17
C LEU P 109 27.24 49.01 17.46
N LEU P 110 27.44 48.29 18.57
CA LEU P 110 26.93 48.78 19.85
C LEU P 110 27.59 50.08 20.25
N ARG P 111 28.93 50.16 20.11
CA ARG P 111 29.60 51.42 20.41
C ARG P 111 29.12 52.52 19.46
N LEU P 112 28.90 52.19 18.20
CA LEU P 112 28.45 53.17 17.22
C LEU P 112 27.09 53.72 17.59
N VAL P 113 26.15 52.86 17.98
CA VAL P 113 24.80 53.35 18.30
C VAL P 113 24.83 54.15 19.59
N GLU P 114 25.71 53.78 20.53
CA GLU P 114 25.85 54.61 21.73
C GLU P 114 26.34 56.02 21.38
N ARG P 115 27.39 56.10 20.55
CA ARG P 115 27.88 57.41 20.15
C ARG P 115 26.83 58.18 19.35
N PHE P 116 26.04 57.46 18.56
CA PHE P 116 24.97 58.10 17.81
C PHE P 116 23.88 58.64 18.73
N THR P 117 23.65 57.96 19.84
CA THR P 117 22.68 58.47 20.77
C THR P 117 23.21 59.80 21.26
N GLU P 118 24.42 59.76 21.76
CA GLU P 118 25.01 61.01 22.25
C GLU P 118 24.93 62.11 21.20
N ALA P 119 25.14 61.74 19.92
CA ALA P 119 25.10 62.73 18.85
C ALA P 119 23.72 63.34 18.67
N VAL P 120 22.68 62.50 18.63
CA VAL P 120 21.34 63.02 18.45
C VAL P 120 20.92 63.84 19.67
N LYS P 121 21.36 63.43 20.86
CA LYS P 121 21.11 64.24 22.05
C LYS P 121 21.74 65.61 21.93
N ALA P 122 22.98 65.67 21.44
CA ALA P 122 23.68 66.94 21.30
C ALA P 122 23.03 67.81 20.24
N ILE P 123 22.58 67.21 19.13
CA ILE P 123 22.07 67.98 18.00
C ILE P 123 20.82 68.77 18.39
N GLY P 124 19.90 68.12 19.09
CA GLY P 124 18.58 68.70 19.31
C GLY P 124 17.59 68.25 18.26
N THR P 125 16.39 68.79 18.34
CA THR P 125 15.28 68.35 17.50
C THR P 125 14.77 69.51 16.67
N SER P 126 14.15 69.16 15.53
CA SER P 126 13.78 70.12 14.51
C SER P 126 12.66 69.58 13.64
N ASN P 127 12.49 70.19 12.45
CA ASN P 127 11.52 69.76 11.45
C ASN P 127 11.54 68.25 11.22
N GLU P 128 10.38 67.71 10.84
CA GLU P 128 10.16 66.26 10.88
C GLU P 128 11.08 65.50 9.93
N GLU P 129 11.53 66.12 8.84
CA GLU P 129 12.31 65.41 7.84
C GLU P 129 13.62 64.90 8.40
N GLU P 130 14.30 65.73 9.20
CA GLU P 130 15.53 65.28 9.83
C GLU P 130 15.29 64.14 10.81
N GLU P 131 14.18 64.17 11.53
CA GLU P 131 13.82 63.07 12.41
C GLU P 131 13.58 61.79 11.60
N ASN P 132 12.96 61.92 10.43
CA ASN P 132 12.78 60.77 9.55
C ASN P 132 14.13 60.21 9.12
N LYS P 133 15.07 61.09 8.77
CA LYS P 133 16.39 60.65 8.38
C LYS P 133 17.07 59.89 9.52
N LEU P 134 16.97 60.42 10.74
CA LEU P 134 17.56 59.74 11.88
C LEU P 134 16.91 58.39 12.13
N LEU P 135 15.58 58.33 12.01
CA LEU P 135 14.88 57.07 12.23
C LEU P 135 15.29 56.02 11.20
N GLU P 136 15.45 56.42 9.94
CA GLU P 136 15.83 55.44 8.93
C GLU P 136 17.31 55.06 9.06
N ILE P 137 18.15 55.96 9.57
CA ILE P 137 19.48 55.54 10.03
C ILE P 137 19.38 54.44 11.06
N LEU P 138 18.55 54.66 12.09
CA LEU P 138 18.42 53.68 13.15
C LEU P 138 17.93 52.33 12.61
N GLU P 139 16.96 52.39 11.70
CA GLU P 139 16.38 51.17 11.16
C GLU P 139 17.37 50.43 10.27
N SER P 140 18.16 51.16 9.48
CA SER P 140 19.22 50.52 8.71
C SER P 140 20.25 49.87 9.62
N ILE P 141 20.59 50.53 10.73
CA ILE P 141 21.50 49.95 11.71
C ILE P 141 20.91 48.65 12.24
N ALA P 142 19.62 48.67 12.58
CA ALA P 142 18.96 47.47 13.09
C ALA P 142 19.01 46.34 12.07
N HIS P 143 18.71 46.64 10.82
CA HIS P 143 18.73 45.62 9.79
C HIS P 143 20.13 45.04 9.62
N THR P 144 21.15 45.90 9.60
CA THR P 144 22.52 45.42 9.44
C THR P 144 22.93 44.54 10.61
N ALA P 145 22.54 44.94 11.83
CA ALA P 145 22.95 44.18 13.00
C ALA P 145 22.24 42.83 13.06
N ILE P 146 20.95 42.80 12.70
CA ILE P 146 20.24 41.52 12.61
C ILE P 146 20.89 40.64 11.54
N LEU P 147 21.22 41.23 10.40
CA LEU P 147 21.86 40.49 9.31
C LEU P 147 23.19 39.90 9.77
N LEU P 148 23.92 40.64 10.59
CA LEU P 148 25.20 40.15 11.09
C LEU P 148 25.00 39.04 12.12
N ALA P 149 24.05 39.23 13.03
CA ALA P 149 23.79 38.23 14.07
C ALA P 149 23.15 36.98 13.48
N ARG P 150 22.71 37.05 12.24
CA ARG P 150 22.06 35.93 11.56
C ARG P 150 22.85 34.63 11.58
N THR P 151 24.17 34.69 11.77
CA THR P 151 25.05 33.56 11.54
C THR P 151 25.91 33.31 12.78
N LEU P 152 25.29 33.27 13.95
CA LEU P 152 25.99 32.90 15.18
C LEU P 152 25.26 31.75 15.87
N THR P 153 25.80 31.36 17.02
CA THR P 153 25.10 30.39 17.86
C THR P 153 23.85 31.03 18.44
N PRO P 154 22.82 30.23 18.74
CA PRO P 154 21.57 30.82 19.27
C PRO P 154 21.75 31.65 20.52
N LEU P 155 22.58 31.18 21.47
CA LEU P 155 22.77 31.92 22.70
C LEU P 155 23.49 33.25 22.45
N GLU P 156 24.54 33.22 21.63
CA GLU P 156 25.24 34.46 21.31
C GLU P 156 24.33 35.42 20.56
N ALA P 157 23.49 34.89 19.67
CA ALA P 157 22.52 35.73 18.98
C ALA P 157 21.56 36.38 19.97
N THR P 158 21.12 35.61 20.98
CA THR P 158 20.25 36.16 22.00
C THR P 158 20.92 37.29 22.76
N ARG P 159 22.19 37.09 23.15
CA ARG P 159 22.92 38.14 23.84
C ARG P 159 23.03 39.40 22.98
N ALA P 160 23.41 39.22 21.71
CA ALA P 160 23.55 40.37 20.83
C ALA P 160 22.23 41.10 20.67
N LEU P 161 21.14 40.37 20.48
CA LEU P 161 19.84 41.01 20.29
C LEU P 161 19.38 41.74 21.54
N ILE P 162 19.61 41.15 22.73
CA ILE P 162 19.17 41.80 23.95
C ILE P 162 19.96 43.08 24.19
N ALA P 163 21.28 43.04 23.96
CA ALA P 163 22.06 44.26 24.09
C ALA P 163 21.61 45.30 23.08
N LEU P 164 21.31 44.85 21.86
CA LEU P 164 20.88 45.76 20.81
C LEU P 164 19.58 46.44 21.18
N VAL P 165 18.62 45.69 21.72
CA VAL P 165 17.33 46.27 22.05
C VAL P 165 17.45 47.21 23.25
N VAL P 166 18.39 46.92 24.16
CA VAL P 166 18.66 47.87 25.23
C VAL P 166 19.17 49.18 24.66
N ALA P 167 20.10 49.09 23.71
CA ALA P 167 20.63 50.29 23.07
C ALA P 167 19.53 51.07 22.35
N PHE P 168 18.65 50.36 21.65
CA PHE P 168 17.55 51.02 20.95
C PHE P 168 16.60 51.69 21.92
N THR P 169 16.33 51.04 23.06
CA THR P 169 15.48 51.67 24.09
C THR P 169 16.12 52.96 24.57
N LYS P 170 17.43 52.94 24.82
CA LYS P 170 18.13 54.15 25.24
C LYS P 170 18.00 55.23 24.18
N PHE P 171 18.17 54.88 22.91
CA PHE P 171 18.05 55.86 21.84
C PHE P 171 16.64 56.46 21.82
N PHE P 172 15.63 55.61 21.83
CA PHE P 172 14.25 56.09 21.69
C PHE P 172 13.86 56.97 22.87
N LEU P 173 14.36 56.64 24.07
CA LEU P 173 14.17 57.53 25.21
C LEU P 173 14.87 58.85 24.98
N ALA P 174 16.08 58.82 24.41
CA ALA P 174 16.84 60.05 24.19
C ALA P 174 16.17 60.95 23.17
N LEU P 175 15.63 60.39 22.09
CA LEU P 175 15.07 61.20 21.02
C LEU P 175 13.82 61.95 21.49
N LYS P 176 13.63 63.15 20.93
CA LYS P 176 12.46 63.97 21.17
C LYS P 176 11.74 64.14 19.84
N GLY P 177 10.41 64.08 19.87
CA GLY P 177 9.65 64.25 18.64
C GLY P 177 8.23 63.81 18.84
N SER P 178 7.51 63.72 17.72
CA SER P 178 6.13 63.28 17.73
C SER P 178 6.04 61.82 18.19
N PRO P 179 5.22 61.51 19.19
CA PRO P 179 5.21 60.14 19.73
C PRO P 179 4.83 59.07 18.73
N GLU P 180 3.93 59.36 17.78
CA GLU P 180 3.39 58.31 16.93
C GLU P 180 4.48 57.66 16.09
N LYS P 181 5.35 58.47 15.48
CA LYS P 181 6.41 57.93 14.65
C LYS P 181 7.36 57.06 15.46
N ILE P 182 7.73 57.52 16.65
CA ILE P 182 8.67 56.78 17.49
C ILE P 182 8.06 55.45 17.92
N ILE P 183 6.80 55.47 18.36
CA ILE P 183 6.15 54.24 18.79
C ILE P 183 6.03 53.26 17.63
N SER P 184 5.62 53.74 16.46
CA SER P 184 5.48 52.86 15.31
C SER P 184 6.82 52.26 14.91
N THR P 185 7.88 53.08 14.89
CA THR P 185 9.20 52.57 14.53
C THR P 185 9.68 51.53 15.53
N PHE P 186 9.47 51.79 16.83
CA PHE P 186 9.89 50.83 17.84
C PHE P 186 9.13 49.52 17.69
N GLU P 187 7.82 49.60 17.44
CA GLU P 187 7.03 48.39 17.25
C GLU P 187 7.52 47.60 16.04
N SER P 188 7.83 48.29 14.95
CA SER P 188 8.32 47.62 13.75
C SER P 188 9.67 46.95 14.02
N ILE P 189 10.56 47.64 14.74
CA ILE P 189 11.86 47.06 15.06
C ILE P 189 11.69 45.83 15.95
N ALA P 190 10.78 45.92 16.93
CA ALA P 190 10.52 44.80 17.81
C ALA P 190 9.99 43.60 17.03
N ARG P 191 9.10 43.86 16.07
CA ARG P 191 8.56 42.76 15.26
C ARG P 191 9.64 42.15 14.38
N ASP P 192 10.55 42.98 13.85
CA ASP P 192 11.67 42.44 13.08
C ASP P 192 12.52 41.51 13.94
N ILE P 193 12.83 41.97 15.16
CA ILE P 193 13.65 41.15 16.07
C ILE P 193 12.93 39.85 16.40
N LEU P 194 11.63 39.92 16.65
CA LEU P 194 10.87 38.72 17.00
C LEU P 194 10.83 37.74 15.84
N THR P 195 10.63 38.24 14.62
CA THR P 195 10.62 37.37 13.46
C THR P 195 11.96 36.67 13.28
N PHE P 196 13.05 37.43 13.43
CA PHE P 196 14.37 36.82 13.29
C PHE P 196 14.62 35.78 14.38
N ALA P 197 14.20 36.08 15.61
CA ALA P 197 14.38 35.12 16.70
C ALA P 197 13.60 33.84 16.44
N GLU P 198 12.36 33.98 15.96
CA GLU P 198 11.55 32.81 15.65
C GLU P 198 12.19 31.98 14.54
N GLN P 199 12.76 32.64 13.55
CA GLN P 199 13.53 31.91 12.54
C GLN P 199 14.69 31.15 13.17
N LYS P 200 15.51 31.84 13.95
CA LYS P 200 16.79 31.30 14.36
C LYS P 200 16.64 30.18 15.39
N LEU P 201 15.68 30.30 16.30
CA LEU P 201 15.55 29.32 17.37
C LEU P 201 14.99 27.99 16.88
N ALA P 202 14.64 27.89 15.59
CA ALA P 202 14.04 26.65 15.10
C ALA P 202 15.02 25.48 15.14
N THR P 203 16.32 25.75 15.17
CA THR P 203 17.33 24.70 15.11
C THR P 203 17.74 24.18 16.49
N VAL P 204 16.94 24.40 17.52
CA VAL P 204 17.27 23.95 18.86
C VAL P 204 16.08 23.19 19.41
N PRO P 205 16.29 22.34 20.41
CA PRO P 205 15.16 21.70 21.10
C PRO P 205 14.24 22.75 21.69
N PRO P 206 12.92 22.49 21.70
CA PRO P 206 11.97 23.56 22.05
C PRO P 206 12.09 24.07 23.48
N ALA P 207 12.75 23.34 24.39
CA ALA P 207 13.01 23.89 25.72
C ALA P 207 13.91 25.12 25.63
N VAL P 208 14.96 25.04 24.82
CA VAL P 208 15.82 26.20 24.60
C VAL P 208 15.03 27.31 23.92
N GLN P 209 14.12 26.93 23.02
CA GLN P 209 13.19 27.90 22.44
C GLN P 209 12.46 28.66 23.54
N THR P 210 11.87 27.93 24.48
CA THR P 210 11.12 28.54 25.57
C THR P 210 12.02 29.51 26.35
N VAL P 211 13.21 29.03 26.73
CA VAL P 211 14.12 29.84 27.53
C VAL P 211 14.46 31.14 26.81
N LEU P 212 15.08 31.04 25.64
CA LEU P 212 15.58 32.21 24.95
C LEU P 212 14.44 33.14 24.53
N LEU P 213 13.34 32.57 24.04
CA LEU P 213 12.20 33.40 23.69
C LEU P 213 11.70 34.18 24.90
N SER P 214 11.43 33.49 26.00
CA SER P 214 10.89 34.16 27.18
C SER P 214 11.78 35.32 27.59
N ALA P 215 13.10 35.11 27.57
CA ALA P 215 14.02 36.22 27.84
C ALA P 215 13.79 37.38 26.87
N LEU P 216 13.69 37.07 25.57
CA LEU P 216 13.57 38.12 24.57
C LEU P 216 12.25 38.88 24.69
N LEU P 217 11.15 38.15 24.86
CA LEU P 217 9.86 38.79 25.02
C LEU P 217 9.86 39.67 26.26
N GLU P 218 10.45 39.20 27.34
CA GLU P 218 10.40 39.98 28.58
C GLU P 218 11.21 41.27 28.44
N VAL P 219 12.40 41.20 27.84
CA VAL P 219 13.20 42.41 27.69
C VAL P 219 12.53 43.37 26.71
N ILE P 220 11.91 42.84 25.66
CA ILE P 220 11.27 43.71 24.68
C ILE P 220 10.03 44.36 25.28
N GLU P 221 9.34 43.65 26.18
CA GLU P 221 8.17 44.22 26.84
C GLU P 221 8.60 45.29 27.83
N ASP P 222 9.71 45.09 28.53
CA ASP P 222 10.23 46.14 29.40
C ASP P 222 10.56 47.39 28.60
N ALA P 223 11.22 47.22 27.45
CA ALA P 223 11.54 48.36 26.60
C ALA P 223 10.28 49.07 26.12
N ARG P 224 9.28 48.29 25.71
CA ARG P 224 8.02 48.86 25.25
C ARG P 224 7.35 49.66 26.37
N GLU P 225 7.35 49.11 27.58
CA GLU P 225 6.73 49.79 28.70
C GLU P 225 7.43 51.11 28.98
N HIS P 226 8.74 51.14 28.92
CA HIS P 226 9.36 52.39 29.24
C HIS P 226 9.02 53.38 28.16
N ILE P 227 9.26 53.01 26.91
CA ILE P 227 9.06 54.02 25.86
C ILE P 227 7.63 54.53 25.89
N VAL P 228 6.66 53.65 26.19
CA VAL P 228 5.26 54.07 26.24
C VAL P 228 5.05 55.05 27.40
N LYS P 229 5.61 54.75 28.58
CA LYS P 229 5.48 55.67 29.69
C LYS P 229 6.10 57.02 29.38
N LYS P 230 7.36 57.03 28.94
CA LYS P 230 8.08 58.30 28.87
C LYS P 230 7.63 59.12 27.67
N TYR P 231 7.12 58.46 26.63
CA TYR P 231 6.53 59.17 25.50
C TYR P 231 5.02 59.29 25.61
N GLY P 232 4.42 58.82 26.70
CA GLY P 232 2.98 58.88 26.87
C GLY P 232 2.44 60.29 26.89
N ASN Q 25 -1.39 4.42 -64.13
CA ASN Q 25 -2.59 5.20 -63.82
C ASN Q 25 -3.65 4.35 -63.13
N VAL Q 26 -4.91 4.75 -63.26
CA VAL Q 26 -6.01 4.03 -62.61
C VAL Q 26 -6.06 2.59 -63.09
N LEU Q 27 -5.80 2.37 -64.39
CA LEU Q 27 -5.83 1.02 -64.94
C LEU Q 27 -4.85 0.10 -64.22
N GLU Q 28 -3.66 0.61 -63.91
CA GLU Q 28 -2.64 -0.22 -63.27
C GLU Q 28 -3.10 -0.69 -61.90
N LYS Q 29 -3.57 0.24 -61.06
CA LYS Q 29 -4.03 -0.12 -59.73
C LYS Q 29 -5.24 -1.05 -59.78
N VAL Q 30 -6.17 -0.78 -60.69
CA VAL Q 30 -7.36 -1.62 -60.80
C VAL Q 30 -6.98 -3.03 -61.19
N GLU Q 31 -6.06 -3.17 -62.16
CA GLU Q 31 -5.62 -4.50 -62.57
C GLU Q 31 -4.83 -5.20 -61.47
N GLU Q 32 -4.04 -4.46 -60.70
CA GLU Q 32 -3.36 -5.08 -59.56
C GLU Q 32 -4.36 -5.62 -58.55
N LEU Q 33 -5.41 -4.83 -58.27
CA LEU Q 33 -6.47 -5.31 -57.39
C LEU Q 33 -7.13 -6.55 -57.94
N LYS Q 34 -7.39 -6.55 -59.25
CA LYS Q 34 -7.95 -7.71 -59.94
C LYS Q 34 -7.09 -8.94 -59.70
N LYS Q 35 -5.79 -8.82 -59.94
CA LYS Q 35 -4.88 -9.96 -59.77
C LYS Q 35 -4.86 -10.46 -58.33
N GLU Q 36 -4.73 -9.53 -57.36
CA GLU Q 36 -4.65 -9.94 -55.97
C GLU Q 36 -5.92 -10.67 -55.54
N VAL Q 37 -7.08 -10.08 -55.85
CA VAL Q 37 -8.35 -10.71 -55.49
C VAL Q 37 -8.48 -12.06 -56.16
N LYS Q 38 -8.04 -12.15 -57.42
CA LYS Q 38 -8.12 -13.41 -58.15
C LYS Q 38 -7.31 -14.50 -57.46
N LYS Q 39 -6.06 -14.19 -57.12
CA LYS Q 39 -5.22 -15.18 -56.46
C LYS Q 39 -5.80 -15.61 -55.11
N LYS Q 40 -6.25 -14.64 -54.31
CA LYS Q 40 -6.80 -14.99 -53.00
C LYS Q 40 -8.05 -15.85 -53.15
N VAL Q 41 -8.91 -15.52 -54.12
CA VAL Q 41 -10.12 -16.29 -54.36
C VAL Q 41 -9.77 -17.71 -54.78
N GLU Q 42 -8.78 -17.85 -55.66
CA GLU Q 42 -8.34 -19.19 -56.07
C GLU Q 42 -7.87 -20.00 -54.86
N GLU Q 43 -6.99 -19.41 -54.05
CA GLU Q 43 -6.44 -20.15 -52.93
C GLU Q 43 -7.52 -20.57 -51.94
N VAL Q 44 -8.46 -19.67 -51.65
CA VAL Q 44 -9.50 -20.00 -50.67
C VAL Q 44 -10.46 -21.04 -51.26
N ALA Q 45 -10.75 -20.94 -52.55
CA ALA Q 45 -11.67 -21.85 -53.22
C ALA Q 45 -11.12 -23.26 -53.27
N LYS Q 46 -9.81 -23.40 -53.49
CA LYS Q 46 -9.19 -24.72 -53.54
C LYS Q 46 -9.40 -25.48 -52.24
N SER Q 47 -9.44 -24.75 -51.11
CA SER Q 47 -9.44 -25.37 -49.79
C SER Q 47 -10.76 -26.07 -49.46
N SER Q 48 -10.72 -26.92 -48.44
CA SER Q 48 -11.87 -27.60 -47.86
C SER Q 48 -12.45 -26.77 -46.73
N ASN Q 49 -13.25 -27.40 -45.87
CA ASN Q 49 -13.87 -26.82 -44.66
C ASN Q 49 -14.47 -25.45 -44.97
N VAL Q 50 -15.58 -25.46 -45.71
CA VAL Q 50 -16.20 -24.29 -46.32
C VAL Q 50 -16.46 -23.14 -45.35
N GLU Q 51 -16.56 -23.40 -44.04
CA GLU Q 51 -16.80 -22.29 -43.11
C GLU Q 51 -15.59 -21.37 -43.04
N ALA Q 52 -14.39 -21.93 -42.99
CA ALA Q 52 -13.19 -21.11 -43.05
C ALA Q 52 -13.11 -20.37 -44.37
N ALA Q 53 -13.53 -21.03 -45.46
CA ALA Q 53 -13.55 -20.37 -46.76
C ALA Q 53 -14.48 -19.17 -46.75
N LEU Q 54 -15.66 -19.33 -46.15
CA LEU Q 54 -16.60 -18.22 -46.07
C LEU Q 54 -16.01 -17.07 -45.25
N ILE Q 55 -15.31 -17.39 -44.15
CA ILE Q 55 -14.67 -16.35 -43.37
C ILE Q 55 -13.64 -15.60 -44.20
N LYS Q 56 -12.84 -16.34 -44.97
CA LYS Q 56 -11.81 -15.70 -45.80
C LYS Q 56 -12.44 -14.84 -46.88
N LEU Q 57 -13.52 -15.32 -47.52
CA LEU Q 57 -14.21 -14.48 -48.50
C LEU Q 57 -14.78 -13.23 -47.87
N LEU Q 58 -15.31 -13.33 -46.65
CA LEU Q 58 -15.82 -12.13 -45.98
C LEU Q 58 -14.69 -11.13 -45.75
N GLU Q 59 -13.53 -11.60 -45.28
CA GLU Q 59 -12.44 -10.68 -45.02
C GLU Q 59 -11.91 -10.07 -46.31
N ILE Q 60 -11.83 -10.88 -47.38
CA ILE Q 60 -11.40 -10.36 -48.68
C ILE Q 60 -12.37 -9.30 -49.19
N LEU Q 61 -13.67 -9.55 -49.05
CA LEU Q 61 -14.66 -8.57 -49.48
C LEU Q 61 -14.53 -7.29 -48.68
N ASP Q 62 -14.29 -7.41 -47.37
CA ASP Q 62 -14.09 -6.23 -46.54
C ASP Q 62 -12.90 -5.39 -47.01
N GLU Q 63 -11.75 -6.05 -47.19
CA GLU Q 63 -10.56 -5.29 -47.59
C GLU Q 63 -10.72 -4.73 -49.01
N PHE Q 64 -11.42 -5.44 -49.88
CA PHE Q 64 -11.68 -4.93 -51.22
C PHE Q 64 -12.58 -3.71 -51.16
N ILE Q 65 -13.59 -3.73 -50.28
CA ILE Q 65 -14.44 -2.56 -50.08
C ILE Q 65 -13.60 -1.38 -49.63
N HIS Q 66 -12.70 -1.61 -48.67
CA HIS Q 66 -11.81 -0.55 -48.20
C HIS Q 66 -10.99 0.02 -49.34
N GLN Q 67 -10.37 -0.86 -50.14
CA GLN Q 67 -9.51 -0.40 -51.21
C GLN Q 67 -10.28 0.39 -52.25
N VAL Q 68 -11.49 -0.07 -52.59
CA VAL Q 68 -12.30 0.64 -53.58
C VAL Q 68 -12.72 2.01 -53.04
N LYS Q 69 -13.16 2.06 -51.78
CA LYS Q 69 -13.53 3.33 -51.17
C LYS Q 69 -12.36 4.30 -51.18
N LEU Q 70 -11.15 3.77 -50.98
CA LEU Q 70 -9.95 4.59 -51.03
C LEU Q 70 -9.73 5.15 -52.43
N LEU Q 71 -9.78 4.29 -53.45
CA LEU Q 71 -9.48 4.72 -54.80
C LEU Q 71 -10.58 5.63 -55.33
N PRO Q 72 -10.26 6.61 -56.17
CA PRO Q 72 -11.31 7.40 -56.82
C PRO Q 72 -12.01 6.58 -57.90
N VAL Q 73 -13.33 6.58 -57.86
CA VAL Q 73 -14.14 5.75 -58.74
C VAL Q 73 -14.71 6.62 -59.85
N ASN Q 74 -14.53 6.17 -61.10
CA ASN Q 74 -15.06 6.86 -62.26
C ASN Q 74 -15.77 5.84 -63.14
N GLU Q 75 -16.34 6.33 -64.25
CA GLU Q 75 -17.05 5.44 -65.16
C GLU Q 75 -16.10 4.48 -65.86
N GLU Q 76 -14.83 4.83 -65.97
CA GLU Q 76 -13.88 3.99 -66.69
C GLU Q 76 -13.60 2.68 -65.96
N ASN Q 77 -13.40 2.72 -64.64
CA ASN Q 77 -13.01 1.55 -63.87
C ASN Q 77 -14.19 0.76 -63.31
N ARG Q 78 -15.42 1.22 -63.51
CA ARG Q 78 -16.58 0.52 -62.96
C ARG Q 78 -16.72 -0.92 -63.43
N PRO Q 79 -16.63 -1.25 -64.72
CA PRO Q 79 -16.85 -2.65 -65.13
C PRO Q 79 -15.90 -3.64 -64.47
N ILE Q 80 -14.63 -3.26 -64.30
CA ILE Q 80 -13.66 -4.18 -63.71
C ILE Q 80 -14.00 -4.43 -62.25
N LEU Q 81 -14.37 -3.38 -61.51
CA LEU Q 81 -14.80 -3.56 -60.13
C LEU Q 81 -16.03 -4.45 -60.05
N VAL Q 82 -16.97 -4.25 -60.99
CA VAL Q 82 -18.20 -5.04 -60.98
C VAL Q 82 -17.89 -6.51 -61.23
N GLU Q 83 -17.00 -6.81 -62.19
CA GLU Q 83 -16.69 -8.20 -62.46
C GLU Q 83 -15.88 -8.83 -61.33
N ILE Q 84 -15.05 -8.04 -60.64
CA ILE Q 84 -14.39 -8.55 -59.45
C ILE Q 84 -15.41 -8.92 -58.39
N LEU Q 85 -16.40 -8.05 -58.18
CA LEU Q 85 -17.47 -8.34 -57.24
C LEU Q 85 -18.24 -9.60 -57.66
N GLU Q 86 -18.48 -9.76 -58.96
CA GLU Q 86 -19.19 -10.94 -59.44
C GLU Q 86 -18.38 -12.21 -59.19
N ILE Q 87 -17.07 -12.15 -59.41
CA ILE Q 87 -16.20 -13.29 -59.11
C ILE Q 87 -16.33 -13.67 -57.64
N ILE Q 88 -16.20 -12.67 -56.77
CA ILE Q 88 -16.26 -12.93 -55.33
C ILE Q 88 -17.62 -13.52 -54.95
N ALA Q 89 -18.69 -12.97 -55.51
CA ALA Q 89 -20.04 -13.42 -55.18
C ALA Q 89 -20.26 -14.86 -55.64
N ASN Q 90 -19.84 -15.19 -56.86
CA ASN Q 90 -20.00 -16.56 -57.35
C ASN Q 90 -19.20 -17.53 -56.51
N THR Q 91 -17.96 -17.18 -56.17
CA THR Q 91 -17.15 -18.08 -55.35
C THR Q 91 -17.78 -18.31 -53.99
N ALA Q 92 -18.24 -17.22 -53.35
CA ALA Q 92 -18.84 -17.35 -52.02
C ALA Q 92 -20.13 -18.15 -52.06
N VAL Q 93 -20.97 -17.89 -53.07
CA VAL Q 93 -22.23 -18.62 -53.19
C VAL Q 93 -21.98 -20.10 -53.43
N HIS Q 94 -21.03 -20.42 -54.30
CA HIS Q 94 -20.71 -21.81 -54.58
C HIS Q 94 -20.19 -22.51 -53.33
N LYS Q 95 -19.30 -21.84 -52.59
CA LYS Q 95 -18.75 -22.43 -51.38
C LYS Q 95 -19.83 -22.65 -50.34
N ALA Q 96 -20.74 -21.69 -50.19
CA ALA Q 96 -21.84 -21.82 -49.24
C ALA Q 96 -22.76 -22.97 -49.60
N ARG Q 97 -23.06 -23.16 -50.85
CA ARG Q 97 -23.96 -24.28 -51.12
C ARG Q 97 -23.21 -25.58 -51.01
N ASP Q 98 -21.91 -25.56 -51.25
CA ASP Q 98 -21.15 -26.81 -51.27
C ASP Q 98 -21.35 -27.68 -50.04
N GLY Q 99 -22.15 -27.25 -49.07
CA GLY Q 99 -22.50 -28.12 -47.96
C GLY Q 99 -21.90 -27.73 -46.63
N ALA Q 100 -22.76 -27.51 -45.64
CA ALA Q 100 -22.37 -27.16 -44.27
C ALA Q 100 -23.63 -27.20 -43.42
N GLU Q 101 -23.48 -26.89 -42.14
CA GLU Q 101 -24.62 -26.75 -41.26
C GLU Q 101 -25.46 -25.58 -41.77
N PRO Q 102 -26.75 -25.79 -42.05
CA PRO Q 102 -27.53 -24.75 -42.75
C PRO Q 102 -27.59 -23.41 -42.05
N GLU Q 103 -27.75 -23.39 -40.73
CA GLU Q 103 -27.93 -22.12 -40.02
C GLU Q 103 -26.66 -21.28 -40.04
N PHE Q 104 -25.50 -21.93 -39.81
CA PHE Q 104 -24.23 -21.21 -39.80
C PHE Q 104 -23.94 -20.61 -41.17
N ALA Q 105 -24.04 -21.43 -42.22
CA ALA Q 105 -23.78 -20.94 -43.57
C ALA Q 105 -24.80 -19.87 -43.96
N LEU Q 106 -26.03 -19.99 -43.45
CA LEU Q 106 -27.04 -18.98 -43.74
C LEU Q 106 -26.69 -17.63 -43.11
N GLU Q 107 -26.25 -17.65 -41.85
CA GLU Q 107 -25.87 -16.39 -41.21
C GLU Q 107 -24.65 -15.80 -41.89
N LEU Q 108 -23.72 -16.65 -42.33
CA LEU Q 108 -22.62 -16.18 -43.15
C LEU Q 108 -23.13 -15.52 -44.44
N LEU Q 109 -24.14 -16.12 -45.06
CA LEU Q 109 -24.72 -15.54 -46.27
C LEU Q 109 -25.34 -14.18 -45.98
N LEU Q 110 -26.00 -14.04 -44.83
CA LEU Q 110 -26.58 -12.74 -44.47
C LEU Q 110 -25.49 -11.69 -44.30
N ARG Q 111 -24.41 -12.05 -43.61
CA ARG Q 111 -23.29 -11.10 -43.47
C ARG Q 111 -22.70 -10.74 -44.82
N LEU Q 112 -22.56 -11.73 -45.71
CA LEU Q 112 -22.07 -11.47 -47.05
C LEU Q 112 -22.99 -10.52 -47.79
N VAL Q 113 -24.30 -10.70 -47.63
CA VAL Q 113 -25.26 -9.82 -48.30
C VAL Q 113 -25.08 -8.38 -47.82
N GLU Q 114 -24.93 -8.21 -46.50
CA GLU Q 114 -24.72 -6.86 -45.97
C GLU Q 114 -23.43 -6.24 -46.50
N ARG Q 115 -22.34 -7.02 -46.50
CA ARG Q 115 -21.07 -6.47 -46.98
C ARG Q 115 -21.15 -6.14 -48.46
N PHE Q 116 -21.79 -6.99 -49.26
CA PHE Q 116 -21.90 -6.71 -50.68
C PHE Q 116 -22.82 -5.52 -50.95
N THR Q 117 -23.81 -5.31 -50.09
CA THR Q 117 -24.62 -4.11 -50.17
C THR Q 117 -23.75 -2.86 -49.95
N GLU Q 118 -22.89 -2.91 -48.94
CA GLU Q 118 -21.94 -1.81 -48.74
C GLU Q 118 -21.04 -1.64 -49.95
N ALA Q 119 -20.62 -2.74 -50.55
CA ALA Q 119 -19.75 -2.69 -51.72
C ALA Q 119 -20.43 -1.99 -52.89
N VAL Q 120 -21.67 -2.38 -53.21
CA VAL Q 120 -22.36 -1.77 -54.35
C VAL Q 120 -22.67 -0.31 -54.06
N LYS Q 121 -22.97 0.01 -52.80
CA LYS Q 121 -23.15 1.42 -52.42
C LYS Q 121 -21.89 2.22 -52.70
N ALA Q 122 -20.73 1.64 -52.37
CA ALA Q 122 -19.46 2.32 -52.62
C ALA Q 122 -19.19 2.44 -54.12
N ILE Q 123 -19.58 1.42 -54.90
CA ILE Q 123 -19.25 1.38 -56.31
C ILE Q 123 -19.88 2.54 -57.07
N GLY Q 124 -21.16 2.80 -56.81
CA GLY Q 124 -21.93 3.70 -57.66
C GLY Q 124 -22.65 2.94 -58.76
N THR Q 125 -23.35 3.70 -59.60
CA THR Q 125 -24.19 3.12 -60.62
C THR Q 125 -23.74 3.56 -62.00
N SER Q 126 -24.07 2.75 -63.01
CA SER Q 126 -23.54 2.90 -64.35
C SER Q 126 -24.46 2.25 -65.38
N ASN Q 127 -23.92 1.97 -66.57
CA ASN Q 127 -24.63 1.29 -67.65
C ASN Q 127 -25.39 0.07 -67.17
N GLU Q 128 -26.49 -0.25 -67.87
CA GLU Q 128 -27.46 -1.22 -67.36
C GLU Q 128 -26.89 -2.62 -67.21
N GLU Q 129 -25.88 -2.97 -68.00
CA GLU Q 129 -25.38 -4.34 -67.99
C GLU Q 129 -24.80 -4.71 -66.63
N GLU Q 130 -24.03 -3.80 -66.02
CA GLU Q 130 -23.50 -4.06 -64.69
C GLU Q 130 -24.62 -4.20 -63.66
N GLU Q 131 -25.67 -3.41 -63.80
CA GLU Q 131 -26.82 -3.55 -62.91
C GLU Q 131 -27.48 -4.91 -63.09
N ASN Q 132 -27.55 -5.40 -64.33
CA ASN Q 132 -28.07 -6.75 -64.56
C ASN Q 132 -27.20 -7.79 -63.87
N LYS Q 133 -25.88 -7.62 -63.96
CA LYS Q 133 -24.97 -8.55 -63.29
C LYS Q 133 -25.20 -8.56 -61.79
N LEU Q 134 -25.33 -7.38 -61.19
CA LEU Q 134 -25.58 -7.30 -59.75
C LEU Q 134 -26.93 -7.93 -59.38
N LEU Q 135 -27.96 -7.67 -60.19
CA LEU Q 135 -29.27 -8.21 -59.88
C LEU Q 135 -29.29 -9.73 -60.00
N GLU Q 136 -28.58 -10.28 -60.99
CA GLU Q 136 -28.53 -11.74 -61.11
C GLU Q 136 -27.69 -12.33 -59.98
N ILE Q 137 -26.66 -11.61 -59.52
CA ILE Q 137 -25.95 -12.01 -58.31
C ILE Q 137 -26.92 -12.11 -57.13
N LEU Q 138 -27.77 -11.10 -56.98
CA LEU Q 138 -28.74 -11.08 -55.89
C LEU Q 138 -29.71 -12.24 -56.01
N GLU Q 139 -30.19 -12.51 -57.22
CA GLU Q 139 -31.12 -13.62 -57.43
C GLU Q 139 -30.48 -14.96 -57.09
N SER Q 140 -29.23 -15.15 -57.50
CA SER Q 140 -28.53 -16.38 -57.16
C SER Q 140 -28.35 -16.51 -55.66
N ILE Q 141 -28.03 -15.40 -54.98
CA ILE Q 141 -27.90 -15.43 -53.52
C ILE Q 141 -29.22 -15.84 -52.89
N ALA Q 142 -30.33 -15.27 -53.37
CA ALA Q 142 -31.63 -15.59 -52.81
C ALA Q 142 -31.97 -17.05 -53.01
N HIS Q 143 -31.73 -17.58 -54.21
CA HIS Q 143 -32.02 -18.98 -54.48
C HIS Q 143 -31.17 -19.90 -53.61
N THR Q 144 -29.88 -19.57 -53.47
CA THR Q 144 -29.00 -20.40 -52.63
C THR Q 144 -29.44 -20.37 -51.18
N ALA Q 145 -29.86 -19.21 -50.68
CA ALA Q 145 -30.27 -19.11 -49.28
C ALA Q 145 -31.57 -19.85 -49.04
N ILE Q 146 -32.51 -19.78 -49.99
CA ILE Q 146 -33.72 -20.58 -49.87
C ILE Q 146 -33.37 -22.06 -49.89
N LEU Q 147 -32.44 -22.46 -50.75
CA LEU Q 147 -32.01 -23.85 -50.82
C LEU Q 147 -31.43 -24.30 -49.49
N LEU Q 148 -30.65 -23.44 -48.84
CA LEU Q 148 -30.07 -23.78 -47.54
C LEU Q 148 -31.16 -23.89 -46.48
N ALA Q 149 -32.06 -22.91 -46.43
CA ALA Q 149 -33.11 -22.92 -45.41
C ALA Q 149 -34.14 -24.02 -45.65
N ARG Q 150 -34.09 -24.64 -46.82
CA ARG Q 150 -35.04 -25.69 -47.20
C ARG Q 150 -35.09 -26.85 -46.21
N THR Q 151 -34.07 -27.00 -45.37
CA THR Q 151 -33.93 -28.18 -44.51
C THR Q 151 -33.79 -27.74 -43.06
N LEU Q 152 -34.67 -26.84 -42.63
CA LEU Q 152 -34.71 -26.42 -41.23
C LEU Q 152 -36.10 -26.63 -40.67
N THR Q 153 -36.21 -26.42 -39.36
CA THR Q 153 -37.52 -26.44 -38.72
C THR Q 153 -38.35 -25.26 -39.21
N PRO Q 154 -39.69 -25.38 -39.23
CA PRO Q 154 -40.51 -24.29 -39.78
C PRO Q 154 -40.26 -22.93 -39.13
N LEU Q 155 -40.11 -22.89 -37.80
CA LEU Q 155 -39.91 -21.61 -37.13
C LEU Q 155 -38.55 -21.02 -37.48
N GLU Q 156 -37.50 -21.84 -37.45
CA GLU Q 156 -36.17 -21.35 -37.80
C GLU Q 156 -36.12 -20.88 -39.25
N ALA Q 157 -36.76 -21.63 -40.15
CA ALA Q 157 -36.85 -21.20 -41.54
C ALA Q 157 -37.59 -19.87 -41.65
N THR Q 158 -38.63 -19.68 -40.84
CA THR Q 158 -39.36 -18.42 -40.85
C THR Q 158 -38.45 -17.27 -40.44
N ARG Q 159 -37.72 -17.42 -39.34
CA ARG Q 159 -36.80 -16.37 -38.90
C ARG Q 159 -35.76 -16.08 -39.98
N ALA Q 160 -35.23 -17.14 -40.60
CA ALA Q 160 -34.28 -16.98 -41.68
C ALA Q 160 -34.86 -16.14 -42.80
N LEU Q 161 -36.10 -16.43 -43.19
CA LEU Q 161 -36.71 -15.72 -44.30
C LEU Q 161 -36.99 -14.26 -43.96
N ILE Q 162 -37.41 -13.97 -42.73
CA ILE Q 162 -37.62 -12.58 -42.35
C ILE Q 162 -36.30 -11.81 -42.39
N ALA Q 163 -35.24 -12.38 -41.83
CA ALA Q 163 -33.95 -11.70 -41.86
C ALA Q 163 -33.49 -11.49 -43.30
N LEU Q 164 -33.70 -12.50 -44.14
CA LEU Q 164 -33.30 -12.43 -45.54
C LEU Q 164 -34.05 -11.32 -46.26
N VAL Q 165 -35.36 -11.21 -46.02
CA VAL Q 165 -36.16 -10.19 -46.68
C VAL Q 165 -35.75 -8.81 -46.22
N VAL Q 166 -35.42 -8.66 -44.93
CA VAL Q 166 -34.95 -7.37 -44.44
C VAL Q 166 -33.65 -6.99 -45.14
N ALA Q 167 -32.73 -7.95 -45.28
CA ALA Q 167 -31.47 -7.67 -45.95
C ALA Q 167 -31.69 -7.27 -47.41
N PHE Q 168 -32.57 -7.99 -48.10
CA PHE Q 168 -32.85 -7.63 -49.49
C PHE Q 168 -33.50 -6.26 -49.61
N THR Q 169 -34.39 -5.92 -48.68
CA THR Q 169 -35.01 -4.61 -48.70
C THR Q 169 -33.96 -3.52 -48.52
N LYS Q 170 -33.02 -3.73 -47.60
CA LYS Q 170 -31.94 -2.76 -47.40
C LYS Q 170 -31.12 -2.61 -48.67
N PHE Q 171 -30.76 -3.73 -49.30
CA PHE Q 171 -29.98 -3.65 -50.54
C PHE Q 171 -30.74 -2.90 -51.63
N PHE Q 172 -32.00 -3.24 -51.83
CA PHE Q 172 -32.80 -2.62 -52.89
C PHE Q 172 -32.95 -1.13 -52.64
N LEU Q 173 -33.11 -0.74 -51.37
CA LEU Q 173 -33.11 0.68 -51.04
C LEU Q 173 -31.79 1.32 -51.40
N ALA Q 174 -30.67 0.63 -51.14
CA ALA Q 174 -29.37 1.20 -51.44
C ALA Q 174 -29.15 1.40 -52.94
N LEU Q 175 -29.58 0.45 -53.76
CA LEU Q 175 -29.25 0.48 -55.18
C LEU Q 175 -29.97 1.63 -55.90
N LYS Q 176 -29.32 2.13 -56.96
CA LYS Q 176 -29.88 3.16 -57.84
C LYS Q 176 -30.00 2.58 -59.24
N GLY Q 177 -31.09 2.92 -59.93
CA GLY Q 177 -31.29 2.45 -61.28
C GLY Q 177 -32.73 2.65 -61.71
N SER Q 178 -33.04 2.09 -62.88
CA SER Q 178 -34.37 2.20 -63.45
C SER Q 178 -35.39 1.48 -62.56
N PRO Q 179 -36.54 2.09 -62.27
CA PRO Q 179 -37.49 1.46 -61.34
C PRO Q 179 -38.02 0.12 -61.80
N GLU Q 180 -38.24 -0.09 -63.10
CA GLU Q 180 -38.95 -1.29 -63.54
C GLU Q 180 -38.18 -2.55 -63.17
N LYS Q 181 -36.88 -2.58 -63.44
CA LYS Q 181 -36.09 -3.78 -63.17
C LYS Q 181 -36.06 -4.10 -61.69
N ILE Q 182 -35.87 -3.07 -60.85
CA ILE Q 182 -35.82 -3.28 -59.41
C ILE Q 182 -37.13 -3.82 -58.90
N ILE Q 183 -38.25 -3.21 -59.31
CA ILE Q 183 -39.55 -3.65 -58.84
C ILE Q 183 -39.84 -5.07 -59.31
N SER Q 184 -39.54 -5.38 -60.57
CA SER Q 184 -39.81 -6.71 -61.08
C SER Q 184 -38.97 -7.77 -60.38
N THR Q 185 -37.70 -7.48 -60.14
CA THR Q 185 -36.85 -8.44 -59.46
C THR Q 185 -37.29 -8.66 -58.02
N PHE Q 186 -37.68 -7.58 -57.33
CA PHE Q 186 -38.18 -7.73 -55.97
C PHE Q 186 -39.45 -8.56 -55.96
N GLU Q 187 -40.33 -8.35 -56.95
CA GLU Q 187 -41.56 -9.14 -57.03
C GLU Q 187 -41.22 -10.62 -57.26
N SER Q 188 -40.24 -10.90 -58.12
CA SER Q 188 -39.85 -12.28 -58.37
C SER Q 188 -39.30 -12.93 -57.11
N ILE Q 189 -38.47 -12.20 -56.36
CA ILE Q 189 -37.92 -12.74 -55.12
C ILE Q 189 -39.03 -12.98 -54.12
N ALA Q 190 -39.99 -12.07 -54.04
CA ALA Q 190 -41.13 -12.23 -53.15
C ALA Q 190 -41.93 -13.47 -53.52
N ARG Q 191 -42.15 -13.69 -54.82
CA ARG Q 191 -42.87 -14.86 -55.27
C ARG Q 191 -42.14 -16.15 -54.90
N ASP Q 192 -40.82 -16.16 -55.08
CA ASP Q 192 -40.03 -17.33 -54.72
C ASP Q 192 -40.14 -17.62 -53.22
N ILE Q 193 -40.00 -16.58 -52.40
CA ILE Q 193 -40.08 -16.76 -50.95
C ILE Q 193 -41.45 -17.27 -50.54
N LEU Q 194 -42.50 -16.68 -51.11
CA LEU Q 194 -43.86 -17.09 -50.75
C LEU Q 194 -44.13 -18.53 -51.17
N THR Q 195 -43.68 -18.91 -52.36
CA THR Q 195 -43.87 -20.29 -52.82
C THR Q 195 -43.15 -21.26 -51.89
N PHE Q 196 -41.90 -20.95 -51.52
CA PHE Q 196 -41.18 -21.83 -50.63
C PHE Q 196 -41.87 -21.93 -49.27
N ALA Q 197 -42.37 -20.81 -48.75
CA ALA Q 197 -43.06 -20.83 -47.46
C ALA Q 197 -44.32 -21.69 -47.53
N GLU Q 198 -45.08 -21.55 -48.62
CA GLU Q 198 -46.30 -22.35 -48.77
C GLU Q 198 -45.96 -23.83 -48.86
N GLN Q 199 -44.88 -24.16 -49.56
CA GLN Q 199 -44.46 -25.56 -49.65
C GLN Q 199 -44.03 -26.10 -48.29
N LYS Q 200 -43.26 -25.30 -47.53
CA LYS Q 200 -42.67 -25.79 -46.29
C LYS Q 200 -43.71 -25.93 -45.19
N LEU Q 201 -44.60 -24.94 -45.04
CA LEU Q 201 -45.54 -24.94 -43.92
C LEU Q 201 -46.59 -26.04 -44.03
N ALA Q 202 -46.54 -26.87 -45.07
CA ALA Q 202 -47.56 -27.91 -45.23
C ALA Q 202 -47.52 -28.94 -44.12
N THR Q 203 -46.41 -29.04 -43.40
CA THR Q 203 -46.21 -30.09 -42.39
C THR Q 203 -46.62 -29.67 -40.99
N VAL Q 204 -47.43 -28.63 -40.84
CA VAL Q 204 -47.80 -28.13 -39.51
C VAL Q 204 -49.31 -27.94 -39.48
N PRO Q 205 -49.92 -27.94 -38.30
CA PRO Q 205 -51.36 -27.72 -38.18
C PRO Q 205 -51.77 -26.36 -38.73
N PRO Q 206 -53.07 -26.16 -39.00
CA PRO Q 206 -53.49 -24.89 -39.63
C PRO Q 206 -53.12 -23.64 -38.86
N ALA Q 207 -53.14 -23.69 -37.52
CA ALA Q 207 -52.82 -22.49 -36.74
C ALA Q 207 -51.38 -22.05 -36.97
N VAL Q 208 -50.46 -23.00 -37.06
CA VAL Q 208 -49.05 -22.64 -37.25
C VAL Q 208 -48.84 -21.99 -38.61
N GLN Q 209 -49.48 -22.52 -39.65
CA GLN Q 209 -49.42 -21.85 -40.95
C GLN Q 209 -50.01 -20.46 -40.86
N THR Q 210 -51.15 -20.31 -40.19
CA THR Q 210 -51.75 -18.98 -40.05
C THR Q 210 -50.73 -18.02 -39.46
N VAL Q 211 -50.13 -18.41 -38.33
CA VAL Q 211 -49.20 -17.55 -37.62
C VAL Q 211 -48.01 -17.18 -38.51
N LEU Q 212 -47.23 -18.19 -38.92
CA LEU Q 212 -45.98 -17.91 -39.62
C LEU Q 212 -46.23 -17.26 -40.97
N LEU Q 213 -47.23 -17.75 -41.71
CA LEU Q 213 -47.53 -17.21 -43.01
C LEU Q 213 -47.96 -15.75 -42.91
N SER Q 214 -48.77 -15.42 -41.90
CA SER Q 214 -49.17 -14.03 -41.71
C SER Q 214 -47.97 -13.15 -41.41
N ALA Q 215 -47.06 -13.64 -40.55
CA ALA Q 215 -45.85 -12.87 -40.25
C ALA Q 215 -45.06 -12.59 -41.52
N LEU Q 216 -44.84 -13.64 -42.34
CA LEU Q 216 -44.05 -13.48 -43.55
C LEU Q 216 -44.72 -12.53 -44.54
N LEU Q 217 -46.04 -12.66 -44.72
CA LEU Q 217 -46.75 -11.75 -45.60
C LEU Q 217 -46.63 -10.31 -45.13
N GLU Q 218 -46.79 -10.08 -43.83
CA GLU Q 218 -46.73 -8.72 -43.34
C GLU Q 218 -45.35 -8.11 -43.54
N VAL Q 219 -44.30 -8.89 -43.28
CA VAL Q 219 -42.94 -8.38 -43.46
C VAL Q 219 -42.69 -8.07 -44.93
N ILE Q 220 -43.10 -8.99 -45.81
CA ILE Q 220 -42.83 -8.79 -47.24
C ILE Q 220 -43.64 -7.62 -47.77
N GLU Q 221 -44.84 -7.40 -47.23
CA GLU Q 221 -45.65 -6.26 -47.65
C GLU Q 221 -45.04 -4.95 -47.20
N ASP Q 222 -44.51 -4.92 -45.97
CA ASP Q 222 -43.82 -3.72 -45.50
C ASP Q 222 -42.62 -3.41 -46.39
N ALA Q 223 -41.85 -4.44 -46.76
CA ALA Q 223 -40.71 -4.24 -47.65
C ALA Q 223 -41.17 -3.70 -49.00
N ARG Q 224 -42.24 -4.27 -49.55
CA ARG Q 224 -42.77 -3.80 -50.83
C ARG Q 224 -43.19 -2.34 -50.74
N GLU Q 225 -43.87 -1.98 -49.65
CA GLU Q 225 -44.39 -0.63 -49.52
C GLU Q 225 -43.23 0.36 -49.42
N HIS Q 226 -42.17 -0.01 -48.74
CA HIS Q 226 -41.08 0.93 -48.68
C HIS Q 226 -40.49 1.07 -50.05
N ILE Q 227 -40.13 -0.03 -50.67
CA ILE Q 227 -39.44 0.10 -51.95
C ILE Q 227 -40.30 0.88 -52.94
N VAL Q 228 -41.62 0.76 -52.81
CA VAL Q 228 -42.52 1.52 -53.67
C VAL Q 228 -42.44 3.01 -53.34
N LYS Q 229 -42.46 3.35 -52.04
CA LYS Q 229 -42.31 4.76 -51.66
C LYS Q 229 -41.01 5.33 -52.23
N LYS Q 230 -39.90 4.65 -51.97
CA LYS Q 230 -38.60 5.24 -52.29
C LYS Q 230 -38.37 5.28 -53.80
N TYR Q 231 -38.72 4.20 -54.49
CA TYR Q 231 -38.27 4.04 -55.86
C TYR Q 231 -39.30 4.44 -56.89
N GLY Q 232 -40.48 4.88 -56.46
CA GLY Q 232 -41.54 5.27 -57.38
C GLY Q 232 -41.40 6.69 -57.87
N ASN R 25 11.03 64.66 67.20
CA ASN R 25 11.02 63.32 67.77
C ASN R 25 11.24 62.22 66.72
N VAL R 26 10.78 61.00 67.02
CA VAL R 26 11.02 59.87 66.14
C VAL R 26 10.42 60.12 64.76
N LEU R 27 9.17 60.60 64.74
CA LEU R 27 8.49 60.85 63.47
C LEU R 27 9.30 61.82 62.61
N GLU R 28 9.84 62.88 63.22
CA GLU R 28 10.54 63.91 62.46
C GLU R 28 11.76 63.32 61.74
N LYS R 29 12.62 62.63 62.48
CA LYS R 29 13.83 62.09 61.87
C LYS R 29 13.51 60.98 60.90
N VAL R 30 12.52 60.15 61.20
CA VAL R 30 12.14 59.07 60.28
C VAL R 30 11.64 59.65 58.97
N GLU R 31 10.81 60.69 59.04
CA GLU R 31 10.31 61.31 57.82
C GLU R 31 11.42 62.04 57.06
N GLU R 32 12.39 62.62 57.78
CA GLU R 32 13.53 63.22 57.09
C GLU R 32 14.31 62.16 56.31
N LEU R 33 14.52 61.00 56.94
CA LEU R 33 15.18 59.89 56.26
C LEU R 33 14.37 59.46 55.04
N LYS R 34 13.06 59.38 55.20
CA LYS R 34 12.15 59.06 54.10
C LYS R 34 12.36 60.01 52.93
N LYS R 35 12.35 61.31 53.21
CA LYS R 35 12.51 62.31 52.15
C LYS R 35 13.86 62.19 51.47
N GLU R 36 14.94 62.08 52.25
CA GLU R 36 16.27 62.00 51.66
C GLU R 36 16.41 60.77 50.76
N VAL R 37 15.99 59.62 51.26
CA VAL R 37 16.07 58.39 50.48
C VAL R 37 15.22 58.52 49.21
N LYS R 38 14.04 59.13 49.34
CA LYS R 38 13.16 59.29 48.19
C LYS R 38 13.82 60.13 47.11
N LYS R 39 14.40 61.28 47.49
CA LYS R 39 15.06 62.13 46.51
C LYS R 39 16.23 61.40 45.85
N LYS R 40 17.09 60.76 46.64
CA LYS R 40 18.24 60.08 46.06
C LYS R 40 17.81 58.97 45.12
N VAL R 41 16.77 58.23 45.50
CA VAL R 41 16.25 57.16 44.64
C VAL R 41 15.73 57.73 43.33
N GLU R 42 15.00 58.85 43.41
CA GLU R 42 14.53 59.50 42.18
C GLU R 42 15.70 59.88 41.27
N GLU R 43 16.70 60.54 41.83
CA GLU R 43 17.82 61.01 41.01
C GLU R 43 18.54 59.83 40.36
N VAL R 44 18.79 58.76 41.12
CA VAL R 44 19.53 57.64 40.57
C VAL R 44 18.69 56.91 39.53
N ALA R 45 17.38 56.80 39.77
CA ALA R 45 16.48 56.13 38.84
C ALA R 45 16.40 56.86 37.52
N LYS R 46 16.40 58.19 37.55
CA LYS R 46 16.35 58.96 36.31
C LYS R 46 17.54 58.68 35.41
N SER R 47 18.68 58.34 36.01
CA SER R 47 19.93 58.22 35.28
C SER R 47 19.97 56.99 34.36
N SER R 48 20.83 57.05 33.35
CA SER R 48 21.09 55.93 32.45
C SER R 48 22.25 55.10 32.98
N ASN R 49 22.81 54.21 32.14
CA ASN R 49 23.94 53.34 32.46
C ASN R 49 23.73 52.65 33.80
N VAL R 50 22.83 51.67 33.80
CA VAL R 50 22.28 51.05 35.01
C VAL R 50 23.33 50.58 36.00
N GLU R 51 24.55 50.28 35.55
CA GLU R 51 25.57 49.78 36.47
C GLU R 51 25.91 50.82 37.54
N ALA R 52 26.10 52.07 37.12
CA ALA R 52 26.32 53.13 38.08
C ALA R 52 25.12 53.31 38.99
N ALA R 53 23.92 53.11 38.44
CA ALA R 53 22.71 53.20 39.25
C ALA R 53 22.70 52.15 40.36
N LEU R 54 23.06 50.91 40.02
CA LEU R 54 23.14 49.87 41.04
C LEU R 54 24.20 50.19 42.08
N ILE R 55 25.33 50.75 41.65
CA ILE R 55 26.35 51.16 42.62
C ILE R 55 25.77 52.20 43.58
N LYS R 56 25.05 53.19 43.04
CA LYS R 56 24.48 54.23 43.87
C LYS R 56 23.44 53.68 44.84
N LEU R 57 22.57 52.78 44.38
CA LEU R 57 21.62 52.16 45.30
C LEU R 57 22.32 51.35 46.38
N LEU R 58 23.41 50.67 46.03
CA LEU R 58 24.16 49.93 47.05
C LEU R 58 24.70 50.88 48.12
N GLU R 59 25.29 52.01 47.69
CA GLU R 59 25.83 52.95 48.67
C GLU R 59 24.72 53.57 49.51
N ILE R 60 23.58 53.88 48.88
CA ILE R 60 22.44 54.41 49.62
C ILE R 60 21.95 53.40 50.64
N LEU R 61 21.88 52.13 50.26
CA LEU R 61 21.43 51.10 51.18
C LEU R 61 22.39 50.96 52.35
N ASP R 62 23.69 51.05 52.08
CA ASP R 62 24.68 50.97 53.16
C ASP R 62 24.51 52.12 54.15
N GLU R 63 24.43 53.35 53.63
CA GLU R 63 24.30 54.50 54.53
C GLU R 63 22.97 54.46 55.28
N PHE R 64 21.91 53.98 54.63
CA PHE R 64 20.63 53.84 55.30
C PHE R 64 20.71 52.79 56.41
N ILE R 65 21.43 51.70 56.18
CA ILE R 65 21.63 50.69 57.20
C ILE R 65 22.34 51.29 58.40
N HIS R 66 23.41 52.06 58.15
CA HIS R 66 24.13 52.70 59.24
C HIS R 66 23.23 53.66 60.01
N GLN R 67 22.45 54.46 59.29
CA GLN R 67 21.55 55.42 59.95
C GLN R 67 20.52 54.69 60.81
N VAL R 68 19.93 53.63 60.29
CA VAL R 68 18.93 52.88 61.05
C VAL R 68 19.56 52.26 62.30
N LYS R 69 20.75 51.68 62.14
CA LYS R 69 21.44 51.07 63.27
C LYS R 69 21.71 52.10 64.36
N LEU R 70 22.09 53.32 63.96
CA LEU R 70 22.32 54.38 64.94
C LEU R 70 21.02 54.76 65.64
N LEU R 71 19.93 54.87 64.90
CA LEU R 71 18.67 55.28 65.48
C LEU R 71 18.10 54.17 66.36
N PRO R 72 17.37 54.50 67.43
CA PRO R 72 16.63 53.47 68.17
C PRO R 72 15.39 53.04 67.40
N VAL R 73 15.17 51.74 67.34
CA VAL R 73 14.07 51.17 66.56
C VAL R 73 13.01 50.63 67.50
N ASN R 74 11.76 51.00 67.27
CA ASN R 74 10.62 50.52 68.04
C ASN R 74 9.53 50.09 67.09
N GLU R 75 8.44 49.56 67.67
CA GLU R 75 7.32 49.11 66.85
C GLU R 75 6.62 50.27 66.15
N GLU R 76 6.75 51.49 66.69
CA GLU R 76 6.06 52.63 66.12
C GLU R 76 6.62 53.03 64.75
N ASN R 77 7.94 53.00 64.59
CA ASN R 77 8.56 53.47 63.35
C ASN R 77 8.85 52.36 62.35
N ARG R 78 8.52 51.12 62.66
CA ARG R 78 8.83 50.00 61.76
C ARG R 78 8.20 50.11 60.37
N PRO R 79 6.90 50.40 60.23
CA PRO R 79 6.31 50.39 58.87
C PRO R 79 6.97 51.37 57.91
N ILE R 80 7.38 52.55 58.40
CA ILE R 80 8.00 53.53 57.52
C ILE R 80 9.34 53.02 57.02
N LEU R 81 10.14 52.42 57.92
CA LEU R 81 11.40 51.83 57.50
C LEU R 81 11.17 50.72 56.50
N VAL R 82 10.14 49.90 56.72
CA VAL R 82 9.85 48.80 55.82
C VAL R 82 9.48 49.31 54.43
N GLU R 83 8.65 50.36 54.37
CA GLU R 83 8.26 50.86 53.05
C GLU R 83 9.43 51.58 52.37
N ILE R 84 10.31 52.21 53.14
CA ILE R 84 11.53 52.76 52.55
C ILE R 84 12.37 51.65 51.93
N LEU R 85 12.54 50.55 52.66
CA LEU R 85 13.28 49.42 52.13
C LEU R 85 12.61 48.86 50.87
N GLU R 86 11.28 48.82 50.87
CA GLU R 86 10.55 48.32 49.70
C GLU R 86 10.76 49.24 48.49
N ILE R 87 10.75 50.55 48.71
CA ILE R 87 11.03 51.50 47.64
C ILE R 87 12.41 51.23 47.05
N ILE R 88 13.41 51.12 47.93
CA ILE R 88 14.78 50.90 47.48
C ILE R 88 14.87 49.59 46.69
N ALA R 89 14.25 48.54 47.22
CA ALA R 89 14.33 47.23 46.58
C ALA R 89 13.67 47.24 45.22
N ASN R 90 12.48 47.84 45.10
CA ASN R 90 11.81 47.90 43.80
C ASN R 90 12.63 48.69 42.80
N THR R 91 13.19 49.83 43.23
CA THR R 91 14.01 50.62 42.32
C THR R 91 15.23 49.83 41.84
N ALA R 92 15.91 49.16 42.76
CA ALA R 92 17.10 48.40 42.40
C ALA R 92 16.75 47.24 41.48
N VAL R 93 15.67 46.53 41.78
CA VAL R 93 15.28 45.40 40.96
C VAL R 93 14.91 45.85 39.56
N HIS R 94 14.13 46.94 39.46
CA HIS R 94 13.75 47.47 38.15
C HIS R 94 14.97 47.88 37.35
N LYS R 95 15.91 48.57 38.00
CA LYS R 95 17.11 49.02 37.31
C LYS R 95 17.95 47.84 36.84
N ALA R 96 18.09 46.81 37.68
CA ALA R 96 18.86 45.63 37.31
C ALA R 96 18.21 44.91 36.12
N ARG R 97 16.89 44.77 36.16
CA ARG R 97 16.17 44.13 35.07
C ARG R 97 16.16 44.96 33.81
N ASP R 98 16.41 46.27 33.90
CA ASP R 98 16.36 47.15 32.73
C ASP R 98 17.43 46.83 31.68
N GLY R 99 18.31 45.86 31.93
CA GLY R 99 19.24 45.44 30.91
C GLY R 99 20.68 45.83 31.17
N ALA R 100 21.57 44.83 31.19
CA ALA R 100 22.99 45.01 31.41
C ALA R 100 23.66 43.68 31.12
N GLU R 101 24.98 43.65 31.29
CA GLU R 101 25.71 42.39 31.17
C GLU R 101 25.28 41.48 32.32
N PRO R 102 24.80 40.26 32.02
CA PRO R 102 24.17 39.45 33.07
C PRO R 102 25.06 39.12 34.25
N GLU R 103 26.35 38.84 34.04
CA GLU R 103 27.21 38.39 35.13
C GLU R 103 27.44 39.53 36.12
N PHE R 104 27.73 40.73 35.61
CA PHE R 104 27.92 41.89 36.47
C PHE R 104 26.65 42.20 37.26
N ALA R 105 25.50 42.13 36.60
CA ALA R 105 24.24 42.38 37.28
C ALA R 105 23.98 41.32 38.35
N LEU R 106 24.39 40.07 38.08
CA LEU R 106 24.25 39.03 39.09
C LEU R 106 25.11 39.31 40.31
N GLU R 107 26.35 39.75 40.09
CA GLU R 107 27.21 40.13 41.21
C GLU R 107 26.58 41.25 42.03
N LEU R 108 26.06 42.26 41.33
CA LEU R 108 25.42 43.39 42.02
C LEU R 108 24.20 42.92 42.79
N LEU R 109 23.42 41.99 42.22
CA LEU R 109 22.24 41.48 42.90
C LEU R 109 22.62 40.70 44.15
N LEU R 110 23.71 39.92 44.09
CA LEU R 110 24.16 39.20 45.29
C LEU R 110 24.58 40.18 46.37
N ARG R 111 25.33 41.23 46.01
CA ARG R 111 25.70 42.23 47.00
C ARG R 111 24.47 42.91 47.59
N LEU R 112 23.49 43.22 46.74
CA LEU R 112 22.25 43.83 47.22
C LEU R 112 21.52 42.90 48.18
N VAL R 113 21.50 41.61 47.88
CA VAL R 113 20.85 40.64 48.76
C VAL R 113 21.53 40.60 50.11
N GLU R 114 22.87 40.61 50.11
CA GLU R 114 23.60 40.61 51.38
C GLU R 114 23.30 41.86 52.19
N ARG R 115 23.30 43.03 51.54
CA ARG R 115 23.00 44.26 52.26
C ARG R 115 21.56 44.25 52.76
N PHE R 116 20.65 43.67 51.98
CA PHE R 116 19.26 43.55 52.42
C PHE R 116 19.14 42.66 53.64
N THR R 117 19.92 41.58 53.70
CA THR R 117 19.92 40.71 54.87
C THR R 117 20.37 41.50 56.09
N GLU R 118 21.44 42.28 55.95
CA GLU R 118 21.88 43.10 57.06
C GLU R 118 20.80 44.10 57.47
N ALA R 119 20.13 44.69 56.49
CA ALA R 119 19.09 45.68 56.79
C ALA R 119 17.93 45.05 57.56
N VAL R 120 17.46 43.88 57.13
CA VAL R 120 16.32 43.26 57.79
C VAL R 120 16.71 42.78 59.18
N LYS R 121 17.96 42.33 59.35
CA LYS R 121 18.44 42.01 60.68
C LYS R 121 18.40 43.25 61.58
N ALA R 122 18.82 44.39 61.04
CA ALA R 122 18.81 45.63 61.82
C ALA R 122 17.38 46.06 62.16
N ILE R 123 16.44 45.88 61.23
CA ILE R 123 15.09 46.40 61.40
C ILE R 123 14.38 45.73 62.57
N GLY R 124 14.47 44.41 62.66
CA GLY R 124 13.62 43.67 63.57
C GLY R 124 12.35 43.21 62.86
N THR R 125 11.46 42.61 63.65
CA THR R 125 10.25 42.00 63.12
C THR R 125 9.01 42.54 63.81
N SER R 126 7.89 42.43 63.11
CA SER R 126 6.65 43.11 63.49
C SER R 126 5.43 42.41 62.89
N ASN R 127 4.32 43.14 62.83
CA ASN R 127 3.08 42.67 62.21
C ASN R 127 3.31 41.96 60.88
N GLU R 128 2.46 40.98 60.58
CA GLU R 128 2.72 40.05 59.47
C GLU R 128 2.79 40.75 58.13
N GLU R 129 2.12 41.89 57.97
CA GLU R 129 2.07 42.55 56.67
C GLU R 129 3.45 42.98 56.20
N GLU R 130 4.27 43.52 57.10
CA GLU R 130 5.62 43.90 56.74
C GLU R 130 6.46 42.68 56.35
N GLU R 131 6.26 41.55 57.04
CA GLU R 131 6.95 40.32 56.68
C GLU R 131 6.53 39.86 55.29
N ASN R 132 5.25 39.99 54.96
CA ASN R 132 4.80 39.66 53.61
C ASN R 132 5.46 40.57 52.58
N LYS R 133 5.59 41.86 52.89
CA LYS R 133 6.27 42.78 51.99
C LYS R 133 7.72 42.34 51.77
N LEU R 134 8.42 42.00 52.85
CA LEU R 134 9.80 41.55 52.71
C LEU R 134 9.88 40.26 51.88
N LEU R 135 8.96 39.33 52.11
CA LEU R 135 8.97 38.07 51.38
C LEU R 135 8.74 38.31 49.89
N GLU R 136 7.78 39.18 49.53
CA GLU R 136 7.55 39.41 48.11
C GLU R 136 8.71 40.19 47.49
N ILE R 137 9.38 41.03 48.29
CA ILE R 137 10.59 41.69 47.80
C ILE R 137 11.64 40.65 47.43
N LEU R 138 11.91 39.71 48.34
CA LEU R 138 12.89 38.67 48.07
C LEU R 138 12.48 37.82 46.88
N GLU R 139 11.18 37.53 46.76
CA GLU R 139 10.70 36.70 45.67
C GLU R 139 10.86 37.42 44.33
N SER R 140 10.59 38.73 44.28
CA SER R 140 10.83 39.49 43.07
C SER R 140 12.32 39.52 42.74
N ILE R 141 13.17 39.62 43.75
CA ILE R 141 14.61 39.53 43.53
C ILE R 141 14.96 38.19 42.89
N ALA R 142 14.37 37.12 43.41
CA ALA R 142 14.64 35.78 42.86
C ALA R 142 14.21 35.69 41.41
N HIS R 143 13.01 36.19 41.10
CA HIS R 143 12.53 36.14 39.73
C HIS R 143 13.42 36.94 38.80
N THR R 144 13.84 38.14 39.23
CA THR R 144 14.69 38.96 38.40
C THR R 144 16.04 38.30 38.16
N ALA R 145 16.62 37.70 39.21
CA ALA R 145 17.93 37.08 39.06
C ALA R 145 17.85 35.82 38.19
N ILE R 146 16.77 35.04 38.32
CA ILE R 146 16.57 33.91 37.43
C ILE R 146 16.42 34.38 35.99
N LEU R 147 15.65 35.45 35.80
CA LEU R 147 15.46 36.03 34.47
C LEU R 147 16.79 36.46 33.88
N LEU R 148 17.66 37.02 34.71
CA LEU R 148 18.97 37.47 34.22
C LEU R 148 19.87 36.29 33.89
N ALA R 149 19.89 35.28 34.76
CA ALA R 149 20.74 34.11 34.53
C ALA R 149 20.22 33.26 33.39
N ARG R 150 19.00 33.52 32.94
CA ARG R 150 18.38 32.80 31.83
C ARG R 150 19.25 32.66 30.58
N THR R 151 20.19 33.58 30.39
CA THR R 151 20.89 33.72 29.11
C THR R 151 22.40 33.63 29.31
N LEU R 152 22.85 32.64 30.07
CA LEU R 152 24.27 32.38 30.24
C LEU R 152 24.60 30.96 29.83
N THR R 153 25.88 30.62 29.91
CA THR R 153 26.30 29.23 29.72
C THR R 153 25.78 28.39 30.88
N PRO R 154 25.54 27.10 30.66
CA PRO R 154 24.99 26.26 31.73
C PRO R 154 25.82 26.25 33.01
N LEU R 155 27.14 26.22 32.89
CA LEU R 155 28.00 26.18 34.07
C LEU R 155 27.94 27.49 34.85
N GLU R 156 28.03 28.62 34.13
CA GLU R 156 27.93 29.93 34.79
C GLU R 156 26.56 30.10 35.43
N ALA R 157 25.51 29.63 34.74
CA ALA R 157 24.18 29.67 35.33
C ALA R 157 24.12 28.86 36.61
N THR R 158 24.76 27.69 36.62
CA THR R 158 24.79 26.87 37.83
C THR R 158 25.49 27.60 38.97
N ARG R 159 26.63 28.22 38.68
CA ARG R 159 27.35 28.96 39.72
C ARG R 159 26.51 30.09 40.28
N ALA R 160 25.90 30.89 39.40
CA ALA R 160 25.08 32.00 39.86
C ALA R 160 23.90 31.49 40.69
N LEU R 161 23.27 30.41 40.24
CA LEU R 161 22.09 29.90 40.92
C LEU R 161 22.45 29.33 42.30
N ILE R 162 23.59 28.64 42.42
CA ILE R 162 23.96 28.09 43.71
C ILE R 162 24.36 29.21 44.68
N ALA R 163 25.04 30.24 44.17
CA ALA R 163 25.34 31.40 45.02
C ALA R 163 24.07 32.06 45.50
N LEU R 164 23.08 32.18 44.60
CA LEU R 164 21.77 32.73 44.97
C LEU R 164 21.11 31.89 46.06
N VAL R 165 21.18 30.56 45.92
CA VAL R 165 20.56 29.68 46.91
C VAL R 165 21.21 29.88 48.27
N VAL R 166 22.54 30.00 48.29
CA VAL R 166 23.24 30.22 49.55
C VAL R 166 22.81 31.55 50.17
N ALA R 167 22.73 32.59 49.35
CA ALA R 167 22.33 33.90 49.87
C ALA R 167 20.92 33.86 50.44
N PHE R 168 19.99 33.19 49.76
CA PHE R 168 18.62 33.11 50.27
C PHE R 168 18.55 32.25 51.52
N THR R 169 19.38 31.21 51.62
CA THR R 169 19.44 30.45 52.86
C THR R 169 19.87 31.33 54.01
N LYS R 170 20.89 32.17 53.78
CA LYS R 170 21.33 33.10 54.82
C LYS R 170 20.21 34.06 55.20
N PHE R 171 19.48 34.56 54.20
CA PHE R 171 18.36 35.46 54.49
C PHE R 171 17.31 34.78 55.34
N PHE R 172 16.85 33.60 54.92
CA PHE R 172 15.77 32.93 55.62
C PHE R 172 16.19 32.55 57.03
N LEU R 173 17.47 32.22 57.22
CA LEU R 173 17.97 32.03 58.57
C LEU R 173 17.89 33.33 59.36
N ALA R 174 18.25 34.45 58.74
CA ALA R 174 18.27 35.73 59.44
C ALA R 174 16.87 36.19 59.84
N LEU R 175 15.88 35.98 58.98
CA LEU R 175 14.55 36.52 59.22
C LEU R 175 13.90 35.83 60.43
N LYS R 176 13.02 36.58 61.09
CA LYS R 176 12.22 36.08 62.21
C LYS R 176 10.76 36.19 61.84
N GLY R 177 9.97 35.18 62.19
CA GLY R 177 8.55 35.22 61.88
C GLY R 177 7.93 33.85 62.03
N SER R 178 6.69 33.75 61.57
CA SER R 178 5.96 32.49 61.62
C SER R 178 6.59 31.47 60.70
N PRO R 179 6.92 30.27 61.19
CA PRO R 179 7.66 29.30 60.36
C PRO R 179 6.93 28.89 59.09
N GLU R 180 5.60 28.80 59.10
CA GLU R 180 4.88 28.24 57.96
C GLU R 180 5.10 29.08 56.71
N LYS R 181 5.00 30.40 56.83
CA LYS R 181 5.18 31.27 55.67
C LYS R 181 6.59 31.16 55.12
N ILE R 182 7.59 31.14 56.00
CA ILE R 182 8.97 31.05 55.56
C ILE R 182 9.22 29.74 54.83
N ILE R 183 8.74 28.63 55.40
CA ILE R 183 8.95 27.33 54.77
C ILE R 183 8.25 27.27 53.41
N SER R 184 7.02 27.75 53.34
CA SER R 184 6.28 27.73 52.08
C SER R 184 6.98 28.59 51.01
N THR R 185 7.42 29.78 51.40
CA THR R 185 8.10 30.65 50.46
C THR R 185 9.40 30.02 49.97
N PHE R 186 10.16 29.42 50.88
CA PHE R 186 11.41 28.77 50.48
C PHE R 186 11.14 27.61 49.54
N GLU R 187 10.09 26.83 49.81
CA GLU R 187 9.74 25.72 48.93
C GLU R 187 9.37 26.23 47.54
N SER R 188 8.60 27.32 47.48
CA SER R 188 8.22 27.90 46.20
C SER R 188 9.45 28.37 45.43
N ILE R 189 10.37 29.05 46.12
CA ILE R 189 11.60 29.49 45.46
C ILE R 189 12.40 28.29 44.97
N ALA R 190 12.46 27.23 45.78
CA ALA R 190 13.18 26.02 45.39
C ALA R 190 12.61 25.42 44.12
N ARG R 191 11.28 25.36 44.03
CA ARG R 191 10.65 24.79 42.85
C ARG R 191 10.87 25.67 41.63
N ASP R 192 10.87 26.99 41.82
CA ASP R 192 11.19 27.90 40.72
C ASP R 192 12.60 27.63 40.20
N ILE R 193 13.56 27.51 41.12
CA ILE R 193 14.95 27.24 40.73
C ILE R 193 15.05 25.93 39.98
N LEU R 194 14.38 24.90 40.49
CA LEU R 194 14.46 23.58 39.87
C LEU R 194 13.83 23.58 38.48
N THR R 195 12.70 24.26 38.32
CA THR R 195 12.08 24.35 37.01
C THR R 195 13.00 25.05 36.01
N PHE R 196 13.63 26.15 36.44
CA PHE R 196 14.55 26.84 35.54
C PHE R 196 15.74 25.95 35.19
N ALA R 197 16.25 25.18 36.16
CA ALA R 197 17.36 24.29 35.87
C ALA R 197 16.97 23.22 34.86
N GLU R 198 15.80 22.62 35.04
CA GLU R 198 15.34 21.60 34.11
C GLU R 198 15.15 22.19 32.71
N GLN R 199 14.73 23.46 32.64
CA GLN R 199 14.73 24.15 31.36
C GLN R 199 16.14 24.28 30.79
N LYS R 200 17.07 24.80 31.58
CA LYS R 200 18.33 25.27 31.02
C LYS R 200 19.24 24.12 30.63
N LEU R 201 19.38 23.11 31.49
CA LEU R 201 20.28 22.01 31.16
C LEU R 201 19.75 21.10 30.05
N ALA R 202 18.61 21.44 29.45
CA ALA R 202 18.08 20.63 28.36
C ALA R 202 18.97 20.64 27.13
N THR R 203 19.85 21.64 26.99
CA THR R 203 20.67 21.79 25.81
C THR R 203 22.07 21.21 25.96
N VAL R 204 22.27 20.28 26.88
CA VAL R 204 23.60 19.71 27.12
C VAL R 204 23.48 18.20 27.07
N PRO R 205 24.58 17.49 26.85
CA PRO R 205 24.57 16.03 26.92
C PRO R 205 24.16 15.57 28.31
N PRO R 206 23.56 14.39 28.42
CA PRO R 206 22.97 13.96 29.70
C PRO R 206 23.96 13.88 30.86
N ALA R 207 25.23 13.62 30.59
CA ALA R 207 26.21 13.56 31.67
C ALA R 207 26.35 14.93 32.36
N VAL R 208 26.41 16.00 31.57
CA VAL R 208 26.46 17.34 32.14
C VAL R 208 25.19 17.62 32.91
N GLN R 209 24.05 17.16 32.39
CA GLN R 209 22.79 17.26 33.11
C GLN R 209 22.90 16.62 34.49
N THR R 210 23.39 15.39 34.54
CA THR R 210 23.56 14.68 35.80
C THR R 210 24.43 15.49 36.76
N VAL R 211 25.60 15.92 36.27
CA VAL R 211 26.56 16.63 37.11
C VAL R 211 25.92 17.88 37.72
N LEU R 212 25.53 18.82 36.85
CA LEU R 212 25.05 20.11 37.33
C LEU R 212 23.76 19.96 38.14
N LEU R 213 22.84 19.12 37.67
CA LEU R 213 21.60 18.90 38.39
C LEU R 213 21.87 18.36 39.79
N SER R 214 22.73 17.35 39.91
CA SER R 214 22.99 16.75 41.21
C SER R 214 23.61 17.77 42.15
N ALA R 215 24.53 18.60 41.64
CA ALA R 215 25.07 19.67 42.46
C ALA R 215 23.96 20.58 43.00
N LEU R 216 23.06 20.98 42.10
CA LEU R 216 21.97 21.87 42.51
C LEU R 216 21.06 21.21 43.54
N LEU R 217 20.72 19.96 43.32
CA LEU R 217 19.84 19.29 44.24
C LEU R 217 20.49 19.22 45.60
N GLU R 218 21.76 18.82 45.64
CA GLU R 218 22.41 18.63 46.93
C GLU R 218 22.48 19.94 47.70
N VAL R 219 22.83 21.04 47.01
CA VAL R 219 22.98 22.30 47.72
C VAL R 219 21.62 22.79 48.22
N ILE R 220 20.58 22.64 47.39
CA ILE R 220 19.26 23.13 47.81
C ILE R 220 18.70 22.26 48.92
N GLU R 221 19.02 20.96 48.90
CA GLU R 221 18.61 20.08 49.98
C GLU R 221 19.29 20.46 51.29
N ASP R 222 20.58 20.81 51.22
CA ASP R 222 21.27 21.27 52.42
C ASP R 222 20.63 22.54 52.96
N ALA R 223 20.29 23.47 52.06
CA ALA R 223 19.60 24.69 52.50
C ALA R 223 18.27 24.37 53.16
N ARG R 224 17.51 23.46 52.56
CA ARG R 224 16.22 23.07 53.13
C ARG R 224 16.40 22.44 54.51
N GLU R 225 17.42 21.60 54.65
CA GLU R 225 17.63 20.94 55.93
C GLU R 225 18.00 21.96 57.00
N HIS R 226 18.77 22.97 56.65
CA HIS R 226 19.09 23.91 57.68
C HIS R 226 17.83 24.67 58.05
N ILE R 227 17.14 25.21 57.07
CA ILE R 227 15.99 26.04 57.42
C ILE R 227 14.99 25.23 58.24
N VAL R 228 14.89 23.92 57.96
CA VAL R 228 14.01 23.05 58.73
C VAL R 228 14.51 22.93 60.17
N LYS R 229 15.83 22.74 60.35
CA LYS R 229 16.37 22.72 61.71
C LYS R 229 16.05 24.02 62.43
N LYS R 230 16.37 25.15 61.81
CA LYS R 230 16.29 26.42 62.52
C LYS R 230 14.84 26.78 62.85
N TYR R 231 13.93 26.56 61.90
CA TYR R 231 12.54 26.97 62.10
C TYR R 231 11.63 25.83 62.52
N GLY R 232 12.19 24.66 62.80
CA GLY R 232 11.39 23.53 63.23
C GLY R 232 10.81 23.72 64.62
N ASN S 25 14.23 -52.39 -38.82
CA ASN S 25 13.96 -51.43 -39.89
C ASN S 25 12.48 -51.05 -39.94
N VAL S 26 12.02 -50.64 -41.12
CA VAL S 26 10.62 -50.20 -41.28
C VAL S 26 9.68 -51.34 -40.90
N LEU S 27 10.04 -52.57 -41.27
CA LEU S 27 9.19 -53.72 -40.97
C LEU S 27 8.95 -53.85 -39.46
N GLU S 28 9.99 -53.64 -38.66
CA GLU S 28 9.85 -53.79 -37.22
C GLU S 28 8.86 -52.79 -36.65
N LYS S 29 9.02 -51.51 -37.00
CA LYS S 29 8.10 -50.49 -36.49
C LYS S 29 6.68 -50.72 -36.98
N VAL S 30 6.53 -51.10 -38.25
CA VAL S 30 5.18 -51.34 -38.79
C VAL S 30 4.51 -52.49 -38.06
N GLU S 31 5.26 -53.57 -37.80
CA GLU S 31 4.69 -54.70 -37.09
C GLU S 31 4.38 -54.36 -35.63
N GLU S 32 5.21 -53.54 -35.00
CA GLU S 32 4.90 -53.09 -33.64
C GLU S 32 3.60 -52.29 -33.62
N LEU S 33 3.43 -51.40 -34.60
CA LEU S 33 2.19 -50.65 -34.72
C LEU S 33 1.01 -51.60 -34.92
N LYS S 34 1.19 -52.61 -35.77
CA LYS S 34 0.17 -53.62 -36.01
C LYS S 34 -0.25 -54.28 -34.70
N LYS S 35 0.73 -54.73 -33.91
CA LYS S 35 0.44 -55.41 -32.65
C LYS S 35 -0.29 -54.49 -31.68
N GLU S 36 0.21 -53.26 -31.51
CA GLU S 36 -0.41 -52.34 -30.56
C GLU S 36 -1.86 -52.04 -30.95
N VAL S 37 -2.08 -51.70 -32.22
CA VAL S 37 -3.44 -51.41 -32.68
C VAL S 37 -4.33 -52.63 -32.52
N LYS S 38 -3.78 -53.82 -32.78
CA LYS S 38 -4.56 -55.05 -32.64
C LYS S 38 -5.02 -55.24 -31.21
N LYS S 39 -4.10 -55.10 -30.25
CA LYS S 39 -4.48 -55.27 -28.84
C LYS S 39 -5.51 -54.24 -28.42
N LYS S 40 -5.30 -52.97 -28.78
CA LYS S 40 -6.25 -51.94 -28.38
C LYS S 40 -7.63 -52.20 -28.99
N VAL S 41 -7.66 -52.63 -30.26
CA VAL S 41 -8.92 -52.93 -30.92
C VAL S 41 -9.63 -54.08 -30.21
N GLU S 42 -8.87 -55.12 -29.85
CA GLU S 42 -9.46 -56.23 -29.11
C GLU S 42 -10.09 -55.75 -27.81
N GLU S 43 -9.32 -54.98 -27.02
CA GLU S 43 -9.82 -54.55 -25.73
C GLU S 43 -11.08 -53.69 -25.88
N VAL S 44 -11.09 -52.77 -26.85
CA VAL S 44 -12.24 -51.89 -26.99
C VAL S 44 -13.44 -52.68 -27.50
N ALA S 45 -13.21 -53.64 -28.39
CA ALA S 45 -14.27 -54.46 -28.95
C ALA S 45 -14.93 -55.32 -27.88
N LYS S 46 -14.13 -55.84 -26.94
CA LYS S 46 -14.68 -56.67 -25.88
C LYS S 46 -15.70 -55.92 -25.03
N SER S 47 -15.41 -54.65 -24.74
CA SER S 47 -16.24 -53.88 -23.82
C SER S 47 -17.63 -53.59 -24.36
N SER S 48 -18.58 -53.34 -23.46
CA SER S 48 -19.94 -52.96 -23.81
C SER S 48 -20.08 -51.45 -23.88
N ASN S 49 -21.32 -50.95 -23.93
CA ASN S 49 -21.57 -49.51 -23.92
C ASN S 49 -20.84 -48.87 -25.12
N VAL S 50 -21.38 -49.14 -26.30
CA VAL S 50 -20.74 -48.90 -27.60
C VAL S 50 -20.28 -47.47 -27.81
N GLU S 51 -20.87 -46.51 -27.08
CA GLU S 51 -20.48 -45.11 -27.29
C GLU S 51 -19.04 -44.85 -26.84
N ALA S 52 -18.67 -45.38 -25.67
CA ALA S 52 -17.29 -45.26 -25.22
C ALA S 52 -16.36 -46.03 -26.13
N ALA S 53 -16.84 -47.16 -26.66
CA ALA S 53 -16.06 -47.91 -27.63
C ALA S 53 -15.77 -47.08 -28.88
N LEU S 54 -16.78 -46.36 -29.36
CA LEU S 54 -16.58 -45.49 -30.52
C LEU S 54 -15.60 -44.37 -30.19
N ILE S 55 -15.70 -43.79 -28.99
CA ILE S 55 -14.78 -42.73 -28.61
C ILE S 55 -13.35 -43.25 -28.57
N LYS S 56 -13.15 -44.41 -27.95
CA LYS S 56 -11.82 -45.00 -27.87
C LYS S 56 -11.27 -45.34 -29.24
N LEU S 57 -12.13 -45.87 -30.12
CA LEU S 57 -11.68 -46.19 -31.48
C LEU S 57 -11.32 -44.93 -32.24
N LEU S 58 -12.07 -43.84 -32.04
CA LEU S 58 -11.71 -42.58 -32.67
C LEU S 58 -10.34 -42.10 -32.19
N GLU S 59 -10.07 -42.20 -30.89
CA GLU S 59 -8.78 -41.76 -30.38
C GLU S 59 -7.65 -42.66 -30.90
N ILE S 60 -7.91 -43.97 -30.99
CA ILE S 60 -6.93 -44.90 -31.56
C ILE S 60 -6.64 -44.55 -33.01
N LEU S 61 -7.68 -44.27 -33.79
CA LEU S 61 -7.48 -43.90 -35.18
C LEU S 61 -6.69 -42.60 -35.30
N ASP S 62 -6.97 -41.65 -34.41
CA ASP S 62 -6.22 -40.39 -34.41
C ASP S 62 -4.74 -40.63 -34.16
N GLU S 63 -4.42 -41.37 -33.09
CA GLU S 63 -3.01 -41.60 -32.76
C GLU S 63 -2.32 -42.44 -33.84
N PHE S 64 -3.05 -43.37 -34.45
CA PHE S 64 -2.49 -44.14 -35.54
C PHE S 64 -2.18 -43.26 -36.75
N ILE S 65 -3.09 -42.31 -37.04
CA ILE S 65 -2.84 -41.35 -38.11
C ILE S 65 -1.57 -40.57 -37.81
N HIS S 66 -1.42 -40.12 -36.57
CA HIS S 66 -0.22 -39.37 -36.19
C HIS S 66 1.03 -40.20 -36.39
N GLN S 67 1.00 -41.45 -35.92
CA GLN S 67 2.18 -42.32 -36.01
C GLN S 67 2.55 -42.59 -37.45
N VAL S 68 1.54 -42.83 -38.31
CA VAL S 68 1.81 -43.05 -39.73
C VAL S 68 2.41 -41.80 -40.35
N LYS S 69 1.86 -40.63 -40.00
CA LYS S 69 2.37 -39.37 -40.55
C LYS S 69 3.83 -39.17 -40.18
N LEU S 70 4.19 -39.51 -38.95
CA LEU S 70 5.57 -39.39 -38.50
C LEU S 70 6.48 -40.32 -39.30
N LEU S 71 6.07 -41.57 -39.47
CA LEU S 71 6.93 -42.55 -40.13
C LEU S 71 7.02 -42.25 -41.62
N PRO S 72 8.15 -42.53 -42.26
CA PRO S 72 8.21 -42.40 -43.72
C PRO S 72 7.44 -43.53 -44.39
N VAL S 73 6.65 -43.18 -45.39
CA VAL S 73 5.75 -44.12 -46.06
C VAL S 73 6.32 -44.45 -47.43
N ASN S 74 6.44 -45.75 -47.72
CA ASN S 74 6.89 -46.22 -49.01
C ASN S 74 5.93 -47.30 -49.51
N GLU S 75 6.21 -47.79 -50.72
CA GLU S 75 5.34 -48.82 -51.31
C GLU S 75 5.42 -50.13 -50.54
N GLU S 76 6.51 -50.35 -49.80
CA GLU S 76 6.68 -51.61 -49.09
C GLU S 76 5.71 -51.75 -47.92
N ASN S 77 5.54 -50.69 -47.12
CA ASN S 77 4.73 -50.77 -45.91
C ASN S 77 3.27 -50.43 -46.11
N ARG S 78 2.87 -50.01 -47.32
CA ARG S 78 1.48 -49.64 -47.56
C ARG S 78 0.48 -50.76 -47.28
N PRO S 79 0.67 -52.00 -47.73
CA PRO S 79 -0.37 -53.02 -47.49
C PRO S 79 -0.67 -53.24 -46.02
N ILE S 80 0.35 -53.24 -45.16
CA ILE S 80 0.12 -53.50 -43.74
C ILE S 80 -0.67 -52.36 -43.11
N LEU S 81 -0.34 -51.12 -43.49
CA LEU S 81 -1.10 -49.97 -43.01
C LEU S 81 -2.55 -50.05 -43.46
N VAL S 82 -2.77 -50.48 -44.71
CA VAL S 82 -4.13 -50.61 -45.21
C VAL S 82 -4.89 -51.69 -44.44
N GLU S 83 -4.22 -52.80 -44.13
CA GLU S 83 -4.88 -53.84 -43.33
C GLU S 83 -5.23 -53.33 -41.93
N ILE S 84 -4.33 -52.55 -41.32
CA ILE S 84 -4.61 -51.98 -40.00
C ILE S 84 -5.83 -51.07 -40.08
N LEU S 85 -5.87 -50.23 -41.12
CA LEU S 85 -7.02 -49.33 -41.31
C LEU S 85 -8.30 -50.12 -41.51
N GLU S 86 -8.23 -51.22 -42.27
CA GLU S 86 -9.41 -52.03 -42.50
C GLU S 86 -9.89 -52.68 -41.21
N ILE S 87 -8.95 -53.15 -40.37
CA ILE S 87 -9.32 -53.72 -39.08
C ILE S 87 -10.06 -52.68 -38.24
N ILE S 88 -9.50 -51.48 -38.16
CA ILE S 88 -10.11 -50.41 -37.36
C ILE S 88 -11.50 -50.08 -37.90
N ALA S 89 -11.61 -49.99 -39.22
CA ALA S 89 -12.88 -49.62 -39.84
C ALA S 89 -13.95 -50.68 -39.59
N ASN S 90 -13.59 -51.96 -39.75
CA ASN S 90 -14.57 -53.02 -39.48
C ASN S 90 -15.00 -53.01 -38.02
N THR S 91 -14.05 -52.85 -37.11
CA THR S 91 -14.41 -52.83 -35.69
C THR S 91 -15.35 -51.67 -35.38
N ALA S 92 -15.03 -50.49 -35.90
CA ALA S 92 -15.86 -49.31 -35.63
C ALA S 92 -17.24 -49.46 -36.24
N VAL S 93 -17.31 -49.97 -37.48
CA VAL S 93 -18.60 -50.14 -38.13
C VAL S 93 -19.46 -51.14 -37.38
N HIS S 94 -18.85 -52.27 -36.99
CA HIS S 94 -19.60 -53.29 -36.25
C HIS S 94 -20.10 -52.74 -34.92
N LYS S 95 -19.25 -52.01 -34.20
CA LYS S 95 -19.66 -51.46 -32.91
C LYS S 95 -20.77 -50.45 -33.08
N ALA S 96 -20.69 -49.60 -34.11
CA ALA S 96 -21.73 -48.62 -34.36
C ALA S 96 -23.05 -49.30 -34.70
N ARG S 97 -22.99 -50.33 -35.55
CA ARG S 97 -24.20 -51.06 -35.91
C ARG S 97 -24.76 -51.86 -34.73
N ASP S 98 -23.96 -52.14 -33.72
CA ASP S 98 -24.38 -52.99 -32.61
C ASP S 98 -25.52 -52.41 -31.79
N GLY S 99 -25.99 -51.21 -32.09
CA GLY S 99 -27.15 -50.68 -31.41
C GLY S 99 -26.85 -49.60 -30.40
N ALA S 100 -27.47 -48.44 -30.57
CA ALA S 100 -27.34 -47.28 -29.69
C ALA S 100 -28.38 -46.27 -30.14
N GLU S 101 -28.33 -45.10 -29.53
CA GLU S 101 -29.15 -43.99 -30.03
C GLU S 101 -28.64 -43.65 -31.43
N PRO S 102 -29.49 -43.74 -32.46
CA PRO S 102 -28.97 -43.63 -33.83
C PRO S 102 -28.26 -42.32 -34.14
N GLU S 103 -28.73 -41.21 -33.60
CA GLU S 103 -28.22 -39.91 -34.00
C GLU S 103 -26.81 -39.68 -33.42
N PHE S 104 -26.62 -40.03 -32.14
CA PHE S 104 -25.29 -39.94 -31.54
C PHE S 104 -24.28 -40.80 -32.29
N ALA S 105 -24.61 -42.07 -32.51
CA ALA S 105 -23.73 -42.94 -33.27
C ALA S 105 -23.54 -42.41 -34.68
N LEU S 106 -24.51 -41.63 -35.17
CA LEU S 106 -24.41 -41.12 -36.54
C LEU S 106 -23.38 -40.00 -36.66
N GLU S 107 -23.38 -39.05 -35.72
CA GLU S 107 -22.26 -38.10 -35.71
C GLU S 107 -20.94 -38.81 -35.41
N LEU S 108 -20.96 -39.85 -34.59
CA LEU S 108 -19.74 -40.61 -34.39
C LEU S 108 -19.22 -41.19 -35.70
N LEU S 109 -20.15 -41.71 -36.52
CA LEU S 109 -19.79 -42.23 -37.83
C LEU S 109 -19.24 -41.14 -38.74
N LEU S 110 -19.84 -39.94 -38.68
CA LEU S 110 -19.33 -38.83 -39.49
C LEU S 110 -17.92 -38.46 -39.09
N ARG S 111 -17.65 -38.39 -37.78
CA ARG S 111 -16.30 -38.09 -37.32
C ARG S 111 -15.32 -39.19 -37.73
N LEU S 112 -15.76 -40.44 -37.65
CA LEU S 112 -14.90 -41.54 -38.11
C LEU S 112 -14.60 -41.41 -39.59
N VAL S 113 -15.60 -40.98 -40.38
CA VAL S 113 -15.38 -40.77 -41.81
C VAL S 113 -14.35 -39.69 -42.06
N GLU S 114 -14.45 -38.59 -41.29
CA GLU S 114 -13.48 -37.52 -41.45
C GLU S 114 -12.07 -37.99 -41.08
N ARG S 115 -11.94 -38.72 -39.98
CA ARG S 115 -10.63 -39.23 -39.59
C ARG S 115 -10.11 -40.21 -40.62
N PHE S 116 -10.99 -41.02 -41.20
CA PHE S 116 -10.59 -41.95 -42.25
C PHE S 116 -10.10 -41.22 -43.49
N THR S 117 -10.71 -40.06 -43.78
CA THR S 117 -10.22 -39.31 -44.91
C THR S 117 -8.81 -38.91 -44.60
N GLU S 118 -8.63 -38.30 -43.45
CA GLU S 118 -7.28 -37.87 -43.10
C GLU S 118 -6.29 -39.01 -43.20
N ALA S 119 -6.70 -40.19 -42.74
CA ALA S 119 -5.82 -41.36 -42.79
C ALA S 119 -5.46 -41.74 -44.21
N VAL S 120 -6.44 -41.79 -45.12
CA VAL S 120 -6.15 -42.21 -46.49
C VAL S 120 -5.31 -41.15 -47.20
N LYS S 121 -5.54 -39.86 -46.89
CA LYS S 121 -4.66 -38.83 -47.41
C LYS S 121 -3.22 -39.04 -46.94
N ALA S 122 -3.05 -39.41 -45.67
CA ALA S 122 -1.70 -39.65 -45.15
C ALA S 122 -1.06 -40.87 -45.80
N ILE S 123 -1.85 -41.91 -46.05
CA ILE S 123 -1.31 -43.18 -46.55
C ILE S 123 -0.68 -43.01 -47.92
N GLY S 124 -1.37 -42.33 -48.82
CA GLY S 124 -1.01 -42.38 -50.22
C GLY S 124 -1.74 -43.49 -50.94
N THR S 125 -1.41 -43.66 -52.22
CA THR S 125 -2.10 -44.61 -53.07
C THR S 125 -1.12 -45.59 -53.69
N SER S 126 -1.66 -46.74 -54.08
CA SER S 126 -0.84 -47.89 -54.48
C SER S 126 -1.65 -48.84 -55.36
N ASN S 127 -1.17 -50.09 -55.46
CA ASN S 127 -1.83 -51.15 -56.20
C ASN S 127 -3.35 -51.20 -55.96
N GLU S 128 -4.09 -51.61 -56.98
CA GLU S 128 -5.53 -51.42 -57.00
C GLU S 128 -6.24 -52.17 -55.87
N GLU S 129 -5.66 -53.27 -55.38
CA GLU S 129 -6.35 -54.08 -54.38
C GLU S 129 -6.60 -53.30 -53.10
N GLU S 130 -5.63 -52.51 -52.66
CA GLU S 130 -5.82 -51.69 -51.47
C GLU S 130 -6.90 -50.64 -51.69
N GLU S 131 -6.95 -50.07 -52.90
CA GLU S 131 -8.02 -49.12 -53.22
C GLU S 131 -9.38 -49.80 -53.18
N ASN S 132 -9.46 -51.05 -53.64
CA ASN S 132 -10.71 -51.80 -53.54
C ASN S 132 -11.09 -52.03 -52.08
N LYS S 133 -10.10 -52.33 -51.23
CA LYS S 133 -10.37 -52.50 -49.81
C LYS S 133 -10.92 -51.20 -49.22
N LEU S 134 -10.31 -50.07 -49.55
CA LEU S 134 -10.80 -48.80 -49.04
C LEU S 134 -12.22 -48.51 -49.54
N LEU S 135 -12.48 -48.80 -50.82
CA LEU S 135 -13.81 -48.53 -51.37
C LEU S 135 -14.88 -49.40 -50.73
N GLU S 136 -14.56 -50.68 -50.47
CA GLU S 136 -15.54 -51.55 -49.82
C GLU S 136 -15.73 -51.14 -48.36
N ILE S 137 -14.67 -50.67 -47.71
CA ILE S 137 -14.83 -50.07 -46.38
C ILE S 137 -15.81 -48.91 -46.44
N LEU S 138 -15.64 -48.05 -47.46
CA LEU S 138 -16.51 -46.90 -47.60
C LEU S 138 -17.96 -47.32 -47.81
N GLU S 139 -18.16 -48.33 -48.67
CA GLU S 139 -19.51 -48.80 -48.95
C GLU S 139 -20.16 -49.39 -47.70
N SER S 140 -19.40 -50.15 -46.92
CA SER S 140 -19.93 -50.67 -45.67
C SER S 140 -20.30 -49.55 -44.71
N ILE S 141 -19.46 -48.51 -44.64
CA ILE S 141 -19.76 -47.36 -43.80
C ILE S 141 -21.07 -46.71 -44.24
N ALA S 142 -21.23 -46.52 -45.55
CA ALA S 142 -22.45 -45.89 -46.07
C ALA S 142 -23.67 -46.73 -45.76
N HIS S 143 -23.59 -48.05 -45.96
CA HIS S 143 -24.72 -48.92 -45.69
C HIS S 143 -25.08 -48.89 -44.20
N THR S 144 -24.07 -48.93 -43.33
CA THR S 144 -24.34 -48.89 -41.89
C THR S 144 -24.98 -47.56 -41.49
N ALA S 145 -24.51 -46.46 -42.06
CA ALA S 145 -25.07 -45.16 -41.72
C ALA S 145 -26.50 -45.02 -42.21
N ILE S 146 -26.79 -45.53 -43.41
CA ILE S 146 -28.18 -45.56 -43.89
C ILE S 146 -29.03 -46.41 -42.96
N LEU S 147 -28.50 -47.55 -42.52
CA LEU S 147 -29.23 -48.43 -41.61
C LEU S 147 -29.56 -47.71 -40.31
N LEU S 148 -28.60 -46.93 -39.79
CA LEU S 148 -28.86 -46.16 -38.58
C LEU S 148 -29.90 -45.08 -38.82
N ALA S 149 -29.77 -44.33 -39.91
CA ALA S 149 -30.69 -43.24 -40.19
C ALA S 149 -32.09 -43.75 -40.54
N ARG S 150 -32.21 -45.05 -40.80
CA ARG S 150 -33.47 -45.67 -41.21
C ARG S 150 -34.62 -45.41 -40.25
N THR S 151 -34.32 -45.07 -39.00
CA THR S 151 -35.34 -45.03 -37.94
C THR S 151 -35.32 -43.65 -37.26
N LEU S 152 -35.33 -42.59 -38.07
CA LEU S 152 -35.42 -41.23 -37.54
C LEU S 152 -36.57 -40.49 -38.20
N THR S 153 -36.80 -39.27 -37.74
CA THR S 153 -37.79 -38.41 -38.37
C THR S 153 -37.31 -38.00 -39.77
N PRO S 154 -38.23 -37.72 -40.69
CA PRO S 154 -37.81 -37.39 -42.07
C PRO S 154 -36.84 -36.22 -42.17
N LEU S 155 -37.06 -35.16 -41.40
CA LEU S 155 -36.20 -33.99 -41.49
C LEU S 155 -34.81 -34.29 -40.93
N GLU S 156 -34.76 -34.93 -39.76
CA GLU S 156 -33.46 -35.31 -39.19
C GLU S 156 -32.74 -36.29 -40.09
N ALA S 157 -33.48 -37.21 -40.70
CA ALA S 157 -32.87 -38.14 -41.65
C ALA S 157 -32.27 -37.39 -42.83
N THR S 158 -32.99 -36.38 -43.35
CA THR S 158 -32.48 -35.63 -44.48
C THR S 158 -31.21 -34.87 -44.11
N ARG S 159 -31.19 -34.24 -42.93
CA ARG S 159 -29.99 -33.54 -42.49
C ARG S 159 -28.81 -34.51 -42.35
N ALA S 160 -29.08 -35.67 -41.75
CA ALA S 160 -28.02 -36.66 -41.60
C ALA S 160 -27.48 -37.10 -42.95
N LEU S 161 -28.38 -37.36 -43.89
CA LEU S 161 -27.95 -37.83 -45.21
C LEU S 161 -27.19 -36.76 -45.98
N ILE S 162 -27.59 -35.49 -45.82
CA ILE S 162 -26.88 -34.42 -46.52
C ILE S 162 -25.47 -34.26 -45.95
N ALA S 163 -25.33 -34.34 -44.62
CA ALA S 163 -23.99 -34.32 -44.03
C ALA S 163 -23.19 -35.51 -44.52
N LEU S 164 -23.85 -36.67 -44.63
CA LEU S 164 -23.18 -37.88 -45.08
C LEU S 164 -22.63 -37.73 -46.49
N VAL S 165 -23.44 -37.20 -47.41
CA VAL S 165 -23.00 -37.09 -48.80
C VAL S 165 -21.92 -36.03 -48.93
N VAL S 166 -21.99 -34.97 -48.12
CA VAL S 166 -20.92 -33.98 -48.13
C VAL S 166 -19.60 -34.62 -47.70
N ALA S 167 -19.64 -35.42 -46.63
CA ALA S 167 -18.43 -36.10 -46.18
C ALA S 167 -17.91 -37.08 -47.23
N PHE S 168 -18.82 -37.79 -47.89
CA PHE S 168 -18.40 -38.75 -48.91
C PHE S 168 -17.76 -38.04 -50.10
N THR S 169 -18.31 -36.88 -50.47
CA THR S 169 -17.72 -36.09 -51.54
C THR S 169 -16.31 -35.65 -51.16
N LYS S 170 -16.13 -35.22 -49.91
CA LYS S 170 -14.80 -34.85 -49.45
C LYS S 170 -13.84 -36.03 -49.58
N PHE S 171 -14.29 -37.22 -49.16
CA PHE S 171 -13.43 -38.40 -49.28
C PHE S 171 -13.06 -38.66 -50.72
N PHE S 172 -14.06 -38.69 -51.61
CA PHE S 172 -13.81 -39.06 -53.01
C PHE S 172 -12.89 -38.05 -53.68
N LEU S 173 -13.03 -36.77 -53.32
CA LEU S 173 -12.09 -35.78 -53.82
C LEU S 173 -10.69 -36.05 -53.29
N ALA S 174 -10.59 -36.46 -52.01
CA ALA S 174 -9.28 -36.70 -51.41
C ALA S 174 -8.57 -37.89 -52.05
N LEU S 175 -9.30 -38.94 -52.41
CA LEU S 175 -8.67 -40.17 -52.90
C LEU S 175 -8.01 -39.95 -54.25
N LYS S 176 -6.95 -40.71 -54.49
CA LYS S 176 -6.26 -40.77 -55.79
C LYS S 176 -6.48 -42.16 -56.35
N GLY S 177 -6.74 -42.24 -57.65
CA GLY S 177 -6.92 -43.55 -58.27
C GLY S 177 -7.51 -43.42 -59.65
N SER S 178 -7.83 -44.58 -60.23
CA SER S 178 -8.44 -44.64 -61.55
C SER S 178 -9.85 -44.06 -61.51
N PRO S 179 -10.21 -43.17 -62.43
CA PRO S 179 -11.51 -42.50 -62.34
C PRO S 179 -12.71 -43.44 -62.40
N GLU S 180 -12.63 -44.52 -63.17
CA GLU S 180 -13.82 -45.34 -63.41
C GLU S 180 -14.36 -45.93 -62.11
N LYS S 181 -13.46 -46.48 -61.29
CA LYS S 181 -13.91 -47.10 -60.04
C LYS S 181 -14.53 -46.07 -59.10
N ILE S 182 -13.91 -44.89 -59.00
CA ILE S 182 -14.42 -43.86 -58.11
C ILE S 182 -15.80 -43.41 -58.57
N ILE S 183 -15.96 -43.17 -59.87
CA ILE S 183 -17.24 -42.70 -60.39
C ILE S 183 -18.31 -43.76 -60.18
N SER S 184 -17.99 -45.02 -60.47
CA SER S 184 -18.97 -46.09 -60.31
C SER S 184 -19.37 -46.26 -58.86
N THR S 185 -18.39 -46.23 -57.94
CA THR S 185 -18.71 -46.36 -56.52
C THR S 185 -19.58 -45.22 -56.04
N PHE S 186 -19.25 -43.98 -56.46
CA PHE S 186 -20.06 -42.85 -56.05
C PHE S 186 -21.47 -42.94 -56.61
N GLU S 187 -21.60 -43.41 -57.85
CA GLU S 187 -22.93 -43.57 -58.43
C GLU S 187 -23.74 -44.62 -57.68
N SER S 188 -23.09 -45.72 -57.28
CA SER S 188 -23.78 -46.74 -56.49
C SER S 188 -24.24 -46.17 -55.15
N ILE S 189 -23.37 -45.40 -54.50
CA ILE S 189 -23.74 -44.77 -53.24
C ILE S 189 -24.91 -43.83 -53.44
N ALA S 190 -24.87 -43.04 -54.51
CA ALA S 190 -25.96 -42.09 -54.79
C ALA S 190 -27.27 -42.84 -55.02
N ARG S 191 -27.21 -43.95 -55.74
CA ARG S 191 -28.42 -44.75 -55.97
C ARG S 191 -28.98 -45.27 -54.66
N ASP S 192 -28.10 -45.75 -53.77
CA ASP S 192 -28.56 -46.23 -52.46
C ASP S 192 -29.21 -45.11 -51.67
N ILE S 193 -28.59 -43.93 -51.65
CA ILE S 193 -29.12 -42.81 -50.88
C ILE S 193 -30.48 -42.39 -51.43
N LEU S 194 -30.59 -42.29 -52.76
CA LEU S 194 -31.85 -41.87 -53.36
C LEU S 194 -32.95 -42.89 -53.11
N THR S 195 -32.63 -44.18 -53.22
CA THR S 195 -33.62 -45.21 -52.96
C THR S 195 -34.11 -45.15 -51.52
N PHE S 196 -33.18 -44.98 -50.57
CA PHE S 196 -33.59 -44.88 -49.18
C PHE S 196 -34.44 -43.65 -48.93
N ALA S 197 -34.09 -42.51 -49.55
CA ALA S 197 -34.87 -41.30 -49.38
C ALA S 197 -36.28 -41.48 -49.93
N GLU S 198 -36.39 -42.11 -51.10
CA GLU S 198 -37.71 -42.34 -51.69
C GLU S 198 -38.54 -43.26 -50.81
N GLN S 199 -37.92 -44.29 -50.26
CA GLN S 199 -38.64 -45.19 -49.36
C GLN S 199 -39.10 -44.47 -48.10
N LYS S 200 -38.22 -43.64 -47.52
CA LYS S 200 -38.51 -43.04 -46.22
C LYS S 200 -39.54 -41.93 -46.32
N LEU S 201 -39.44 -41.07 -47.33
CA LEU S 201 -40.32 -39.92 -47.42
C LEU S 201 -41.76 -40.30 -47.80
N ALA S 202 -42.07 -41.59 -47.89
CA ALA S 202 -43.41 -42.01 -48.26
C ALA S 202 -44.45 -41.64 -47.20
N THR S 203 -44.02 -41.42 -45.96
CA THR S 203 -44.94 -41.18 -44.85
C THR S 203 -45.28 -39.69 -44.66
N VAL S 204 -45.10 -38.86 -45.68
CA VAL S 204 -45.31 -37.43 -45.55
C VAL S 204 -46.21 -36.97 -46.68
N PRO S 205 -46.87 -35.83 -46.54
CA PRO S 205 -47.64 -35.27 -47.64
C PRO S 205 -46.73 -34.92 -48.81
N PRO S 206 -47.28 -34.80 -50.02
CA PRO S 206 -46.44 -34.56 -51.20
C PRO S 206 -45.58 -33.30 -51.13
N ALA S 207 -46.03 -32.26 -50.43
CA ALA S 207 -45.23 -31.03 -50.36
C ALA S 207 -43.90 -31.28 -49.66
N VAL S 208 -43.93 -31.99 -48.53
CA VAL S 208 -42.69 -32.30 -47.82
C VAL S 208 -41.82 -33.23 -48.66
N GLN S 209 -42.45 -34.16 -49.38
CA GLN S 209 -41.76 -34.96 -50.38
C GLN S 209 -40.95 -34.06 -51.31
N THR S 210 -41.62 -33.10 -51.94
CA THR S 210 -40.99 -32.19 -52.88
C THR S 210 -39.81 -31.48 -52.22
N VAL S 211 -40.06 -30.89 -51.06
CA VAL S 211 -39.03 -30.09 -50.37
C VAL S 211 -37.78 -30.93 -50.12
N LEU S 212 -37.93 -31.99 -49.33
CA LEU S 212 -36.76 -32.75 -48.89
C LEU S 212 -36.08 -33.46 -50.07
N LEU S 213 -36.87 -34.03 -50.97
CA LEU S 213 -36.30 -34.72 -52.11
C LEU S 213 -35.53 -33.77 -53.01
N SER S 214 -36.05 -32.55 -53.21
CA SER S 214 -35.33 -31.57 -54.01
C SER S 214 -34.02 -31.19 -53.34
N ALA S 215 -34.03 -30.99 -52.02
CA ALA S 215 -32.79 -30.66 -51.32
C ALA S 215 -31.75 -31.76 -51.52
N LEU S 216 -32.14 -33.01 -51.29
CA LEU S 216 -31.19 -34.12 -51.40
C LEU S 216 -30.70 -34.28 -52.83
N LEU S 217 -31.60 -34.17 -53.81
CA LEU S 217 -31.19 -34.30 -55.20
C LEU S 217 -30.20 -33.21 -55.59
N GLU S 218 -30.46 -31.98 -55.15
CA GLU S 218 -29.58 -30.88 -55.52
C GLU S 218 -28.20 -31.06 -54.90
N VAL S 219 -28.13 -31.48 -53.63
CA VAL S 219 -26.82 -31.64 -52.99
C VAL S 219 -26.06 -32.79 -53.63
N ILE S 220 -26.76 -33.87 -53.97
CA ILE S 220 -26.06 -35.01 -54.57
C ILE S 220 -25.60 -34.67 -55.98
N GLU S 221 -26.38 -33.83 -56.70
CA GLU S 221 -25.96 -33.38 -58.02
C GLU S 221 -24.73 -32.48 -57.93
N ASP S 222 -24.68 -31.60 -56.94
CA ASP S 222 -23.50 -30.77 -56.75
C ASP S 222 -22.28 -31.64 -56.46
N ALA S 223 -22.44 -32.65 -55.60
CA ALA S 223 -21.34 -33.56 -55.32
C ALA S 223 -20.88 -34.27 -56.59
N ARG S 224 -21.83 -34.77 -57.38
CA ARG S 224 -21.48 -35.45 -58.63
C ARG S 224 -20.71 -34.53 -59.56
N GLU S 225 -21.15 -33.27 -59.65
CA GLU S 225 -20.51 -32.34 -60.59
C GLU S 225 -19.09 -32.03 -60.13
N HIS S 226 -18.86 -31.95 -58.83
CA HIS S 226 -17.50 -31.70 -58.44
C HIS S 226 -16.70 -32.92 -58.84
N ILE S 227 -17.13 -34.10 -58.41
CA ILE S 227 -16.31 -35.27 -58.71
C ILE S 227 -16.01 -35.35 -60.20
N VAL S 228 -16.98 -34.98 -61.03
CA VAL S 228 -16.77 -34.99 -62.48
C VAL S 228 -15.70 -33.99 -62.87
N LYS S 229 -15.74 -32.79 -62.29
CA LYS S 229 -14.68 -31.81 -62.57
C LYS S 229 -13.32 -32.35 -62.17
N LYS S 230 -13.20 -32.82 -60.93
CA LYS S 230 -11.88 -33.14 -60.39
C LYS S 230 -11.31 -34.39 -61.07
N TYR S 231 -12.11 -35.44 -61.19
CA TYR S 231 -11.59 -36.72 -61.67
C TYR S 231 -11.74 -36.87 -63.17
N GLY S 232 -12.33 -35.90 -63.86
CA GLY S 232 -12.51 -35.98 -65.30
C GLY S 232 -11.22 -35.97 -66.07
N ASN T 25 44.67 14.10 86.62
CA ASN T 25 45.57 13.28 85.84
C ASN T 25 45.27 13.40 84.34
N VAL T 26 45.51 12.32 83.60
CA VAL T 26 45.30 12.33 82.15
C VAL T 26 43.84 12.65 81.83
N LEU T 27 42.91 12.02 82.57
CA LEU T 27 41.49 12.24 82.33
C LEU T 27 41.14 13.73 82.46
N GLU T 28 41.67 14.40 83.48
CA GLU T 28 41.31 15.79 83.71
C GLU T 28 41.71 16.67 82.53
N LYS T 29 42.97 16.59 82.12
CA LYS T 29 43.44 17.45 81.03
C LYS T 29 42.78 17.09 79.71
N VAL T 30 42.58 15.80 79.46
CA VAL T 30 41.93 15.38 78.22
C VAL T 30 40.51 15.91 78.16
N GLU T 31 39.78 15.82 79.27
CA GLU T 31 38.41 16.34 79.30
C GLU T 31 38.38 17.86 79.20
N GLU T 32 39.37 18.55 79.78
CA GLU T 32 39.45 19.99 79.61
C GLU T 32 39.64 20.35 78.15
N LEU T 33 40.52 19.62 77.46
CA LEU T 33 40.71 19.83 76.03
C LEU T 33 39.41 19.58 75.27
N LYS T 34 38.71 18.51 75.63
CA LYS T 34 37.41 18.18 75.05
C LYS T 34 36.46 19.36 75.19
N LYS T 35 36.32 19.90 76.41
CA LYS T 35 35.39 21.01 76.64
C LYS T 35 35.79 22.24 75.85
N GLU T 36 37.07 22.60 75.86
CA GLU T 36 37.51 23.82 75.16
C GLU T 36 37.24 23.69 73.66
N VAL T 37 37.63 22.56 73.06
CA VAL T 37 37.41 22.36 71.64
C VAL T 37 35.92 22.37 71.33
N LYS T 38 35.11 21.77 72.21
CA LYS T 38 33.68 21.73 71.98
C LYS T 38 33.09 23.13 71.95
N LYS T 39 33.44 23.96 72.94
CA LYS T 39 32.92 25.33 72.97
C LYS T 39 33.36 26.11 71.75
N LYS T 40 34.64 26.05 71.40
CA LYS T 40 35.12 26.81 70.25
C LYS T 40 34.43 26.35 68.97
N VAL T 41 34.24 25.04 68.82
CA VAL T 41 33.55 24.51 67.64
C VAL T 41 32.12 25.01 67.58
N GLU T 42 31.43 25.01 68.73
CA GLU T 42 30.08 25.55 68.77
C GLU T 42 30.03 27.01 68.31
N GLU T 43 30.91 27.84 68.89
CA GLU T 43 30.88 29.26 68.56
C GLU T 43 31.17 29.49 67.08
N VAL T 44 32.16 28.79 66.53
CA VAL T 44 32.51 29.01 65.12
C VAL T 44 31.41 28.49 64.22
N ALA T 45 30.78 27.37 64.60
CA ALA T 45 29.71 26.79 63.80
C ALA T 45 28.50 27.70 63.75
N LYS T 46 28.18 28.36 64.86
CA LYS T 46 27.03 29.26 64.90
C LYS T 46 27.19 30.40 63.89
N SER T 47 28.42 30.83 63.64
CA SER T 47 28.68 31.99 62.81
C SER T 47 28.35 31.77 61.34
N SER T 48 28.20 32.86 60.59
CA SER T 48 27.97 32.84 59.15
C SER T 48 29.31 32.88 58.42
N ASN T 49 29.28 33.30 57.14
CA ASN T 49 30.45 33.58 56.31
C ASN T 49 31.52 32.50 56.41
N VAL T 50 31.18 31.32 55.91
CA VAL T 50 31.89 30.05 56.14
C VAL T 50 33.40 30.12 55.97
N GLU T 51 33.92 31.07 55.19
CA GLU T 51 35.36 31.13 54.99
C GLU T 51 36.09 31.45 56.30
N ALA T 52 35.57 32.41 57.07
CA ALA T 52 36.13 32.70 58.39
C ALA T 52 36.00 31.50 59.30
N ALA T 53 34.89 30.76 59.18
CA ALA T 53 34.72 29.54 59.97
C ALA T 53 35.79 28.51 59.65
N LEU T 54 36.08 28.33 58.36
CA LEU T 54 37.12 27.39 57.97
C LEU T 54 38.49 27.82 58.49
N ILE T 55 38.77 29.12 58.44
CA ILE T 55 40.04 29.63 58.98
C ILE T 55 40.12 29.32 60.47
N LYS T 56 39.03 29.56 61.19
CA LYS T 56 39.03 29.31 62.64
C LYS T 56 39.18 27.83 62.94
N LEU T 57 38.54 26.95 62.15
CA LEU T 57 38.74 25.52 62.32
C LEU T 57 40.19 25.13 62.07
N LEU T 58 40.83 25.71 61.07
CA LEU T 58 42.23 25.41 60.82
C LEU T 58 43.10 25.81 62.01
N GLU T 59 42.85 27.00 62.57
CA GLU T 59 43.67 27.45 63.70
C GLU T 59 43.41 26.58 64.93
N ILE T 60 42.15 26.21 65.17
CA ILE T 60 41.82 25.31 66.27
C ILE T 60 42.52 23.97 66.09
N LEU T 61 42.52 23.44 64.87
CA LEU T 61 43.18 22.17 64.62
C LEU T 61 44.68 22.27 64.86
N ASP T 62 45.29 23.38 64.47
CA ASP T 62 46.72 23.55 64.69
C ASP T 62 47.04 23.59 66.19
N GLU T 63 46.29 24.39 66.96
CA GLU T 63 46.58 24.48 68.39
C GLU T 63 46.28 23.16 69.08
N PHE T 64 45.25 22.43 68.62
CA PHE T 64 44.97 21.12 69.17
C PHE T 64 46.09 20.13 68.88
N ILE T 65 46.66 20.22 67.67
CA ILE T 65 47.79 19.36 67.32
C ILE T 65 48.96 19.65 68.24
N HIS T 66 49.26 20.92 68.47
CA HIS T 66 50.37 21.28 69.35
C HIS T 66 50.11 20.77 70.77
N GLN T 67 48.88 20.94 71.27
CA GLN T 67 48.55 20.49 72.61
C GLN T 67 48.70 18.98 72.73
N VAL T 68 48.23 18.23 71.73
CA VAL T 68 48.33 16.78 71.76
C VAL T 68 49.80 16.35 71.74
N LYS T 69 50.60 16.98 70.87
CA LYS T 69 52.02 16.64 70.81
C LYS T 69 52.70 16.88 72.15
N LEU T 70 52.32 17.97 72.83
CA LEU T 70 52.89 18.25 74.14
C LEU T 70 52.51 17.16 75.14
N LEU T 71 51.25 16.76 75.16
CA LEU T 71 50.80 15.78 76.14
C LEU T 71 51.33 14.39 75.79
N PRO T 72 51.59 13.54 76.78
CA PRO T 72 51.94 12.14 76.48
C PRO T 72 50.69 11.36 76.07
N VAL T 73 50.82 10.58 75.00
CA VAL T 73 49.70 9.85 74.42
C VAL T 73 49.85 8.37 74.75
N ASN T 74 48.78 7.76 75.24
CA ASN T 74 48.75 6.33 75.53
C ASN T 74 47.46 5.75 74.99
N GLU T 75 47.32 4.42 75.14
CA GLU T 75 46.12 3.75 74.65
C GLU T 75 44.89 4.16 75.45
N GLU T 76 45.07 4.64 76.68
CA GLU T 76 43.94 4.99 77.52
C GLU T 76 43.19 6.22 77.03
N ASN T 77 43.90 7.24 76.55
CA ASN T 77 43.29 8.50 76.15
C ASN T 77 43.01 8.60 74.65
N ARG T 78 43.35 7.58 73.87
CA ARG T 78 43.17 7.65 72.41
C ARG T 78 41.73 7.86 71.98
N PRO T 79 40.73 7.13 72.49
CA PRO T 79 39.36 7.32 71.95
C PRO T 79 38.83 8.74 72.09
N ILE T 80 39.16 9.43 73.19
CA ILE T 80 38.65 10.78 73.38
C ILE T 80 39.27 11.73 72.36
N LEU T 81 40.58 11.59 72.13
CA LEU T 81 41.23 12.40 71.10
C LEU T 81 40.63 12.11 69.73
N VAL T 82 40.34 10.84 69.45
CA VAL T 82 39.79 10.47 68.15
C VAL T 82 38.40 11.09 67.97
N GLU T 83 37.56 11.06 69.01
CA GLU T 83 36.23 11.62 68.85
C GLU T 83 36.28 13.14 68.79
N ILE T 84 37.26 13.77 69.46
CA ILE T 84 37.46 15.21 69.29
C ILE T 84 37.80 15.52 67.83
N LEU T 85 38.72 14.73 67.25
CA LEU T 85 39.07 14.91 65.86
C LEU T 85 37.86 14.71 64.96
N GLU T 86 37.01 13.73 65.28
CA GLU T 86 35.82 13.48 64.48
C GLU T 86 34.86 14.65 64.56
N ILE T 87 34.69 15.23 65.75
CA ILE T 87 33.83 16.41 65.90
C ILE T 87 34.35 17.54 65.02
N ILE T 88 35.66 17.81 65.11
CA ILE T 88 36.25 18.90 64.33
C ILE T 88 36.05 18.64 62.84
N ALA T 89 36.31 17.40 62.42
CA ALA T 89 36.22 17.07 61.00
C ALA T 89 34.79 17.21 60.48
N ASN T 90 33.81 16.72 61.23
CA ASN T 90 32.42 16.85 60.80
C ASN T 90 32.01 18.31 60.71
N THR T 91 32.37 19.11 61.72
CA THR T 91 32.01 20.52 61.70
C THR T 91 32.63 21.22 60.50
N ALA T 92 33.92 20.99 60.26
CA ALA T 92 34.62 21.65 59.16
C ALA T 92 34.06 21.20 57.81
N VAL T 93 33.80 19.90 57.65
CA VAL T 93 33.26 19.39 56.40
C VAL T 93 31.89 19.97 56.12
N HIS T 94 31.03 20.01 57.13
CA HIS T 94 29.70 20.56 56.95
C HIS T 94 29.77 22.04 56.59
N LYS T 95 30.64 22.79 57.28
CA LYS T 95 30.77 24.21 56.99
C LYS T 95 31.28 24.45 55.58
N ALA T 96 32.26 23.66 55.14
CA ALA T 96 32.78 23.80 53.79
C ALA T 96 31.71 23.47 52.76
N ARG T 97 30.94 22.42 53.02
CA ARG T 97 29.86 22.05 52.12
C ARG T 97 28.72 23.06 52.10
N ASP T 98 28.59 23.88 53.15
CA ASP T 98 27.46 24.79 53.28
C ASP T 98 27.43 25.89 52.23
N GLY T 99 28.38 25.93 51.31
CA GLY T 99 28.31 26.87 50.21
C GLY T 99 29.30 28.02 50.30
N ALA T 100 30.11 28.15 49.26
CA ALA T 100 31.12 29.19 49.13
C ALA T 100 31.68 29.11 47.71
N GLU T 101 32.63 29.98 47.41
CA GLU T 101 33.33 29.89 46.14
C GLU T 101 34.12 28.58 46.13
N PRO T 102 33.89 27.70 45.16
CA PRO T 102 34.44 26.34 45.25
C PRO T 102 35.96 26.26 45.34
N GLU T 103 36.68 27.12 44.62
CA GLU T 103 38.15 27.03 44.59
C GLU T 103 38.75 27.39 45.95
N PHE T 104 38.24 28.45 46.58
CA PHE T 104 38.73 28.83 47.90
C PHE T 104 38.45 27.74 48.92
N ALA T 105 37.23 27.21 48.92
CA ALA T 105 36.88 26.15 49.86
C ALA T 105 37.70 24.89 49.59
N LEU T 106 38.10 24.68 48.33
CA LEU T 106 38.91 23.52 48.01
C LEU T 106 40.34 23.67 48.51
N GLU T 107 40.90 24.87 48.38
CA GLU T 107 42.19 25.14 49.01
C GLU T 107 42.11 24.92 50.52
N LEU T 108 41.03 25.40 51.14
CA LEU T 108 40.85 25.20 52.57
C LEU T 108 40.76 23.72 52.91
N LEU T 109 40.06 22.94 52.07
CA LEU T 109 39.95 21.51 52.31
C LEU T 109 41.30 20.83 52.19
N LEU T 110 42.13 21.25 51.22
CA LEU T 110 43.47 20.66 51.10
C LEU T 110 44.30 20.96 52.34
N ARG T 111 44.26 22.21 52.83
CA ARG T 111 44.99 22.54 54.05
C ARG T 111 44.48 21.73 55.22
N LEU T 112 43.16 21.59 55.33
CA LEU T 112 42.57 20.79 56.39
C LEU T 112 43.04 19.34 56.33
N VAL T 113 43.09 18.78 55.11
CA VAL T 113 43.54 17.40 54.95
C VAL T 113 44.97 17.25 55.42
N GLU T 114 45.85 18.18 55.02
CA GLU T 114 47.24 18.09 55.44
C GLU T 114 47.36 18.16 56.96
N ARG T 115 46.68 19.13 57.58
CA ARG T 115 46.74 19.25 59.03
C ARG T 115 46.18 18.00 59.70
N PHE T 116 45.19 17.36 59.08
CA PHE T 116 44.56 16.21 59.72
C PHE T 116 45.46 14.98 59.61
N THR T 117 46.21 14.85 58.51
CA THR T 117 47.25 13.83 58.47
C THR T 117 48.30 14.05 59.54
N GLU T 118 48.70 15.32 59.73
CA GLU T 118 49.62 15.61 60.83
C GLU T 118 49.02 15.19 62.17
N ALA T 119 47.73 15.47 62.37
CA ALA T 119 47.07 15.13 63.62
C ALA T 119 47.05 13.62 63.86
N VAL T 120 46.68 12.85 62.84
CA VAL T 120 46.59 11.40 63.04
C VAL T 120 47.99 10.82 63.24
N LYS T 121 49.00 11.36 62.55
CA LYS T 121 50.37 10.94 62.79
C LYS T 121 50.76 11.18 64.24
N ALA T 122 50.37 12.33 64.79
CA ALA T 122 50.62 12.61 66.19
C ALA T 122 49.88 11.64 67.11
N ILE T 123 48.65 11.28 66.73
CA ILE T 123 47.80 10.48 67.60
C ILE T 123 48.38 9.08 67.79
N GLY T 124 48.77 8.43 66.70
CA GLY T 124 49.11 7.02 66.75
C GLY T 124 47.94 6.15 66.36
N THR T 125 48.16 4.84 66.44
CA THR T 125 47.17 3.86 66.01
C THR T 125 46.75 2.98 67.18
N SER T 126 45.55 2.42 67.05
CA SER T 126 44.89 1.72 68.14
C SER T 126 43.85 0.73 67.62
N ASN T 127 42.94 0.32 68.49
CA ASN T 127 41.81 -0.56 68.15
C ASN T 127 41.12 -0.14 66.87
N GLU T 128 40.54 -1.11 66.16
CA GLU T 128 40.11 -0.90 64.78
C GLU T 128 39.01 0.15 64.66
N GLU T 129 38.18 0.32 65.69
CA GLU T 129 37.02 1.20 65.58
C GLU T 129 37.44 2.65 65.32
N GLU T 130 38.49 3.10 66.00
CA GLU T 130 38.99 4.46 65.76
C GLU T 130 39.52 4.61 64.34
N GLU T 131 40.19 3.57 63.81
CA GLU T 131 40.64 3.60 62.43
C GLU T 131 39.44 3.68 61.47
N ASN T 132 38.35 2.98 61.81
CA ASN T 132 37.14 3.09 61.01
C ASN T 132 36.61 4.51 61.03
N LYS T 133 36.62 5.14 62.19
CA LYS T 133 36.16 6.53 62.28
C LYS T 133 37.03 7.45 61.41
N LEU T 134 38.35 7.26 61.47
CA LEU T 134 39.24 8.08 60.66
C LEU T 134 39.02 7.86 59.17
N LEU T 135 38.83 6.60 58.76
CA LEU T 135 38.59 6.32 57.36
C LEU T 135 37.27 6.93 56.89
N GLU T 136 36.24 6.86 57.73
CA GLU T 136 34.96 7.48 57.38
C GLU T 136 35.12 9.01 57.27
N ILE T 137 35.92 9.59 58.16
CA ILE T 137 36.20 11.03 58.06
C ILE T 137 36.85 11.36 56.73
N LEU T 138 37.86 10.59 56.35
CA LEU T 138 38.55 10.80 55.08
C LEU T 138 37.57 10.66 53.92
N GLU T 139 36.70 9.67 53.98
CA GLU T 139 35.78 9.41 52.87
C GLU T 139 34.76 10.53 52.75
N SER T 140 34.26 11.04 53.88
CA SER T 140 33.37 12.19 53.84
C SER T 140 34.07 13.42 53.27
N ILE T 141 35.35 13.61 53.64
CA ILE T 141 36.12 14.71 53.07
C ILE T 141 36.22 14.55 51.56
N ALA T 142 36.49 13.33 51.09
CA ALA T 142 36.61 13.09 49.66
C ALA T 142 35.30 13.39 48.94
N HIS T 143 34.18 12.92 49.50
CA HIS T 143 32.89 13.17 48.88
C HIS T 143 32.58 14.66 48.83
N THR T 144 32.85 15.38 49.93
CA THR T 144 32.58 16.82 49.95
C THR T 144 33.45 17.55 48.93
N ALA T 145 34.71 17.15 48.80
CA ALA T 145 35.60 17.84 47.88
C ALA T 145 35.22 17.56 46.43
N ILE T 146 34.82 16.31 46.14
CA ILE T 146 34.31 16.00 44.80
C ILE T 146 33.07 16.82 44.51
N LEU T 147 32.17 16.92 45.49
CA LEU T 147 30.95 17.69 45.31
C LEU T 147 31.26 19.15 45.04
N LEU T 148 32.26 19.70 45.73
CA LEU T 148 32.66 21.08 45.48
C LEU T 148 33.25 21.25 44.09
N ALA T 149 34.14 20.32 43.69
CA ALA T 149 34.79 20.43 42.39
C ALA T 149 33.81 20.16 41.25
N ARG T 150 32.64 19.62 41.57
CA ARG T 150 31.63 19.27 40.58
C ARG T 150 31.25 20.41 39.64
N THR T 151 31.52 21.65 40.01
CA THR T 151 31.00 22.82 39.31
C THR T 151 32.16 23.77 38.94
N LEU T 152 33.23 23.21 38.38
CA LEU T 152 34.35 24.02 37.90
C LEU T 152 34.59 23.75 36.43
N THR T 153 35.56 24.45 35.87
CA THR T 153 36.01 24.17 34.52
C THR T 153 36.77 22.84 34.51
N PRO T 154 36.77 22.13 33.38
CA PRO T 154 37.45 20.81 33.35
C PRO T 154 38.91 20.85 33.76
N LEU T 155 39.67 21.86 33.32
CA LEU T 155 41.09 21.91 33.66
C LEU T 155 41.29 22.22 35.13
N GLU T 156 40.53 23.18 35.67
CA GLU T 156 40.62 23.48 37.09
C GLU T 156 40.21 22.28 37.93
N ALA T 157 39.15 21.58 37.50
CA ALA T 157 38.73 20.38 38.21
C ALA T 157 39.82 19.33 38.19
N THR T 158 40.49 19.16 37.05
CA THR T 158 41.57 18.17 36.96
C THR T 158 42.71 18.52 37.89
N ARG T 159 43.10 19.80 37.92
CA ARG T 159 44.20 20.22 38.79
C ARG T 159 43.84 20.02 40.25
N ALA T 160 42.63 20.42 40.64
CA ALA T 160 42.20 20.23 42.02
C ALA T 160 42.18 18.76 42.39
N LEU T 161 41.66 17.91 41.50
CA LEU T 161 41.54 16.49 41.80
C LEU T 161 42.92 15.84 41.91
N ILE T 162 43.87 16.22 41.04
CA ILE T 162 45.19 15.61 41.12
C ILE T 162 45.89 16.02 42.42
N ALA T 163 45.80 17.30 42.80
CA ALA T 163 46.38 17.71 44.08
C ALA T 163 45.71 16.95 45.23
N LEU T 164 44.40 16.75 45.13
CA LEU T 164 43.65 16.17 46.24
C LEU T 164 44.02 14.70 46.41
N VAL T 165 44.16 13.97 45.30
CA VAL T 165 44.53 12.56 45.39
C VAL T 165 45.97 12.43 45.86
N VAL T 166 46.83 13.40 45.52
CA VAL T 166 48.17 13.42 46.11
C VAL T 166 48.07 13.54 47.63
N ALA T 167 47.15 14.40 48.10
CA ALA T 167 46.95 14.53 49.54
C ALA T 167 46.51 13.22 50.18
N PHE T 168 45.56 12.52 49.56
CA PHE T 168 45.18 11.21 50.11
C PHE T 168 46.33 10.22 50.06
N THR T 169 47.17 10.27 49.03
CA THR T 169 48.33 9.38 48.97
C THR T 169 49.25 9.62 50.16
N LYS T 170 49.51 10.89 50.45
CA LYS T 170 50.34 11.22 51.62
C LYS T 170 49.71 10.69 52.90
N PHE T 171 48.39 10.89 53.05
CA PHE T 171 47.73 10.40 54.26
C PHE T 171 47.85 8.89 54.38
N PHE T 172 47.48 8.17 53.32
CA PHE T 172 47.47 6.71 53.38
C PHE T 172 48.88 6.16 53.61
N LEU T 173 49.89 6.90 53.14
CA LEU T 173 51.25 6.59 53.53
C LEU T 173 51.42 6.75 55.04
N ALA T 174 50.85 7.82 55.61
CA ALA T 174 51.04 8.09 57.03
C ALA T 174 50.34 7.06 57.91
N LEU T 175 49.14 6.63 57.54
CA LEU T 175 48.33 5.80 58.44
C LEU T 175 48.93 4.40 58.60
N LYS T 176 48.65 3.79 59.74
CA LYS T 176 49.05 2.42 60.05
C LYS T 176 47.79 1.62 60.40
N GLY T 177 47.77 0.35 60.01
CA GLY T 177 46.62 -0.49 60.33
C GLY T 177 46.68 -1.78 59.53
N SER T 178 45.55 -2.48 59.52
CA SER T 178 45.43 -3.70 58.74
C SER T 178 45.45 -3.38 57.25
N PRO T 179 46.08 -4.21 56.41
CA PRO T 179 46.18 -3.89 54.99
C PRO T 179 44.85 -3.80 54.27
N GLU T 180 43.91 -4.70 54.56
CA GLU T 180 42.73 -4.84 53.73
C GLU T 180 41.89 -3.57 53.74
N LYS T 181 41.68 -2.99 54.93
CA LYS T 181 40.83 -1.80 55.02
C LYS T 181 41.44 -0.64 54.25
N ILE T 182 42.75 -0.41 54.41
CA ILE T 182 43.39 0.71 53.74
C ILE T 182 43.36 0.53 52.23
N ILE T 183 43.71 -0.67 51.75
CA ILE T 183 43.73 -0.91 50.32
C ILE T 183 42.33 -0.76 49.72
N SER T 184 41.32 -1.33 50.39
CA SER T 184 39.97 -1.25 49.88
C SER T 184 39.46 0.18 49.88
N THR T 185 39.73 0.94 50.94
CA THR T 185 39.29 2.32 51.00
C THR T 185 39.94 3.15 49.91
N PHE T 186 41.25 2.96 49.70
CA PHE T 186 41.92 3.71 48.64
C PHE T 186 41.36 3.35 47.28
N GLU T 187 41.10 2.06 47.04
CA GLU T 187 40.54 1.66 45.76
C GLU T 187 39.15 2.25 45.54
N SER T 188 38.33 2.28 46.60
CA SER T 188 37.00 2.85 46.48
C SER T 188 37.06 4.34 46.19
N ILE T 189 37.96 5.06 46.86
CA ILE T 189 38.15 6.48 46.58
C ILE T 189 38.60 6.67 45.14
N ALA T 190 39.51 5.80 44.68
CA ALA T 190 39.99 5.87 43.30
C ALA T 190 38.84 5.70 42.31
N ARG T 191 37.95 4.74 42.58
CA ARG T 191 36.82 4.52 41.69
C ARG T 191 35.88 5.73 41.70
N ASP T 192 35.67 6.33 42.87
CA ASP T 192 34.85 7.53 42.94
C ASP T 192 35.44 8.65 42.09
N ILE T 193 36.75 8.88 42.21
CA ILE T 193 37.40 9.95 41.46
C ILE T 193 37.29 9.67 39.96
N LEU T 194 37.54 8.41 39.56
CA LEU T 194 37.49 8.07 38.15
C LEU T 194 36.08 8.25 37.60
N THR T 195 35.06 7.83 38.35
CA THR T 195 33.69 7.96 37.88
C THR T 195 33.32 9.42 37.72
N PHE T 196 33.70 10.27 38.68
CA PHE T 196 33.43 11.70 38.53
C PHE T 196 34.15 12.27 37.33
N ALA T 197 35.38 11.82 37.07
CA ALA T 197 36.11 12.30 35.90
C ALA T 197 35.39 11.93 34.62
N GLU T 198 34.91 10.70 34.53
CA GLU T 198 34.17 10.27 33.33
C GLU T 198 32.89 11.08 33.17
N GLN T 199 32.22 11.39 34.27
CA GLN T 199 31.05 12.27 34.21
C GLN T 199 31.44 13.65 33.66
N LYS T 200 32.47 14.26 34.23
CA LYS T 200 32.72 15.68 33.99
C LYS T 200 33.31 15.91 32.60
N LEU T 201 34.25 15.05 32.18
CA LEU T 201 34.93 15.29 30.90
C LEU T 201 34.03 15.04 29.70
N ALA T 202 32.77 14.68 29.91
CA ALA T 202 31.88 14.42 28.78
C ALA T 202 31.58 15.67 27.96
N THR T 203 31.75 16.86 28.53
CA THR T 203 31.39 18.10 27.86
C THR T 203 32.55 18.76 27.12
N VAL T 204 33.55 18.00 26.70
CA VAL T 204 34.71 18.56 26.03
C VAL T 204 34.98 17.74 24.78
N PRO T 205 35.71 18.28 23.82
CA PRO T 205 36.18 17.47 22.69
C PRO T 205 37.03 16.32 23.18
N PRO T 206 36.97 15.16 22.53
CA PRO T 206 37.60 13.96 23.09
C PRO T 206 39.12 14.05 23.22
N ALA T 207 39.79 14.95 22.49
CA ALA T 207 41.22 15.11 22.69
C ALA T 207 41.54 15.62 24.09
N VAL T 208 40.77 16.61 24.56
CA VAL T 208 40.93 17.08 25.93
C VAL T 208 40.64 15.96 26.92
N GLN T 209 39.61 15.16 26.62
CA GLN T 209 39.33 13.97 27.42
C GLN T 209 40.56 13.08 27.52
N THR T 210 41.19 12.80 26.38
CA THR T 210 42.37 11.96 26.34
C THR T 210 43.46 12.53 27.24
N VAL T 211 43.77 13.81 27.07
CA VAL T 211 44.88 14.41 27.81
C VAL T 211 44.62 14.38 29.31
N LEU T 212 43.45 14.88 29.72
CA LEU T 212 43.19 14.99 31.15
C LEU T 212 43.01 13.63 31.80
N LEU T 213 42.32 12.71 31.13
CA LEU T 213 42.18 11.36 31.65
C LEU T 213 43.52 10.66 31.77
N SER T 214 44.40 10.85 30.79
CA SER T 214 45.72 10.25 30.86
C SER T 214 46.49 10.78 32.06
N ALA T 215 46.45 12.10 32.27
CA ALA T 215 47.16 12.67 33.42
C ALA T 215 46.61 12.12 34.74
N LEU T 216 45.28 12.13 34.88
CA LEU T 216 44.67 11.66 36.11
C LEU T 216 44.99 10.19 36.36
N LEU T 217 44.86 9.35 35.33
CA LEU T 217 45.13 7.93 35.47
C LEU T 217 46.59 7.68 35.82
N GLU T 218 47.51 8.41 35.19
CA GLU T 218 48.92 8.24 35.51
C GLU T 218 49.18 8.57 36.97
N VAL T 219 48.63 9.68 37.45
CA VAL T 219 48.89 10.10 38.83
C VAL T 219 48.29 9.10 39.82
N ILE T 220 47.06 8.66 39.56
CA ILE T 220 46.40 7.77 40.52
C ILE T 220 47.07 6.40 40.51
N GLU T 221 47.56 5.97 39.34
CA GLU T 221 48.31 4.72 39.27
C GLU T 221 49.63 4.82 40.04
N ASP T 222 50.31 5.97 39.93
CA ASP T 222 51.51 6.17 40.72
C ASP T 222 51.22 6.11 42.22
N ALA T 223 50.11 6.73 42.63
CA ALA T 223 49.72 6.68 44.03
C ALA T 223 49.45 5.26 44.49
N ARG T 224 48.73 4.49 43.65
CA ARG T 224 48.46 3.09 43.98
C ARG T 224 49.75 2.30 44.09
N GLU T 225 50.69 2.54 43.18
CA GLU T 225 51.95 1.81 43.22
C GLU T 225 52.72 2.13 44.50
N HIS T 226 52.75 3.41 44.87
CA HIS T 226 53.44 3.81 46.09
C HIS T 226 52.83 3.15 47.31
N ILE T 227 51.50 3.18 47.42
CA ILE T 227 50.85 2.64 48.61
C ILE T 227 51.02 1.12 48.66
N VAL T 228 51.03 0.47 47.49
CA VAL T 228 51.22 -0.98 47.46
C VAL T 228 52.64 -1.34 47.88
N LYS T 229 53.64 -0.63 47.34
CA LYS T 229 55.02 -0.89 47.74
C LYS T 229 55.21 -0.72 49.24
N LYS T 230 54.79 0.43 49.77
CA LYS T 230 55.05 0.72 51.18
C LYS T 230 54.27 -0.22 52.09
N TYR T 231 53.00 -0.45 51.78
CA TYR T 231 52.09 -0.92 52.81
C TYR T 231 51.75 -2.40 52.63
N GLY T 232 51.96 -2.95 51.44
CA GLY T 232 51.67 -4.35 51.19
C GLY T 232 52.55 -5.30 51.97
N ASN U 25 -23.80 -65.08 11.27
CA ASN U 25 -23.02 -65.35 10.08
C ASN U 25 -23.67 -64.78 8.82
N VAL U 26 -23.36 -65.37 7.67
CA VAL U 26 -23.89 -64.87 6.39
C VAL U 26 -25.41 -64.89 6.41
N LEU U 27 -26.00 -65.93 7.00
CA LEU U 27 -27.46 -66.04 7.05
C LEU U 27 -28.09 -64.82 7.70
N GLU U 28 -27.48 -64.32 8.77
CA GLU U 28 -28.05 -63.19 9.49
C GLU U 28 -28.12 -61.95 8.61
N LYS U 29 -27.00 -61.59 7.96
CA LYS U 29 -26.98 -60.42 7.10
C LYS U 29 -27.92 -60.60 5.90
N VAL U 30 -27.96 -61.80 5.32
CA VAL U 30 -28.82 -62.04 4.17
C VAL U 30 -30.29 -61.87 4.57
N GLU U 31 -30.66 -62.40 5.73
CA GLU U 31 -32.04 -62.25 6.18
C GLU U 31 -32.37 -60.81 6.54
N GLU U 32 -31.42 -60.07 7.10
CA GLU U 32 -31.64 -58.65 7.36
C GLU U 32 -31.89 -57.90 6.06
N LEU U 33 -31.10 -58.20 5.03
CA LEU U 33 -31.32 -57.59 3.72
C LEU U 33 -32.69 -57.96 3.18
N LYS U 34 -33.07 -59.23 3.34
CA LYS U 34 -34.40 -59.69 2.94
C LYS U 34 -35.48 -58.84 3.59
N LYS U 35 -35.41 -58.68 4.92
CA LYS U 35 -36.42 -57.92 5.63
C LYS U 35 -36.47 -56.46 5.18
N GLU U 36 -35.29 -55.82 5.06
CA GLU U 36 -35.27 -54.42 4.68
C GLU U 36 -35.87 -54.21 3.29
N VAL U 37 -35.44 -55.03 2.32
CA VAL U 37 -35.96 -54.91 0.96
C VAL U 37 -37.45 -55.19 0.95
N LYS U 38 -37.90 -56.16 1.75
CA LYS U 38 -39.31 -56.49 1.81
C LYS U 38 -40.13 -55.30 2.29
N LYS U 39 -39.70 -54.67 3.39
CA LYS U 39 -40.43 -53.51 3.91
C LYS U 39 -40.45 -52.37 2.90
N LYS U 40 -39.29 -52.05 2.30
CA LYS U 40 -39.26 -50.95 1.35
C LYS U 40 -40.15 -51.23 0.14
N VAL U 41 -40.15 -52.49 -0.32
CA VAL U 41 -40.99 -52.86 -1.45
C VAL U 41 -42.46 -52.70 -1.08
N GLU U 42 -42.83 -53.12 0.13
CA GLU U 42 -44.21 -52.94 0.57
C GLU U 42 -44.60 -51.46 0.57
N GLU U 43 -43.76 -50.61 1.16
CA GLU U 43 -44.10 -49.19 1.23
C GLU U 43 -44.23 -48.57 -0.15
N VAL U 44 -43.30 -48.90 -1.05
CA VAL U 44 -43.35 -48.28 -2.38
C VAL U 44 -44.55 -48.81 -3.16
N ALA U 45 -44.89 -50.09 -2.98
CA ALA U 45 -46.01 -50.69 -3.67
C ALA U 45 -47.34 -50.09 -3.23
N LYS U 46 -47.46 -49.81 -1.93
CA LYS U 46 -48.70 -49.24 -1.41
C LYS U 46 -49.02 -47.90 -2.06
N SER U 47 -47.98 -47.14 -2.40
CA SER U 47 -48.14 -45.76 -2.85
C SER U 47 -48.81 -45.65 -4.21
N SER U 48 -49.30 -44.44 -4.53
CA SER U 48 -49.90 -44.13 -5.83
C SER U 48 -48.83 -43.62 -6.78
N ASN U 49 -49.26 -42.89 -7.83
CA ASN U 49 -48.42 -42.18 -8.80
C ASN U 49 -47.18 -42.98 -9.19
N VAL U 50 -47.41 -44.04 -9.95
CA VAL U 50 -46.46 -45.12 -10.19
C VAL U 50 -45.06 -44.66 -10.59
N GLU U 51 -44.94 -43.48 -11.19
CA GLU U 51 -43.63 -43.00 -11.63
C GLU U 51 -42.67 -42.87 -10.45
N ALA U 52 -43.15 -42.27 -9.35
CA ALA U 52 -42.33 -42.20 -8.14
C ALA U 52 -42.04 -43.60 -7.61
N ALA U 53 -42.99 -44.53 -7.77
CA ALA U 53 -42.78 -45.90 -7.31
C ALA U 53 -41.63 -46.55 -8.07
N LEU U 54 -41.60 -46.38 -9.39
CA LEU U 54 -40.48 -46.91 -10.17
C LEU U 54 -39.17 -46.23 -9.81
N ILE U 55 -39.19 -44.92 -9.53
CA ILE U 55 -37.96 -44.24 -9.12
C ILE U 55 -37.43 -44.84 -7.82
N LYS U 56 -38.30 -45.02 -6.83
CA LYS U 56 -37.88 -45.59 -5.57
C LYS U 56 -37.41 -47.02 -5.74
N LEU U 57 -38.10 -47.80 -6.59
CA LEU U 57 -37.69 -49.18 -6.82
C LEU U 57 -36.34 -49.25 -7.50
N LEU U 58 -36.06 -48.33 -8.43
CA LEU U 58 -34.74 -48.28 -9.05
C LEU U 58 -33.67 -47.97 -8.02
N GLU U 59 -33.93 -47.02 -7.12
CA GLU U 59 -32.93 -46.70 -6.10
C GLU U 59 -32.73 -47.88 -5.15
N ILE U 60 -33.81 -48.57 -4.80
CA ILE U 60 -33.70 -49.77 -3.95
C ILE U 60 -32.88 -50.84 -4.63
N LEU U 61 -33.12 -51.05 -5.93
CA LEU U 61 -32.36 -52.06 -6.67
C LEU U 61 -30.88 -51.68 -6.72
N ASP U 62 -30.59 -50.39 -6.90
CA ASP U 62 -29.21 -49.94 -6.91
C ASP U 62 -28.52 -50.22 -5.58
N GLU U 63 -29.15 -49.82 -4.47
CA GLU U 63 -28.51 -50.02 -3.17
C GLU U 63 -28.41 -51.51 -2.83
N PHE U 64 -29.37 -52.31 -3.27
CA PHE U 64 -29.28 -53.75 -3.08
C PHE U 64 -28.13 -54.34 -3.87
N ILE U 65 -27.92 -53.87 -5.10
CA ILE U 65 -26.77 -54.29 -5.88
C ILE U 65 -25.48 -53.97 -5.14
N HIS U 66 -25.41 -52.76 -4.60
CA HIS U 66 -24.23 -52.35 -3.84
C HIS U 66 -23.99 -53.28 -2.65
N GLN U 67 -25.04 -53.53 -1.87
CA GLN U 67 -24.89 -54.36 -0.68
C GLN U 67 -24.46 -55.78 -1.05
N VAL U 68 -25.04 -56.34 -2.11
CA VAL U 68 -24.65 -57.67 -2.55
C VAL U 68 -23.19 -57.69 -2.99
N LYS U 69 -22.77 -56.67 -3.74
CA LYS U 69 -21.39 -56.60 -4.21
C LYS U 69 -20.43 -56.54 -3.02
N LEU U 70 -20.79 -55.80 -1.99
CA LEU U 70 -19.96 -55.72 -0.80
C LEU U 70 -19.84 -57.07 -0.11
N LEU U 71 -20.97 -57.76 0.05
CA LEU U 71 -20.98 -59.03 0.77
C LEU U 71 -20.30 -60.10 -0.06
N PRO U 72 -19.63 -61.08 0.57
CA PRO U 72 -19.10 -62.23 -0.19
C PRO U 72 -20.23 -63.16 -0.58
N VAL U 73 -20.25 -63.55 -1.85
CA VAL U 73 -21.32 -64.36 -2.41
C VAL U 73 -20.84 -65.79 -2.55
N ASN U 74 -21.62 -66.74 -2.04
CA ASN U 74 -21.33 -68.15 -2.16
C ASN U 74 -22.57 -68.90 -2.62
N GLU U 75 -22.42 -70.20 -2.82
CA GLU U 75 -23.55 -71.01 -3.29
C GLU U 75 -24.65 -71.09 -2.24
N GLU U 76 -24.31 -70.91 -0.96
CA GLU U 76 -25.30 -71.04 0.10
C GLU U 76 -26.33 -69.92 0.07
N ASN U 77 -25.90 -68.67 -0.13
CA ASN U 77 -26.80 -67.53 -0.05
C ASN U 77 -27.44 -67.14 -1.37
N ARG U 78 -27.10 -67.81 -2.47
CA ARG U 78 -27.64 -67.45 -3.78
C ARG U 78 -29.15 -67.49 -3.87
N PRO U 79 -29.85 -68.55 -3.43
CA PRO U 79 -31.32 -68.58 -3.63
C PRO U 79 -32.05 -67.41 -2.98
N ILE U 80 -31.60 -66.97 -1.80
CA ILE U 80 -32.30 -65.88 -1.12
C ILE U 80 -32.13 -64.57 -1.90
N LEU U 81 -30.92 -64.32 -2.40
CA LEU U 81 -30.70 -63.14 -3.23
C LEU U 81 -31.55 -63.22 -4.50
N VAL U 82 -31.65 -64.41 -5.09
CA VAL U 82 -32.42 -64.57 -6.31
C VAL U 82 -33.90 -64.28 -6.06
N GLU U 83 -34.44 -64.78 -4.94
CA GLU U 83 -35.85 -64.53 -4.66
C GLU U 83 -36.11 -63.08 -4.29
N ILE U 84 -35.14 -62.43 -3.65
CA ILE U 84 -35.25 -60.99 -3.40
C ILE U 84 -35.33 -60.24 -4.73
N LEU U 85 -34.45 -60.60 -5.67
CA LEU U 85 -34.48 -59.99 -6.99
C LEU U 85 -35.82 -60.25 -7.68
N GLU U 86 -36.36 -61.46 -7.52
CA GLU U 86 -37.65 -61.79 -8.13
C GLU U 86 -38.76 -60.95 -7.53
N ILE U 87 -38.75 -60.75 -6.21
CA ILE U 87 -39.74 -59.90 -5.56
C ILE U 87 -39.69 -58.50 -6.13
N ILE U 88 -38.48 -57.94 -6.21
CA ILE U 88 -38.32 -56.58 -6.72
C ILE U 88 -38.81 -56.49 -8.16
N ALA U 89 -38.46 -57.49 -8.98
CA ALA U 89 -38.83 -57.49 -10.39
C ALA U 89 -40.34 -57.58 -10.56
N ASN U 90 -41.00 -58.46 -9.81
CA ASN U 90 -42.46 -58.56 -9.91
C ASN U 90 -43.13 -57.27 -9.47
N THR U 91 -42.66 -56.67 -8.38
CA THR U 91 -43.26 -55.43 -7.92
C THR U 91 -43.12 -54.34 -8.99
N ALA U 92 -41.92 -54.21 -9.55
CA ALA U 92 -41.68 -53.18 -10.56
C ALA U 92 -42.52 -53.43 -11.81
N VAL U 93 -42.61 -54.69 -12.25
CA VAL U 93 -43.36 -55.02 -13.45
C VAL U 93 -44.84 -54.70 -13.25
N HIS U 94 -45.39 -55.10 -12.10
CA HIS U 94 -46.80 -54.81 -11.84
C HIS U 94 -47.04 -53.31 -11.76
N LYS U 95 -46.13 -52.57 -11.13
CA LYS U 95 -46.28 -51.13 -11.02
C LYS U 95 -46.25 -50.48 -12.40
N ALA U 96 -45.35 -50.94 -13.27
CA ALA U 96 -45.29 -50.42 -14.63
C ALA U 96 -46.56 -50.73 -15.40
N ARG U 97 -47.12 -51.88 -15.25
CA ARG U 97 -48.33 -52.09 -16.04
C ARG U 97 -49.49 -51.31 -15.45
N ASP U 98 -49.50 -51.08 -14.13
CA ASP U 98 -50.66 -50.45 -13.53
C ASP U 98 -51.04 -49.11 -14.17
N GLY U 99 -50.34 -48.66 -15.20
CA GLY U 99 -50.78 -47.51 -15.95
C GLY U 99 -49.98 -46.24 -15.71
N ALA U 100 -49.51 -45.64 -16.80
CA ALA U 100 -48.75 -44.39 -16.80
C ALA U 100 -48.58 -43.96 -18.24
N GLU U 101 -47.88 -42.85 -18.44
CA GLU U 101 -47.50 -42.45 -19.79
C GLU U 101 -46.59 -43.54 -20.35
N PRO U 102 -46.90 -44.11 -21.51
CA PRO U 102 -46.16 -45.30 -21.96
C PRO U 102 -44.66 -45.10 -22.14
N GLU U 103 -44.23 -43.99 -22.74
CA GLU U 103 -42.84 -43.89 -23.16
C GLU U 103 -41.93 -43.66 -21.95
N PHE U 104 -42.42 -42.90 -20.97
CA PHE U 104 -41.74 -42.79 -19.68
C PHE U 104 -41.54 -44.17 -19.06
N ALA U 105 -42.60 -44.99 -19.09
CA ALA U 105 -42.49 -46.35 -18.56
C ALA U 105 -41.48 -47.17 -19.36
N LEU U 106 -41.39 -46.92 -20.67
CA LEU U 106 -40.41 -47.64 -21.48
C LEU U 106 -38.98 -47.30 -21.05
N GLU U 107 -38.67 -46.01 -20.88
CA GLU U 107 -37.33 -45.69 -20.38
C GLU U 107 -37.08 -46.27 -19.00
N LEU U 108 -38.10 -46.21 -18.12
CA LEU U 108 -37.91 -46.77 -16.79
C LEU U 108 -37.64 -48.26 -16.86
N LEU U 109 -38.33 -48.97 -17.75
CA LEU U 109 -38.10 -50.40 -17.94
C LEU U 109 -36.70 -50.66 -18.48
N LEU U 110 -36.22 -49.82 -19.40
CA LEU U 110 -34.86 -50.00 -19.91
C LEU U 110 -33.83 -49.84 -18.78
N ARG U 111 -33.99 -48.81 -17.96
CA ARG U 111 -33.06 -48.63 -16.84
C ARG U 111 -33.16 -49.79 -15.86
N LEU U 112 -34.37 -50.27 -15.61
CA LEU U 112 -34.55 -51.43 -14.74
C LEU U 112 -33.84 -52.65 -15.31
N VAL U 113 -33.94 -52.84 -16.63
CA VAL U 113 -33.30 -53.99 -17.26
C VAL U 113 -31.78 -53.90 -17.12
N GLU U 114 -31.24 -52.70 -17.34
CA GLU U 114 -29.79 -52.52 -17.20
C GLU U 114 -29.34 -52.79 -15.76
N ARG U 115 -30.06 -52.24 -14.79
CA ARG U 115 -29.71 -52.45 -13.40
C ARG U 115 -29.81 -53.92 -13.02
N PHE U 116 -30.86 -54.61 -13.49
CA PHE U 116 -31.03 -56.01 -13.15
C PHE U 116 -29.97 -56.87 -13.83
N THR U 117 -29.52 -56.45 -15.02
CA THR U 117 -28.38 -57.10 -15.65
C THR U 117 -27.13 -56.98 -14.78
N GLU U 118 -26.88 -55.79 -14.26
CA GLU U 118 -25.74 -55.63 -13.36
C GLU U 118 -25.92 -56.48 -12.11
N ALA U 119 -27.16 -56.58 -11.62
CA ALA U 119 -27.44 -57.39 -10.45
C ALA U 119 -27.12 -58.86 -10.69
N VAL U 120 -27.57 -59.41 -11.82
CA VAL U 120 -27.32 -60.82 -12.08
C VAL U 120 -25.84 -61.07 -12.35
N LYS U 121 -25.15 -60.10 -12.96
CA LYS U 121 -23.71 -60.20 -13.08
C LYS U 121 -23.04 -60.30 -11.71
N ALA U 122 -23.50 -59.47 -10.76
CA ALA U 122 -22.95 -59.51 -9.42
C ALA U 122 -23.27 -60.84 -8.73
N ILE U 123 -24.48 -61.36 -8.95
CA ILE U 123 -24.93 -62.55 -8.23
C ILE U 123 -24.07 -63.76 -8.55
N GLY U 124 -23.77 -63.97 -9.83
CA GLY U 124 -23.19 -65.22 -10.27
C GLY U 124 -24.26 -66.20 -10.70
N THR U 125 -23.82 -67.42 -11.02
CA THR U 125 -24.71 -68.43 -11.57
C THR U 125 -24.69 -69.67 -10.68
N SER U 126 -25.78 -70.43 -10.75
CA SER U 126 -26.03 -71.53 -9.83
C SER U 126 -27.01 -72.54 -10.43
N ASN U 127 -27.60 -73.36 -9.56
CA ASN U 127 -28.59 -74.36 -9.93
C ASN U 127 -29.63 -73.83 -10.91
N GLU U 128 -30.13 -74.71 -11.78
CA GLU U 128 -30.91 -74.29 -12.94
C GLU U 128 -32.21 -73.59 -12.54
N GLU U 129 -32.75 -73.88 -11.36
CA GLU U 129 -34.03 -73.31 -10.97
C GLU U 129 -33.95 -71.79 -10.88
N GLU U 130 -32.87 -71.27 -10.31
CA GLU U 130 -32.70 -69.82 -10.25
C GLU U 130 -32.56 -69.22 -11.64
N GLU U 131 -31.90 -69.94 -12.56
CA GLU U 131 -31.82 -69.49 -13.94
C GLU U 131 -33.21 -69.42 -14.57
N ASN U 132 -34.05 -70.42 -14.28
CA ASN U 132 -35.42 -70.38 -14.77
C ASN U 132 -36.17 -69.18 -14.22
N LYS U 133 -35.97 -68.88 -12.93
CA LYS U 133 -36.61 -67.72 -12.33
C LYS U 133 -36.18 -66.43 -13.03
N LEU U 134 -34.88 -66.29 -13.28
CA LEU U 134 -34.39 -65.10 -13.97
C LEU U 134 -34.96 -65.01 -15.39
N LEU U 135 -35.02 -66.14 -16.09
CA LEU U 135 -35.52 -66.14 -17.45
C LEU U 135 -37.00 -65.77 -17.50
N GLU U 136 -37.80 -66.28 -16.56
CA GLU U 136 -39.22 -65.94 -16.56
C GLU U 136 -39.43 -64.49 -16.14
N ILE U 137 -38.57 -63.97 -15.26
CA ILE U 137 -38.58 -62.54 -14.97
C ILE U 137 -38.34 -61.74 -16.24
N LEU U 138 -37.36 -62.17 -17.02
CA LEU U 138 -37.02 -61.45 -18.26
C LEU U 138 -38.19 -61.52 -19.24
N GLU U 139 -38.82 -62.69 -19.35
CA GLU U 139 -39.95 -62.84 -20.26
C GLU U 139 -41.12 -61.96 -19.84
N SER U 140 -41.40 -61.89 -18.54
CA SER U 140 -42.47 -61.03 -18.05
C SER U 140 -42.15 -59.57 -18.35
N ILE U 141 -40.89 -59.17 -18.18
CA ILE U 141 -40.49 -57.80 -18.49
C ILE U 141 -40.73 -57.50 -19.96
N ALA U 142 -40.35 -58.44 -20.83
CA ALA U 142 -40.54 -58.25 -22.26
C ALA U 142 -42.01 -58.12 -22.61
N HIS U 143 -42.85 -58.99 -22.05
CA HIS U 143 -44.28 -58.94 -22.34
C HIS U 143 -44.89 -57.63 -21.85
N THR U 144 -44.50 -57.18 -20.66
CA THR U 144 -45.02 -55.91 -20.15
C THR U 144 -44.60 -54.75 -21.03
N ALA U 145 -43.34 -54.75 -21.49
CA ALA U 145 -42.86 -53.68 -22.35
C ALA U 145 -43.59 -53.67 -23.67
N ILE U 146 -43.85 -54.85 -24.24
CA ILE U 146 -44.62 -54.93 -25.48
C ILE U 146 -46.04 -54.40 -25.27
N LEU U 147 -46.67 -54.79 -24.17
CA LEU U 147 -48.02 -54.31 -23.89
C LEU U 147 -48.04 -52.79 -23.77
N LEU U 148 -47.03 -52.22 -23.11
CA LEU U 148 -46.95 -50.76 -23.00
C LEU U 148 -46.74 -50.12 -24.37
N ALA U 149 -45.87 -50.71 -25.19
CA ALA U 149 -45.55 -50.12 -26.48
C ALA U 149 -46.68 -50.27 -27.48
N ARG U 150 -47.67 -51.12 -27.17
CA ARG U 150 -48.79 -51.35 -28.08
C ARG U 150 -49.51 -50.06 -28.48
N THR U 151 -49.41 -49.02 -27.66
CA THR U 151 -50.21 -47.80 -27.83
C THR U 151 -49.29 -46.61 -28.11
N LEU U 152 -48.35 -46.80 -29.02
CA LEU U 152 -47.47 -45.71 -29.45
C LEU U 152 -47.53 -45.58 -30.96
N THR U 153 -46.93 -44.50 -31.45
CA THR U 153 -46.78 -44.32 -32.89
C THR U 153 -45.81 -45.37 -33.44
N PRO U 154 -45.95 -45.76 -34.72
CA PRO U 154 -45.08 -46.81 -35.26
C PRO U 154 -43.59 -46.53 -35.12
N LEU U 155 -43.16 -45.30 -35.37
CA LEU U 155 -41.74 -44.99 -35.28
C LEU U 155 -41.26 -45.05 -33.83
N GLU U 156 -42.03 -44.47 -32.90
CA GLU U 156 -41.66 -44.53 -31.49
C GLU U 156 -41.66 -45.96 -30.99
N ALA U 157 -42.62 -46.76 -31.44
CA ALA U 157 -42.64 -48.17 -31.08
C ALA U 157 -41.38 -48.87 -31.60
N THR U 158 -40.96 -48.52 -32.81
CA THR U 158 -39.73 -49.12 -33.36
C THR U 158 -38.51 -48.74 -32.52
N ARG U 159 -38.42 -47.47 -32.11
CA ARG U 159 -37.32 -47.05 -31.25
C ARG U 159 -37.32 -47.81 -29.93
N ALA U 160 -38.49 -47.91 -29.31
CA ALA U 160 -38.59 -48.62 -28.03
C ALA U 160 -38.18 -50.08 -28.18
N LEU U 161 -38.65 -50.73 -29.24
CA LEU U 161 -38.33 -52.13 -29.45
C LEU U 161 -36.85 -52.33 -29.77
N ILE U 162 -36.24 -51.39 -30.49
CA ILE U 162 -34.82 -51.54 -30.82
C ILE U 162 -33.98 -51.39 -29.55
N ALA U 163 -34.32 -50.43 -28.69
CA ALA U 163 -33.62 -50.30 -27.42
C ALA U 163 -33.83 -51.54 -26.56
N LEU U 164 -35.05 -52.06 -26.57
CA LEU U 164 -35.38 -53.29 -25.84
C LEU U 164 -34.52 -54.45 -26.31
N VAL U 165 -34.39 -54.62 -27.63
CA VAL U 165 -33.62 -55.72 -28.18
C VAL U 165 -32.16 -55.59 -27.81
N VAL U 166 -31.62 -54.37 -27.88
CA VAL U 166 -30.22 -54.16 -27.50
C VAL U 166 -30.01 -54.52 -26.03
N ALA U 167 -30.95 -54.09 -25.17
CA ALA U 167 -30.82 -54.37 -23.74
C ALA U 167 -30.84 -55.87 -23.47
N PHE U 168 -31.77 -56.60 -24.10
CA PHE U 168 -31.80 -58.03 -23.85
C PHE U 168 -30.63 -58.76 -24.49
N THR U 169 -30.08 -58.24 -25.59
CA THR U 169 -28.85 -58.80 -26.12
C THR U 169 -27.72 -58.68 -25.10
N LYS U 170 -27.59 -57.49 -24.50
CA LYS U 170 -26.57 -57.29 -23.47
C LYS U 170 -26.79 -58.26 -22.30
N PHE U 171 -28.04 -58.40 -21.86
CA PHE U 171 -28.32 -59.29 -20.74
C PHE U 171 -27.97 -60.73 -21.07
N PHE U 172 -28.43 -61.22 -22.23
CA PHE U 172 -28.18 -62.61 -22.60
C PHE U 172 -26.69 -62.87 -22.76
N LEU U 173 -25.94 -61.88 -23.23
CA LEU U 173 -24.49 -62.02 -23.23
C LEU U 173 -23.95 -62.14 -21.81
N ALA U 174 -24.51 -61.34 -20.89
CA ALA U 174 -24.02 -61.37 -19.51
C ALA U 174 -24.31 -62.68 -18.81
N LEU U 175 -25.48 -63.27 -19.02
CA LEU U 175 -25.90 -64.44 -18.27
C LEU U 175 -25.05 -65.67 -18.63
N LYS U 176 -24.85 -66.53 -17.64
CA LYS U 176 -24.12 -67.79 -17.81
C LYS U 176 -25.06 -68.94 -17.49
N GLY U 177 -24.98 -70.00 -18.28
CA GLY U 177 -25.82 -71.16 -18.07
C GLY U 177 -25.75 -72.09 -19.27
N SER U 178 -26.66 -73.05 -19.29
CA SER U 178 -26.73 -74.00 -20.39
C SER U 178 -27.17 -73.29 -21.67
N PRO U 179 -26.50 -73.53 -22.80
CA PRO U 179 -26.83 -72.78 -24.03
C PRO U 179 -28.25 -72.96 -24.52
N GLU U 180 -28.83 -74.14 -24.35
CA GLU U 180 -30.12 -74.44 -24.98
C GLU U 180 -31.21 -73.51 -24.45
N LYS U 181 -31.27 -73.34 -23.13
CA LYS U 181 -32.30 -72.50 -22.53
C LYS U 181 -32.14 -71.05 -22.98
N ILE U 182 -30.91 -70.55 -23.00
CA ILE U 182 -30.67 -69.16 -23.40
C ILE U 182 -31.11 -68.95 -24.84
N ILE U 183 -30.70 -69.85 -25.73
CA ILE U 183 -31.03 -69.69 -27.14
C ILE U 183 -32.54 -69.77 -27.35
N SER U 184 -33.19 -70.74 -26.70
CA SER U 184 -34.62 -70.90 -26.87
C SER U 184 -35.39 -69.69 -26.34
N THR U 185 -34.99 -69.18 -25.17
CA THR U 185 -35.65 -68.01 -24.62
C THR U 185 -35.47 -66.80 -25.51
N PHE U 186 -34.25 -66.58 -26.03
CA PHE U 186 -34.04 -65.45 -26.93
C PHE U 186 -34.85 -65.59 -28.20
N GLU U 187 -34.95 -66.80 -28.74
CA GLU U 187 -35.74 -67.01 -29.94
C GLU U 187 -37.21 -66.75 -29.68
N SER U 188 -37.71 -67.16 -28.51
CA SER U 188 -39.10 -66.88 -28.16
C SER U 188 -39.34 -65.38 -28.05
N ILE U 189 -38.40 -64.66 -27.42
CA ILE U 189 -38.53 -63.21 -27.30
C ILE U 189 -38.54 -62.58 -28.68
N ALA U 190 -37.66 -63.05 -29.56
CA ALA U 190 -37.61 -62.54 -30.94
C ALA U 190 -38.93 -62.79 -31.65
N ARG U 191 -39.51 -63.98 -31.44
CA ARG U 191 -40.78 -64.30 -32.08
C ARG U 191 -41.87 -63.35 -31.61
N ASP U 192 -41.94 -63.11 -30.30
CA ASP U 192 -42.94 -62.17 -29.78
C ASP U 192 -42.74 -60.77 -30.36
N ILE U 193 -41.50 -60.30 -30.41
CA ILE U 193 -41.23 -58.96 -30.93
C ILE U 193 -41.63 -58.87 -32.40
N LEU U 194 -41.25 -59.87 -33.19
CA LEU U 194 -41.58 -59.85 -34.62
C LEU U 194 -43.08 -59.89 -34.83
N THR U 195 -43.79 -60.73 -34.05
CA THR U 195 -45.24 -60.80 -34.17
C THR U 195 -45.89 -59.45 -33.85
N PHE U 196 -45.44 -58.81 -32.77
CA PHE U 196 -46.02 -57.51 -32.43
C PHE U 196 -45.71 -56.48 -33.49
N ALA U 197 -44.49 -56.50 -34.05
CA ALA U 197 -44.16 -55.56 -35.11
C ALA U 197 -45.05 -55.77 -36.33
N GLU U 198 -45.28 -57.02 -36.71
CA GLU U 198 -46.14 -57.31 -37.84
C GLU U 198 -47.57 -56.83 -37.58
N GLN U 199 -48.06 -57.06 -36.36
CA GLN U 199 -49.41 -56.59 -36.02
C GLN U 199 -49.50 -55.08 -36.07
N LYS U 200 -48.52 -54.38 -35.51
CA LYS U 200 -48.59 -52.93 -35.38
C LYS U 200 -48.43 -52.23 -36.72
N LEU U 201 -47.44 -52.65 -37.52
CA LEU U 201 -47.14 -51.92 -38.75
C LEU U 201 -48.21 -52.09 -39.82
N ALA U 202 -49.32 -52.76 -39.50
CA ALA U 202 -50.36 -52.95 -40.50
C ALA U 202 -51.05 -51.64 -40.88
N THR U 203 -50.99 -50.63 -40.02
CA THR U 203 -51.70 -49.38 -40.22
C THR U 203 -50.89 -48.33 -40.98
N VAL U 204 -49.90 -48.74 -41.75
CA VAL U 204 -49.04 -47.80 -42.47
C VAL U 204 -48.94 -48.26 -43.92
N PRO U 205 -48.56 -47.37 -44.82
CA PRO U 205 -48.32 -47.76 -46.22
C PRO U 205 -47.19 -48.78 -46.31
N PRO U 206 -47.14 -49.56 -47.39
CA PRO U 206 -46.14 -50.63 -47.49
C PRO U 206 -44.70 -50.16 -47.39
N ALA U 207 -44.39 -48.97 -47.88
CA ALA U 207 -43.00 -48.49 -47.82
C ALA U 207 -42.52 -48.33 -46.39
N VAL U 208 -43.37 -47.77 -45.52
CA VAL U 208 -42.99 -47.61 -44.12
C VAL U 208 -42.85 -48.97 -43.45
N GLN U 209 -43.74 -49.91 -43.82
CA GLN U 209 -43.58 -51.30 -43.40
C GLN U 209 -42.20 -51.81 -43.74
N THR U 210 -41.79 -51.65 -44.99
CA THR U 210 -40.49 -52.11 -45.45
C THR U 210 -39.38 -51.50 -44.60
N VAL U 211 -39.42 -50.18 -44.43
CA VAL U 211 -38.37 -49.47 -43.71
C VAL U 211 -38.22 -50.01 -42.29
N LEU U 212 -39.28 -49.86 -41.49
CA LEU U 212 -39.18 -50.22 -40.07
C LEU U 212 -38.97 -51.71 -39.88
N LEU U 213 -39.63 -52.54 -40.70
CA LEU U 213 -39.46 -53.98 -40.58
C LEU U 213 -38.01 -54.39 -40.88
N SER U 214 -37.42 -53.82 -41.94
CA SER U 214 -36.04 -54.14 -42.25
C SER U 214 -35.13 -53.76 -41.10
N ALA U 215 -35.35 -52.56 -40.53
CA ALA U 215 -34.55 -52.16 -39.37
C ALA U 215 -34.66 -53.18 -38.24
N LEU U 216 -35.91 -53.58 -37.92
CA LEU U 216 -36.11 -54.42 -36.75
C LEU U 216 -35.51 -55.80 -36.94
N LEU U 217 -35.79 -56.47 -38.06
CA LEU U 217 -35.19 -57.79 -38.27
C LEU U 217 -33.68 -57.72 -38.42
N GLU U 218 -33.14 -56.65 -38.98
CA GLU U 218 -31.68 -56.59 -39.10
C GLU U 218 -31.04 -56.47 -37.71
N VAL U 219 -31.63 -55.65 -36.84
CA VAL U 219 -31.11 -55.54 -35.47
C VAL U 219 -31.23 -56.87 -34.75
N ILE U 220 -32.37 -57.55 -34.92
CA ILE U 220 -32.59 -58.80 -34.23
C ILE U 220 -31.64 -59.87 -34.75
N GLU U 221 -31.29 -59.81 -36.03
CA GLU U 221 -30.35 -60.77 -36.61
C GLU U 221 -28.94 -60.51 -36.06
N ASP U 222 -28.57 -59.24 -35.91
CA ASP U 222 -27.28 -58.94 -35.29
C ASP U 222 -27.23 -59.46 -33.86
N ALA U 223 -28.31 -59.28 -33.11
CA ALA U 223 -28.37 -59.80 -31.74
C ALA U 223 -28.23 -61.31 -31.74
N ARG U 224 -28.94 -61.99 -32.65
CA ARG U 224 -28.86 -63.44 -32.72
C ARG U 224 -27.45 -63.89 -33.04
N GLU U 225 -26.78 -63.19 -33.97
CA GLU U 225 -25.42 -63.56 -34.34
C GLU U 225 -24.47 -63.40 -33.16
N HIS U 226 -24.65 -62.38 -32.35
CA HIS U 226 -23.73 -62.29 -31.24
C HIS U 226 -24.03 -63.44 -30.32
N ILE U 227 -25.28 -63.59 -29.90
CA ILE U 227 -25.56 -64.63 -28.92
C ILE U 227 -25.03 -65.97 -29.41
N VAL U 228 -25.15 -66.24 -30.71
CA VAL U 228 -24.70 -67.52 -31.25
C VAL U 228 -23.18 -67.64 -31.14
N LYS U 229 -22.44 -66.62 -31.57
CA LYS U 229 -20.98 -66.72 -31.49
C LYS U 229 -20.51 -66.78 -30.04
N LYS U 230 -21.04 -65.91 -29.19
CA LYS U 230 -20.58 -65.87 -27.80
C LYS U 230 -20.91 -67.17 -27.08
N TYR U 231 -22.14 -67.66 -27.25
CA TYR U 231 -22.65 -68.68 -26.34
C TYR U 231 -22.68 -70.07 -26.97
N GLY U 232 -22.25 -70.20 -28.21
CA GLY U 232 -22.27 -71.49 -28.88
C GLY U 232 -21.23 -72.46 -28.36
ZN ZN V . -6.63 -28.92 11.32
ZN ZN W . 16.96 -25.09 3.97
ZN ZN X . 12.37 -10.90 29.43
ZN ZN Y . 16.23 -21.44 -13.83
ZN ZN Z . 24.72 1.15 -20.61
ZN ZN AA . 37.04 -6.40 5.09
ZN ZN BA . -13.44 -16.47 22.55
ZN ZN CA . -33.27 -6.49 10.81
ZN ZN DA . -30.86 11.58 6.06
ZN ZN EA . -12.86 12.89 25.80
ZN ZN FA . 10.31 10.50 -26.56
ZN ZN GA . 5.60 31.53 -13.64
ZN ZN HA . 33.64 24.82 -10.16
ZN ZN IA . -33.65 11.47 -19.06
ZN ZN JA . -17.77 16.09 -27.92
ZN ZN KA . -10.59 28.57 -5.32
ZN ZN LA . -9.59 29.77 19.69
ZN ZN MA . 12.61 45.21 8.68
ZN ZN NA . 2.72 -12.68 -37.87
ZN ZN OA . 5.99 3.51 39.73
ZN ZN PA . 7.81 31.97 40.50
ZN ZN QA . 36.87 -8.47 23.73
ZN ZN RA . 31.49 7.31 47.08
ZN ZN SA . -2.88 -40.95 -15.25
ZN ZN TA . -32.23 -34.67 5.97
ZN ZN UA . 47.82 15.17 -2.00
ZN ZN VA . -53.46 -25.95 -3.30
ZN ZN WA . -52.31 -7.39 -7.98
ZN ZN XA . 29.04 46.74 0.94
ZN ZN YA . -56.91 -5.20 -32.31
ZN ZN ZA . -41.93 0.01 -42.26
ZN ZN AB . 12.15 48.28 33.53
ZN ZN BB . -12.91 -3.84 -42.73
ZN ZN CB . -36.40 -17.35 -58.89
ZN ZN DB . -20.55 -26.71 -55.51
ZN ZN EB . 25.37 22.72 56.11
ZN ZN FB . -4.83 -36.27 -32.63
ZN ZN GB . -25.16 -50.58 -51.87
ZN ZN HB . -22.43 -56.30 -33.60
ZN ZN IB . -25.77 -46.78 -6.85
ZN ZN JB . -44.08 -64.75 -25.08
ZN ZN KB . -52.60 -53.50 -10.29
#